data_7L6N
#
_entry.id   7L6N
#
loop_
_entity.id
_entity.type
_entity.pdbx_description
1 polymer 'Chaperone protein ClpB'
2 polymer Substrate
3 polymer 'Chaperone protein DnaK'
4 non-polymer 'PHOSPHOTHIOPHOSPHORIC ACID-ADENYLATE ESTER'
5 non-polymer "ADENOSINE-5'-DIPHOSPHATE"
#
loop_
_entity_poly.entity_id
_entity_poly.type
_entity_poly.pdbx_seq_one_letter_code
_entity_poly.pdbx_strand_id
1 'polypeptide(L)'
;MDSFNPTTKTQAALTAALQAASTAGNPEIRPAHLLMALLTQNDGIAAPLLEAVGVEPATVRAETQRLLDRLPQATGASTQ
PQLSRESLAAITTAQQLATELDDEYVSTEHVMVGLATGDSDVAKLLTGHGASPQALREAFVKVRGSARVTSPEPEATYQA
LQKYSTDLTARAREGKLDPVIGRDNEIRRVVQVLSRRTKNNPVLIGEPGVGKTAIVEGLAQRIVAGDVPESLRDKTIVAL
DLGSMVAGSKYRGEFEERLKAVLDDIKNSAGQIITFIDELHTIVGAGATGEGAMDAGNMIKPMLARGELRLVGATTLDEY
RKHIEKDAALERRFQQVYVGEPSVEDTIGILRGLKDRYEVHHGVRITDSALVAAATLSDRYITARFLPDKAIDLVDEAAS
RLRMEIDSRPVEIDEVERLVRRLEIEEMALSKEEDEASAERLAKLRSELADQKEKLAELTTRWQNEKNAIEIVRDLKEQL
EALRGESERAERDGDLAKAAELRYGRIPEVEKKLDAALPQAQAREQVMLKEEVGPDDIADVVSAWTGIPAGRLLEGETAK
LLRMEDELGKRVIGQKAAVTAVSDAVRRSRAGVSDPNRPTGAFMFLGPTGVGKTELAKALADFLFDDERAMVRIDMSEYG
EKHTVARLIGAPPGYVGYEAGGQLTEAVRRRPYTVVLFDEIEKAHPDVFDVLLQVLDEGRLTDGHGRTVDFRNTILILTS
NLGSGGSAEQVLAAVRATFKPEFINRLDDVLIFEGLNPEELVRIVDIQLAQLGKRLAQRRLQLQVSLPAKRWLAQRGFDP
VYGARPLRRLVQQAIGDQLAKMLLAGQVHDGDTVPVNVSPDADSLILG
;
A,B,C,D,E,F
2 'polypeptide(L)'
;(UNK)(UNK)(UNK)(UNK)(UNK)(UNK)(UNK)(UNK)(UNK)(UNK)(UNK)(UNK)(UNK)(UNK)(UNK)(UNK)
(UNK)(UNK)(UNK)(UNK)(UNK)(UNK)(UNK)(UNK)(UNK)(UNK)(UNK)(UNK)(UNK)(UNK)(UNK)(UNK)
(UNK)
;
N
3 'polypeptide(L)'
;MARAVGIDLGTTNSVVSVLEGGDPVVVANSEGSRTTPSIVAFARNGEVLVGQPAKNQAVTNVDRTVRSVKRHMGSDWSIE
IDGKKYTAPEISARILMKLKRDAEAYLGEDITDAVITTPAYFNDAQRQATKDAGQIAGLNVLRIVNEPTAAALAYGLDKG
EKEQRILVFDLGGGTFDVSLLEIGEGVVEVRATSGDNHLGGDDWDQRVVDWLVDKFKGTSGIDLTKDKMAMQRLREAAEK
AKIELSSSQSTSINLPYITVDADKNPLFLDEQLTRAEFQRITQDLLDRTRKPFQSVIADTGISVSEIDHVVLVGGSTRMP
AVTDLVKELTGGKEPNKGVNPDEVVAVGAALQAGVLKGEVKDVLLLDVTPLSLGIETKGGVMTRLIERNTTIPTKRSETF
TTADDNQPSVQIQVYQGEREIAAHNKLLGSFELTGIPPAPRGIPQIEVTFDIDANGIVHVTAKDKGTGKENTIRIQEGSG
LSKEDIDRMIKDAEAHAEEDRKRREEADVRNQAETLVYQTEKFVKEQREAEGGSKVPEDTLNKVDAAVAEAKAALGGSDI
SAIKSAMEKLGQESQALGQAIYEAAQAASQATGAAHPGGEPGGAHPGSADDVVDAEVVDDGREAK
;
I,J,K
#
loop_
_chem_comp.id
_chem_comp.type
_chem_comp.name
_chem_comp.formula
ADP non-polymer ADENOSINE-5'-DIPHOSPHATE 'C10 H15 N5 O10 P2'
AGS non-polymer 'PHOSPHOTHIOPHOSPHORIC ACID-ADENYLATE ESTER' 'C10 H16 N5 O12 P3 S'
#
# COMPACT_ATOMS: atom_id res chain seq x y z
N GLN A 159 19.75 -10.85 -51.05
CA GLN A 159 20.24 -11.76 -50.02
C GLN A 159 19.86 -11.29 -48.63
N ALA A 160 19.65 -9.97 -48.49
CA ALA A 160 19.27 -9.42 -47.20
C ALA A 160 17.96 -10.00 -46.71
N LEU A 161 17.02 -10.27 -47.62
CA LEU A 161 15.74 -10.84 -47.20
C LEU A 161 15.93 -12.20 -46.54
N GLN A 162 16.59 -13.13 -47.22
CA GLN A 162 16.84 -14.43 -46.63
C GLN A 162 17.80 -14.33 -45.45
N LYS A 163 18.51 -13.22 -45.32
CA LYS A 163 19.39 -13.03 -44.18
C LYS A 163 18.61 -12.68 -42.92
N TYR A 164 17.88 -11.57 -42.96
CA TYR A 164 17.19 -11.07 -41.77
C TYR A 164 15.77 -11.60 -41.66
N SER A 165 14.96 -11.39 -42.68
CA SER A 165 13.57 -11.81 -42.63
C SER A 165 13.46 -13.33 -42.76
N THR A 166 12.22 -13.81 -42.70
CA THR A 166 11.92 -15.23 -42.79
C THR A 166 10.71 -15.45 -43.67
N ASP A 167 10.81 -16.46 -44.54
CA ASP A 167 9.71 -16.75 -45.46
C ASP A 167 8.49 -17.24 -44.69
N LEU A 168 7.34 -17.17 -45.35
CA LEU A 168 6.10 -17.73 -44.83
C LEU A 168 5.52 -18.80 -45.74
N THR A 169 5.53 -18.58 -47.06
CA THR A 169 5.05 -19.61 -47.98
C THR A 169 5.93 -20.84 -47.93
N ALA A 170 7.24 -20.66 -47.69
CA ALA A 170 8.12 -21.81 -47.57
C ALA A 170 7.72 -22.68 -46.38
N ARG A 171 7.37 -22.06 -45.26
CA ARG A 171 6.86 -22.82 -44.12
C ARG A 171 5.52 -23.44 -44.45
N ALA A 172 4.70 -22.74 -45.24
CA ALA A 172 3.42 -23.30 -45.66
C ALA A 172 3.59 -24.55 -46.50
N ARG A 173 4.67 -24.61 -47.29
CA ARG A 173 4.89 -25.77 -48.14
C ARG A 173 5.17 -27.02 -47.33
N GLU A 174 5.77 -26.87 -46.15
CA GLU A 174 6.04 -28.00 -45.27
C GLU A 174 4.85 -28.32 -44.36
N GLY A 175 3.71 -27.66 -44.58
CA GLY A 175 2.55 -27.90 -43.75
C GLY A 175 2.77 -27.60 -42.28
N LYS A 176 3.58 -26.60 -41.97
CA LYS A 176 3.88 -26.27 -40.59
C LYS A 176 2.89 -25.28 -39.98
N LEU A 177 1.87 -24.89 -40.72
CA LEU A 177 0.84 -23.99 -40.22
C LEU A 177 -0.40 -24.79 -39.84
N ASP A 178 -1.31 -24.13 -39.15
CA ASP A 178 -2.49 -24.80 -38.65
C ASP A 178 -3.68 -24.52 -39.55
N PRO A 179 -4.69 -25.40 -39.54
CA PRO A 179 -5.89 -25.16 -40.35
C PRO A 179 -6.56 -23.84 -39.95
N VAL A 180 -7.23 -23.25 -40.94
CA VAL A 180 -7.70 -21.86 -40.85
C VAL A 180 -9.21 -21.83 -41.07
N ILE A 181 -9.91 -22.82 -40.51
CA ILE A 181 -11.34 -22.99 -40.70
C ILE A 181 -12.08 -21.66 -40.55
N GLY A 182 -12.92 -21.34 -41.53
CA GLY A 182 -13.73 -20.15 -41.47
C GLY A 182 -12.98 -18.92 -41.92
N ARG A 183 -13.58 -17.76 -41.64
CA ARG A 183 -12.99 -16.45 -41.93
C ARG A 183 -12.73 -16.28 -43.42
N ASP A 184 -13.74 -16.61 -44.24
CA ASP A 184 -13.61 -16.42 -45.68
C ASP A 184 -13.89 -14.98 -46.09
N ASN A 185 -14.84 -14.33 -45.44
CA ASN A 185 -15.16 -12.93 -45.76
C ASN A 185 -13.94 -12.03 -45.58
N GLU A 186 -13.20 -12.24 -44.48
CA GLU A 186 -12.07 -11.38 -44.20
C GLU A 186 -10.92 -11.60 -45.18
N ILE A 187 -10.67 -12.85 -45.57
CA ILE A 187 -9.64 -13.09 -46.58
C ILE A 187 -10.06 -12.51 -47.92
N ARG A 188 -11.35 -12.61 -48.25
CA ARG A 188 -11.84 -11.98 -49.47
C ARG A 188 -11.57 -10.48 -49.45
N ARG A 189 -11.92 -9.82 -48.36
CA ARG A 189 -11.67 -8.38 -48.25
C ARG A 189 -10.18 -8.07 -48.32
N VAL A 190 -9.35 -8.88 -47.67
CA VAL A 190 -7.92 -8.62 -47.67
C VAL A 190 -7.35 -8.73 -49.08
N VAL A 191 -7.81 -9.72 -49.84
CA VAL A 191 -7.32 -9.86 -51.21
C VAL A 191 -7.80 -8.70 -52.06
N GLN A 192 -9.09 -8.39 -52.01
CA GLN A 192 -9.63 -7.31 -52.83
C GLN A 192 -9.03 -5.95 -52.47
N VAL A 193 -8.46 -5.82 -51.26
CA VAL A 193 -7.73 -4.61 -50.94
C VAL A 193 -6.27 -4.70 -51.40
N LEU A 194 -5.68 -5.89 -51.30
CA LEU A 194 -4.26 -6.04 -51.61
C LEU A 194 -3.98 -5.89 -53.09
N SER A 195 -4.85 -6.43 -53.95
CA SER A 195 -4.64 -6.42 -55.38
C SER A 195 -5.19 -5.16 -56.04
N ARG A 196 -5.37 -4.10 -55.25
CA ARG A 196 -5.84 -2.83 -55.79
C ARG A 196 -4.70 -2.12 -56.50
N ARG A 197 -4.98 -0.94 -57.03
CA ARG A 197 -3.93 -0.15 -57.66
C ARG A 197 -3.25 0.76 -56.65
N THR A 198 -4.02 1.60 -55.96
CA THR A 198 -3.49 2.51 -54.96
C THR A 198 -3.94 2.07 -53.57
N LYS A 199 -3.20 2.54 -52.56
CA LYS A 199 -3.47 2.21 -51.16
C LYS A 199 -3.53 0.69 -50.96
N ASN A 200 -2.61 -0.01 -51.63
CA ASN A 200 -2.54 -1.48 -51.53
C ASN A 200 -1.83 -1.90 -50.25
N ASN A 201 -2.33 -1.45 -49.11
CA ASN A 201 -1.73 -1.75 -47.81
C ASN A 201 -2.85 -2.02 -46.81
N PRO A 202 -3.10 -3.27 -46.50
CA PRO A 202 -4.11 -3.58 -45.48
C PRO A 202 -3.49 -3.69 -44.10
N VAL A 203 -4.24 -3.22 -43.11
CA VAL A 203 -3.84 -3.34 -41.70
C VAL A 203 -5.00 -3.93 -40.94
N LEU A 204 -4.74 -5.02 -40.22
CA LEU A 204 -5.79 -5.74 -39.52
C LEU A 204 -5.93 -5.17 -38.11
N ILE A 205 -7.17 -4.86 -37.74
CA ILE A 205 -7.48 -4.22 -36.47
C ILE A 205 -8.48 -5.08 -35.74
N GLY A 206 -8.14 -5.48 -34.51
CA GLY A 206 -9.04 -6.28 -33.72
C GLY A 206 -8.48 -6.48 -32.33
N GLU A 207 -9.37 -6.88 -31.43
CA GLU A 207 -8.98 -7.08 -30.05
C GLU A 207 -8.04 -8.27 -29.93
N PRO A 208 -7.26 -8.35 -28.84
CA PRO A 208 -6.27 -9.43 -28.74
C PRO A 208 -6.93 -10.77 -28.48
N GLY A 209 -6.70 -11.71 -29.40
CA GLY A 209 -7.24 -13.04 -29.30
C GLY A 209 -8.30 -13.38 -30.33
N VAL A 210 -8.84 -12.38 -31.03
CA VAL A 210 -9.82 -12.64 -32.07
C VAL A 210 -9.27 -13.47 -33.21
N GLY A 211 -7.98 -13.38 -33.48
CA GLY A 211 -7.39 -14.02 -34.63
C GLY A 211 -7.07 -13.00 -35.70
N LYS A 212 -5.82 -12.60 -35.76
CA LYS A 212 -5.36 -11.62 -36.72
C LYS A 212 -4.12 -12.08 -37.46
N THR A 213 -3.28 -12.90 -36.83
CA THR A 213 -2.22 -13.58 -37.56
C THR A 213 -2.75 -14.82 -38.28
N ALA A 214 -3.80 -15.42 -37.71
CA ALA A 214 -4.38 -16.61 -38.32
C ALA A 214 -4.90 -16.32 -39.73
N ILE A 215 -5.44 -15.11 -39.94
CA ILE A 215 -5.96 -14.77 -41.26
C ILE A 215 -4.84 -14.68 -42.27
N VAL A 216 -3.68 -14.15 -41.87
CA VAL A 216 -2.56 -14.06 -42.80
C VAL A 216 -1.98 -15.45 -43.06
N GLU A 217 -1.93 -16.30 -42.05
CA GLU A 217 -1.53 -17.68 -42.30
C GLU A 217 -2.50 -18.36 -43.27
N GLY A 218 -3.78 -18.05 -43.15
CA GLY A 218 -4.75 -18.61 -44.07
C GLY A 218 -4.56 -18.12 -45.49
N LEU A 219 -4.23 -16.85 -45.66
CA LEU A 219 -3.94 -16.33 -46.99
C LEU A 219 -2.70 -17.00 -47.58
N ALA A 220 -1.68 -17.24 -46.75
CA ALA A 220 -0.51 -17.95 -47.24
C ALA A 220 -0.87 -19.37 -47.67
N GLN A 221 -1.70 -20.05 -46.87
CA GLN A 221 -2.16 -21.38 -47.25
C GLN A 221 -2.94 -21.35 -48.57
N ARG A 222 -3.79 -20.34 -48.73
CA ARG A 222 -4.59 -20.23 -49.94
C ARG A 222 -3.70 -20.01 -51.16
N ILE A 223 -2.64 -19.21 -51.02
CA ILE A 223 -1.72 -19.01 -52.13
C ILE A 223 -1.00 -20.31 -52.46
N VAL A 224 -0.43 -20.97 -51.45
CA VAL A 224 0.35 -22.17 -51.72
C VAL A 224 -0.54 -23.27 -52.29
N ALA A 225 -1.84 -23.25 -51.96
CA ALA A 225 -2.75 -24.21 -52.54
C ALA A 225 -3.17 -23.85 -53.96
N GLY A 226 -3.31 -22.55 -54.26
CA GLY A 226 -3.73 -22.12 -55.57
C GLY A 226 -5.22 -21.89 -55.68
N ASP A 227 -5.77 -21.11 -54.76
CA ASP A 227 -7.19 -20.76 -54.76
C ASP A 227 -7.37 -19.24 -54.73
N VAL A 228 -6.39 -18.52 -55.24
CA VAL A 228 -6.38 -17.06 -55.19
C VAL A 228 -6.70 -16.53 -56.57
N PRO A 229 -7.16 -15.28 -56.67
CA PRO A 229 -7.38 -14.68 -58.00
C PRO A 229 -6.11 -14.55 -58.80
N GLU A 230 -6.24 -14.02 -60.02
CA GLU A 230 -5.20 -14.14 -61.03
C GLU A 230 -3.87 -13.59 -60.53
N SER A 231 -3.82 -12.30 -60.20
CA SER A 231 -2.56 -11.66 -59.90
C SER A 231 -2.13 -11.88 -58.44
N LEU A 232 -2.15 -13.14 -57.99
CA LEU A 232 -1.59 -13.47 -56.69
C LEU A 232 -0.93 -14.84 -56.69
N ARG A 233 -0.37 -15.26 -57.83
CA ARG A 233 0.22 -16.58 -57.95
C ARG A 233 1.72 -16.52 -57.64
N ASP A 234 2.17 -17.40 -56.75
CA ASP A 234 3.58 -17.60 -56.44
C ASP A 234 4.23 -16.29 -55.98
N LYS A 235 3.77 -15.82 -54.83
CA LYS A 235 4.16 -14.52 -54.30
C LYS A 235 5.23 -14.59 -53.22
N THR A 236 5.25 -15.64 -52.41
CA THR A 236 6.25 -15.84 -51.36
C THR A 236 6.22 -14.68 -50.35
N ILE A 237 5.11 -14.61 -49.63
CA ILE A 237 4.94 -13.63 -48.56
C ILE A 237 6.08 -13.76 -47.56
N VAL A 238 6.62 -12.62 -47.13
CA VAL A 238 7.73 -12.57 -46.19
C VAL A 238 7.31 -11.76 -44.97
N ALA A 239 7.78 -12.18 -43.79
CA ALA A 239 7.47 -11.52 -42.54
C ALA A 239 8.74 -10.91 -41.97
N LEU A 240 8.78 -9.59 -41.89
CA LEU A 240 9.97 -8.89 -41.42
C LEU A 240 10.24 -9.19 -39.95
N ASP A 241 11.45 -8.83 -39.52
CA ASP A 241 11.83 -8.97 -38.11
C ASP A 241 12.80 -7.84 -37.79
N LEU A 242 12.24 -6.73 -37.32
CA LEU A 242 13.09 -5.60 -36.94
C LEU A 242 13.89 -5.91 -35.69
N GLY A 243 13.36 -6.75 -34.80
CA GLY A 243 14.12 -7.18 -33.64
C GLY A 243 15.44 -7.79 -34.02
N SER A 244 15.46 -8.54 -35.12
CA SER A 244 16.72 -9.08 -35.64
C SER A 244 17.44 -8.09 -36.52
N MET A 245 16.71 -7.15 -37.13
CA MET A 245 17.37 -6.17 -37.99
C MET A 245 18.27 -5.24 -37.18
N VAL A 246 17.74 -4.59 -36.16
CA VAL A 246 18.50 -3.65 -35.34
C VAL A 246 19.07 -4.44 -34.17
N ALA A 247 20.28 -4.95 -34.36
CA ALA A 247 20.98 -5.70 -33.32
C ALA A 247 22.46 -5.77 -33.64
N GLY A 248 23.30 -5.26 -32.75
CA GLY A 248 24.71 -5.16 -33.06
C GLY A 248 25.07 -4.13 -34.10
N SER A 249 24.09 -3.38 -34.60
CA SER A 249 24.35 -2.31 -35.56
C SER A 249 24.76 -1.05 -34.81
N LYS A 250 25.85 -1.15 -34.07
CA LYS A 250 26.25 -0.15 -33.10
C LYS A 250 27.09 0.97 -33.71
N TYR A 251 26.95 1.25 -34.99
CA TYR A 251 27.61 2.38 -35.61
C TYR A 251 26.57 3.32 -36.22
N ARG A 252 27.06 4.43 -36.76
CA ARG A 252 26.18 5.51 -37.20
C ARG A 252 25.37 5.15 -38.42
N GLY A 253 25.93 4.36 -39.34
CA GLY A 253 25.29 4.16 -40.62
C GLY A 253 25.00 2.71 -40.97
N GLU A 254 24.52 1.94 -40.00
CA GLU A 254 24.27 0.52 -40.23
C GLU A 254 22.79 0.19 -40.32
N PHE A 255 21.98 0.68 -39.38
CA PHE A 255 20.57 0.27 -39.35
C PHE A 255 19.83 0.78 -40.57
N GLU A 256 19.91 2.07 -40.85
CA GLU A 256 19.24 2.62 -42.02
C GLU A 256 19.79 2.01 -43.31
N GLU A 257 21.08 1.67 -43.32
CA GLU A 257 21.65 1.02 -44.49
C GLU A 257 21.02 -0.36 -44.70
N ARG A 258 20.84 -1.13 -43.63
CA ARG A 258 20.19 -2.43 -43.75
C ARG A 258 18.75 -2.27 -44.21
N LEU A 259 18.06 -1.26 -43.69
CA LEU A 259 16.68 -1.03 -44.13
C LEU A 259 16.64 -0.68 -45.61
N LYS A 260 17.58 0.14 -46.07
CA LYS A 260 17.66 0.46 -47.50
C LYS A 260 17.93 -0.78 -48.33
N ALA A 261 18.82 -1.66 -47.84
CA ALA A 261 19.11 -2.90 -48.57
C ALA A 261 17.86 -3.76 -48.71
N VAL A 262 17.12 -3.93 -47.61
CA VAL A 262 15.90 -4.72 -47.66
C VAL A 262 14.90 -4.09 -48.62
N LEU A 263 14.73 -2.77 -48.55
CA LEU A 263 13.75 -2.10 -49.40
C LEU A 263 14.13 -2.22 -50.87
N ASP A 264 15.44 -2.19 -51.18
CA ASP A 264 15.86 -2.32 -52.57
C ASP A 264 15.68 -3.75 -53.07
N ASP A 265 16.04 -4.74 -52.24
CA ASP A 265 15.81 -6.12 -52.62
C ASP A 265 14.32 -6.38 -52.86
N ILE A 266 13.45 -5.68 -52.14
CA ILE A 266 12.02 -5.80 -52.42
C ILE A 266 11.66 -5.08 -53.70
N LYS A 267 12.29 -3.92 -53.95
CA LYS A 267 12.04 -3.18 -55.17
C LYS A 267 12.35 -4.01 -56.41
N ASN A 268 13.42 -4.79 -56.36
CA ASN A 268 13.82 -5.57 -57.53
C ASN A 268 12.69 -6.46 -58.04
N SER A 269 12.23 -7.38 -57.19
CA SER A 269 11.06 -8.18 -57.54
C SER A 269 9.86 -7.26 -57.70
N ALA A 270 9.31 -7.22 -58.92
CA ALA A 270 8.29 -6.24 -59.27
C ALA A 270 7.04 -6.37 -58.42
N GLY A 271 6.34 -7.48 -58.54
CA GLY A 271 5.10 -7.64 -57.81
C GLY A 271 4.95 -9.00 -57.15
N GLN A 272 6.07 -9.69 -56.95
CA GLN A 272 6.03 -11.00 -56.32
C GLN A 272 5.97 -10.88 -54.80
N ILE A 273 6.93 -10.16 -54.21
CA ILE A 273 7.03 -10.12 -52.76
C ILE A 273 5.88 -9.34 -52.16
N ILE A 274 5.21 -9.95 -51.18
CA ILE A 274 4.13 -9.31 -50.43
C ILE A 274 4.62 -9.21 -48.99
N THR A 275 5.23 -8.09 -48.65
CA THR A 275 5.80 -7.94 -47.31
C THR A 275 4.70 -7.98 -46.26
N PHE A 276 5.05 -8.50 -45.08
CA PHE A 276 4.10 -8.64 -43.98
C PHE A 276 4.83 -8.30 -42.69
N ILE A 277 4.21 -7.48 -41.86
CA ILE A 277 4.78 -7.06 -40.58
C ILE A 277 3.75 -7.30 -39.50
N ASP A 278 4.06 -8.21 -38.58
CA ASP A 278 3.24 -8.42 -37.40
C ASP A 278 3.63 -7.40 -36.33
N GLU A 279 2.65 -7.00 -35.54
CA GLU A 279 2.82 -5.92 -34.56
C GLU A 279 3.38 -4.67 -35.25
N LEU A 280 2.55 -4.12 -36.15
CA LEU A 280 3.01 -3.03 -37.01
C LEU A 280 3.44 -1.82 -36.21
N HIS A 281 2.89 -1.65 -35.01
CA HIS A 281 3.19 -0.46 -34.21
C HIS A 281 4.67 -0.35 -33.85
N THR A 282 5.44 -1.41 -34.04
CA THR A 282 6.86 -1.31 -33.70
C THR A 282 7.64 -0.47 -34.65
N ILE A 283 7.10 -0.03 -35.78
CA ILE A 283 7.87 0.77 -36.73
C ILE A 283 7.73 2.26 -36.51
N VAL A 284 7.03 2.69 -35.45
CA VAL A 284 6.89 4.11 -35.22
C VAL A 284 8.19 4.73 -34.72
N GLY A 285 9.05 3.93 -34.07
CA GLY A 285 10.32 4.42 -33.60
C GLY A 285 11.50 3.73 -34.26
N ALA A 286 12.19 2.88 -33.51
CA ALA A 286 13.28 2.05 -34.00
C ALA A 286 14.46 2.89 -34.51
N GLY A 287 14.44 4.19 -34.27
CA GLY A 287 15.45 5.06 -34.84
C GLY A 287 16.72 5.20 -34.05
N ALA A 288 16.62 5.71 -32.83
CA ALA A 288 17.81 5.98 -32.02
C ALA A 288 17.45 6.24 -30.56
N ALA A 296 14.84 7.56 -37.64
CA ALA A 296 14.66 6.51 -38.63
C ALA A 296 13.26 5.91 -38.54
N GLY A 297 13.07 4.74 -39.14
CA GLY A 297 11.75 4.16 -39.27
C GLY A 297 10.80 4.96 -40.12
N ASN A 298 11.27 6.05 -40.72
CA ASN A 298 10.47 6.91 -41.57
C ASN A 298 10.75 6.68 -43.05
N MET A 299 11.57 5.68 -43.40
CA MET A 299 11.82 5.38 -44.80
C MET A 299 10.75 4.45 -45.34
N ILE A 300 9.49 4.80 -45.11
CA ILE A 300 8.37 4.00 -45.60
C ILE A 300 7.41 4.92 -46.33
N LYS A 301 7.40 6.19 -45.95
CA LYS A 301 6.57 7.17 -46.65
C LYS A 301 6.95 7.34 -48.12
N PRO A 302 8.24 7.42 -48.51
CA PRO A 302 8.54 7.50 -49.94
C PRO A 302 8.04 6.30 -50.73
N MET A 303 8.27 5.09 -50.23
CA MET A 303 7.86 3.89 -50.96
C MET A 303 6.35 3.79 -51.04
N LEU A 304 5.65 4.14 -49.96
CA LEU A 304 4.20 4.10 -50.00
C LEU A 304 3.62 5.26 -50.81
N ALA A 305 4.43 6.28 -51.09
CA ALA A 305 3.98 7.37 -51.94
C ALA A 305 3.95 6.97 -53.40
N ARG A 306 4.37 5.75 -53.73
CA ARG A 306 4.34 5.25 -55.10
C ARG A 306 3.57 3.94 -55.22
N GLY A 307 3.07 3.40 -54.10
CA GLY A 307 2.42 2.10 -54.13
C GLY A 307 3.40 1.00 -54.47
N GLU A 308 4.63 1.12 -53.97
CA GLU A 308 5.68 0.18 -54.35
C GLU A 308 5.78 -0.99 -53.37
N LEU A 309 5.07 -0.91 -52.24
CA LEU A 309 5.04 -1.98 -51.26
C LEU A 309 3.63 -2.48 -51.05
N ARG A 310 3.50 -3.57 -50.29
CA ARG A 310 2.19 -4.07 -49.90
C ARG A 310 2.00 -4.01 -48.39
N LEU A 311 2.89 -4.65 -47.63
CA LEU A 311 3.07 -4.41 -46.21
C LEU A 311 1.76 -4.57 -45.44
N VAL A 312 1.26 -5.81 -45.42
CA VAL A 312 0.09 -6.12 -44.59
C VAL A 312 0.52 -6.22 -43.13
N GLY A 313 -0.30 -5.67 -42.24
CA GLY A 313 0.06 -5.59 -40.84
C GLY A 313 -1.09 -5.94 -39.93
N ALA A 314 -0.74 -6.27 -38.69
CA ALA A 314 -1.74 -6.66 -37.69
C ALA A 314 -1.34 -6.11 -36.33
N THR A 315 -2.21 -5.28 -35.76
CA THR A 315 -2.03 -4.74 -34.42
C THR A 315 -3.34 -4.88 -33.66
N THR A 316 -3.29 -4.62 -32.36
CA THR A 316 -4.49 -4.59 -31.54
C THR A 316 -5.24 -3.29 -31.80
N LEU A 317 -6.37 -3.13 -31.11
CA LEU A 317 -7.26 -2.01 -31.40
C LEU A 317 -6.73 -0.70 -30.83
N ASP A 318 -6.37 -0.69 -29.54
CA ASP A 318 -5.95 0.53 -28.87
C ASP A 318 -4.55 0.99 -29.24
N GLU A 319 -3.62 0.06 -29.48
CA GLU A 319 -2.28 0.47 -29.91
C GLU A 319 -2.34 1.21 -31.23
N TYR A 320 -3.36 0.97 -32.04
CA TYR A 320 -3.53 1.74 -33.26
C TYR A 320 -3.62 3.23 -32.96
N ARG A 321 -4.65 3.63 -32.22
CA ARG A 321 -4.80 5.03 -31.88
C ARG A 321 -3.77 5.51 -30.86
N LYS A 322 -2.98 4.61 -30.30
CA LYS A 322 -1.96 5.03 -29.36
C LYS A 322 -0.60 5.28 -30.00
N HIS A 323 -0.32 4.68 -31.16
CA HIS A 323 0.98 4.83 -31.79
C HIS A 323 0.96 5.23 -33.24
N ILE A 324 -0.18 5.17 -33.92
CA ILE A 324 -0.27 5.46 -35.35
C ILE A 324 -1.12 6.70 -35.61
N GLU A 325 -2.32 6.75 -35.03
CA GLU A 325 -3.18 7.92 -35.20
C GLU A 325 -2.51 9.20 -34.72
N LYS A 326 -1.56 9.10 -33.79
CA LYS A 326 -0.75 10.23 -33.36
C LYS A 326 0.16 10.74 -34.47
N ASP A 327 0.26 10.01 -35.59
CA ASP A 327 1.10 10.34 -36.73
C ASP A 327 0.27 10.31 -38.00
N ALA A 328 -0.83 11.08 -38.00
CA ALA A 328 -1.91 10.97 -38.98
C ALA A 328 -1.44 10.98 -40.43
N ALA A 329 -0.20 11.36 -40.68
CA ALA A 329 0.35 11.22 -42.02
C ALA A 329 0.35 9.77 -42.48
N LEU A 330 0.86 8.86 -41.66
CA LEU A 330 0.92 7.46 -42.04
C LEU A 330 -0.46 6.84 -42.17
N GLU A 331 -1.32 7.05 -41.17
CA GLU A 331 -2.64 6.45 -41.16
C GLU A 331 -3.43 6.74 -42.44
N ARG A 332 -3.09 7.82 -43.14
CA ARG A 332 -3.69 8.06 -44.44
C ARG A 332 -3.32 6.97 -45.43
N ARG A 333 -2.09 6.45 -45.34
CA ARG A 333 -1.59 5.49 -46.31
C ARG A 333 -1.93 4.05 -45.98
N PHE A 334 -2.89 3.81 -45.09
CA PHE A 334 -3.28 2.46 -44.72
C PHE A 334 -4.77 2.28 -44.89
N GLN A 335 -5.18 1.03 -45.08
CA GLN A 335 -6.59 0.67 -45.22
C GLN A 335 -6.97 -0.28 -44.10
N GLN A 336 -7.96 0.10 -43.30
CA GLN A 336 -8.29 -0.65 -42.11
C GLN A 336 -9.21 -1.82 -42.43
N VAL A 337 -9.04 -2.91 -41.69
CA VAL A 337 -9.90 -4.08 -41.76
C VAL A 337 -10.27 -4.47 -40.34
N TYR A 338 -11.56 -4.60 -40.07
CA TYR A 338 -12.04 -4.95 -38.73
C TYR A 338 -12.24 -6.44 -38.62
N VAL A 339 -11.92 -7.00 -37.46
CA VAL A 339 -12.00 -8.43 -37.21
C VAL A 339 -12.72 -8.61 -35.88
N GLY A 340 -14.04 -8.84 -35.93
CA GLY A 340 -14.80 -9.05 -34.72
C GLY A 340 -14.69 -10.48 -34.22
N GLU A 341 -14.97 -10.65 -32.93
CA GLU A 341 -14.84 -11.97 -32.33
C GLU A 341 -15.92 -12.90 -32.86
N PRO A 342 -15.59 -14.17 -33.08
CA PRO A 342 -16.57 -15.12 -33.59
C PRO A 342 -17.52 -15.58 -32.50
N SER A 343 -18.73 -15.92 -32.92
CA SER A 343 -19.76 -16.36 -32.00
C SER A 343 -19.55 -17.83 -31.65
N VAL A 344 -20.49 -18.38 -30.88
CA VAL A 344 -20.30 -19.70 -30.30
C VAL A 344 -20.28 -20.78 -31.38
N GLU A 345 -21.13 -20.65 -32.40
CA GLU A 345 -21.18 -21.67 -33.44
C GLU A 345 -19.91 -21.67 -34.29
N ASP A 346 -19.45 -20.48 -34.70
CA ASP A 346 -18.19 -20.42 -35.41
C ASP A 346 -17.05 -20.96 -34.56
N THR A 347 -17.10 -20.72 -33.25
CA THR A 347 -16.06 -21.24 -32.37
C THR A 347 -16.10 -22.77 -32.33
N ILE A 348 -17.31 -23.34 -32.23
CA ILE A 348 -17.44 -24.79 -32.29
C ILE A 348 -16.87 -25.33 -33.59
N GLY A 349 -17.12 -24.62 -34.70
CA GLY A 349 -16.57 -25.05 -35.97
C GLY A 349 -15.06 -25.07 -35.97
N ILE A 350 -14.44 -23.98 -35.50
CA ILE A 350 -12.99 -23.91 -35.46
C ILE A 350 -12.43 -25.01 -34.58
N LEU A 351 -13.09 -25.29 -33.45
CA LEU A 351 -12.62 -26.35 -32.57
C LEU A 351 -12.72 -27.72 -33.24
N ARG A 352 -13.85 -27.99 -33.90
CA ARG A 352 -13.98 -29.25 -34.61
C ARG A 352 -12.95 -29.38 -35.72
N GLY A 353 -12.47 -28.26 -36.24
CA GLY A 353 -11.43 -28.31 -37.23
C GLY A 353 -10.06 -28.59 -36.64
N LEU A 354 -9.77 -28.01 -35.48
CA LEU A 354 -8.45 -28.11 -34.88
C LEU A 354 -8.28 -29.32 -33.96
N LYS A 355 -9.34 -30.04 -33.63
CA LYS A 355 -9.25 -31.15 -32.68
C LYS A 355 -8.14 -32.12 -33.02
N ASP A 356 -7.90 -32.35 -34.32
CA ASP A 356 -6.97 -33.40 -34.73
C ASP A 356 -5.54 -33.10 -34.29
N ARG A 357 -5.09 -31.85 -34.43
CA ARG A 357 -3.71 -31.54 -34.10
C ARG A 357 -3.41 -31.82 -32.62
N TYR A 358 -4.35 -31.50 -31.73
CA TYR A 358 -4.15 -31.79 -30.32
C TYR A 358 -4.28 -33.28 -30.03
N GLU A 359 -5.22 -33.96 -30.71
CA GLU A 359 -5.28 -35.41 -30.58
C GLU A 359 -3.95 -36.07 -30.90
N VAL A 360 -3.26 -35.58 -31.91
CA VAL A 360 -1.99 -36.18 -32.31
C VAL A 360 -0.84 -35.73 -31.42
N HIS A 361 -0.84 -34.47 -30.98
CA HIS A 361 0.24 -34.03 -30.10
C HIS A 361 0.18 -34.77 -28.77
N HIS A 362 -0.98 -34.79 -28.13
CA HIS A 362 -1.16 -35.57 -26.92
C HIS A 362 -1.40 -37.03 -27.31
N GLY A 363 -1.78 -37.86 -26.34
CA GLY A 363 -1.99 -39.26 -26.63
C GLY A 363 -3.37 -39.75 -26.26
N VAL A 364 -4.40 -38.95 -26.53
CA VAL A 364 -5.75 -39.32 -26.09
C VAL A 364 -6.77 -38.91 -27.14
N ARG A 365 -7.98 -39.45 -27.03
CA ARG A 365 -9.11 -39.10 -27.88
C ARG A 365 -9.83 -37.89 -27.30
N ILE A 366 -10.63 -37.22 -28.13
CA ILE A 366 -11.41 -36.06 -27.71
C ILE A 366 -12.80 -36.20 -28.31
N THR A 367 -13.82 -36.23 -27.45
CA THR A 367 -15.18 -36.35 -27.92
C THR A 367 -15.67 -35.03 -28.52
N ASP A 368 -16.93 -35.00 -28.92
CA ASP A 368 -17.52 -33.80 -29.48
C ASP A 368 -18.40 -33.05 -28.49
N SER A 369 -19.06 -33.76 -27.58
CA SER A 369 -19.76 -33.06 -26.50
C SER A 369 -18.79 -32.24 -25.67
N ALA A 370 -17.54 -32.68 -25.56
CA ALA A 370 -16.53 -31.88 -24.91
C ALA A 370 -16.23 -30.61 -25.70
N LEU A 371 -16.09 -30.72 -27.02
CA LEU A 371 -15.85 -29.53 -27.84
C LEU A 371 -17.04 -28.59 -27.83
N VAL A 372 -18.23 -29.08 -27.48
CA VAL A 372 -19.37 -28.19 -27.36
C VAL A 372 -19.40 -27.50 -25.99
N ALA A 373 -19.12 -28.26 -24.94
CA ALA A 373 -19.12 -27.68 -23.59
C ALA A 373 -18.00 -26.67 -23.43
N ALA A 374 -16.83 -26.94 -24.01
CA ALA A 374 -15.67 -26.08 -23.86
C ALA A 374 -15.85 -24.77 -24.62
N ALA A 375 -16.92 -24.67 -25.39
CA ALA A 375 -17.28 -23.43 -26.05
C ALA A 375 -18.45 -22.74 -25.39
N THR A 376 -19.44 -23.49 -24.90
CA THR A 376 -20.56 -22.83 -24.25
C THR A 376 -20.25 -22.38 -22.83
N LEU A 377 -19.24 -22.96 -22.17
CA LEU A 377 -18.89 -22.58 -20.82
C LEU A 377 -17.98 -21.36 -20.79
N SER A 378 -16.87 -21.43 -21.52
CA SER A 378 -15.81 -20.44 -21.54
C SER A 378 -16.25 -19.13 -22.11
N ASP A 379 -17.50 -19.03 -22.56
CA ASP A 379 -18.13 -17.75 -22.84
C ASP A 379 -18.90 -17.22 -21.65
N ARG A 380 -19.41 -18.11 -20.80
CA ARG A 380 -20.17 -17.71 -19.63
C ARG A 380 -19.30 -17.38 -18.43
N TYR A 381 -18.15 -18.03 -18.30
CA TYR A 381 -17.34 -17.89 -17.08
C TYR A 381 -16.14 -16.99 -17.24
N ILE A 382 -15.30 -17.21 -18.25
CA ILE A 382 -14.08 -16.41 -18.43
C ILE A 382 -14.50 -15.13 -19.14
N THR A 383 -14.81 -14.10 -18.35
CA THR A 383 -15.23 -12.83 -18.94
C THR A 383 -14.06 -11.84 -19.04
N ALA A 384 -12.93 -12.31 -19.55
CA ALA A 384 -11.79 -11.43 -19.75
C ALA A 384 -11.05 -11.62 -21.05
N ARG A 385 -11.34 -12.67 -21.82
CA ARG A 385 -10.62 -13.00 -23.04
C ARG A 385 -11.63 -13.19 -24.17
N PHE A 386 -11.16 -13.70 -25.30
CA PHE A 386 -11.99 -13.81 -26.49
C PHE A 386 -11.97 -15.25 -27.02
N LEU A 387 -13.01 -15.58 -27.81
CA LEU A 387 -13.39 -16.98 -28.01
C LEU A 387 -12.29 -17.86 -28.59
N PRO A 388 -11.69 -17.54 -29.75
CA PRO A 388 -10.85 -18.53 -30.44
C PRO A 388 -9.70 -19.08 -29.62
N ASP A 389 -9.36 -18.45 -28.49
CA ASP A 389 -8.36 -18.99 -27.59
C ASP A 389 -8.89 -19.28 -26.19
N LYS A 390 -9.81 -18.44 -25.68
CA LYS A 390 -10.44 -18.73 -24.41
C LYS A 390 -11.21 -20.04 -24.45
N ALA A 391 -11.44 -20.59 -25.64
CA ALA A 391 -11.99 -21.94 -25.75
C ALA A 391 -10.92 -22.99 -26.00
N ILE A 392 -9.86 -22.67 -26.74
CA ILE A 392 -8.81 -23.64 -27.02
C ILE A 392 -8.05 -24.02 -25.75
N ASP A 393 -7.81 -23.06 -24.87
CA ASP A 393 -7.02 -23.30 -23.67
C ASP A 393 -7.60 -24.43 -22.83
N LEU A 394 -8.92 -24.44 -22.64
CA LEU A 394 -9.54 -25.48 -21.83
C LEU A 394 -9.24 -26.86 -22.37
N VAL A 395 -9.44 -27.06 -23.67
CA VAL A 395 -9.21 -28.37 -24.27
C VAL A 395 -7.75 -28.74 -24.17
N ASP A 396 -6.85 -27.79 -24.43
CA ASP A 396 -5.43 -28.11 -24.41
C ASP A 396 -4.91 -28.35 -23.01
N GLU A 397 -5.63 -27.91 -21.98
CA GLU A 397 -5.26 -28.29 -20.62
C GLU A 397 -5.85 -29.62 -20.21
N ALA A 398 -7.11 -29.87 -20.59
CA ALA A 398 -7.75 -31.14 -20.25
C ALA A 398 -7.01 -32.30 -20.90
N ALA A 399 -6.53 -32.11 -22.12
CA ALA A 399 -5.77 -33.17 -22.79
C ALA A 399 -4.51 -33.52 -22.00
N SER A 400 -3.76 -32.50 -21.57
CA SER A 400 -2.54 -32.77 -20.82
C SER A 400 -2.84 -33.39 -19.47
N ARG A 401 -3.91 -32.95 -18.82
CA ARG A 401 -4.30 -33.59 -17.56
C ARG A 401 -4.62 -35.06 -17.77
N LEU A 402 -5.34 -35.38 -18.85
CA LEU A 402 -5.69 -36.77 -19.10
C LEU A 402 -4.47 -37.60 -19.43
N ARG A 403 -3.51 -37.03 -20.15
CA ARG A 403 -2.26 -37.75 -20.41
C ARG A 403 -1.53 -38.04 -19.11
N MET A 404 -1.44 -37.04 -18.23
CA MET A 404 -0.77 -37.24 -16.95
C MET A 404 -1.51 -38.29 -16.12
N GLU A 405 -2.83 -38.35 -16.24
CA GLU A 405 -3.59 -39.37 -15.53
C GLU A 405 -3.31 -40.75 -16.09
N ILE A 406 -3.29 -40.87 -17.43
CA ILE A 406 -3.04 -42.16 -18.06
C ILE A 406 -1.59 -42.59 -17.85
N ASP A 407 -0.76 -41.67 -17.38
CA ASP A 407 0.54 -42.00 -16.79
C ASP A 407 0.33 -42.53 -15.38
N SER A 408 1.38 -42.44 -14.55
CA SER A 408 1.35 -42.95 -13.19
C SER A 408 0.11 -42.48 -12.43
N ARG A 409 -0.17 -43.12 -11.30
CA ARG A 409 -1.48 -43.26 -10.66
C ARG A 409 -2.36 -42.02 -10.77
N PRO A 410 -3.66 -42.19 -10.98
CA PRO A 410 -4.53 -41.05 -11.29
C PRO A 410 -4.65 -40.08 -10.13
N VAL A 411 -5.25 -38.93 -10.43
CA VAL A 411 -5.52 -37.90 -9.44
C VAL A 411 -6.59 -38.44 -8.49
N GLU A 412 -6.64 -37.88 -7.28
CA GLU A 412 -7.42 -38.23 -6.08
C GLU A 412 -6.87 -39.46 -5.38
N ILE A 413 -5.82 -40.08 -5.91
CA ILE A 413 -5.03 -41.06 -5.17
C ILE A 413 -3.66 -40.47 -4.96
N ASP A 414 -3.17 -39.76 -5.98
CA ASP A 414 -1.87 -39.09 -5.94
C ASP A 414 -1.82 -37.95 -4.95
N GLU A 415 -2.94 -37.61 -4.32
CA GLU A 415 -2.96 -36.63 -3.23
C GLU A 415 -3.14 -37.29 -1.88
N VAL A 416 -4.01 -38.30 -1.80
CA VAL A 416 -4.20 -39.00 -0.53
C VAL A 416 -2.93 -39.71 -0.11
N GLU A 417 -2.22 -40.33 -1.06
CA GLU A 417 -0.96 -40.99 -0.74
C GLU A 417 0.05 -40.01 -0.16
N ARG A 418 0.16 -38.83 -0.79
CA ARG A 418 1.12 -37.84 -0.34
C ARG A 418 0.74 -37.21 0.98
N LEU A 419 -0.56 -37.10 1.28
CA LEU A 419 -0.97 -36.66 2.60
C LEU A 419 -0.64 -37.70 3.66
N VAL A 420 -0.87 -38.98 3.36
CA VAL A 420 -0.58 -40.04 4.32
C VAL A 420 0.91 -40.10 4.63
N ARG A 421 1.75 -40.03 3.60
CA ARG A 421 3.19 -40.08 3.83
C ARG A 421 3.67 -38.92 4.69
N ARG A 422 3.21 -37.71 4.37
CA ARG A 422 3.60 -36.54 5.15
C ARG A 422 3.15 -36.67 6.61
N LEU A 423 1.92 -37.14 6.83
CA LEU A 423 1.47 -37.34 8.21
C LEU A 423 2.35 -38.35 8.93
N GLU A 424 2.76 -39.40 8.24
CA GLU A 424 3.64 -40.39 8.87
C GLU A 424 4.97 -39.77 9.25
N ILE A 425 5.55 -38.96 8.35
CA ILE A 425 6.80 -38.29 8.67
C ILE A 425 6.66 -37.41 9.89
N GLU A 426 5.62 -36.57 9.91
CA GLU A 426 5.43 -35.64 11.02
C GLU A 426 5.26 -36.39 12.34
N GLU A 427 4.47 -37.46 12.33
CA GLU A 427 4.25 -38.22 13.55
C GLU A 427 5.52 -38.92 14.01
N MET A 428 6.34 -39.42 13.08
CA MET A 428 7.55 -40.13 13.42
C MET A 428 8.52 -39.31 14.27
N ALA A 429 8.44 -37.99 14.18
CA ALA A 429 9.26 -37.12 15.03
C ALA A 429 8.48 -36.40 16.10
N LEU A 430 7.16 -36.25 15.96
CA LEU A 430 6.36 -35.68 17.04
C LEU A 430 6.21 -36.65 18.19
N SER A 431 6.27 -37.95 17.93
CA SER A 431 6.12 -38.94 19.00
C SER A 431 7.17 -38.76 20.08
N LYS A 432 8.43 -38.56 19.69
CA LYS A 432 9.53 -38.45 20.65
C LYS A 432 9.59 -37.06 21.29
N GLU A 433 8.51 -36.66 21.94
CA GLU A 433 8.41 -35.36 22.60
C GLU A 433 8.17 -35.58 24.08
N GLU A 434 8.94 -34.87 24.92
CA GLU A 434 8.87 -35.00 26.36
C GLU A 434 8.01 -33.87 26.97
N ASP A 435 6.74 -33.86 26.58
CA ASP A 435 5.85 -32.79 27.03
C ASP A 435 4.48 -33.38 27.32
N GLU A 436 3.63 -32.56 27.94
CA GLU A 436 2.24 -32.89 28.16
C GLU A 436 1.29 -32.20 27.19
N ALA A 437 1.60 -30.94 26.85
CA ALA A 437 0.77 -30.17 25.90
C ALA A 437 0.90 -30.80 24.50
N SER A 438 2.02 -31.48 24.26
CA SER A 438 2.27 -32.14 22.96
C SER A 438 1.64 -33.53 22.96
N ALA A 439 1.63 -34.19 24.13
CA ALA A 439 1.03 -35.54 24.27
C ALA A 439 -0.39 -35.51 23.71
N GLU A 440 -1.19 -34.52 24.15
CA GLU A 440 -2.58 -34.37 23.68
C GLU A 440 -2.57 -34.13 22.16
N ARG A 441 -1.71 -33.24 21.68
CA ARG A 441 -1.77 -33.01 20.21
C ARG A 441 -1.38 -34.26 19.42
N LEU A 442 -0.38 -35.00 19.90
CA LEU A 442 0.09 -36.24 19.22
C LEU A 442 -1.01 -37.29 19.23
N ALA A 443 -1.76 -37.38 20.33
CA ALA A 443 -2.87 -38.36 20.46
C ALA A 443 -3.94 -38.08 19.41
N LYS A 444 -3.97 -36.86 18.87
CA LYS A 444 -4.97 -36.49 17.84
C LYS A 444 -4.36 -36.65 16.44
N LEU A 445 -3.04 -36.43 16.33
CA LEU A 445 -2.33 -36.55 15.02
C LEU A 445 -2.41 -38.00 14.53
N ARG A 446 -2.85 -38.92 15.40
CA ARG A 446 -2.97 -40.35 15.03
C ARG A 446 -4.38 -40.67 14.55
N SER A 447 -5.40 -40.09 15.16
CA SER A 447 -6.78 -40.42 14.72
C SER A 447 -7.01 -40.07 13.25
N GLU A 448 -6.23 -39.16 12.68
CA GLU A 448 -6.47 -38.78 11.29
C GLU A 448 -5.62 -39.60 10.33
N LEU A 449 -4.39 -39.93 10.72
CA LEU A 449 -3.55 -40.76 9.87
C LEU A 449 -4.20 -42.10 9.61
N ALA A 450 -4.78 -42.72 10.64
CA ALA A 450 -5.44 -44.01 10.45
C ALA A 450 -6.73 -43.85 9.65
N ASP A 451 -7.51 -42.81 9.96
CA ASP A 451 -8.76 -42.60 9.24
C ASP A 451 -8.54 -42.22 7.78
N GLN A 452 -7.31 -41.87 7.41
CA GLN A 452 -7.02 -41.65 6.00
C GLN A 452 -6.32 -42.84 5.36
N LYS A 453 -5.57 -43.63 6.15
CA LYS A 453 -5.12 -44.92 5.65
C LYS A 453 -6.29 -45.77 5.21
N GLU A 454 -7.38 -45.75 6.00
CA GLU A 454 -8.57 -46.50 5.65
C GLU A 454 -9.12 -46.08 4.28
N LYS A 455 -9.18 -44.77 4.03
CA LYS A 455 -9.69 -44.29 2.75
C LYS A 455 -8.75 -44.62 1.61
N LEU A 456 -7.44 -44.50 1.83
CA LEU A 456 -6.49 -44.89 0.80
C LEU A 456 -6.66 -46.36 0.43
N ALA A 457 -6.83 -47.23 1.43
CA ALA A 457 -7.01 -48.65 1.14
C ALA A 457 -8.28 -48.89 0.34
N GLU A 458 -9.37 -48.25 0.77
CA GLU A 458 -10.68 -48.40 0.09
C GLU A 458 -10.65 -47.68 -1.26
N LEU A 459 -9.54 -47.00 -1.55
CA LEU A 459 -9.38 -46.25 -2.83
C LEU A 459 -8.30 -46.93 -3.69
N THR A 460 -7.65 -47.95 -3.15
CA THR A 460 -6.58 -48.68 -3.88
C THR A 460 -7.19 -49.90 -4.60
N THR A 461 -8.24 -50.47 -4.01
CA THR A 461 -8.93 -51.65 -4.59
C THR A 461 -9.75 -51.18 -5.79
N ARG A 462 -10.47 -50.07 -5.65
CA ARG A 462 -11.32 -49.61 -6.77
C ARG A 462 -10.47 -49.33 -8.00
N TRP A 463 -9.35 -48.63 -7.83
CA TRP A 463 -8.45 -48.29 -8.97
C TRP A 463 -7.53 -49.46 -9.29
N GLN A 464 -7.65 -50.57 -8.54
CA GLN A 464 -6.81 -51.77 -8.76
C GLN A 464 -7.61 -52.83 -9.51
N ASN A 465 -8.91 -52.91 -9.25
CA ASN A 465 -9.79 -53.93 -9.90
C ASN A 465 -10.07 -53.49 -11.35
N GLU A 466 -11.14 -52.74 -11.52
CA GLU A 466 -11.44 -52.41 -12.91
C GLU A 466 -10.20 -52.87 -13.65
N LYS A 467 -9.09 -52.21 -13.35
CA LYS A 467 -7.94 -52.38 -14.28
C LYS A 467 -7.92 -53.82 -14.83
N ASN A 468 -8.11 -54.80 -13.94
CA ASN A 468 -8.11 -56.25 -14.32
C ASN A 468 -9.27 -56.55 -15.27
N ALA A 469 -10.45 -55.97 -15.01
CA ALA A 469 -11.66 -56.22 -15.81
C ALA A 469 -11.45 -55.78 -17.27
N ILE A 470 -10.80 -54.63 -17.48
CA ILE A 470 -10.56 -54.11 -18.85
C ILE A 470 -9.68 -55.10 -19.62
N GLU A 471 -8.66 -55.65 -18.96
CA GLU A 471 -7.70 -56.61 -19.58
C GLU A 471 -8.44 -57.88 -20.00
N ILE A 472 -9.38 -58.35 -19.18
CA ILE A 472 -10.12 -59.61 -19.46
C ILE A 472 -10.92 -59.50 -20.77
N VAL A 473 -11.56 -58.35 -21.01
CA VAL A 473 -12.35 -58.18 -22.23
C VAL A 473 -11.43 -58.00 -23.44
N ARG A 474 -10.27 -57.39 -23.24
CA ARG A 474 -9.30 -57.27 -24.33
C ARG A 474 -8.82 -58.65 -24.78
N ASP A 475 -8.44 -59.49 -23.82
CA ASP A 475 -8.05 -60.86 -24.13
C ASP A 475 -9.16 -61.58 -24.86
N LEU A 476 -10.40 -61.40 -24.42
CA LEU A 476 -11.53 -62.03 -25.06
C LEU A 476 -11.65 -61.61 -26.51
N LYS A 477 -11.43 -60.32 -26.79
CA LYS A 477 -11.51 -59.86 -28.16
C LYS A 477 -10.40 -60.46 -29.01
N GLU A 478 -9.18 -60.50 -28.48
CA GLU A 478 -8.07 -61.08 -29.23
C GLU A 478 -8.34 -62.55 -29.55
N GLN A 479 -8.77 -63.31 -28.56
CA GLN A 479 -9.05 -64.73 -28.75
C GLN A 479 -10.20 -64.93 -29.72
N LEU A 480 -11.21 -64.07 -29.66
CA LEU A 480 -12.33 -64.18 -30.57
C LEU A 480 -11.90 -63.90 -32.00
N GLU A 481 -11.01 -62.93 -32.19
CA GLU A 481 -10.43 -62.69 -33.50
C GLU A 481 -9.67 -63.91 -34.00
N ALA A 482 -8.93 -64.56 -33.10
CA ALA A 482 -8.26 -65.80 -33.47
C ALA A 482 -9.28 -66.86 -33.90
N LEU A 483 -10.44 -66.91 -33.23
CA LEU A 483 -11.48 -67.84 -33.65
C LEU A 483 -12.02 -67.49 -35.02
N ARG A 484 -12.10 -66.21 -35.35
CA ARG A 484 -12.55 -65.84 -36.68
C ARG A 484 -11.56 -66.27 -37.75
N GLY A 485 -10.26 -66.10 -37.48
CA GLY A 485 -9.26 -66.67 -38.37
C GLY A 485 -9.37 -68.17 -38.47
N GLU A 486 -9.75 -68.82 -37.36
CA GLU A 486 -9.93 -70.26 -37.37
C GLU A 486 -11.08 -70.67 -38.26
N SER A 487 -12.18 -69.92 -38.24
CA SER A 487 -13.32 -70.26 -39.09
C SER A 487 -12.99 -69.99 -40.54
N GLU A 488 -12.27 -68.89 -40.81
CA GLU A 488 -11.71 -68.65 -42.14
C GLU A 488 -10.96 -69.88 -42.65
N ARG A 489 -10.07 -70.43 -41.83
CA ARG A 489 -9.22 -71.50 -42.30
C ARG A 489 -9.95 -72.83 -42.34
N ALA A 490 -10.92 -73.01 -41.44
CA ALA A 490 -11.82 -74.16 -41.52
C ALA A 490 -12.56 -74.17 -42.86
N GLU A 491 -12.98 -73.00 -43.33
CA GLU A 491 -13.67 -72.94 -44.60
C GLU A 491 -12.70 -72.99 -45.77
N ARG A 492 -11.45 -72.54 -45.56
CA ARG A 492 -10.41 -72.74 -46.55
C ARG A 492 -10.18 -74.22 -46.82
N ASP A 493 -10.04 -75.00 -45.75
CA ASP A 493 -9.73 -76.41 -45.86
C ASP A 493 -10.94 -77.28 -46.16
N GLY A 494 -12.10 -76.67 -46.46
CA GLY A 494 -13.32 -77.44 -46.60
C GLY A 494 -13.84 -78.00 -45.29
N ASP A 495 -13.32 -77.52 -44.16
CA ASP A 495 -13.76 -78.02 -42.87
C ASP A 495 -15.13 -77.47 -42.52
N LEU A 496 -16.16 -78.01 -43.17
CA LEU A 496 -17.53 -77.69 -42.80
C LEU A 496 -17.79 -77.95 -41.33
N ALA A 497 -17.26 -79.06 -40.82
CA ALA A 497 -17.47 -79.43 -39.43
C ALA A 497 -17.05 -78.32 -38.48
N LYS A 498 -15.95 -77.63 -38.79
CA LYS A 498 -15.51 -76.50 -38.00
C LYS A 498 -16.18 -75.20 -38.39
N ALA A 499 -16.69 -75.09 -39.62
CA ALA A 499 -17.35 -73.86 -40.07
C ALA A 499 -18.47 -73.46 -39.11
N ALA A 500 -19.42 -74.37 -38.89
CA ALA A 500 -20.51 -74.13 -37.95
C ALA A 500 -20.08 -74.22 -36.50
N GLU A 501 -19.09 -75.06 -36.20
CA GLU A 501 -18.58 -75.16 -34.85
C GLU A 501 -18.00 -73.83 -34.38
N LEU A 502 -17.52 -73.03 -35.31
CA LEU A 502 -17.04 -71.68 -35.03
C LEU A 502 -18.15 -70.65 -35.18
N ARG A 503 -19.01 -70.81 -36.19
CA ARG A 503 -20.06 -69.83 -36.44
C ARG A 503 -21.16 -69.90 -35.39
N TYR A 504 -21.52 -71.10 -34.94
CA TYR A 504 -22.56 -71.31 -33.95
C TYR A 504 -22.02 -71.79 -32.60
N GLY A 505 -20.73 -72.07 -32.52
CA GLY A 505 -20.08 -72.50 -31.29
C GLY A 505 -19.11 -71.46 -30.76
N ARG A 506 -17.84 -71.61 -31.13
CA ARG A 506 -16.73 -70.95 -30.42
C ARG A 506 -16.88 -69.44 -30.45
N ILE A 507 -17.05 -68.86 -31.63
CA ILE A 507 -17.10 -67.42 -31.82
C ILE A 507 -18.31 -66.88 -31.05
N PRO A 508 -19.55 -67.36 -31.29
CA PRO A 508 -20.68 -66.80 -30.52
C PRO A 508 -20.62 -67.07 -29.03
N GLU A 509 -20.05 -68.20 -28.62
CA GLU A 509 -19.98 -68.49 -27.20
C GLU A 509 -19.00 -67.55 -26.51
N VAL A 510 -17.84 -67.33 -27.12
CA VAL A 510 -16.90 -66.33 -26.62
C VAL A 510 -17.53 -64.96 -26.68
N GLU A 511 -18.44 -64.73 -27.62
CA GLU A 511 -19.09 -63.42 -27.71
C GLU A 511 -20.03 -63.19 -26.54
N LYS A 512 -20.86 -64.18 -26.21
CA LYS A 512 -21.70 -64.06 -25.02
C LYS A 512 -20.83 -63.91 -23.78
N LYS A 513 -19.76 -64.68 -23.72
CA LYS A 513 -18.79 -64.58 -22.64
C LYS A 513 -18.24 -63.17 -22.50
N LEU A 514 -17.90 -62.55 -23.63
CA LEU A 514 -17.30 -61.22 -23.62
C LEU A 514 -18.34 -60.16 -23.29
N ASP A 515 -19.56 -60.35 -23.75
CA ASP A 515 -20.67 -59.51 -23.31
C ASP A 515 -20.82 -59.56 -21.80
N ALA A 516 -20.70 -60.75 -21.23
CA ALA A 516 -20.74 -60.88 -19.79
C ALA A 516 -19.52 -60.24 -19.15
N ALA A 517 -18.39 -60.25 -19.84
CA ALA A 517 -17.14 -59.72 -19.32
C ALA A 517 -17.09 -58.20 -19.29
N LEU A 518 -18.06 -57.53 -19.89
CA LEU A 518 -18.02 -56.07 -19.96
C LEU A 518 -18.26 -55.48 -18.57
N PRO A 519 -17.28 -54.77 -17.97
CA PRO A 519 -17.49 -54.32 -16.58
C PRO A 519 -18.61 -53.31 -16.41
N GLN A 520 -18.54 -52.17 -17.11
CA GLN A 520 -19.52 -51.09 -16.96
C GLN A 520 -20.43 -51.06 -18.18
N VAL A 527 -16.86 -43.45 -12.76
CA VAL A 527 -15.73 -44.15 -13.44
C VAL A 527 -14.44 -43.36 -13.21
N MET A 528 -13.30 -43.92 -13.64
CA MET A 528 -11.98 -43.25 -13.48
C MET A 528 -11.10 -43.56 -14.70
N LEU A 529 -10.04 -42.78 -14.89
CA LEU A 529 -9.10 -42.95 -16.02
C LEU A 529 -9.89 -43.07 -17.34
N LYS A 530 -10.61 -42.01 -17.71
CA LYS A 530 -11.40 -42.00 -18.97
C LYS A 530 -10.44 -42.17 -20.16
N GLU A 531 -10.86 -42.92 -21.18
CA GLU A 531 -10.02 -43.16 -22.37
C GLU A 531 -9.84 -41.83 -23.11
N GLU A 532 -10.79 -40.91 -22.95
CA GLU A 532 -10.71 -39.57 -23.59
C GLU A 532 -11.42 -38.51 -22.76
N VAL A 533 -11.14 -37.24 -23.04
CA VAL A 533 -11.70 -36.13 -22.24
C VAL A 533 -13.21 -36.06 -22.44
N GLY A 534 -13.99 -36.10 -21.36
CA GLY A 534 -15.46 -36.12 -21.43
C GLY A 534 -16.05 -34.73 -21.39
N PRO A 535 -17.36 -34.52 -21.21
CA PRO A 535 -17.86 -33.14 -21.10
C PRO A 535 -17.70 -32.56 -19.72
N ASP A 536 -17.12 -33.29 -18.77
CA ASP A 536 -16.94 -32.78 -17.42
C ASP A 536 -15.49 -32.53 -17.06
N ASP A 537 -14.53 -33.09 -17.79
CA ASP A 537 -13.14 -32.69 -17.58
C ASP A 537 -12.96 -31.22 -17.92
N ILE A 538 -13.62 -30.74 -18.97
CA ILE A 538 -13.63 -29.32 -19.28
C ILE A 538 -14.19 -28.52 -18.11
N ALA A 539 -15.29 -29.00 -17.53
CA ALA A 539 -15.87 -28.30 -16.39
C ALA A 539 -14.92 -28.28 -15.21
N ASP A 540 -14.19 -29.38 -14.99
CA ASP A 540 -13.24 -29.42 -13.88
C ASP A 540 -12.09 -28.45 -14.11
N VAL A 541 -11.63 -28.34 -15.35
CA VAL A 541 -10.60 -27.35 -15.67
C VAL A 541 -11.12 -25.94 -15.41
N VAL A 542 -12.37 -25.67 -15.83
CA VAL A 542 -12.96 -24.36 -15.60
C VAL A 542 -13.12 -24.09 -14.11
N SER A 543 -13.36 -25.13 -13.31
CA SER A 543 -13.48 -24.98 -11.87
C SER A 543 -12.15 -24.68 -11.21
N ALA A 544 -11.08 -25.35 -11.64
CA ALA A 544 -9.74 -24.95 -11.20
C ALA A 544 -9.48 -23.50 -11.58
N TRP A 545 -9.88 -23.12 -12.79
CA TRP A 545 -9.88 -21.73 -13.20
C TRP A 545 -10.92 -20.95 -12.42
N THR A 546 -10.62 -19.69 -12.12
CA THR A 546 -11.60 -18.76 -11.58
C THR A 546 -12.21 -19.19 -10.25
N GLY A 547 -11.84 -20.36 -9.74
CA GLY A 547 -12.42 -20.87 -8.52
C GLY A 547 -13.90 -21.16 -8.56
N ILE A 548 -14.59 -20.83 -9.65
CA ILE A 548 -16.05 -21.06 -9.70
C ILE A 548 -16.31 -22.54 -9.92
N PRO A 549 -17.00 -23.21 -9.02
CA PRO A 549 -17.27 -24.64 -9.19
C PRO A 549 -18.51 -24.86 -10.04
N ALA A 550 -18.32 -25.50 -11.20
CA ALA A 550 -19.41 -25.91 -12.09
C ALA A 550 -19.18 -27.37 -12.46
N GLY A 551 -19.68 -28.27 -11.62
CA GLY A 551 -19.48 -29.69 -11.84
C GLY A 551 -20.77 -30.47 -11.99
N ARG A 552 -20.92 -31.57 -11.23
CA ARG A 552 -22.08 -32.42 -11.38
C ARG A 552 -22.62 -32.93 -10.04
N LEU A 553 -22.26 -32.30 -8.93
CA LEU A 553 -22.68 -32.75 -7.59
C LEU A 553 -22.23 -34.20 -7.36
N LEU A 554 -20.91 -34.35 -7.26
CA LEU A 554 -20.29 -35.67 -7.34
C LEU A 554 -20.50 -36.50 -6.09
N GLU A 555 -21.77 -36.74 -5.74
CA GLU A 555 -22.19 -37.83 -4.85
C GLU A 555 -21.71 -37.68 -3.41
N GLY A 556 -20.89 -36.67 -3.13
CA GLY A 556 -20.49 -36.42 -1.76
C GLY A 556 -20.93 -35.05 -1.29
N GLU A 557 -20.94 -34.11 -2.23
CA GLU A 557 -21.41 -32.76 -1.92
C GLU A 557 -22.94 -32.71 -1.89
N THR A 558 -23.59 -33.63 -2.59
CA THR A 558 -25.05 -33.67 -2.60
C THR A 558 -25.62 -34.10 -1.26
N ALA A 559 -24.78 -34.50 -0.31
CA ALA A 559 -25.24 -34.76 1.04
C ALA A 559 -25.10 -33.53 1.93
N LYS A 560 -23.99 -32.80 1.77
CA LYS A 560 -23.85 -31.53 2.48
C LYS A 560 -24.89 -30.53 2.02
N LEU A 561 -25.20 -30.51 0.72
CA LEU A 561 -26.23 -29.59 0.24
C LEU A 561 -27.62 -30.02 0.65
N LEU A 562 -27.76 -31.17 1.32
CA LEU A 562 -29.03 -31.56 1.92
C LEU A 562 -29.05 -31.33 3.42
N ARG A 563 -27.91 -31.46 4.08
CA ARG A 563 -27.78 -31.16 5.50
C ARG A 563 -27.41 -29.71 5.75
N MET A 564 -27.39 -28.87 4.71
CA MET A 564 -27.03 -27.46 4.86
C MET A 564 -27.83 -26.77 5.95
N GLU A 565 -29.15 -27.03 5.99
CA GLU A 565 -29.99 -26.33 6.96
C GLU A 565 -29.65 -26.73 8.39
N ASP A 566 -29.72 -28.03 8.68
CA ASP A 566 -29.33 -28.53 10.00
C ASP A 566 -27.91 -28.14 10.38
N GLU A 567 -27.01 -27.95 9.42
CA GLU A 567 -25.65 -27.55 9.72
C GLU A 567 -25.55 -26.06 10.06
N LEU A 568 -26.27 -25.21 9.33
CA LEU A 568 -26.37 -23.81 9.73
C LEU A 568 -26.99 -23.68 11.11
N GLY A 569 -27.83 -24.65 11.48
CA GLY A 569 -28.36 -24.67 12.83
C GLY A 569 -27.31 -24.84 13.93
N LYS A 570 -26.05 -25.04 13.57
CA LYS A 570 -24.99 -25.17 14.56
C LYS A 570 -24.49 -23.83 15.08
N ARG A 571 -24.79 -22.73 14.38
CA ARG A 571 -24.28 -21.42 14.76
C ARG A 571 -25.42 -20.44 14.94
N VAL A 572 -26.44 -20.56 14.09
CA VAL A 572 -27.63 -19.74 14.19
C VAL A 572 -28.73 -20.61 14.79
N ILE A 573 -29.64 -19.98 15.53
CA ILE A 573 -30.70 -20.69 16.22
C ILE A 573 -32.03 -20.04 15.88
N GLY A 574 -33.03 -20.86 15.59
CA GLY A 574 -34.29 -20.31 15.15
C GLY A 574 -34.13 -19.72 13.76
N GLN A 575 -35.10 -18.89 13.39
CA GLN A 575 -35.08 -18.18 12.11
C GLN A 575 -35.03 -19.17 10.94
N LYS A 576 -35.71 -20.31 11.12
CA LYS A 576 -35.80 -21.27 10.02
C LYS A 576 -36.37 -20.64 8.77
N ALA A 577 -37.27 -19.66 8.94
CA ALA A 577 -37.82 -18.95 7.79
C ALA A 577 -36.74 -18.30 6.94
N ALA A 578 -35.62 -17.91 7.55
CA ALA A 578 -34.50 -17.36 6.81
C ALA A 578 -33.47 -18.39 6.42
N VAL A 579 -33.23 -19.40 7.26
CA VAL A 579 -32.24 -20.41 6.92
C VAL A 579 -32.70 -21.22 5.72
N THR A 580 -34.01 -21.48 5.62
CA THR A 580 -34.53 -22.14 4.44
C THR A 580 -34.30 -21.31 3.19
N ALA A 581 -34.76 -20.05 3.19
CA ALA A 581 -34.64 -19.20 2.01
C ALA A 581 -33.20 -18.89 1.66
N VAL A 582 -32.28 -19.09 2.60
CA VAL A 582 -30.85 -18.95 2.29
C VAL A 582 -30.34 -20.23 1.64
N SER A 583 -30.72 -21.38 2.20
CA SER A 583 -30.27 -22.66 1.65
C SER A 583 -30.84 -22.89 0.26
N ASP A 584 -32.13 -22.61 0.06
CA ASP A 584 -32.77 -22.85 -1.22
C ASP A 584 -32.27 -21.89 -2.30
N ALA A 585 -31.29 -21.06 -1.99
CA ALA A 585 -30.67 -20.20 -2.99
C ALA A 585 -29.33 -20.72 -3.48
N VAL A 586 -28.82 -21.80 -2.90
CA VAL A 586 -27.56 -22.39 -3.31
C VAL A 586 -27.78 -23.66 -4.12
N ARG A 587 -28.68 -24.51 -3.67
CA ARG A 587 -29.00 -25.71 -4.43
C ARG A 587 -29.67 -25.34 -5.76
N ARG A 588 -30.45 -24.26 -5.77
CA ARG A 588 -31.10 -23.84 -7.00
C ARG A 588 -30.10 -23.33 -8.03
N SER A 589 -28.85 -23.08 -7.63
CA SER A 589 -27.80 -22.75 -8.58
C SER A 589 -26.88 -23.92 -8.86
N ARG A 590 -26.73 -24.83 -7.89
CA ARG A 590 -25.97 -26.04 -8.15
C ARG A 590 -26.67 -26.94 -9.17
N ALA A 591 -27.99 -27.07 -9.06
CA ALA A 591 -28.74 -27.93 -9.97
C ALA A 591 -28.83 -27.36 -11.38
N GLY A 592 -28.15 -26.27 -11.67
CA GLY A 592 -28.17 -25.68 -13.00
C GLY A 592 -29.55 -25.23 -13.41
N VAL A 593 -30.23 -24.49 -12.53
CA VAL A 593 -31.59 -24.08 -12.77
C VAL A 593 -31.78 -22.56 -12.73
N SER A 594 -31.23 -21.87 -11.75
CA SER A 594 -31.49 -20.44 -11.59
C SER A 594 -31.00 -19.65 -12.79
N ASP A 595 -31.50 -18.42 -12.90
CA ASP A 595 -31.19 -17.58 -14.04
C ASP A 595 -29.70 -17.29 -14.10
N PRO A 596 -29.11 -17.26 -15.30
CA PRO A 596 -27.67 -17.01 -15.40
C PRO A 596 -27.31 -15.54 -15.52
N ASN A 597 -28.27 -14.64 -15.69
CA ASN A 597 -27.98 -13.20 -15.70
C ASN A 597 -28.74 -12.57 -14.53
N ARG A 598 -28.17 -12.73 -13.34
CA ARG A 598 -28.53 -12.10 -12.08
C ARG A 598 -27.53 -12.67 -11.08
N PRO A 599 -27.21 -11.95 -10.00
CA PRO A 599 -26.37 -12.56 -8.96
C PRO A 599 -26.96 -13.87 -8.45
N THR A 600 -26.13 -14.73 -7.86
CA THR A 600 -26.60 -16.02 -7.38
C THR A 600 -27.55 -15.91 -6.21
N GLY A 601 -27.94 -14.70 -5.85
CA GLY A 601 -28.87 -14.46 -4.76
C GLY A 601 -28.53 -13.17 -4.06
N ALA A 602 -29.53 -12.29 -3.93
CA ALA A 602 -29.31 -10.98 -3.33
C ALA A 602 -30.56 -10.59 -2.57
N PHE A 603 -30.52 -10.71 -1.26
CA PHE A 603 -31.70 -10.48 -0.44
C PHE A 603 -31.28 -9.84 0.88
N MET A 604 -32.24 -9.15 1.49
CA MET A 604 -31.97 -8.25 2.60
C MET A 604 -32.64 -8.77 3.87
N PHE A 605 -31.93 -8.69 4.99
CA PHE A 605 -32.46 -9.01 6.30
C PHE A 605 -32.84 -7.71 6.99
N LEU A 606 -33.88 -7.77 7.83
CA LEU A 606 -34.17 -6.63 8.69
C LEU A 606 -35.08 -7.08 9.82
N GLY A 607 -34.88 -6.49 10.99
CA GLY A 607 -35.64 -6.83 12.17
C GLY A 607 -35.08 -6.15 13.40
N PRO A 608 -35.48 -6.61 14.57
CA PRO A 608 -34.97 -6.01 15.82
C PRO A 608 -33.49 -6.32 16.01
N THR A 609 -32.84 -5.63 16.93
CA THR A 609 -31.40 -5.77 17.09
C THR A 609 -31.06 -7.03 17.87
N GLY A 610 -29.80 -7.45 17.72
CA GLY A 610 -29.29 -8.60 18.43
C GLY A 610 -30.05 -9.89 18.20
N VAL A 611 -30.35 -10.21 16.95
CA VAL A 611 -31.09 -11.41 16.62
C VAL A 611 -30.27 -12.40 15.79
N GLY A 612 -29.36 -11.93 14.96
CA GLY A 612 -28.55 -12.84 14.18
C GLY A 612 -28.26 -12.35 12.78
N LYS A 613 -28.98 -11.32 12.34
CA LYS A 613 -28.91 -10.84 10.95
C LYS A 613 -27.50 -10.56 10.48
N THR A 614 -26.52 -10.44 11.38
CA THR A 614 -25.12 -10.43 11.00
C THR A 614 -24.45 -11.77 11.23
N GLU A 615 -24.91 -12.57 12.19
CA GLU A 615 -24.28 -13.84 12.47
C GLU A 615 -24.58 -14.87 11.39
N LEU A 616 -25.76 -14.79 10.79
CA LEU A 616 -26.11 -15.77 9.75
C LEU A 616 -25.26 -15.58 8.51
N ALA A 617 -24.99 -14.34 8.12
CA ALA A 617 -24.12 -14.10 6.98
C ALA A 617 -22.74 -14.67 7.21
N LYS A 618 -22.24 -14.58 8.44
CA LYS A 618 -20.94 -15.18 8.75
C LYS A 618 -21.01 -16.70 8.69
N ALA A 619 -22.10 -17.30 9.18
CA ALA A 619 -22.21 -18.76 9.12
C ALA A 619 -22.30 -19.25 7.68
N LEU A 620 -23.03 -18.54 6.83
CA LEU A 620 -23.09 -18.92 5.42
C LEU A 620 -21.73 -18.73 4.75
N ALA A 621 -21.05 -17.62 5.02
CA ALA A 621 -19.76 -17.39 4.39
C ALA A 621 -18.67 -18.32 4.89
N ASP A 622 -18.96 -19.12 5.92
CA ASP A 622 -18.03 -20.14 6.39
C ASP A 622 -18.40 -21.53 5.91
N PHE A 623 -19.69 -21.77 5.62
CA PHE A 623 -20.14 -23.05 5.10
C PHE A 623 -19.51 -23.37 3.75
N LEU A 624 -19.04 -22.35 3.03
CA LEU A 624 -18.57 -22.54 1.66
C LEU A 624 -17.06 -22.42 1.51
N PHE A 625 -16.37 -21.85 2.50
CA PHE A 625 -14.94 -21.62 2.37
C PHE A 625 -14.13 -22.08 3.58
N ASP A 626 -14.77 -22.37 4.71
CA ASP A 626 -14.12 -22.81 5.94
C ASP A 626 -13.10 -21.80 6.47
N ASP A 627 -13.33 -20.50 6.27
CA ASP A 627 -12.51 -19.47 6.91
C ASP A 627 -13.31 -18.18 6.90
N GLU A 628 -13.66 -17.71 8.10
CA GLU A 628 -14.61 -16.59 8.23
C GLU A 628 -14.10 -15.31 7.58
N ARG A 629 -12.79 -15.17 7.39
CA ARG A 629 -12.23 -13.92 6.90
C ARG A 629 -12.23 -13.83 5.38
N ALA A 630 -12.85 -14.77 4.67
CA ALA A 630 -12.79 -14.84 3.21
C ALA A 630 -14.01 -14.23 2.56
N MET A 631 -14.77 -13.41 3.27
CA MET A 631 -15.93 -12.73 2.70
C MET A 631 -15.64 -11.24 2.58
N VAL A 632 -15.71 -10.73 1.37
CA VAL A 632 -15.52 -9.29 1.17
C VAL A 632 -16.61 -8.55 1.94
N ARG A 633 -16.20 -7.58 2.75
CA ARG A 633 -17.09 -6.94 3.70
C ARG A 633 -16.88 -5.44 3.66
N ILE A 634 -17.96 -4.69 3.45
CA ILE A 634 -17.91 -3.24 3.51
C ILE A 634 -19.05 -2.75 4.39
N ASP A 635 -18.75 -1.76 5.23
CA ASP A 635 -19.69 -1.24 6.21
C ASP A 635 -20.34 0.01 5.65
N MET A 636 -21.65 -0.01 5.48
CA MET A 636 -22.30 1.14 4.88
C MET A 636 -22.51 2.27 5.85
N SER A 637 -21.87 2.29 7.01
CA SER A 637 -22.06 3.37 7.97
C SER A 637 -21.12 4.54 7.73
N GLU A 638 -20.17 4.41 6.81
CA GLU A 638 -19.26 5.49 6.48
C GLU A 638 -19.65 6.25 5.22
N TYR A 639 -20.25 5.59 4.24
CA TYR A 639 -20.60 6.22 2.96
C TYR A 639 -21.80 7.14 3.18
N GLY A 640 -21.50 8.31 3.72
CA GLY A 640 -22.52 9.29 4.06
C GLY A 640 -22.80 10.36 3.03
N GLU A 641 -21.94 10.53 2.03
CA GLU A 641 -22.13 11.56 1.02
C GLU A 641 -21.77 11.01 -0.35
N LYS A 642 -22.20 11.73 -1.39
CA LYS A 642 -21.92 11.31 -2.76
C LYS A 642 -20.44 11.02 -2.96
N HIS A 643 -19.59 12.01 -2.67
CA HIS A 643 -18.18 11.96 -3.04
C HIS A 643 -17.46 10.77 -2.41
N THR A 644 -18.09 10.04 -1.50
CA THR A 644 -17.51 8.82 -0.96
C THR A 644 -17.83 7.58 -1.78
N VAL A 645 -18.73 7.70 -2.76
CA VAL A 645 -19.01 6.56 -3.64
C VAL A 645 -17.74 6.12 -4.35
N ALA A 646 -16.87 7.05 -4.72
CA ALA A 646 -15.64 6.73 -5.42
C ALA A 646 -14.70 5.87 -4.59
N ARG A 647 -15.05 5.55 -3.35
CA ARG A 647 -14.21 4.70 -2.53
C ARG A 647 -14.31 3.23 -2.91
N LEU A 648 -15.44 2.82 -3.51
CA LEU A 648 -15.64 1.43 -3.90
C LEU A 648 -15.65 1.24 -5.41
N ILE A 649 -15.29 2.26 -6.17
CA ILE A 649 -15.35 2.16 -7.62
C ILE A 649 -14.03 2.63 -8.22
N GLY A 650 -13.18 3.25 -7.41
CA GLY A 650 -11.96 3.86 -7.90
C GLY A 650 -12.14 5.33 -8.19
N ALA A 651 -11.20 5.87 -8.94
CA ALA A 651 -11.25 7.28 -9.26
C ALA A 651 -11.26 7.48 -10.77
N PRO A 652 -11.93 8.53 -11.25
CA PRO A 652 -11.96 8.82 -12.70
C PRO A 652 -10.55 8.96 -13.25
N PRO A 653 -10.39 8.89 -14.57
CA PRO A 653 -9.05 8.85 -15.14
C PRO A 653 -8.29 10.16 -14.96
N GLY A 654 -7.07 10.04 -14.44
CA GLY A 654 -6.18 11.18 -14.33
C GLY A 654 -6.22 11.92 -13.01
N TYR A 655 -6.45 11.23 -11.91
CA TYR A 655 -6.59 11.89 -10.62
C TYR A 655 -5.54 11.35 -9.64
N VAL A 656 -5.68 11.72 -8.37
CA VAL A 656 -4.67 11.44 -7.37
C VAL A 656 -4.50 9.95 -7.16
N GLY A 657 -5.54 9.29 -6.68
CA GLY A 657 -5.47 7.85 -6.52
C GLY A 657 -6.08 7.15 -7.71
N TYR A 658 -5.25 6.76 -8.65
CA TYR A 658 -5.72 6.16 -9.89
C TYR A 658 -5.11 4.79 -10.12
N GLU A 659 -3.89 4.56 -9.66
CA GLU A 659 -3.27 3.25 -9.75
C GLU A 659 -3.71 2.32 -8.64
N ALA A 660 -4.78 2.67 -7.91
CA ALA A 660 -5.30 1.83 -6.84
C ALA A 660 -6.63 1.18 -7.18
N GLY A 661 -7.40 1.76 -8.10
CA GLY A 661 -8.68 1.16 -8.41
C GLY A 661 -9.66 1.31 -7.26
N GLY A 662 -10.72 0.50 -7.31
CA GLY A 662 -11.74 0.51 -6.30
C GLY A 662 -11.38 -0.33 -5.10
N GLN A 663 -12.32 -0.42 -4.17
CA GLN A 663 -12.19 -1.24 -2.99
C GLN A 663 -13.13 -2.43 -2.99
N LEU A 664 -14.36 -2.26 -3.51
CA LEU A 664 -15.24 -3.39 -3.74
C LEU A 664 -14.92 -4.09 -5.04
N THR A 665 -14.87 -3.35 -6.15
CA THR A 665 -14.67 -3.95 -7.46
C THR A 665 -13.46 -4.87 -7.49
N GLU A 666 -12.33 -4.40 -6.97
CA GLU A 666 -11.10 -5.18 -7.04
C GLU A 666 -11.13 -6.45 -6.23
N ALA A 667 -12.00 -6.57 -5.23
CA ALA A 667 -12.11 -7.80 -4.47
C ALA A 667 -12.93 -8.86 -5.18
N VAL A 668 -13.58 -8.52 -6.29
CA VAL A 668 -14.37 -9.48 -7.06
C VAL A 668 -13.76 -9.76 -8.41
N ARG A 669 -13.03 -8.82 -8.99
CA ARG A 669 -12.29 -9.09 -10.22
C ARG A 669 -11.24 -10.17 -10.03
N ARG A 670 -10.97 -10.53 -8.78
CA ARG A 670 -10.09 -11.64 -8.44
C ARG A 670 -10.86 -12.58 -7.50
N ARG A 671 -10.84 -13.86 -7.82
CA ARG A 671 -11.68 -14.84 -7.14
C ARG A 671 -13.14 -14.40 -7.10
N PRO A 672 -13.86 -14.47 -8.21
CA PRO A 672 -15.25 -14.02 -8.26
C PRO A 672 -16.26 -15.04 -7.74
N TYR A 673 -15.98 -15.62 -6.58
CA TYR A 673 -16.91 -16.53 -5.91
C TYR A 673 -17.19 -16.11 -4.47
N THR A 674 -16.90 -14.87 -4.11
CA THR A 674 -16.98 -14.46 -2.72
C THR A 674 -18.44 -14.25 -2.30
N VAL A 675 -18.60 -13.69 -1.10
CA VAL A 675 -19.91 -13.39 -0.55
C VAL A 675 -19.86 -11.98 0.03
N VAL A 676 -20.68 -11.09 -0.49
CA VAL A 676 -20.60 -9.66 -0.17
C VAL A 676 -21.61 -9.37 0.93
N LEU A 677 -21.23 -8.51 1.87
CA LEU A 677 -22.07 -8.19 3.01
C LEU A 677 -22.13 -6.68 3.19
N PHE A 678 -23.32 -6.12 3.04
CA PHE A 678 -23.58 -4.69 3.23
C PHE A 678 -24.22 -4.50 4.60
N ASP A 679 -23.46 -3.93 5.54
CA ASP A 679 -23.96 -3.75 6.89
C ASP A 679 -24.64 -2.39 7.05
N GLU A 680 -25.79 -2.38 7.71
CA GLU A 680 -26.56 -1.17 7.99
C GLU A 680 -26.79 -0.37 6.71
N ILE A 681 -27.55 -0.98 5.81
CA ILE A 681 -27.70 -0.40 4.47
C ILE A 681 -28.38 0.95 4.53
N GLU A 682 -29.21 1.21 5.55
CA GLU A 682 -29.96 2.45 5.56
C GLU A 682 -29.15 3.64 6.09
N LYS A 683 -27.96 3.40 6.65
CA LYS A 683 -27.12 4.49 7.11
C LYS A 683 -26.37 5.18 5.99
N ALA A 684 -26.50 4.69 4.75
CA ALA A 684 -25.75 5.24 3.64
C ALA A 684 -26.53 6.38 2.98
N HIS A 685 -25.87 7.11 2.10
CA HIS A 685 -26.46 8.23 1.37
C HIS A 685 -27.25 7.70 0.18
N PRO A 686 -28.46 8.19 -0.09
CA PRO A 686 -29.28 7.55 -1.13
C PRO A 686 -28.76 7.84 -2.53
N ASP A 687 -27.45 7.69 -2.70
CA ASP A 687 -26.82 7.57 -4.01
C ASP A 687 -25.84 6.41 -4.07
N VAL A 688 -25.37 5.90 -2.93
CA VAL A 688 -24.76 4.59 -2.92
C VAL A 688 -25.78 3.54 -3.29
N PHE A 689 -27.06 3.78 -2.95
CA PHE A 689 -28.12 2.92 -3.41
C PHE A 689 -28.22 2.88 -4.93
N ASP A 690 -27.83 3.97 -5.60
CA ASP A 690 -28.09 4.13 -7.02
C ASP A 690 -27.08 3.40 -7.89
N VAL A 691 -26.13 2.69 -7.30
CA VAL A 691 -25.26 1.83 -8.10
C VAL A 691 -25.62 0.37 -7.89
N LEU A 692 -26.17 0.04 -6.74
CA LEU A 692 -26.72 -1.30 -6.53
C LEU A 692 -27.92 -1.58 -7.41
N LEU A 693 -28.53 -0.55 -7.99
CA LEU A 693 -29.61 -0.78 -8.94
C LEU A 693 -29.12 -1.61 -10.13
N GLN A 694 -27.98 -1.23 -10.70
CA GLN A 694 -27.43 -2.02 -11.80
C GLN A 694 -26.50 -3.12 -11.34
N VAL A 695 -26.02 -3.08 -10.09
CA VAL A 695 -25.41 -4.28 -9.52
C VAL A 695 -26.41 -5.43 -9.51
N LEU A 696 -27.54 -5.22 -8.85
CA LEU A 696 -28.62 -6.20 -8.90
C LEU A 696 -29.24 -6.24 -10.29
N ASP A 697 -29.88 -7.37 -10.59
CA ASP A 697 -30.71 -7.54 -11.78
C ASP A 697 -29.91 -7.47 -13.07
N GLU A 698 -28.61 -7.19 -12.99
CA GLU A 698 -27.76 -7.33 -14.16
C GLU A 698 -26.40 -7.95 -13.86
N GLY A 699 -25.91 -7.86 -12.63
CA GLY A 699 -24.71 -8.57 -12.25
C GLY A 699 -23.40 -7.96 -12.71
N ARG A 700 -23.32 -6.65 -12.90
CA ARG A 700 -22.09 -6.03 -13.35
C ARG A 700 -22.12 -4.54 -13.08
N LEU A 701 -20.93 -3.94 -13.09
CA LEU A 701 -20.77 -2.50 -13.03
C LEU A 701 -19.41 -2.16 -13.61
N THR A 702 -19.18 -0.87 -13.84
CA THR A 702 -17.96 -0.39 -14.48
C THR A 702 -17.19 0.49 -13.51
N ASP A 703 -15.95 0.12 -13.22
CA ASP A 703 -15.11 0.91 -12.33
C ASP A 703 -14.53 2.09 -13.09
N GLY A 704 -13.53 2.75 -12.51
CA GLY A 704 -12.98 3.93 -13.14
C GLY A 704 -12.33 3.64 -14.48
N HIS A 705 -11.54 2.57 -14.56
CA HIS A 705 -10.76 2.29 -15.76
C HIS A 705 -11.59 1.78 -16.92
N GLY A 706 -12.92 1.77 -16.81
CA GLY A 706 -13.76 1.27 -17.87
C GLY A 706 -13.95 -0.23 -17.87
N ARG A 707 -13.30 -0.95 -16.96
CA ARG A 707 -13.51 -2.39 -16.85
C ARG A 707 -14.96 -2.69 -16.50
N THR A 708 -15.32 -3.97 -16.62
CA THR A 708 -16.65 -4.44 -16.26
C THR A 708 -16.51 -5.78 -15.54
N VAL A 709 -16.56 -5.74 -14.22
CA VAL A 709 -16.55 -6.97 -13.44
C VAL A 709 -17.94 -7.57 -13.46
N ASP A 710 -18.06 -8.81 -13.01
CA ASP A 710 -19.29 -9.59 -13.18
C ASP A 710 -19.67 -10.25 -11.86
N PHE A 711 -20.86 -9.92 -11.37
CA PHE A 711 -21.36 -10.44 -10.10
C PHE A 711 -22.35 -11.57 -10.32
N ARG A 712 -22.27 -12.25 -11.46
CA ARG A 712 -23.18 -13.33 -11.77
C ARG A 712 -22.96 -14.56 -10.90
N ASN A 713 -21.99 -14.52 -9.99
CA ASN A 713 -21.72 -15.65 -9.13
C ASN A 713 -21.63 -15.29 -7.66
N THR A 714 -21.62 -14.00 -7.31
CA THR A 714 -21.59 -13.59 -5.92
C THR A 714 -22.92 -13.87 -5.25
N ILE A 715 -22.96 -13.66 -3.94
CA ILE A 715 -24.18 -13.82 -3.16
C ILE A 715 -24.30 -12.58 -2.28
N LEU A 716 -25.04 -11.58 -2.75
CA LEU A 716 -25.14 -10.34 -2.02
C LEU A 716 -26.04 -10.49 -0.81
N ILE A 717 -25.65 -9.86 0.30
CA ILE A 717 -26.40 -9.89 1.54
C ILE A 717 -26.44 -8.48 2.10
N LEU A 718 -27.59 -8.07 2.65
CA LEU A 718 -27.79 -6.73 3.18
C LEU A 718 -28.50 -6.83 4.52
N THR A 719 -28.06 -6.02 5.49
CA THR A 719 -28.69 -5.95 6.78
C THR A 719 -29.16 -4.53 7.07
N SER A 720 -30.02 -4.39 8.06
CA SER A 720 -30.56 -3.08 8.45
C SER A 720 -31.26 -3.22 9.79
N ASN A 721 -31.84 -2.12 10.26
CA ASN A 721 -32.59 -2.11 11.50
C ASN A 721 -33.85 -1.26 11.39
N LEU A 722 -34.47 -1.22 10.22
CA LEU A 722 -35.58 -0.31 9.98
C LEU A 722 -36.76 -0.63 10.88
N GLY A 723 -37.36 0.42 11.43
CA GLY A 723 -38.54 0.28 12.27
C GLY A 723 -38.26 -0.21 13.67
N SER A 724 -37.91 -1.49 13.78
CA SER A 724 -37.51 -2.13 15.03
C SER A 724 -38.66 -2.25 16.01
N GLY A 725 -39.84 -1.74 15.67
CA GLY A 725 -40.95 -1.79 16.59
C GLY A 725 -42.25 -2.34 16.02
N GLY A 726 -42.38 -2.31 14.70
CA GLY A 726 -43.61 -2.73 14.07
C GLY A 726 -43.72 -4.24 13.95
N SER A 727 -44.97 -4.72 13.93
CA SER A 727 -45.20 -6.15 13.79
C SER A 727 -44.72 -6.65 12.43
N ALA A 728 -45.42 -6.26 11.37
CA ALA A 728 -44.92 -6.47 10.02
C ALA A 728 -45.23 -5.33 9.06
N GLU A 729 -46.15 -4.43 9.41
CA GLU A 729 -46.58 -3.40 8.47
C GLU A 729 -45.86 -2.09 8.68
N GLN A 730 -45.42 -1.80 9.91
CA GLN A 730 -44.68 -0.58 10.14
C GLN A 730 -43.27 -0.67 9.59
N VAL A 731 -42.66 -1.85 9.68
CA VAL A 731 -41.35 -2.05 9.08
C VAL A 731 -41.47 -1.98 7.55
N LEU A 732 -42.55 -2.52 7.00
CA LEU A 732 -42.75 -2.45 5.56
C LEU A 732 -43.03 -1.02 5.11
N ALA A 733 -43.72 -0.24 5.94
CA ALA A 733 -43.93 1.16 5.63
C ALA A 733 -42.61 1.92 5.64
N ALA A 734 -41.78 1.67 6.65
CA ALA A 734 -40.47 2.30 6.70
C ALA A 734 -39.64 1.93 5.47
N VAL A 735 -39.73 0.67 5.03
CA VAL A 735 -39.00 0.26 3.83
C VAL A 735 -39.53 0.97 2.60
N ARG A 736 -40.85 0.99 2.42
CA ARG A 736 -41.42 1.61 1.23
C ARG A 736 -41.27 3.13 1.27
N ALA A 737 -40.92 3.69 2.42
CA ALA A 737 -40.66 5.12 2.50
C ALA A 737 -39.19 5.48 2.38
N THR A 738 -38.28 4.58 2.75
CA THR A 738 -36.85 4.88 2.68
C THR A 738 -36.14 4.15 1.56
N PHE A 739 -36.85 3.38 0.74
CA PHE A 739 -36.24 2.68 -0.37
C PHE A 739 -37.02 2.93 -1.65
N LYS A 740 -36.36 2.82 -2.73
CA LYS A 740 -37.04 3.01 -3.99
C LYS A 740 -37.88 1.78 -4.34
N PRO A 741 -39.03 1.97 -4.97
CA PRO A 741 -39.77 0.81 -5.47
C PRO A 741 -38.99 0.01 -6.49
N GLU A 742 -38.27 0.70 -7.38
CA GLU A 742 -37.43 0.02 -8.35
C GLU A 742 -36.15 -0.54 -7.74
N PHE A 743 -35.98 -0.45 -6.43
CA PHE A 743 -34.87 -1.11 -5.75
C PHE A 743 -35.34 -2.24 -4.85
N ILE A 744 -36.51 -2.11 -4.22
CA ILE A 744 -37.09 -3.25 -3.52
C ILE A 744 -37.80 -4.19 -4.49
N ASN A 745 -37.90 -3.81 -5.75
CA ASN A 745 -38.49 -4.68 -6.76
C ASN A 745 -37.50 -5.68 -7.35
N ARG A 746 -36.20 -5.42 -7.20
CA ARG A 746 -35.19 -6.31 -7.78
C ARG A 746 -34.79 -7.42 -6.83
N LEU A 747 -34.86 -7.18 -5.53
CA LEU A 747 -34.35 -8.13 -4.55
C LEU A 747 -35.09 -9.46 -4.62
N ASP A 748 -34.49 -10.47 -4.00
CA ASP A 748 -35.17 -11.72 -3.69
C ASP A 748 -36.01 -11.52 -2.45
N ASP A 749 -36.46 -12.62 -1.84
CA ASP A 749 -37.32 -12.53 -0.66
C ASP A 749 -36.71 -11.61 0.38
N VAL A 750 -37.55 -10.74 0.94
CA VAL A 750 -37.13 -9.77 1.94
C VAL A 750 -37.49 -10.35 3.30
N LEU A 751 -36.52 -10.99 3.95
CA LEU A 751 -36.77 -11.78 5.13
C LEU A 751 -36.86 -10.91 6.37
N ILE A 752 -37.72 -11.31 7.30
CA ILE A 752 -37.93 -10.59 8.55
C ILE A 752 -37.70 -11.56 9.69
N PHE A 753 -36.91 -11.15 10.67
CA PHE A 753 -36.63 -12.04 11.79
C PHE A 753 -37.64 -11.85 12.89
N GLU A 754 -37.71 -12.82 13.79
CA GLU A 754 -38.79 -12.89 14.78
C GLU A 754 -38.39 -12.30 16.13
N GLY A 755 -37.23 -12.66 16.63
CA GLY A 755 -36.86 -12.34 18.00
C GLY A 755 -36.76 -13.59 18.84
N LEU A 756 -36.05 -13.52 19.95
CA LEU A 756 -35.82 -14.71 20.75
C LEU A 756 -36.90 -14.87 21.82
N ASN A 757 -37.11 -16.12 22.23
CA ASN A 757 -38.08 -16.50 23.24
C ASN A 757 -37.38 -17.04 24.47
N PRO A 758 -38.03 -16.98 25.64
CA PRO A 758 -37.38 -17.50 26.86
C PRO A 758 -36.95 -18.95 26.75
N GLU A 759 -37.56 -19.69 25.82
CA GLU A 759 -37.12 -21.07 25.59
C GLU A 759 -35.82 -21.12 24.80
N GLU A 760 -35.71 -20.34 23.74
CA GLU A 760 -34.59 -20.43 22.81
C GLU A 760 -33.26 -20.01 23.42
N LEU A 761 -33.26 -19.39 24.59
CA LEU A 761 -32.03 -18.85 25.14
C LEU A 761 -31.10 -19.90 25.73
N VAL A 762 -31.60 -21.08 26.08
CA VAL A 762 -30.72 -22.09 26.66
C VAL A 762 -29.77 -22.65 25.61
N ARG A 763 -30.28 -22.84 24.38
CA ARG A 763 -29.45 -23.31 23.30
C ARG A 763 -28.45 -22.26 22.84
N ILE A 764 -28.64 -21.01 23.21
CA ILE A 764 -27.60 -20.01 23.01
C ILE A 764 -26.63 -20.00 24.19
N VAL A 765 -27.13 -20.20 25.41
CA VAL A 765 -26.28 -20.25 26.59
C VAL A 765 -25.21 -21.31 26.44
N ASP A 766 -25.62 -22.52 26.08
CA ASP A 766 -24.63 -23.59 26.01
C ASP A 766 -23.67 -23.39 24.85
N ILE A 767 -24.10 -22.74 23.77
CA ILE A 767 -23.18 -22.38 22.70
C ILE A 767 -22.12 -21.41 23.19
N GLN A 768 -22.56 -20.36 23.91
CA GLN A 768 -21.61 -19.38 24.42
C GLN A 768 -20.65 -20.02 25.41
N LEU A 769 -21.15 -20.93 26.24
CA LEU A 769 -20.28 -21.58 27.22
C LEU A 769 -19.27 -22.51 26.54
N ALA A 770 -19.70 -23.22 25.51
CA ALA A 770 -18.76 -24.01 24.72
C ALA A 770 -17.71 -23.11 24.07
N GLN A 771 -18.14 -21.95 23.57
CA GLN A 771 -17.21 -20.98 23.01
C GLN A 771 -16.16 -20.57 24.05
N LEU A 772 -16.61 -20.27 25.26
CA LEU A 772 -15.68 -19.86 26.32
C LEU A 772 -14.72 -20.99 26.68
N GLY A 773 -15.25 -22.21 26.81
CA GLY A 773 -14.39 -23.34 27.08
C GLY A 773 -13.35 -23.55 26.00
N LYS A 774 -13.74 -23.34 24.74
CA LYS A 774 -12.78 -23.46 23.65
C LYS A 774 -11.75 -22.34 23.71
N ARG A 775 -12.17 -21.16 24.13
CA ARG A 775 -11.24 -20.03 24.23
C ARG A 775 -10.17 -20.31 25.28
N LEU A 776 -10.60 -20.56 26.52
CA LEU A 776 -9.61 -20.93 27.54
C LEU A 776 -9.30 -22.43 27.48
N ALA A 777 -8.97 -22.93 26.29
CA ALA A 777 -8.54 -24.30 26.13
C ALA A 777 -7.08 -24.42 25.74
N GLN A 778 -6.46 -23.34 25.27
CA GLN A 778 -5.04 -23.35 24.97
C GLN A 778 -4.18 -23.46 26.22
N ARG A 779 -4.81 -23.43 27.40
CA ARG A 779 -4.08 -23.61 28.66
C ARG A 779 -4.69 -24.74 29.49
N ARG A 780 -5.44 -25.64 28.85
CA ARG A 780 -5.98 -26.85 29.48
C ARG A 780 -6.72 -26.51 30.77
N LEU A 781 -7.82 -25.79 30.61
CA LEU A 781 -8.52 -25.21 31.75
C LEU A 781 -10.02 -25.40 31.61
N GLN A 782 -10.45 -26.58 31.19
CA GLN A 782 -11.87 -26.79 30.91
C GLN A 782 -12.72 -26.56 32.16
N LEU A 783 -13.97 -26.20 31.95
CA LEU A 783 -14.88 -25.92 33.04
C LEU A 783 -15.77 -27.14 33.32
N GLN A 784 -16.74 -26.95 34.22
CA GLN A 784 -17.75 -27.96 34.52
C GLN A 784 -18.97 -27.22 35.07
N VAL A 785 -19.97 -27.05 34.22
CA VAL A 785 -21.13 -26.21 34.55
C VAL A 785 -22.28 -27.11 35.00
N SER A 786 -23.12 -26.58 35.88
CA SER A 786 -24.22 -27.34 36.43
C SER A 786 -25.55 -26.93 35.81
N LEU A 787 -26.55 -27.78 35.96
CA LEU A 787 -27.85 -27.57 35.31
C LEU A 787 -28.56 -26.36 35.87
N PRO A 788 -28.69 -26.21 37.20
CA PRO A 788 -29.24 -24.94 37.72
C PRO A 788 -28.41 -23.75 37.33
N ALA A 789 -27.09 -23.93 37.16
CA ALA A 789 -26.25 -22.82 36.70
C ALA A 789 -26.69 -22.35 35.33
N LYS A 790 -26.84 -23.27 34.38
CA LYS A 790 -27.27 -22.89 33.05
C LYS A 790 -28.69 -22.32 33.07
N ARG A 791 -29.57 -22.89 33.88
CA ARG A 791 -30.95 -22.41 33.91
C ARG A 791 -31.04 -20.99 34.46
N TRP A 792 -30.34 -20.72 35.56
CA TRP A 792 -30.32 -19.36 36.08
C TRP A 792 -29.63 -18.40 35.11
N LEU A 793 -28.56 -18.87 34.46
CA LEU A 793 -27.84 -18.01 33.53
C LEU A 793 -28.68 -17.66 32.31
N ALA A 794 -29.64 -18.50 31.98
CA ALA A 794 -30.57 -18.21 30.89
C ALA A 794 -31.79 -17.43 31.34
N GLN A 795 -32.23 -17.60 32.59
CA GLN A 795 -33.38 -16.87 33.11
C GLN A 795 -33.06 -15.51 33.67
N ARG A 796 -31.77 -15.19 33.86
CA ARG A 796 -31.40 -13.89 34.39
C ARG A 796 -31.39 -12.82 33.30
N GLY A 797 -30.54 -13.00 32.28
CA GLY A 797 -30.47 -12.05 31.20
C GLY A 797 -31.34 -12.43 30.02
N PHE A 798 -32.50 -11.80 29.89
CA PHE A 798 -33.44 -12.15 28.83
C PHE A 798 -34.05 -10.97 28.09
N ASP A 799 -34.01 -9.75 28.63
CA ASP A 799 -34.89 -8.63 28.28
C ASP A 799 -35.21 -8.57 26.79
N PRO A 800 -36.49 -8.47 26.43
CA PRO A 800 -36.88 -8.58 25.03
C PRO A 800 -36.76 -7.28 24.27
N VAL A 801 -35.64 -6.58 24.43
CA VAL A 801 -35.33 -5.43 23.58
C VAL A 801 -33.91 -5.43 23.06
N TYR A 802 -32.98 -6.17 23.67
CA TYR A 802 -31.59 -6.16 23.24
C TYR A 802 -31.10 -7.52 22.76
N GLY A 803 -32.02 -8.46 22.50
CA GLY A 803 -31.64 -9.74 21.93
C GLY A 803 -30.75 -10.58 22.82
N ALA A 804 -29.64 -11.09 22.27
CA ALA A 804 -28.79 -12.04 22.97
C ALA A 804 -27.43 -11.48 23.34
N ARG A 805 -27.25 -10.17 23.35
CA ARG A 805 -26.02 -9.54 23.81
C ARG A 805 -25.96 -9.43 25.35
N PRO A 806 -27.06 -9.08 26.03
CA PRO A 806 -27.01 -9.08 27.49
C PRO A 806 -26.63 -10.43 28.07
N LEU A 807 -26.97 -11.52 27.39
CA LEU A 807 -26.56 -12.83 27.85
C LEU A 807 -25.04 -12.96 27.83
N ARG A 808 -24.40 -12.48 26.77
CA ARG A 808 -22.95 -12.53 26.68
C ARG A 808 -22.31 -11.66 27.75
N ARG A 809 -22.83 -10.44 27.93
CA ARG A 809 -22.31 -9.56 28.96
C ARG A 809 -22.44 -10.19 30.34
N LEU A 810 -23.57 -10.84 30.62
CA LEU A 810 -23.78 -11.46 31.92
C LEU A 810 -22.84 -12.63 32.11
N VAL A 811 -22.67 -13.48 31.09
CA VAL A 811 -21.70 -14.57 31.20
C VAL A 811 -20.33 -14.03 31.57
N GLN A 812 -19.87 -13.02 30.84
CA GLN A 812 -18.55 -12.45 31.13
C GLN A 812 -18.49 -11.95 32.57
N GLN A 813 -19.38 -11.02 32.93
CA GLN A 813 -19.31 -10.37 34.24
C GLN A 813 -19.50 -11.35 35.39
N ALA A 814 -20.19 -12.47 35.16
CA ALA A 814 -20.50 -13.37 36.26
C ALA A 814 -19.51 -14.52 36.38
N ILE A 815 -18.82 -14.88 35.31
CA ILE A 815 -17.89 -15.99 35.39
C ILE A 815 -16.44 -15.55 35.18
N GLY A 816 -16.18 -14.79 34.11
CA GLY A 816 -14.81 -14.50 33.75
C GLY A 816 -14.05 -13.69 34.77
N ASP A 817 -14.73 -12.74 35.43
CA ASP A 817 -14.03 -11.89 36.38
C ASP A 817 -13.63 -12.67 37.62
N GLN A 818 -14.56 -13.48 38.15
CA GLN A 818 -14.20 -14.34 39.29
C GLN A 818 -13.11 -15.32 38.89
N LEU A 819 -13.19 -15.87 37.68
CA LEU A 819 -12.18 -16.81 37.24
C LEU A 819 -10.82 -16.16 37.16
N ALA A 820 -10.75 -14.93 36.65
CA ALA A 820 -9.46 -14.23 36.58
C ALA A 820 -8.94 -13.88 37.97
N LYS A 821 -9.82 -13.34 38.82
CA LYS A 821 -9.45 -13.08 40.21
C LYS A 821 -8.83 -14.30 40.87
N MET A 822 -9.47 -15.46 40.76
CA MET A 822 -8.91 -16.69 41.29
C MET A 822 -7.64 -17.10 40.56
N LEU A 823 -7.55 -16.84 39.26
CA LEU A 823 -6.51 -17.41 38.44
C LEU A 823 -5.16 -16.73 38.66
N LEU A 824 -5.13 -15.40 38.57
CA LEU A 824 -3.86 -14.70 38.74
C LEU A 824 -3.46 -14.58 40.20
N ALA A 825 -4.22 -15.17 41.12
CA ALA A 825 -3.84 -15.31 42.52
C ALA A 825 -3.42 -16.74 42.84
N GLY A 826 -2.81 -17.44 41.88
CA GLY A 826 -2.46 -18.83 42.05
C GLY A 826 -3.70 -19.70 42.19
N GLN A 827 -3.47 -20.91 42.70
CA GLN A 827 -4.52 -21.83 43.14
C GLN A 827 -5.41 -22.34 42.02
N VAL A 828 -5.22 -21.84 40.80
CA VAL A 828 -5.99 -22.30 39.65
C VAL A 828 -5.01 -22.69 38.54
N HIS A 829 -3.85 -23.22 38.93
CA HIS A 829 -2.77 -23.52 38.00
C HIS A 829 -3.22 -24.37 36.82
N ASP A 830 -2.40 -24.40 35.77
CA ASP A 830 -2.77 -25.05 34.52
C ASP A 830 -3.10 -26.53 34.74
N GLY A 831 -3.92 -27.06 33.84
CA GLY A 831 -4.34 -28.44 33.91
C GLY A 831 -5.33 -28.69 35.03
N ASP A 832 -6.36 -27.85 35.12
CA ASP A 832 -7.38 -27.97 36.15
C ASP A 832 -8.75 -28.02 35.52
N THR A 833 -9.76 -28.15 36.39
CA THR A 833 -11.16 -28.20 35.97
C THR A 833 -12.01 -27.75 37.15
N VAL A 834 -12.49 -26.51 37.10
CA VAL A 834 -13.23 -25.94 38.23
C VAL A 834 -14.72 -26.18 38.03
N PRO A 835 -15.45 -26.52 39.09
CA PRO A 835 -16.91 -26.63 39.01
C PRO A 835 -17.60 -25.34 39.41
N VAL A 836 -18.73 -25.08 38.77
CA VAL A 836 -19.55 -23.91 39.07
C VAL A 836 -20.92 -24.38 39.56
N ASN A 837 -21.48 -23.67 40.52
CA ASN A 837 -22.76 -24.03 41.11
C ASN A 837 -23.48 -22.78 41.56
N VAL A 838 -24.76 -22.92 41.84
CA VAL A 838 -25.63 -21.77 42.11
C VAL A 838 -25.60 -21.45 43.59
N SER A 839 -25.38 -20.19 43.91
CA SER A 839 -25.62 -19.60 45.21
C SER A 839 -26.90 -18.78 45.14
N PRO A 840 -27.45 -18.32 46.30
CA PRO A 840 -28.75 -17.62 46.29
C PRO A 840 -28.98 -16.65 45.12
N ASP A 841 -28.06 -15.71 44.90
CA ASP A 841 -28.18 -14.83 43.73
C ASP A 841 -27.04 -15.02 42.76
N ALA A 842 -25.79 -14.87 43.19
CA ALA A 842 -24.66 -15.11 42.32
C ALA A 842 -24.36 -16.60 42.25
N ASP A 843 -23.26 -16.96 41.59
CA ASP A 843 -22.83 -18.35 41.51
C ASP A 843 -21.36 -18.44 41.90
N SER A 844 -21.03 -19.35 42.80
CA SER A 844 -19.66 -19.55 43.24
C SER A 844 -18.89 -20.37 42.22
N LEU A 845 -17.63 -20.66 42.55
CA LEU A 845 -16.79 -21.46 41.69
C LEU A 845 -16.19 -22.64 42.46
N GLN B 159 25.72 -20.82 -25.07
CA GLN B 159 26.62 -20.64 -23.94
C GLN B 159 26.49 -19.24 -23.36
N ALA B 160 25.67 -18.41 -24.00
CA ALA B 160 25.39 -17.08 -23.47
C ALA B 160 24.64 -17.11 -22.15
N LEU B 161 23.92 -18.19 -21.88
CA LEU B 161 23.18 -18.33 -20.63
C LEU B 161 24.08 -18.48 -19.42
N GLN B 162 25.32 -18.93 -19.62
CA GLN B 162 26.25 -19.02 -18.50
C GLN B 162 26.64 -17.64 -17.98
N LYS B 163 26.34 -16.59 -18.74
CA LYS B 163 26.74 -15.25 -18.34
C LYS B 163 25.57 -14.46 -17.75
N TYR B 164 24.34 -14.74 -18.19
CA TYR B 164 23.17 -13.96 -17.80
C TYR B 164 22.15 -14.79 -17.03
N SER B 165 22.58 -15.86 -16.38
CA SER B 165 21.61 -16.75 -15.73
C SER B 165 22.33 -17.74 -14.83
N THR B 166 21.69 -18.05 -13.71
CA THR B 166 22.13 -19.12 -12.83
C THR B 166 21.21 -20.33 -13.04
N ASP B 167 21.54 -21.47 -12.41
CA ASP B 167 20.79 -22.71 -12.62
C ASP B 167 20.09 -23.10 -11.32
N LEU B 168 18.77 -22.90 -11.30
CA LEU B 168 17.97 -23.32 -10.16
C LEU B 168 18.08 -24.82 -9.93
N THR B 169 17.99 -25.61 -10.99
CA THR B 169 17.99 -27.06 -10.82
C THR B 169 19.34 -27.56 -10.33
N ALA B 170 20.43 -27.04 -10.89
CA ALA B 170 21.75 -27.42 -10.39
C ALA B 170 21.94 -27.01 -8.95
N ARG B 171 21.47 -25.82 -8.57
CA ARG B 171 21.55 -25.42 -7.18
C ARG B 171 20.77 -26.38 -6.29
N ALA B 172 19.59 -26.81 -6.74
CA ALA B 172 18.81 -27.78 -5.97
C ALA B 172 19.46 -29.16 -5.94
N ARG B 173 20.32 -29.46 -6.91
CA ARG B 173 20.96 -30.77 -6.94
C ARG B 173 21.87 -30.96 -5.73
N GLU B 174 22.66 -29.96 -5.39
CA GLU B 174 23.51 -30.02 -4.21
C GLU B 174 22.72 -29.79 -2.92
N GLY B 175 21.40 -29.72 -2.99
CA GLY B 175 20.59 -29.49 -1.81
C GLY B 175 20.89 -28.17 -1.13
N LYS B 176 20.96 -27.10 -1.91
CA LYS B 176 21.20 -25.77 -1.38
C LYS B 176 19.93 -24.95 -1.24
N LEU B 177 18.77 -25.54 -1.49
CA LEU B 177 17.50 -24.87 -1.32
C LEU B 177 16.83 -25.35 -0.04
N ASP B 178 15.68 -24.80 0.25
CA ASP B 178 14.96 -25.18 1.46
C ASP B 178 13.83 -26.14 1.14
N PRO B 179 13.43 -26.98 2.09
CA PRO B 179 12.34 -27.92 1.83
C PRO B 179 11.06 -27.21 1.46
N VAL B 180 10.21 -27.89 0.71
CA VAL B 180 8.92 -27.36 0.28
C VAL B 180 7.86 -28.37 0.68
N ILE B 181 6.84 -27.90 1.38
CA ILE B 181 5.84 -28.78 1.99
C ILE B 181 4.46 -28.31 1.58
N GLY B 182 3.53 -29.25 1.43
CA GLY B 182 2.18 -28.88 1.07
C GLY B 182 2.08 -28.36 -0.35
N ARG B 183 0.93 -27.76 -0.64
CA ARG B 183 0.67 -27.15 -1.94
C ARG B 183 0.80 -28.17 -3.06
N ASP B 184 -0.06 -29.19 -3.04
CA ASP B 184 -0.06 -30.19 -4.09
C ASP B 184 -0.89 -29.75 -5.28
N ASN B 185 -2.06 -29.16 -5.01
CA ASN B 185 -2.91 -28.70 -6.11
C ASN B 185 -2.21 -27.68 -6.96
N GLU B 186 -1.50 -26.74 -6.33
CA GLU B 186 -0.82 -25.69 -7.08
C GLU B 186 0.30 -26.26 -7.93
N ILE B 187 1.08 -27.19 -7.38
CA ILE B 187 2.17 -27.76 -8.16
C ILE B 187 1.64 -28.59 -9.31
N ARG B 188 0.60 -29.38 -9.07
CA ARG B 188 0.02 -30.16 -10.17
C ARG B 188 -0.55 -29.25 -11.24
N ARG B 189 -1.18 -28.14 -10.86
CA ARG B 189 -1.70 -27.23 -11.86
C ARG B 189 -0.58 -26.57 -12.65
N VAL B 190 0.48 -26.15 -11.97
CA VAL B 190 1.62 -25.56 -12.66
C VAL B 190 2.20 -26.54 -13.67
N VAL B 191 2.32 -27.82 -13.28
CA VAL B 191 2.88 -28.80 -14.19
C VAL B 191 1.96 -29.00 -15.39
N GLN B 192 0.68 -29.28 -15.14
CA GLN B 192 -0.24 -29.58 -16.23
C GLN B 192 -0.47 -28.38 -17.14
N VAL B 193 -0.21 -27.16 -16.68
CA VAL B 193 -0.22 -26.01 -17.57
C VAL B 193 1.12 -25.84 -18.27
N LEU B 194 2.20 -26.28 -17.62
CA LEU B 194 3.53 -26.14 -18.19
C LEU B 194 3.81 -27.15 -19.28
N SER B 195 3.02 -28.23 -19.37
CA SER B 195 3.34 -29.27 -20.34
C SER B 195 2.29 -29.42 -21.44
N ARG B 196 1.67 -28.33 -21.87
CA ARG B 196 0.70 -28.40 -22.96
C ARG B 196 1.35 -27.91 -24.26
N ARG B 197 0.58 -27.98 -25.35
CA ARG B 197 1.17 -27.81 -26.68
C ARG B 197 1.62 -26.38 -26.92
N THR B 198 0.68 -25.45 -26.94
CA THR B 198 0.96 -24.06 -27.23
C THR B 198 0.56 -23.19 -26.05
N LYS B 199 1.20 -22.03 -25.95
CA LYS B 199 0.86 -21.04 -24.92
C LYS B 199 1.02 -21.66 -23.53
N ASN B 200 2.09 -22.45 -23.38
CA ASN B 200 2.31 -23.23 -22.18
C ASN B 200 3.30 -22.53 -21.25
N ASN B 201 2.78 -21.56 -20.51
CA ASN B 201 3.61 -20.81 -19.59
C ASN B 201 2.79 -20.18 -18.47
N PRO B 202 2.97 -20.65 -17.23
CA PRO B 202 2.14 -20.16 -16.13
C PRO B 202 2.76 -18.94 -15.46
N VAL B 203 1.91 -18.19 -14.78
CA VAL B 203 2.34 -17.06 -13.96
C VAL B 203 1.65 -17.20 -12.61
N LEU B 204 2.44 -17.29 -11.55
CA LEU B 204 1.89 -17.36 -10.21
C LEU B 204 1.49 -15.98 -9.76
N ILE B 205 0.60 -15.90 -8.78
CA ILE B 205 -0.03 -14.64 -8.43
C ILE B 205 -0.61 -14.77 -7.04
N GLY B 206 -0.69 -13.66 -6.33
CA GLY B 206 -1.16 -13.65 -4.96
C GLY B 206 -0.35 -12.70 -4.11
N GLU B 207 -0.90 -12.37 -2.94
CA GLU B 207 -0.29 -11.38 -2.07
C GLU B 207 1.11 -11.80 -1.66
N PRO B 208 1.99 -10.84 -1.41
CA PRO B 208 3.39 -11.17 -1.11
C PRO B 208 3.53 -11.78 0.27
N GLY B 209 4.18 -12.94 0.33
CA GLY B 209 4.40 -13.66 1.58
C GLY B 209 3.73 -15.01 1.63
N VAL B 210 2.76 -15.28 0.75
CA VAL B 210 1.99 -16.52 0.83
C VAL B 210 2.76 -17.72 0.30
N GLY B 211 3.86 -17.49 -0.40
CA GLY B 211 4.61 -18.57 -1.00
C GLY B 211 4.35 -18.67 -2.49
N LYS B 212 5.23 -18.08 -3.28
CA LYS B 212 5.13 -18.14 -4.74
C LYS B 212 6.44 -18.46 -5.42
N THR B 213 7.59 -18.23 -4.77
CA THR B 213 8.85 -18.73 -5.27
C THR B 213 9.15 -20.11 -4.68
N ALA B 214 8.64 -20.37 -3.48
CA ALA B 214 8.81 -21.69 -2.89
C ALA B 214 8.17 -22.77 -3.73
N ILE B 215 7.11 -22.44 -4.48
CA ILE B 215 6.49 -23.45 -5.33
C ILE B 215 7.37 -23.79 -6.51
N VAL B 216 8.01 -22.78 -7.12
CA VAL B 216 8.94 -23.07 -8.21
C VAL B 216 10.14 -23.86 -7.70
N GLU B 217 10.64 -23.51 -6.52
CA GLU B 217 11.75 -24.28 -5.97
C GLU B 217 11.33 -25.70 -5.64
N GLY B 218 10.09 -25.89 -5.17
CA GLY B 218 9.60 -27.24 -4.94
C GLY B 218 9.47 -28.02 -6.22
N LEU B 219 9.05 -27.37 -7.30
CA LEU B 219 9.01 -28.04 -8.59
C LEU B 219 10.41 -28.44 -9.04
N ALA B 220 11.40 -27.60 -8.75
CA ALA B 220 12.78 -27.95 -9.09
C ALA B 220 13.23 -29.19 -8.32
N GLN B 221 13.01 -29.19 -7.01
CA GLN B 221 13.37 -30.37 -6.21
C GLN B 221 12.62 -31.60 -6.69
N ARG B 222 11.36 -31.42 -7.09
CA ARG B 222 10.56 -32.54 -7.55
C ARG B 222 11.08 -33.10 -8.86
N ILE B 223 11.60 -32.22 -9.74
CA ILE B 223 12.22 -32.71 -10.96
C ILE B 223 13.50 -33.46 -10.65
N VAL B 224 14.33 -32.92 -9.75
CA VAL B 224 15.56 -33.61 -9.38
C VAL B 224 15.25 -34.97 -8.79
N ALA B 225 14.15 -35.08 -8.06
CA ALA B 225 13.74 -36.38 -7.51
C ALA B 225 13.25 -37.30 -8.62
N GLY B 226 12.36 -36.81 -9.48
CA GLY B 226 11.86 -37.61 -10.58
C GLY B 226 10.37 -37.89 -10.48
N ASP B 227 9.65 -37.14 -9.65
CA ASP B 227 8.23 -37.37 -9.45
C ASP B 227 7.36 -36.80 -10.57
N VAL B 228 7.94 -36.14 -11.55
CA VAL B 228 7.16 -35.55 -12.64
C VAL B 228 7.06 -36.56 -13.78
N PRO B 229 6.05 -36.46 -14.64
CA PRO B 229 5.90 -37.45 -15.71
C PRO B 229 7.02 -37.41 -16.74
N GLU B 230 6.97 -38.36 -17.68
CA GLU B 230 8.00 -38.46 -18.71
C GLU B 230 8.10 -37.19 -19.54
N SER B 231 6.99 -36.48 -19.71
CA SER B 231 6.97 -35.23 -20.46
C SER B 231 7.84 -34.15 -19.84
N LEU B 232 8.24 -34.30 -18.57
CA LEU B 232 9.05 -33.30 -17.91
C LEU B 232 10.33 -33.85 -17.28
N ARG B 233 10.46 -35.16 -17.12
CA ARG B 233 11.67 -35.73 -16.53
C ARG B 233 12.92 -35.26 -17.28
N ASP B 234 14.00 -35.10 -16.53
CA ASP B 234 15.32 -34.79 -17.09
C ASP B 234 15.30 -33.50 -17.90
N LYS B 235 14.99 -32.40 -17.20
CA LYS B 235 15.01 -31.07 -17.79
C LYS B 235 15.52 -30.08 -16.75
N THR B 236 16.27 -29.09 -17.21
CA THR B 236 16.89 -28.13 -16.33
C THR B 236 16.13 -26.80 -16.37
N ILE B 237 15.92 -26.23 -15.19
CA ILE B 237 15.27 -24.93 -15.04
C ILE B 237 16.37 -23.88 -14.92
N VAL B 238 16.36 -22.91 -15.81
CA VAL B 238 17.34 -21.83 -15.80
C VAL B 238 16.65 -20.59 -15.25
N ALA B 239 17.41 -19.78 -14.51
CA ALA B 239 16.86 -18.57 -13.88
C ALA B 239 17.36 -17.37 -14.66
N LEU B 240 16.48 -16.79 -15.47
CA LEU B 240 16.84 -15.61 -16.22
C LEU B 240 16.91 -14.40 -15.29
N ASP B 241 17.66 -13.38 -15.72
CA ASP B 241 17.94 -12.21 -14.90
C ASP B 241 18.04 -11.01 -15.83
N LEU B 242 16.96 -10.25 -15.94
CA LEU B 242 16.95 -9.07 -16.80
C LEU B 242 17.90 -7.99 -16.30
N GLY B 243 18.26 -8.00 -15.02
CA GLY B 243 19.16 -6.99 -14.51
C GLY B 243 20.55 -7.07 -15.12
N SER B 244 21.14 -8.25 -15.10
CA SER B 244 22.51 -8.42 -15.56
C SER B 244 22.64 -8.46 -17.08
N MET B 245 21.58 -8.10 -17.81
CA MET B 245 21.65 -8.04 -19.26
C MET B 245 21.70 -6.61 -19.79
N VAL B 246 21.18 -5.65 -19.04
CA VAL B 246 21.19 -4.25 -19.48
C VAL B 246 22.32 -3.51 -18.80
N ALA B 247 23.30 -4.24 -18.27
CA ALA B 247 24.37 -3.61 -17.51
C ALA B 247 25.16 -2.63 -18.37
N GLY B 248 25.88 -3.13 -19.38
CA GLY B 248 26.45 -2.24 -20.36
C GLY B 248 25.79 -2.40 -21.71
N SER B 249 24.86 -1.51 -22.04
CA SER B 249 24.20 -1.55 -23.33
C SER B 249 23.99 -0.14 -23.86
N LYS B 250 25.00 0.72 -23.72
CA LYS B 250 24.82 2.10 -24.14
C LYS B 250 24.80 2.25 -25.66
N TYR B 251 25.30 1.27 -26.40
CA TYR B 251 25.27 1.33 -27.85
C TYR B 251 23.94 0.81 -28.37
N ARG B 252 23.57 1.30 -29.55
CA ARG B 252 22.18 1.26 -30.02
C ARG B 252 21.66 -0.15 -30.31
N GLY B 253 22.45 -1.20 -30.10
CA GLY B 253 21.93 -2.52 -30.36
C GLY B 253 22.38 -3.60 -29.40
N GLU B 254 23.08 -3.21 -28.34
CA GLU B 254 23.71 -4.20 -27.47
C GLU B 254 22.67 -5.06 -26.76
N PHE B 255 21.65 -4.44 -26.18
CA PHE B 255 20.66 -5.21 -25.43
C PHE B 255 19.85 -6.10 -26.35
N GLU B 256 19.46 -5.59 -27.51
CA GLU B 256 18.75 -6.43 -28.47
C GLU B 256 19.60 -7.62 -28.89
N GLU B 257 20.89 -7.40 -29.12
CA GLU B 257 21.77 -8.50 -29.48
C GLU B 257 21.84 -9.54 -28.37
N ARG B 258 21.98 -9.09 -27.13
CA ARG B 258 22.10 -10.03 -26.01
C ARG B 258 20.83 -10.85 -25.85
N LEU B 259 19.67 -10.17 -25.83
CA LEU B 259 18.41 -10.90 -25.67
C LEU B 259 18.16 -11.83 -26.83
N LYS B 260 18.56 -11.44 -28.06
CA LYS B 260 18.39 -12.32 -29.20
C LYS B 260 19.25 -13.56 -29.06
N ALA B 261 20.50 -13.40 -28.63
CA ALA B 261 21.36 -14.57 -28.43
C ALA B 261 20.76 -15.50 -27.39
N VAL B 262 20.26 -14.96 -26.29
CA VAL B 262 19.67 -15.80 -25.25
C VAL B 262 18.44 -16.53 -25.78
N LEU B 263 17.58 -15.81 -26.51
CA LEU B 263 16.38 -16.42 -27.05
C LEU B 263 16.70 -17.54 -28.02
N ASP B 264 17.67 -17.31 -28.91
CA ASP B 264 18.01 -18.32 -29.89
C ASP B 264 18.68 -19.51 -29.25
N ASP B 265 19.47 -19.30 -28.19
CA ASP B 265 20.08 -20.44 -27.51
C ASP B 265 19.06 -21.25 -26.74
N ILE B 266 18.02 -20.61 -26.21
CA ILE B 266 16.94 -21.40 -25.61
C ILE B 266 16.17 -22.17 -26.67
N LYS B 267 15.82 -21.49 -27.77
CA LYS B 267 15.08 -22.16 -28.85
C LYS B 267 15.86 -23.32 -29.44
N ASN B 268 17.19 -23.22 -29.52
CA ASN B 268 17.98 -24.25 -30.16
C ASN B 268 17.88 -25.59 -29.45
N SER B 269 17.67 -25.57 -28.13
CA SER B 269 17.43 -26.80 -27.40
C SER B 269 16.07 -27.38 -27.77
N ALA B 270 15.83 -28.61 -27.35
CA ALA B 270 14.59 -29.33 -27.63
C ALA B 270 13.69 -29.36 -26.40
N GLY B 271 13.66 -28.29 -25.63
CA GLY B 271 12.92 -28.27 -24.39
C GLY B 271 13.69 -28.74 -23.19
N GLN B 272 15.02 -28.79 -23.28
CA GLN B 272 15.86 -29.11 -22.14
C GLN B 272 16.03 -27.94 -21.19
N ILE B 273 15.36 -26.82 -21.45
CA ILE B 273 15.54 -25.59 -20.70
C ILE B 273 14.18 -24.97 -20.46
N ILE B 274 13.93 -24.58 -19.21
CA ILE B 274 12.71 -23.88 -18.82
C ILE B 274 13.16 -22.56 -18.19
N THR B 275 12.89 -21.45 -18.86
CA THR B 275 13.29 -20.15 -18.34
C THR B 275 12.33 -19.71 -17.24
N PHE B 276 12.88 -19.38 -16.08
CA PHE B 276 12.09 -18.98 -14.91
C PHE B 276 12.47 -17.56 -14.55
N ILE B 277 11.61 -16.61 -14.91
CA ILE B 277 11.80 -15.21 -14.54
C ILE B 277 11.14 -14.99 -13.20
N ASP B 278 11.86 -14.38 -12.27
CA ASP B 278 11.27 -13.92 -11.03
C ASP B 278 11.01 -12.42 -11.16
N GLU B 279 9.90 -11.97 -10.58
CA GLU B 279 9.47 -10.58 -10.71
C GLU B 279 9.40 -10.18 -12.18
N LEU B 280 8.52 -10.87 -12.92
CA LEU B 280 8.47 -10.63 -14.35
C LEU B 280 7.79 -9.33 -14.70
N HIS B 281 7.12 -8.68 -13.76
CA HIS B 281 6.56 -7.36 -14.04
C HIS B 281 7.63 -6.36 -14.43
N THR B 282 8.90 -6.71 -14.24
CA THR B 282 10.02 -5.89 -14.69
C THR B 282 10.33 -6.08 -16.17
N ILE B 283 9.61 -6.97 -16.86
CA ILE B 283 9.91 -7.25 -18.27
C ILE B 283 9.32 -6.21 -19.20
N VAL B 284 8.48 -5.31 -18.69
CA VAL B 284 7.85 -4.32 -19.56
C VAL B 284 8.83 -3.24 -19.97
N GLY B 285 9.90 -3.06 -19.21
CA GLY B 285 10.85 -2.01 -19.51
C GLY B 285 11.98 -2.44 -20.42
N ALA B 286 13.21 -2.07 -20.06
CA ALA B 286 14.44 -2.38 -20.78
C ALA B 286 14.56 -1.66 -22.12
N GLY B 287 13.59 -0.85 -22.49
CA GLY B 287 13.61 -0.24 -23.81
C GLY B 287 14.60 0.89 -23.99
N ALA B 288 14.34 2.02 -23.35
CA ALA B 288 15.17 3.21 -23.50
C ALA B 288 14.73 4.29 -22.53
N ASP B 295 9.95 -1.11 -27.77
CA ASP B 295 10.75 -2.10 -28.46
C ASP B 295 11.68 -2.84 -27.49
N ALA B 296 11.07 -3.48 -26.50
CA ALA B 296 11.79 -4.31 -25.53
C ALA B 296 10.77 -5.12 -24.76
N GLY B 297 11.13 -6.36 -24.44
CA GLY B 297 10.16 -7.31 -23.93
C GLY B 297 9.02 -7.44 -24.91
N ASN B 298 9.33 -7.25 -26.19
CA ASN B 298 8.36 -7.22 -27.27
C ASN B 298 8.81 -8.20 -28.34
N MET B 299 10.13 -8.38 -28.47
CA MET B 299 10.64 -9.41 -29.36
C MET B 299 10.35 -10.81 -28.84
N ILE B 300 9.74 -10.93 -27.66
CA ILE B 300 9.42 -12.25 -27.11
C ILE B 300 7.97 -12.64 -27.35
N LYS B 301 7.14 -11.68 -27.78
CA LYS B 301 5.78 -12.03 -28.18
C LYS B 301 5.71 -13.11 -29.24
N PRO B 302 6.56 -13.13 -30.28
CA PRO B 302 6.49 -14.22 -31.26
C PRO B 302 6.73 -15.59 -30.64
N MET B 303 7.84 -15.72 -29.91
CA MET B 303 8.19 -17.02 -29.37
C MET B 303 7.26 -17.47 -28.26
N LEU B 304 6.61 -16.54 -27.55
CA LEU B 304 5.70 -16.94 -26.48
C LEU B 304 4.50 -17.69 -27.03
N ALA B 305 3.79 -17.08 -27.98
CA ALA B 305 2.55 -17.66 -28.50
C ALA B 305 2.75 -19.02 -29.14
N ARG B 306 3.99 -19.45 -29.38
CA ARG B 306 4.26 -20.74 -29.99
C ARG B 306 4.76 -21.78 -28.99
N GLY B 307 4.96 -21.40 -27.73
CA GLY B 307 5.35 -22.33 -26.72
C GLY B 307 6.79 -22.80 -26.78
N GLU B 308 7.62 -22.14 -27.58
CA GLU B 308 9.02 -22.56 -27.70
C GLU B 308 9.74 -22.46 -26.35
N LEU B 309 9.87 -21.24 -25.82
CA LEU B 309 10.48 -21.03 -24.53
C LEU B 309 9.39 -21.10 -23.45
N ARG B 310 9.57 -22.00 -22.51
CA ARG B 310 8.67 -22.11 -21.36
C ARG B 310 9.01 -20.99 -20.40
N LEU B 311 7.99 -20.32 -19.88
CA LEU B 311 8.18 -19.19 -19.00
C LEU B 311 7.43 -19.43 -17.70
N VAL B 312 8.08 -19.14 -16.57
CA VAL B 312 7.51 -19.34 -15.25
C VAL B 312 7.78 -18.08 -14.45
N GLY B 313 6.74 -17.40 -14.01
CA GLY B 313 6.92 -16.14 -13.33
C GLY B 313 6.29 -16.03 -11.95
N ALA B 314 6.50 -14.90 -11.30
CA ALA B 314 5.92 -14.66 -9.97
C ALA B 314 5.89 -13.16 -9.73
N THR B 315 4.70 -12.58 -9.66
CA THR B 315 4.53 -11.16 -9.36
C THR B 315 3.42 -11.01 -8.34
N THR B 316 3.59 -10.05 -7.44
CA THR B 316 2.57 -9.81 -6.42
C THR B 316 1.27 -9.41 -7.08
N LEU B 317 0.18 -9.55 -6.33
CA LEU B 317 -1.15 -9.52 -6.93
C LEU B 317 -1.54 -8.14 -7.43
N ASP B 318 -0.99 -7.09 -6.83
CA ASP B 318 -1.42 -5.74 -7.17
C ASP B 318 -0.36 -4.93 -7.90
N GLU B 319 0.68 -5.56 -8.43
CA GLU B 319 1.47 -4.91 -9.47
C GLU B 319 1.20 -5.54 -10.82
N TYR B 320 0.58 -6.72 -10.83
CA TYR B 320 0.09 -7.31 -12.08
C TYR B 320 -0.85 -6.35 -12.79
N ARG B 321 -1.94 -5.97 -12.14
CA ARG B 321 -2.91 -5.07 -12.73
C ARG B 321 -2.36 -3.69 -12.98
N LYS B 322 -1.13 -3.40 -12.56
CA LYS B 322 -0.56 -2.08 -12.73
C LYS B 322 0.50 -2.03 -13.82
N HIS B 323 1.18 -3.14 -14.09
CA HIS B 323 2.25 -3.15 -15.07
C HIS B 323 2.04 -4.11 -16.23
N ILE B 324 1.03 -5.00 -16.16
CA ILE B 324 0.86 -6.00 -17.20
C ILE B 324 -0.51 -5.86 -17.83
N GLU B 325 -1.56 -5.84 -17.00
CA GLU B 325 -2.92 -5.71 -17.52
C GLU B 325 -3.13 -4.43 -18.31
N LYS B 326 -2.20 -3.48 -18.22
CA LYS B 326 -2.18 -2.34 -19.12
C LYS B 326 -1.93 -2.75 -20.56
N ASP B 327 -1.35 -3.93 -20.79
CA ASP B 327 -0.81 -4.36 -22.08
C ASP B 327 -1.43 -5.68 -22.49
N ALA B 328 -2.77 -5.73 -22.49
CA ALA B 328 -3.53 -6.96 -22.72
C ALA B 328 -3.06 -7.73 -23.95
N ALA B 329 -2.38 -7.06 -24.87
CA ALA B 329 -1.74 -7.79 -25.95
C ALA B 329 -0.73 -8.79 -25.45
N LEU B 330 -0.17 -8.55 -24.25
CA LEU B 330 0.81 -9.44 -23.66
C LEU B 330 0.20 -10.42 -22.67
N GLU B 331 -0.64 -9.95 -21.74
CA GLU B 331 -1.18 -10.85 -20.73
C GLU B 331 -2.14 -11.86 -21.31
N ARG B 332 -2.41 -11.84 -22.61
CA ARG B 332 -3.13 -12.94 -23.22
C ARG B 332 -2.30 -14.22 -23.20
N ARG B 333 -0.99 -14.10 -23.44
CA ARG B 333 -0.11 -15.26 -23.55
C ARG B 333 0.16 -15.94 -22.22
N PHE B 334 -0.47 -15.52 -21.12
CA PHE B 334 -0.09 -16.00 -19.81
C PHE B 334 -1.26 -16.71 -19.13
N GLN B 335 -0.97 -17.78 -18.41
CA GLN B 335 -1.96 -18.55 -17.67
C GLN B 335 -1.81 -18.25 -16.20
N GLN B 336 -2.90 -17.84 -15.55
CA GLN B 336 -2.85 -17.41 -14.17
C GLN B 336 -3.04 -18.58 -13.22
N VAL B 337 -2.35 -18.53 -12.09
CA VAL B 337 -2.44 -19.54 -11.05
C VAL B 337 -2.58 -18.84 -9.72
N TYR B 338 -3.80 -18.69 -9.22
CA TYR B 338 -4.04 -17.98 -7.98
C TYR B 338 -3.51 -18.80 -6.81
N VAL B 339 -2.79 -18.14 -5.92
CA VAL B 339 -2.14 -18.78 -4.79
C VAL B 339 -2.74 -18.18 -3.52
N GLY B 340 -3.73 -18.85 -2.96
CA GLY B 340 -4.33 -18.38 -1.73
C GLY B 340 -3.47 -18.65 -0.52
N GLU B 341 -3.64 -17.82 0.50
CA GLU B 341 -2.80 -17.98 1.68
C GLU B 341 -3.26 -19.16 2.52
N PRO B 342 -2.36 -19.83 3.22
CA PRO B 342 -2.72 -20.99 4.03
C PRO B 342 -3.40 -20.55 5.31
N SER B 343 -3.77 -21.54 6.12
CA SER B 343 -4.37 -21.30 7.42
C SER B 343 -3.42 -21.77 8.52
N VAL B 344 -3.85 -21.63 9.77
CA VAL B 344 -2.99 -21.97 10.89
C VAL B 344 -2.70 -23.46 10.92
N GLU B 345 -3.69 -24.28 10.57
CA GLU B 345 -3.53 -25.73 10.69
C GLU B 345 -2.45 -26.25 9.75
N ASP B 346 -2.22 -25.56 8.64
CA ASP B 346 -1.17 -26.00 7.72
C ASP B 346 0.11 -25.22 7.93
N THR B 347 0.02 -24.00 8.47
CA THR B 347 1.23 -23.30 8.88
C THR B 347 1.94 -24.07 9.97
N ILE B 348 1.18 -24.74 10.84
CA ILE B 348 1.78 -25.62 11.84
C ILE B 348 2.64 -26.67 11.15
N GLY B 349 2.11 -27.29 10.09
CA GLY B 349 2.88 -28.33 9.40
C GLY B 349 4.12 -27.77 8.71
N ILE B 350 3.98 -26.61 8.07
CA ILE B 350 5.13 -25.99 7.43
C ILE B 350 6.23 -25.72 8.45
N LEU B 351 5.86 -25.22 9.62
CA LEU B 351 6.86 -24.96 10.65
C LEU B 351 7.47 -26.25 11.17
N ARG B 352 6.64 -27.29 11.35
CA ARG B 352 7.16 -28.58 11.80
C ARG B 352 8.18 -29.13 10.82
N GLY B 353 8.00 -28.84 9.53
CA GLY B 353 8.97 -29.29 8.56
C GLY B 353 10.22 -28.43 8.50
N LEU B 354 10.08 -27.13 8.72
CA LEU B 354 11.22 -26.23 8.62
C LEU B 354 12.07 -26.17 9.88
N LYS B 355 11.58 -26.66 11.01
CA LYS B 355 12.30 -26.53 12.28
C LYS B 355 13.77 -26.88 12.17
N ASP B 356 14.08 -28.03 11.56
CA ASP B 356 15.45 -28.53 11.57
C ASP B 356 16.41 -27.64 10.80
N ARG B 357 15.92 -26.85 9.84
CA ARG B 357 16.79 -25.95 9.09
C ARG B 357 17.35 -24.82 9.94
N TYR B 358 16.61 -24.38 10.96
CA TYR B 358 17.08 -23.37 11.88
C TYR B 358 17.76 -23.97 13.11
N GLU B 359 17.32 -25.16 13.51
CA GLU B 359 18.01 -25.87 14.59
C GLU B 359 19.50 -25.98 14.34
N VAL B 360 19.90 -26.20 13.09
CA VAL B 360 21.32 -26.34 12.77
C VAL B 360 22.00 -24.98 12.68
N HIS B 361 21.30 -23.96 12.17
CA HIS B 361 21.93 -22.64 12.05
C HIS B 361 22.22 -22.06 13.42
N HIS B 362 21.20 -21.93 14.26
CA HIS B 362 21.40 -21.49 15.63
C HIS B 362 21.54 -22.71 16.52
N GLY B 363 22.67 -22.81 17.24
CA GLY B 363 22.93 -24.02 17.98
C GLY B 363 22.02 -24.15 19.18
N VAL B 364 20.73 -24.32 18.92
CA VAL B 364 19.70 -24.44 19.94
C VAL B 364 18.72 -25.52 19.51
N ARG B 365 17.68 -25.70 20.31
CA ARG B 365 16.62 -26.66 20.02
C ARG B 365 15.28 -25.95 20.17
N ILE B 366 14.27 -26.43 19.42
CA ILE B 366 13.01 -25.73 19.32
C ILE B 366 11.88 -26.70 19.66
N THR B 367 10.99 -26.27 20.54
CA THR B 367 9.88 -27.08 21.01
C THR B 367 8.70 -27.01 20.04
N ASP B 368 8.01 -28.14 19.86
CA ASP B 368 6.82 -28.14 19.03
C ASP B 368 5.69 -27.38 19.71
N SER B 369 5.63 -27.41 21.05
CA SER B 369 4.70 -26.55 21.76
C SER B 369 5.01 -25.09 21.56
N ALA B 370 6.19 -24.76 21.02
CA ALA B 370 6.50 -23.39 20.64
C ALA B 370 6.21 -23.14 19.17
N LEU B 371 6.41 -24.15 18.32
CA LEU B 371 6.05 -23.99 16.91
C LEU B 371 4.55 -23.84 16.73
N VAL B 372 3.75 -24.38 17.66
CA VAL B 372 2.31 -24.17 17.59
C VAL B 372 1.94 -22.77 18.02
N ALA B 373 2.60 -22.25 19.07
CA ALA B 373 2.29 -20.91 19.54
C ALA B 373 2.74 -19.85 18.56
N ALA B 374 3.88 -20.08 17.89
CA ALA B 374 4.38 -19.12 16.92
C ALA B 374 3.46 -18.94 15.71
N ALA B 375 2.42 -19.77 15.60
CA ALA B 375 1.42 -19.61 14.55
C ALA B 375 0.05 -19.24 15.09
N THR B 376 -0.38 -19.86 16.19
CA THR B 376 -1.65 -19.48 16.79
C THR B 376 -1.63 -18.04 17.28
N LEU B 377 -0.48 -17.61 17.81
CA LEU B 377 -0.40 -16.29 18.43
C LEU B 377 -0.22 -15.20 17.39
N SER B 378 0.58 -15.46 16.37
CA SER B 378 0.90 -14.45 15.37
C SER B 378 -0.15 -14.29 14.30
N ASP B 379 -1.37 -14.76 14.55
CA ASP B 379 -2.46 -14.58 13.60
C ASP B 379 -3.53 -13.64 14.12
N ARG B 380 -3.61 -13.41 15.42
CA ARG B 380 -4.57 -12.49 15.98
C ARG B 380 -3.95 -11.18 16.45
N TYR B 381 -2.65 -11.01 16.31
CA TYR B 381 -1.99 -9.78 16.72
C TYR B 381 -1.38 -9.01 15.56
N ILE B 382 -0.52 -9.64 14.77
CA ILE B 382 0.18 -8.97 13.67
C ILE B 382 -0.70 -9.14 12.43
N THR B 383 -1.67 -8.26 12.26
CA THR B 383 -2.64 -8.40 11.18
C THR B 383 -2.26 -7.62 9.93
N ALA B 384 -1.09 -7.00 9.90
CA ALA B 384 -0.69 -6.26 8.70
C ALA B 384 -0.14 -7.16 7.61
N ARG B 385 0.59 -8.21 7.96
CA ARG B 385 1.27 -9.06 7.00
C ARG B 385 0.57 -10.42 6.92
N PHE B 386 0.91 -11.12 5.85
CA PHE B 386 0.25 -12.37 5.44
C PHE B 386 0.81 -13.58 6.16
N LEU B 387 0.35 -14.77 5.78
CA LEU B 387 0.69 -16.09 6.40
C LEU B 387 2.15 -16.46 6.09
N PRO B 388 2.71 -17.50 6.75
CA PRO B 388 4.09 -17.94 6.63
C PRO B 388 5.24 -16.98 6.96
N ASP B 389 5.33 -15.84 6.26
CA ASP B 389 6.37 -14.83 6.55
C ASP B 389 6.18 -14.34 7.98
N LYS B 390 4.93 -14.14 8.40
CA LYS B 390 4.63 -13.66 9.78
C LYS B 390 4.65 -14.75 10.84
N ALA B 391 4.99 -16.00 10.53
CA ALA B 391 5.09 -17.02 11.56
C ALA B 391 6.48 -17.61 11.65
N ILE B 392 7.33 -17.43 10.63
CA ILE B 392 8.68 -17.95 10.64
C ILE B 392 9.59 -16.96 11.34
N ASP B 393 9.25 -15.67 11.21
CA ASP B 393 10.10 -14.63 11.76
C ASP B 393 10.16 -14.70 13.28
N LEU B 394 9.03 -14.98 13.93
CA LEU B 394 9.05 -15.12 15.38
C LEU B 394 9.99 -16.25 15.79
N VAL B 395 9.90 -17.39 15.10
CA VAL B 395 10.76 -18.53 15.42
C VAL B 395 12.22 -18.15 15.27
N ASP B 396 12.57 -17.54 14.14
CA ASP B 396 13.97 -17.22 13.87
C ASP B 396 14.50 -16.22 14.89
N GLU B 397 13.76 -15.14 15.14
CA GLU B 397 14.23 -14.12 16.08
C GLU B 397 14.32 -14.69 17.49
N ALA B 398 13.38 -15.53 17.89
CA ALA B 398 13.45 -16.13 19.22
C ALA B 398 14.68 -17.01 19.35
N ALA B 399 14.99 -17.81 18.34
CA ALA B 399 16.19 -18.62 18.39
C ALA B 399 17.44 -17.75 18.49
N SER B 400 17.48 -16.66 17.73
CA SER B 400 18.65 -15.79 17.77
C SER B 400 18.80 -15.13 19.14
N ARG B 401 17.69 -14.73 19.75
CA ARG B 401 17.75 -14.14 21.07
C ARG B 401 18.23 -15.14 22.10
N LEU B 402 17.76 -16.39 22.01
CA LEU B 402 18.22 -17.41 22.93
C LEU B 402 19.70 -17.68 22.76
N ARG B 403 20.19 -17.66 21.53
CA ARG B 403 21.63 -17.85 21.33
C ARG B 403 22.43 -16.70 21.93
N MET B 404 21.96 -15.46 21.75
CA MET B 404 22.60 -14.34 22.42
C MET B 404 22.64 -14.54 23.93
N GLU B 405 21.52 -15.00 24.51
CA GLU B 405 21.48 -15.26 25.94
C GLU B 405 22.49 -16.34 26.34
N ILE B 406 22.64 -17.36 25.50
CA ILE B 406 23.54 -18.46 25.83
C ILE B 406 24.99 -17.98 25.81
N ASP B 407 25.36 -17.17 24.82
CA ASP B 407 26.76 -16.79 24.68
C ASP B 407 27.21 -15.91 25.84
N SER B 408 26.62 -14.73 25.98
CA SER B 408 27.02 -13.77 26.98
C SER B 408 26.16 -13.95 28.23
N ARG B 409 26.22 -13.00 29.16
CA ARG B 409 25.31 -13.01 30.29
C ARG B 409 23.87 -12.82 29.81
N PRO B 410 22.91 -13.37 30.54
CA PRO B 410 21.51 -13.24 30.12
C PRO B 410 21.04 -11.80 30.27
N VAL B 411 19.92 -11.51 29.61
CA VAL B 411 19.27 -10.22 29.76
C VAL B 411 18.72 -10.14 31.19
N GLU B 412 18.27 -8.95 31.60
CA GLU B 412 17.88 -8.57 32.95
C GLU B 412 19.01 -8.75 33.96
N ILE B 413 20.18 -9.16 33.50
CA ILE B 413 21.43 -9.11 34.25
C ILE B 413 22.35 -8.23 33.43
N ASP B 414 21.90 -7.87 32.23
CA ASP B 414 22.67 -7.03 31.33
C ASP B 414 22.20 -5.58 31.38
N GLU B 415 20.89 -5.36 31.36
CA GLU B 415 20.37 -3.99 31.40
C GLU B 415 20.69 -3.31 32.73
N VAL B 416 20.51 -4.02 33.85
CA VAL B 416 20.79 -3.43 35.15
C VAL B 416 22.27 -3.08 35.26
N GLU B 417 23.15 -3.99 34.83
CA GLU B 417 24.58 -3.72 34.90
C GLU B 417 24.97 -2.55 34.01
N ARG B 418 24.42 -2.49 32.79
CA ARG B 418 24.72 -1.37 31.91
C ARG B 418 24.29 -0.04 32.52
N LEU B 419 23.06 0.02 33.04
CA LEU B 419 22.58 1.29 33.57
C LEU B 419 23.31 1.70 34.84
N VAL B 420 23.72 0.74 35.66
CA VAL B 420 24.52 1.08 36.84
C VAL B 420 25.87 1.63 36.39
N ARG B 421 26.47 1.02 35.37
CA ARG B 421 27.73 1.51 34.81
C ARG B 421 27.61 2.90 34.21
N ARG B 422 26.43 3.48 34.19
CA ARG B 422 26.19 4.84 33.73
C ARG B 422 25.81 5.78 34.85
N LEU B 423 24.93 5.33 35.75
CA LEU B 423 24.64 6.10 36.95
C LEU B 423 25.91 6.40 37.74
N GLU B 424 26.86 5.46 37.76
CA GLU B 424 28.12 5.70 38.46
C GLU B 424 28.84 6.91 37.87
N ILE B 425 29.02 6.92 36.54
CA ILE B 425 29.70 8.04 35.89
C ILE B 425 28.94 9.33 36.13
N GLU B 426 27.61 9.27 36.08
CA GLU B 426 26.81 10.48 36.25
C GLU B 426 27.02 11.08 37.64
N GLU B 427 26.98 10.24 38.69
CA GLU B 427 27.18 10.78 40.03
C GLU B 427 28.62 11.22 40.25
N MET B 428 29.58 10.54 39.60
CA MET B 428 30.97 10.97 39.70
C MET B 428 31.14 12.39 39.15
N ALA B 429 30.63 12.63 37.95
CA ALA B 429 30.71 13.96 37.36
C ALA B 429 29.82 14.98 38.07
N LEU B 430 28.78 14.53 38.78
CA LEU B 430 27.92 15.44 39.52
C LEU B 430 28.51 15.84 40.86
N SER B 431 29.43 15.03 41.39
CA SER B 431 30.03 15.35 42.69
C SER B 431 30.91 16.59 42.64
N LYS B 432 31.40 17.00 41.47
CA LYS B 432 32.34 18.11 41.35
C LYS B 432 31.68 19.42 40.96
N GLU B 433 30.45 19.66 41.41
CA GLU B 433 29.73 20.89 41.08
C GLU B 433 29.73 21.81 42.29
N GLU B 434 29.96 23.09 42.06
CA GLU B 434 30.07 24.09 43.12
C GLU B 434 28.76 24.82 43.37
N ASP B 435 27.68 24.09 43.67
CA ASP B 435 26.39 24.74 43.83
C ASP B 435 25.59 24.00 44.90
N GLU B 436 24.55 24.68 45.40
CA GLU B 436 23.61 24.12 46.34
C GLU B 436 22.41 23.46 45.67
N ALA B 437 22.03 23.92 44.48
CA ALA B 437 20.96 23.27 43.75
C ALA B 437 21.30 21.84 43.36
N SER B 438 22.55 21.59 42.96
CA SER B 438 23.00 20.24 42.65
C SER B 438 23.17 19.36 43.88
N ALA B 439 23.23 19.96 45.08
CA ALA B 439 23.42 19.17 46.29
C ALA B 439 22.23 18.28 46.60
N GLU B 440 21.02 18.73 46.26
CA GLU B 440 19.86 17.86 46.41
C GLU B 440 19.69 16.92 45.23
N ARG B 441 20.35 17.20 44.11
CA ARG B 441 20.33 16.30 42.97
C ARG B 441 21.32 15.16 43.15
N LEU B 442 22.49 15.46 43.71
CA LEU B 442 23.44 14.40 44.03
C LEU B 442 22.94 13.53 45.17
N ALA B 443 22.06 14.09 46.01
CA ALA B 443 21.53 13.36 47.16
C ALA B 443 20.31 12.51 46.84
N LYS B 444 19.89 12.48 45.56
CA LYS B 444 18.82 11.60 45.13
C LYS B 444 19.31 10.52 44.18
N LEU B 445 20.18 10.87 43.23
CA LEU B 445 20.80 9.87 42.38
C LEU B 445 21.59 8.86 43.19
N ARG B 446 22.22 9.31 44.28
CA ARG B 446 22.98 8.44 45.16
C ARG B 446 22.11 7.45 45.90
N SER B 447 20.79 7.62 45.90
CA SER B 447 19.89 6.64 46.50
C SER B 447 19.45 5.58 45.48
N GLU B 448 19.12 6.01 44.26
CA GLU B 448 18.79 5.06 43.23
C GLU B 448 20.00 4.21 42.85
N LEU B 449 21.20 4.75 42.94
CA LEU B 449 22.39 3.94 42.67
C LEU B 449 22.45 2.75 43.62
N ALA B 450 22.19 2.99 44.91
CA ALA B 450 22.18 1.89 45.87
C ALA B 450 21.00 0.96 45.65
N ASP B 451 19.82 1.52 45.36
CA ASP B 451 18.65 0.68 45.11
C ASP B 451 18.87 -0.27 43.94
N GLN B 452 19.64 0.15 42.94
CA GLN B 452 19.87 -0.71 41.79
C GLN B 452 21.05 -1.66 41.99
N LYS B 453 22.12 -1.18 42.65
CA LYS B 453 23.21 -2.07 43.00
C LYS B 453 22.76 -3.20 43.93
N GLU B 454 21.71 -2.98 44.73
CA GLU B 454 21.16 -4.07 45.53
C GLU B 454 20.58 -5.16 44.64
N LYS B 455 19.72 -4.78 43.70
CA LYS B 455 19.07 -5.74 42.83
C LYS B 455 20.05 -6.45 41.91
N LEU B 456 21.10 -5.77 41.47
CA LEU B 456 22.10 -6.43 40.65
C LEU B 456 22.66 -7.66 41.35
N ALA B 457 23.17 -7.47 42.57
CA ALA B 457 23.73 -8.58 43.32
C ALA B 457 22.68 -9.60 43.73
N GLU B 458 21.46 -9.16 44.05
CA GLU B 458 20.41 -10.12 44.39
C GLU B 458 20.12 -11.06 43.24
N LEU B 459 19.89 -10.49 42.05
CA LEU B 459 19.61 -11.28 40.83
C LEU B 459 20.86 -12.09 40.47
N THR B 460 22.04 -11.52 40.72
CA THR B 460 23.33 -12.21 40.43
C THR B 460 23.41 -13.48 41.29
N THR B 461 23.07 -13.37 42.57
CA THR B 461 23.09 -14.54 43.50
C THR B 461 22.00 -15.53 43.08
N ARG B 462 20.84 -15.01 42.63
CA ARG B 462 19.72 -15.86 42.19
C ARG B 462 20.16 -16.66 40.95
N TRP B 463 21.08 -16.10 40.16
CA TRP B 463 21.58 -16.77 38.97
C TRP B 463 22.40 -18.00 39.32
N GLN B 464 23.33 -17.89 40.28
CA GLN B 464 24.08 -19.06 40.70
C GLN B 464 23.20 -20.09 41.37
N ASN B 465 22.17 -19.64 42.10
CA ASN B 465 21.24 -20.56 42.75
C ASN B 465 20.62 -21.54 41.75
N GLU B 466 20.52 -21.16 40.49
CA GLU B 466 20.04 -22.06 39.44
C GLU B 466 21.15 -22.63 38.58
N LYS B 467 22.22 -21.85 38.42
CA LYS B 467 23.35 -22.30 37.57
C LYS B 467 24.07 -23.48 38.22
N ASN B 468 24.17 -23.50 39.54
CA ASN B 468 24.90 -24.60 40.23
C ASN B 468 23.97 -25.59 40.92
N ALA B 469 22.74 -25.19 41.27
CA ALA B 469 21.82 -26.16 41.91
C ALA B 469 21.51 -27.25 40.87
N ILE B 470 21.16 -26.85 39.65
CA ILE B 470 20.92 -27.87 38.61
C ILE B 470 22.24 -28.59 38.33
N GLU B 471 23.35 -27.84 38.37
CA GLU B 471 24.70 -28.35 38.03
C GLU B 471 25.12 -29.51 38.93
N ILE B 472 24.76 -29.49 40.21
CA ILE B 472 25.11 -30.62 41.13
C ILE B 472 24.43 -31.90 40.63
N VAL B 473 23.18 -31.79 40.13
CA VAL B 473 22.37 -32.93 39.59
C VAL B 473 23.02 -33.57 38.36
N ARG B 474 23.94 -32.86 37.69
CA ARG B 474 24.59 -33.40 36.47
C ARG B 474 25.33 -34.69 36.82
N ASP B 475 26.02 -34.71 37.96
CA ASP B 475 26.78 -35.91 38.40
C ASP B 475 25.79 -37.07 38.64
N LEU B 476 24.65 -36.78 39.26
CA LEU B 476 23.62 -37.80 39.58
C LEU B 476 23.05 -38.34 38.26
N LYS B 477 22.84 -37.50 37.24
CA LYS B 477 22.37 -38.05 35.94
C LYS B 477 23.43 -39.05 35.46
N GLU B 478 24.69 -38.62 35.50
CA GLU B 478 25.85 -39.48 35.11
C GLU B 478 25.83 -40.66 36.07
N GLN B 479 25.47 -40.39 37.33
CA GLN B 479 25.31 -41.45 38.38
C GLN B 479 24.18 -42.37 37.92
N LEU B 480 23.09 -41.80 37.37
CA LEU B 480 21.98 -42.60 36.83
C LEU B 480 22.57 -43.46 35.70
N GLU B 481 23.44 -42.87 34.87
CA GLU B 481 24.12 -43.67 33.86
C GLU B 481 24.98 -44.74 34.49
N ALA B 482 25.67 -44.40 35.57
CA ALA B 482 26.43 -45.40 36.30
C ALA B 482 25.53 -46.50 36.83
N LEU B 483 24.33 -46.14 37.29
CA LEU B 483 23.37 -47.15 37.73
C LEU B 483 22.93 -48.05 36.58
N ARG B 484 22.81 -47.49 35.38
CA ARG B 484 22.45 -48.32 34.23
C ARG B 484 23.55 -49.31 33.91
N GLY B 485 24.82 -48.86 33.96
CA GLY B 485 25.92 -49.80 33.85
C GLY B 485 25.89 -50.85 34.94
N GLU B 486 25.47 -50.45 36.14
CA GLU B 486 25.37 -51.38 37.24
C GLU B 486 24.32 -52.44 36.97
N SER B 487 23.18 -52.06 36.40
CA SER B 487 22.14 -53.04 36.10
C SER B 487 22.58 -53.95 34.97
N GLU B 488 23.26 -53.38 33.96
CA GLU B 488 23.91 -54.19 32.94
C GLU B 488 24.77 -55.28 33.57
N ARG B 489 25.61 -54.91 34.53
CA ARG B 489 26.57 -55.88 35.06
C ARG B 489 25.91 -56.83 36.06
N ALA B 490 24.87 -56.35 36.75
CA ALA B 490 24.06 -57.23 37.58
C ALA B 490 23.44 -58.33 36.73
N GLU B 491 22.99 -58.00 35.52
CA GLU B 491 22.41 -59.00 34.66
C GLU B 491 23.49 -59.83 33.96
N ARG B 492 24.67 -59.26 33.76
CA ARG B 492 25.82 -60.04 33.29
C ARG B 492 26.14 -61.16 34.27
N ASP B 493 26.23 -60.83 35.55
CA ASP B 493 26.63 -61.78 36.58
C ASP B 493 25.50 -62.67 37.04
N GLY B 494 24.34 -62.64 36.37
CA GLY B 494 23.18 -63.35 36.85
C GLY B 494 22.58 -62.76 38.11
N ASP B 495 22.97 -61.54 38.47
CA ASP B 495 22.46 -60.92 39.68
C ASP B 495 21.03 -60.42 39.46
N LEU B 496 20.09 -61.37 39.45
CA LEU B 496 18.68 -61.03 39.41
C LEU B 496 18.31 -60.09 40.55
N ALA B 497 18.86 -60.35 41.74
CA ALA B 497 18.56 -59.55 42.91
C ALA B 497 18.83 -58.07 42.66
N LYS B 498 19.90 -57.77 41.94
CA LYS B 498 20.21 -56.39 41.57
C LYS B 498 19.50 -55.93 40.32
N ALA B 499 19.09 -56.86 39.44
CA ALA B 499 18.42 -56.49 38.21
C ALA B 499 17.20 -55.61 38.50
N ALA B 500 16.29 -56.11 39.33
CA ALA B 500 15.11 -55.35 39.73
C ALA B 500 15.41 -54.26 40.73
N GLU B 501 16.42 -54.47 41.58
CA GLU B 501 16.82 -53.43 42.53
C GLU B 501 17.29 -52.18 41.81
N LEU B 502 17.80 -52.34 40.58
CA LEU B 502 18.17 -51.20 39.75
C LEU B 502 17.03 -50.78 38.83
N ARG B 503 16.27 -51.75 38.31
CA ARG B 503 15.19 -51.42 37.38
C ARG B 503 14.00 -50.77 38.09
N TYR B 504 13.68 -51.23 39.30
CA TYR B 504 12.56 -50.70 40.09
C TYR B 504 13.02 -49.93 41.32
N GLY B 505 14.32 -49.91 41.60
CA GLY B 505 14.88 -49.17 42.72
C GLY B 505 15.74 -48.02 42.28
N ARG B 506 17.05 -48.26 42.16
CA ARG B 506 18.03 -47.19 42.11
C ARG B 506 17.82 -46.27 40.93
N ILE B 507 17.72 -46.82 39.73
CA ILE B 507 17.60 -46.05 38.50
C ILE B 507 16.29 -45.25 38.56
N PRO B 508 15.12 -45.86 38.76
CA PRO B 508 13.89 -45.03 38.81
C PRO B 508 13.85 -44.06 39.97
N GLU B 509 14.43 -44.40 41.11
CA GLU B 509 14.41 -43.48 42.24
C GLU B 509 15.26 -42.26 41.96
N VAL B 510 16.47 -42.48 41.41
CA VAL B 510 17.29 -41.36 40.98
C VAL B 510 16.60 -40.59 39.86
N GLU B 511 15.76 -41.27 39.08
CA GLU B 511 15.05 -40.57 38.02
C GLU B 511 14.00 -39.62 38.57
N LYS B 512 13.21 -40.09 39.53
CA LYS B 512 12.26 -39.18 40.20
C LYS B 512 13.00 -38.05 40.87
N LYS B 513 14.12 -38.38 41.51
CA LYS B 513 14.98 -37.39 42.14
C LYS B 513 15.44 -36.33 41.14
N LEU B 514 15.84 -36.77 39.95
CA LEU B 514 16.36 -35.86 38.94
C LEU B 514 15.25 -35.03 38.32
N ASP B 515 14.07 -35.63 38.17
CA ASP B 515 12.88 -34.87 37.77
C ASP B 515 12.60 -33.77 38.78
N ALA B 516 12.74 -34.08 40.06
CA ALA B 516 12.59 -33.05 41.08
C ALA B 516 13.71 -32.02 41.01
N ALA B 517 14.90 -32.46 40.59
CA ALA B 517 16.07 -31.59 40.52
C ALA B 517 16.03 -30.61 39.38
N LEU B 518 15.08 -30.73 38.46
CA LEU B 518 15.05 -29.86 37.30
C LEU B 518 14.66 -28.44 37.73
N PRO B 519 15.53 -27.44 37.57
CA PRO B 519 15.18 -26.10 38.11
C PRO B 519 14.00 -25.44 37.42
N GLN B 520 14.07 -25.25 36.10
CA GLN B 520 13.03 -24.56 35.35
C GLN B 520 12.22 -25.56 34.54
N LYS B 530 16.42 -22.81 30.26
CA LYS B 530 16.86 -21.80 29.31
C LYS B 530 17.91 -22.37 28.36
N GLU B 531 17.56 -23.47 27.71
CA GLU B 531 18.40 -24.07 26.69
C GLU B 531 17.65 -24.41 25.41
N GLU B 532 16.40 -23.97 25.27
CA GLU B 532 15.61 -24.19 24.07
C GLU B 532 14.46 -23.19 24.08
N VAL B 533 14.08 -22.73 22.88
CA VAL B 533 13.00 -21.76 22.79
C VAL B 533 11.68 -22.44 23.17
N GLY B 534 10.77 -21.66 23.72
CA GLY B 534 9.54 -22.21 24.24
C GLY B 534 8.33 -21.36 23.93
N PRO B 535 7.19 -21.72 24.50
CA PRO B 535 5.95 -21.00 24.19
C PRO B 535 5.85 -19.66 24.89
N ASP B 536 6.95 -19.18 25.45
CA ASP B 536 6.99 -17.87 26.08
C ASP B 536 7.95 -16.91 25.40
N ASP B 537 9.02 -17.41 24.80
CA ASP B 537 9.89 -16.54 24.02
C ASP B 537 9.15 -15.99 22.80
N ILE B 538 8.24 -16.78 22.24
CA ILE B 538 7.40 -16.30 21.15
C ILE B 538 6.57 -15.11 21.61
N ALA B 539 5.95 -15.24 22.78
CA ALA B 539 5.19 -14.13 23.33
C ALA B 539 6.07 -12.92 23.62
N ASP B 540 7.30 -13.17 24.08
CA ASP B 540 8.22 -12.07 24.33
C ASP B 540 8.54 -11.32 23.05
N VAL B 541 8.74 -12.03 21.95
CA VAL B 541 9.05 -11.36 20.69
C VAL B 541 7.83 -10.60 20.16
N VAL B 542 6.66 -11.22 20.23
CA VAL B 542 5.46 -10.54 19.74
C VAL B 542 5.02 -9.44 20.70
N SER B 543 5.65 -9.33 21.86
CA SER B 543 5.40 -8.18 22.72
C SER B 543 6.40 -7.06 22.47
N ALA B 544 7.67 -7.40 22.29
CA ALA B 544 8.66 -6.38 21.93
C ALA B 544 8.30 -5.73 20.60
N TRP B 545 7.94 -6.55 19.62
CA TRP B 545 7.38 -6.05 18.38
C TRP B 545 5.88 -5.88 18.55
N THR B 546 5.33 -4.81 17.96
CA THR B 546 3.92 -4.42 17.99
C THR B 546 3.47 -3.92 19.36
N GLY B 547 4.31 -4.00 20.39
CA GLY B 547 4.01 -3.31 21.64
C GLY B 547 2.89 -3.87 22.48
N ILE B 548 2.07 -4.77 21.93
CA ILE B 548 0.94 -5.33 22.65
C ILE B 548 1.45 -6.31 23.70
N PRO B 549 1.07 -6.17 24.96
CA PRO B 549 1.57 -7.09 25.99
C PRO B 549 0.77 -8.38 26.04
N ALA B 550 1.43 -9.49 25.68
CA ALA B 550 0.84 -10.83 25.75
C ALA B 550 1.87 -11.74 26.40
N GLY B 551 1.73 -11.95 27.72
CA GLY B 551 2.70 -12.75 28.44
C GLY B 551 2.07 -13.67 29.47
N ARG B 552 2.69 -13.75 30.65
CA ARG B 552 2.18 -14.61 31.70
C ARG B 552 2.13 -13.92 33.06
N LEU B 553 2.11 -12.59 33.11
CA LEU B 553 2.10 -11.84 34.36
C LEU B 553 3.33 -12.20 35.20
N LEU B 554 4.49 -11.77 34.70
CA LEU B 554 5.75 -12.33 35.15
C LEU B 554 6.12 -11.88 36.56
N GLU B 555 5.26 -12.18 37.53
CA GLU B 555 5.58 -12.21 38.95
C GLU B 555 5.78 -10.81 39.52
N GLY B 556 5.82 -9.80 38.66
CA GLY B 556 5.89 -8.42 39.11
C GLY B 556 4.65 -7.67 38.70
N GLU B 557 4.12 -8.04 37.53
CA GLU B 557 2.89 -7.43 37.05
C GLU B 557 1.69 -7.90 37.84
N THR B 558 1.73 -9.12 38.37
CA THR B 558 0.58 -9.65 39.08
C THR B 558 0.31 -8.90 40.37
N ALA B 559 1.34 -8.68 41.18
CA ALA B 559 1.16 -7.93 42.42
C ALA B 559 0.63 -6.54 42.15
N LYS B 560 1.14 -5.87 41.11
CA LYS B 560 0.68 -4.52 40.80
C LYS B 560 -0.76 -4.52 40.29
N LEU B 561 -1.10 -5.45 39.39
CA LEU B 561 -2.48 -5.54 38.91
C LEU B 561 -3.44 -5.91 40.02
N LEU B 562 -2.94 -6.54 41.08
CA LEU B 562 -3.84 -6.98 42.15
C LEU B 562 -4.29 -5.83 43.03
N ARG B 563 -3.48 -4.78 43.13
CA ARG B 563 -3.87 -3.56 43.85
C ARG B 563 -3.85 -2.41 42.85
N MET B 564 -4.96 -2.23 42.14
CA MET B 564 -5.11 -1.12 41.22
C MET B 564 -6.06 -0.06 41.75
N GLU B 565 -7.20 -0.48 42.31
CA GLU B 565 -8.11 0.48 42.93
C GLU B 565 -7.49 1.18 44.12
N ASP B 566 -6.29 0.80 44.52
CA ASP B 566 -5.49 1.59 45.46
C ASP B 566 -4.47 2.46 44.74
N GLU B 567 -4.07 2.08 43.52
CA GLU B 567 -3.17 2.89 42.73
C GLU B 567 -3.90 3.96 41.93
N LEU B 568 -5.15 3.70 41.52
CA LEU B 568 -5.95 4.74 40.91
C LEU B 568 -6.51 5.71 41.94
N GLY B 569 -6.70 5.25 43.18
CA GLY B 569 -7.23 6.09 44.22
C GLY B 569 -6.35 7.25 44.62
N LYS B 570 -5.10 7.27 44.16
CA LYS B 570 -4.21 8.38 44.47
C LYS B 570 -4.45 9.59 43.59
N ARG B 571 -5.34 9.49 42.60
CA ARG B 571 -5.64 10.64 41.75
C ARG B 571 -7.14 10.88 41.68
N VAL B 572 -7.93 9.82 41.79
CA VAL B 572 -9.39 9.91 41.85
C VAL B 572 -9.83 9.54 43.26
N ILE B 573 -10.89 10.19 43.73
CA ILE B 573 -11.37 10.01 45.09
C ILE B 573 -12.85 9.68 45.05
N GLY B 574 -13.21 8.51 45.55
CA GLY B 574 -14.55 8.02 45.36
C GLY B 574 -14.67 7.27 44.05
N GLN B 575 -15.91 7.22 43.54
CA GLN B 575 -16.21 6.60 42.25
C GLN B 575 -15.77 5.14 42.21
N LYS B 576 -15.92 4.47 43.37
CA LYS B 576 -15.65 3.04 43.40
C LYS B 576 -16.53 2.29 42.43
N ALA B 577 -17.69 2.84 42.09
CA ALA B 577 -18.52 2.26 41.04
C ALA B 577 -17.73 2.10 39.74
N ALA B 578 -16.99 3.13 39.34
CA ALA B 578 -16.23 3.08 38.10
C ALA B 578 -14.90 2.39 38.25
N VAL B 579 -14.15 2.67 39.32
CA VAL B 579 -12.82 2.08 39.46
C VAL B 579 -12.90 0.57 39.62
N THR B 580 -14.05 0.05 40.04
CA THR B 580 -14.23 -1.40 40.16
C THR B 580 -14.68 -2.04 38.85
N ALA B 581 -14.82 -1.25 37.79
CA ALA B 581 -15.19 -1.78 36.48
C ALA B 581 -14.18 -1.42 35.40
N VAL B 582 -13.58 -0.24 35.47
CA VAL B 582 -12.50 0.10 34.57
C VAL B 582 -11.30 -0.80 34.83
N SER B 583 -10.99 -1.02 36.10
CA SER B 583 -9.88 -1.90 36.46
C SER B 583 -10.28 -3.36 36.47
N ASP B 584 -11.50 -3.69 36.06
CA ASP B 584 -11.91 -5.08 35.96
C ASP B 584 -11.65 -5.66 34.58
N ALA B 585 -11.91 -4.90 33.53
CA ALA B 585 -11.66 -5.35 32.17
C ALA B 585 -10.19 -5.30 31.79
N VAL B 586 -9.32 -5.01 32.75
CA VAL B 586 -7.88 -5.11 32.56
C VAL B 586 -7.34 -6.42 33.12
N ARG B 587 -7.78 -6.79 34.33
CA ARG B 587 -7.36 -8.06 34.91
C ARG B 587 -7.85 -9.23 34.07
N ARG B 588 -9.14 -9.25 33.75
CA ARG B 588 -9.65 -10.36 32.97
C ARG B 588 -9.23 -10.30 31.51
N SER B 589 -8.44 -9.30 31.12
CA SER B 589 -7.81 -9.28 29.81
C SER B 589 -6.36 -9.70 29.84
N ARG B 590 -5.63 -9.38 30.92
CA ARG B 590 -4.28 -9.89 31.08
C ARG B 590 -4.28 -11.36 31.47
N ALA B 591 -5.32 -11.85 32.12
CA ALA B 591 -5.39 -13.25 32.54
C ALA B 591 -5.81 -14.18 31.42
N GLY B 592 -5.86 -13.71 30.18
CA GLY B 592 -6.21 -14.54 29.05
C GLY B 592 -7.61 -15.14 29.13
N VAL B 593 -8.61 -14.31 29.41
CA VAL B 593 -9.98 -14.79 29.54
C VAL B 593 -10.96 -14.03 28.67
N SER B 594 -10.65 -12.84 28.19
CA SER B 594 -11.64 -12.05 27.48
C SER B 594 -11.87 -12.57 26.07
N ASP B 595 -12.81 -11.95 25.37
CA ASP B 595 -13.14 -12.35 24.01
C ASP B 595 -12.00 -11.95 23.09
N PRO B 596 -11.62 -12.80 22.13
CA PRO B 596 -10.41 -12.52 21.35
C PRO B 596 -10.58 -11.46 20.28
N ASN B 597 -11.81 -11.19 19.82
CA ASN B 597 -12.06 -10.18 18.80
C ASN B 597 -13.16 -9.24 19.29
N ARG B 598 -12.77 -8.28 20.12
CA ARG B 598 -13.61 -7.21 20.63
C ARG B 598 -12.71 -6.30 21.45
N PRO B 599 -12.98 -5.01 21.53
CA PRO B 599 -12.14 -4.14 22.36
C PRO B 599 -12.02 -4.64 23.78
N THR B 600 -10.88 -4.34 24.39
CA THR B 600 -10.64 -4.76 25.76
C THR B 600 -11.70 -4.20 26.69
N GLY B 601 -12.29 -3.07 26.33
CA GLY B 601 -13.37 -2.49 27.08
C GLY B 601 -13.88 -1.21 26.45
N ALA B 602 -15.19 -1.08 26.30
CA ALA B 602 -15.79 0.09 25.68
C ALA B 602 -17.05 0.42 26.46
N PHE B 603 -16.95 1.41 27.35
CA PHE B 603 -18.06 1.78 28.21
C PHE B 603 -18.09 3.29 28.38
N MET B 604 -19.31 3.82 28.47
CA MET B 604 -19.55 5.24 28.61
C MET B 604 -20.08 5.52 30.01
N PHE B 605 -19.38 6.41 30.73
CA PHE B 605 -19.81 6.84 32.05
C PHE B 605 -20.13 8.33 32.03
N LEU B 606 -21.26 8.68 32.64
CA LEU B 606 -21.82 10.02 32.54
C LEU B 606 -22.47 10.39 33.87
N GLY B 607 -22.44 11.68 34.18
CA GLY B 607 -22.98 12.19 35.42
C GLY B 607 -22.82 13.69 35.51
N PRO B 608 -23.16 14.28 36.66
CA PRO B 608 -23.01 15.73 36.83
C PRO B 608 -21.56 16.17 36.66
N THR B 609 -21.36 17.45 36.41
CA THR B 609 -20.04 17.97 36.07
C THR B 609 -19.14 18.07 37.29
N GLY B 610 -17.84 18.20 37.04
CA GLY B 610 -16.88 18.37 38.09
C GLY B 610 -16.66 17.18 38.99
N VAL B 611 -17.15 16.01 38.59
CA VAL B 611 -17.01 14.82 39.43
C VAL B 611 -15.70 14.09 39.15
N GLY B 612 -15.21 14.11 37.91
CA GLY B 612 -13.94 13.48 37.61
C GLY B 612 -13.99 12.51 36.44
N LYS B 613 -15.06 12.57 35.65
CA LYS B 613 -15.25 11.65 34.55
C LYS B 613 -14.20 11.80 33.45
N THR B 614 -13.53 12.93 33.37
CA THR B 614 -12.34 13.07 32.52
C THR B 614 -11.06 12.71 33.27
N GLU B 615 -11.01 12.96 34.58
CA GLU B 615 -9.80 12.67 35.34
C GLU B 615 -9.56 11.18 35.49
N LEU B 616 -10.63 10.38 35.45
CA LEU B 616 -10.45 8.94 35.54
C LEU B 616 -9.80 8.39 34.28
N ALA B 617 -10.25 8.84 33.12
CA ALA B 617 -9.64 8.37 31.88
C ALA B 617 -8.25 8.97 31.65
N LYS B 618 -7.81 9.90 32.49
CA LYS B 618 -6.44 10.36 32.47
C LYS B 618 -5.59 9.73 33.57
N ALA B 619 -6.19 9.41 34.71
CA ALA B 619 -5.50 8.65 35.73
C ALA B 619 -5.20 7.23 35.27
N LEU B 620 -6.11 6.64 34.49
CA LEU B 620 -5.91 5.29 34.00
C LEU B 620 -4.78 5.21 32.98
N ALA B 621 -4.83 6.05 31.94
CA ALA B 621 -3.77 6.07 30.93
C ALA B 621 -2.40 6.25 31.54
N ASP B 622 -2.29 6.96 32.67
CA ASP B 622 -1.03 7.06 33.40
C ASP B 622 -0.59 5.72 33.95
N PHE B 623 -1.52 4.92 34.45
CA PHE B 623 -1.16 3.67 35.13
C PHE B 623 -0.54 2.67 34.16
N LEU B 624 -0.80 2.79 32.87
CA LEU B 624 -0.24 1.85 31.90
C LEU B 624 1.05 2.33 31.27
N PHE B 625 1.04 3.46 30.56
CA PHE B 625 2.20 3.93 29.83
C PHE B 625 3.07 4.92 30.60
N ASP B 626 2.70 5.25 31.84
CA ASP B 626 3.45 6.22 32.65
C ASP B 626 3.54 7.58 31.97
N ASP B 627 2.58 7.89 31.10
CA ASP B 627 2.58 9.19 30.42
C ASP B 627 1.15 9.53 30.04
N GLU B 628 0.62 10.60 30.64
CA GLU B 628 -0.77 10.99 30.44
C GLU B 628 -1.06 11.52 29.04
N ARG B 629 -0.07 11.50 28.13
CA ARG B 629 -0.22 12.10 26.82
C ARG B 629 0.01 11.10 25.69
N ALA B 630 0.28 9.85 26.04
CA ALA B 630 0.51 8.81 25.05
C ALA B 630 -0.78 8.19 24.57
N MET B 631 -1.93 8.68 25.01
CA MET B 631 -3.22 8.20 24.57
C MET B 631 -3.77 9.12 23.48
N VAL B 632 -4.66 8.57 22.67
CA VAL B 632 -5.28 9.30 21.57
C VAL B 632 -6.54 9.94 22.12
N ARG B 633 -6.53 11.26 22.24
CA ARG B 633 -7.66 12.02 22.74
C ARG B 633 -8.23 12.85 21.61
N ILE B 634 -9.52 12.68 21.32
CA ILE B 634 -10.19 13.45 20.28
C ILE B 634 -11.40 14.14 20.89
N ASP B 635 -11.59 15.41 20.55
CA ASP B 635 -12.62 16.25 21.17
C ASP B 635 -13.87 16.18 20.30
N MET B 636 -14.91 15.52 20.80
CA MET B 636 -16.10 15.35 19.97
C MET B 636 -17.06 16.50 20.07
N SER B 637 -16.65 17.70 20.48
CA SER B 637 -17.53 18.86 20.41
C SER B 637 -17.33 19.65 19.13
N GLU B 638 -16.34 19.30 18.32
CA GLU B 638 -16.09 19.94 17.03
C GLU B 638 -16.87 19.30 15.90
N TYR B 639 -17.38 18.10 16.09
CA TYR B 639 -18.10 17.38 15.05
C TYR B 639 -19.57 17.75 15.08
N GLY B 640 -19.83 19.03 14.78
CA GLY B 640 -21.19 19.53 14.81
C GLY B 640 -21.95 19.33 13.53
N GLU B 641 -21.27 18.94 12.46
CA GLU B 641 -21.89 18.70 11.17
C GLU B 641 -21.60 17.27 10.71
N LYS B 642 -22.53 16.70 9.96
CA LYS B 642 -22.36 15.33 9.50
C LYS B 642 -21.20 15.20 8.53
N HIS B 643 -20.83 16.28 7.85
CA HIS B 643 -19.77 16.17 6.86
C HIS B 643 -18.38 16.22 7.49
N THR B 644 -18.29 16.52 8.78
CA THR B 644 -17.00 16.59 9.46
C THR B 644 -16.51 15.22 9.91
N VAL B 645 -17.15 14.14 9.46
CA VAL B 645 -16.69 12.81 9.81
C VAL B 645 -15.38 12.49 9.11
N ALA B 646 -15.24 12.94 7.86
CA ALA B 646 -14.06 12.63 7.06
C ALA B 646 -12.76 13.07 7.70
N ARG B 647 -12.81 13.84 8.78
CA ARG B 647 -11.58 14.26 9.46
C ARG B 647 -10.89 13.09 10.14
N LEU B 648 -11.65 12.10 10.59
CA LEU B 648 -11.08 10.97 11.31
C LEU B 648 -11.11 9.67 10.51
N ILE B 649 -11.53 9.72 9.25
CA ILE B 649 -11.65 8.50 8.46
C ILE B 649 -10.97 8.69 7.12
N GLY B 650 -10.39 9.86 6.91
CA GLY B 650 -9.73 10.18 5.65
C GLY B 650 -10.74 10.48 4.57
N ALA B 651 -10.22 11.07 3.49
CA ALA B 651 -11.06 11.46 2.37
C ALA B 651 -10.97 10.44 1.25
N PRO B 652 -12.05 10.21 0.52
CA PRO B 652 -12.03 9.19 -0.53
C PRO B 652 -11.05 9.55 -1.62
N PRO B 653 -10.60 8.57 -2.41
CA PRO B 653 -9.48 8.82 -3.31
C PRO B 653 -9.88 9.70 -4.48
N GLY B 654 -8.91 10.48 -4.96
CA GLY B 654 -9.18 11.46 -5.99
C GLY B 654 -9.71 12.78 -5.46
N TYR B 655 -9.37 13.15 -4.23
CA TYR B 655 -9.82 14.39 -3.64
C TYR B 655 -8.63 15.07 -2.97
N VAL B 656 -8.87 16.25 -2.39
CA VAL B 656 -7.79 17.16 -2.01
C VAL B 656 -6.86 16.51 -0.99
N GLY B 657 -7.36 16.22 0.19
CA GLY B 657 -6.52 15.56 1.17
C GLY B 657 -6.76 14.06 1.17
N TYR B 658 -5.94 13.33 0.43
CA TYR B 658 -6.13 11.89 0.33
C TYR B 658 -4.87 11.12 0.69
N GLU B 659 -3.70 11.62 0.32
CA GLU B 659 -2.46 11.00 0.78
C GLU B 659 -2.12 11.51 2.17
N ALA B 660 -3.12 11.49 3.05
CA ALA B 660 -2.93 11.79 4.45
C ALA B 660 -3.71 10.85 5.36
N GLY B 661 -4.60 10.03 4.82
CA GLY B 661 -5.37 9.07 5.59
C GLY B 661 -6.23 9.74 6.63
N GLY B 662 -6.75 8.90 7.52
CA GLY B 662 -7.53 9.40 8.62
C GLY B 662 -6.67 10.13 9.63
N GLN B 663 -7.30 10.47 10.75
CA GLN B 663 -6.61 11.06 11.88
C GLN B 663 -6.76 10.22 13.14
N LEU B 664 -7.95 9.66 13.37
CA LEU B 664 -8.10 8.62 14.37
C LEU B 664 -7.46 7.33 13.90
N THR B 665 -7.70 6.95 12.65
CA THR B 665 -7.20 5.69 12.12
C THR B 665 -5.67 5.68 12.08
N GLU B 666 -5.07 6.60 11.32
CA GLU B 666 -3.63 6.56 11.14
C GLU B 666 -2.85 6.87 12.40
N ALA B 667 -3.53 7.07 13.53
CA ALA B 667 -2.82 7.25 14.78
C ALA B 667 -2.79 5.95 15.59
N VAL B 668 -3.70 5.02 15.30
CA VAL B 668 -3.71 3.75 16.00
C VAL B 668 -2.96 2.66 15.23
N ARG B 669 -2.70 2.88 13.94
CA ARG B 669 -2.02 1.87 13.15
C ARG B 669 -0.56 1.70 13.53
N ARG B 670 -0.03 2.55 14.40
CA ARG B 670 1.37 2.44 14.80
C ARG B 670 1.56 1.91 16.21
N ARG B 671 0.63 2.17 17.11
CA ARG B 671 0.72 1.70 18.49
C ARG B 671 -0.64 1.18 18.92
N PRO B 672 -0.98 -0.05 18.58
CA PRO B 672 -2.33 -0.54 18.87
C PRO B 672 -2.54 -0.92 20.32
N TYR B 673 -2.16 -0.04 21.23
CA TYR B 673 -2.32 -0.29 22.65
C TYR B 673 -2.91 0.89 23.41
N THR B 674 -2.96 2.08 22.81
CA THR B 674 -3.39 3.28 23.49
C THR B 674 -4.85 3.15 23.94
N VAL B 675 -5.28 4.10 24.77
CA VAL B 675 -6.63 4.15 25.30
C VAL B 675 -7.33 5.36 24.71
N VAL B 676 -8.12 5.14 23.67
CA VAL B 676 -8.81 6.22 22.98
C VAL B 676 -9.85 6.82 23.91
N LEU B 677 -10.05 8.13 23.80
CA LEU B 677 -10.98 8.85 24.67
C LEU B 677 -11.83 9.78 23.83
N PHE B 678 -13.11 9.43 23.67
CA PHE B 678 -14.07 10.28 22.96
C PHE B 678 -14.69 11.22 23.99
N ASP B 679 -14.27 12.48 23.98
CA ASP B 679 -14.66 13.42 25.01
C ASP B 679 -15.93 14.18 24.60
N GLU B 680 -16.86 14.30 25.55
CA GLU B 680 -18.09 15.09 25.35
C GLU B 680 -18.85 14.61 24.12
N ILE B 681 -19.33 13.37 24.19
CA ILE B 681 -19.85 12.73 22.99
C ILE B 681 -21.22 13.28 22.59
N GLU B 682 -22.03 13.76 23.53
CA GLU B 682 -23.39 14.11 23.17
C GLU B 682 -23.47 15.37 22.32
N LYS B 683 -22.37 16.08 22.12
CA LYS B 683 -22.38 17.29 21.30
C LYS B 683 -22.24 17.01 19.81
N ALA B 684 -21.69 15.87 19.43
CA ALA B 684 -21.41 15.58 18.03
C ALA B 684 -22.70 15.29 17.28
N HIS B 685 -22.69 15.56 15.98
CA HIS B 685 -23.90 15.34 15.21
C HIS B 685 -24.18 13.85 15.07
N PRO B 686 -25.43 13.44 15.20
CA PRO B 686 -25.72 12.00 15.31
C PRO B 686 -25.49 11.22 14.04
N ASP B 687 -24.28 11.31 13.48
CA ASP B 687 -23.87 10.39 12.42
C ASP B 687 -22.46 9.90 12.72
N VAL B 688 -21.72 10.70 13.48
CA VAL B 688 -20.48 10.20 14.08
C VAL B 688 -20.79 8.98 14.94
N PHE B 689 -21.97 8.95 15.55
CA PHE B 689 -22.41 7.76 16.27
C PHE B 689 -22.44 6.54 15.35
N ASP B 690 -23.11 6.67 14.20
CA ASP B 690 -23.20 5.56 13.28
C ASP B 690 -21.84 5.15 12.73
N VAL B 691 -20.92 6.10 12.56
CA VAL B 691 -19.56 5.71 12.19
C VAL B 691 -18.91 4.89 13.29
N LEU B 692 -19.11 5.33 14.54
CA LEU B 692 -18.60 4.60 15.69
C LEU B 692 -19.24 3.23 15.84
N LEU B 693 -20.40 3.00 15.23
CA LEU B 693 -21.21 1.83 15.55
C LEU B 693 -20.48 0.52 15.31
N GLN B 694 -19.62 0.45 14.30
CA GLN B 694 -18.91 -0.79 14.03
C GLN B 694 -17.50 -0.80 14.62
N VAL B 695 -17.03 0.31 15.18
CA VAL B 695 -15.79 0.28 15.94
C VAL B 695 -15.95 -0.62 17.16
N LEU B 696 -17.01 -0.39 17.92
CA LEU B 696 -17.41 -1.33 18.95
C LEU B 696 -17.85 -2.65 18.31
N ASP B 697 -17.76 -3.73 19.08
CA ASP B 697 -18.34 -5.02 18.74
C ASP B 697 -17.60 -5.73 17.61
N GLU B 698 -16.71 -5.04 16.92
CA GLU B 698 -15.78 -5.71 16.01
C GLU B 698 -14.37 -5.17 16.04
N GLY B 699 -14.15 -3.92 16.44
CA GLY B 699 -12.83 -3.33 16.37
C GLY B 699 -12.26 -3.29 14.96
N ARG B 700 -12.94 -2.61 14.05
CA ARG B 700 -12.43 -2.47 12.70
C ARG B 700 -13.08 -1.28 12.02
N LEU B 701 -12.29 -0.56 11.23
CA LEU B 701 -12.78 0.45 10.31
C LEU B 701 -11.70 0.65 9.27
N THR B 702 -12.07 1.30 8.16
CA THR B 702 -11.18 1.42 7.02
C THR B 702 -11.12 2.87 6.53
N ASP B 703 -9.91 3.38 6.36
CA ASP B 703 -9.71 4.74 5.87
C ASP B 703 -9.86 4.73 4.35
N GLY B 704 -9.46 5.83 3.69
CA GLY B 704 -9.66 5.94 2.26
C GLY B 704 -8.84 4.94 1.48
N HIS B 705 -7.61 4.70 1.89
CA HIS B 705 -6.71 3.80 1.18
C HIS B 705 -7.24 2.38 1.13
N GLY B 706 -8.19 2.05 1.99
CA GLY B 706 -8.68 0.69 2.06
C GLY B 706 -7.89 -0.19 3.00
N ARG B 707 -7.45 0.35 4.13
CA ARG B 707 -6.69 -0.40 5.12
C ARG B 707 -7.59 -0.63 6.33
N THR B 708 -7.84 -1.89 6.66
CA THR B 708 -8.52 -2.22 7.90
C THR B 708 -7.57 -2.03 9.08
N VAL B 709 -8.06 -1.37 10.12
CA VAL B 709 -7.29 -1.13 11.33
C VAL B 709 -7.99 -1.85 12.48
N ASP B 710 -7.21 -2.56 13.28
CA ASP B 710 -7.74 -3.42 14.33
C ASP B 710 -7.78 -2.68 15.66
N PHE B 711 -8.99 -2.49 16.18
CA PHE B 711 -9.18 -1.88 17.49
C PHE B 711 -9.48 -2.92 18.56
N ARG B 712 -8.95 -4.13 18.44
CA ARG B 712 -9.30 -5.15 19.42
C ARG B 712 -8.40 -5.15 20.61
N ASN B 713 -7.62 -4.12 20.88
CA ASN B 713 -6.78 -4.09 22.08
C ASN B 713 -6.91 -2.80 22.86
N THR B 714 -7.53 -1.77 22.30
CA THR B 714 -7.65 -0.49 22.97
C THR B 714 -8.70 -0.56 24.06
N ILE B 715 -8.94 0.58 24.70
CA ILE B 715 -10.00 0.74 25.69
C ILE B 715 -10.77 2.00 25.32
N LEU B 716 -11.92 1.83 24.69
CA LEU B 716 -12.71 2.97 24.24
C LEU B 716 -13.52 3.53 25.41
N ILE B 717 -13.38 4.82 25.65
CA ILE B 717 -13.99 5.48 26.80
C ILE B 717 -14.76 6.69 26.30
N LEU B 718 -16.01 6.83 26.75
CA LEU B 718 -16.92 7.85 26.23
C LEU B 718 -17.43 8.71 27.37
N THR B 719 -16.93 9.93 27.49
CA THR B 719 -17.45 10.85 28.47
C THR B 719 -18.78 11.43 28.00
N SER B 720 -19.50 12.09 28.89
CA SER B 720 -20.79 12.69 28.56
C SER B 720 -21.24 13.57 29.73
N ASN B 721 -22.33 14.30 29.49
CA ASN B 721 -22.94 15.10 30.54
C ASN B 721 -24.47 15.06 30.46
N LEU B 722 -25.02 13.96 29.96
CA LEU B 722 -26.46 13.87 29.79
C LEU B 722 -27.16 13.88 31.15
N GLY B 723 -28.47 14.11 31.13
CA GLY B 723 -29.26 14.11 32.34
C GLY B 723 -29.03 15.34 33.19
N SER B 724 -27.83 15.43 33.79
CA SER B 724 -27.42 16.60 34.56
C SER B 724 -28.37 16.88 35.73
N GLY B 725 -28.41 15.92 36.64
CA GLY B 725 -29.09 16.08 37.92
C GLY B 725 -30.08 15.01 38.27
N GLY B 726 -30.69 14.35 37.28
CA GLY B 726 -31.64 13.29 37.57
C GLY B 726 -31.03 12.20 38.43
N SER B 727 -31.84 11.65 39.33
CA SER B 727 -31.31 10.68 40.29
C SER B 727 -30.79 9.43 39.58
N ALA B 728 -31.71 8.62 39.06
CA ALA B 728 -31.33 7.53 38.16
C ALA B 728 -32.26 7.32 36.99
N GLU B 729 -33.53 7.70 37.09
CA GLU B 729 -34.49 7.49 36.01
C GLU B 729 -34.82 8.77 35.27
N GLN B 730 -34.26 9.90 35.69
CA GLN B 730 -34.34 11.11 34.89
C GLN B 730 -33.13 11.26 33.97
N VAL B 731 -32.17 10.35 34.06
CA VAL B 731 -31.03 10.32 33.18
C VAL B 731 -30.99 9.04 32.34
N LEU B 732 -31.30 7.89 32.95
CA LEU B 732 -31.35 6.65 32.19
C LEU B 732 -32.55 6.62 31.26
N ALA B 733 -33.51 7.51 31.44
CA ALA B 733 -34.58 7.71 30.48
C ALA B 733 -34.29 8.86 29.52
N ALA B 734 -33.19 9.57 29.72
CA ALA B 734 -32.77 10.61 28.79
C ALA B 734 -31.72 10.12 27.81
N VAL B 735 -30.85 9.20 28.23
CA VAL B 735 -29.89 8.64 27.29
C VAL B 735 -30.58 7.71 26.31
N ARG B 736 -31.64 7.04 26.76
CA ARG B 736 -32.43 6.20 25.88
C ARG B 736 -33.10 7.00 24.77
N ALA B 737 -33.51 8.23 25.06
CA ALA B 737 -34.15 9.09 24.09
C ALA B 737 -33.15 9.95 23.32
N THR B 738 -31.86 9.73 23.50
CA THR B 738 -30.84 10.42 22.73
C THR B 738 -30.01 9.49 21.86
N PHE B 739 -29.77 8.27 22.31
CA PHE B 739 -29.06 7.28 21.51
C PHE B 739 -30.03 6.23 21.00
N LYS B 740 -29.59 5.48 20.05
CA LYS B 740 -30.49 4.45 19.53
C LYS B 740 -30.22 3.12 20.23
N PRO B 741 -31.19 2.20 20.21
CA PRO B 741 -30.95 0.89 20.85
C PRO B 741 -29.80 0.13 20.20
N GLU B 742 -29.71 0.18 18.88
CA GLU B 742 -28.61 -0.50 18.19
C GLU B 742 -27.25 0.02 18.62
N PHE B 743 -27.17 1.22 19.19
CA PHE B 743 -25.91 1.74 19.69
C PHE B 743 -25.73 1.47 21.18
N ILE B 744 -26.76 1.73 21.98
CA ILE B 744 -26.68 1.46 23.41
C ILE B 744 -26.38 -0.01 23.66
N ASN B 745 -26.82 -0.91 22.78
CA ASN B 745 -26.63 -2.32 23.00
C ASN B 745 -25.18 -2.75 22.86
N ARG B 746 -24.37 -2.00 22.11
CA ARG B 746 -22.99 -2.40 21.88
C ARG B 746 -22.15 -2.28 23.14
N LEU B 747 -22.32 -1.20 23.89
CA LEU B 747 -21.43 -0.88 25.00
C LEU B 747 -21.47 -1.95 26.08
N ASP B 748 -20.50 -1.88 26.99
CA ASP B 748 -20.58 -2.60 28.25
C ASP B 748 -21.49 -1.80 29.18
N ASP B 749 -21.50 -2.13 30.47
CA ASP B 749 -22.37 -1.42 31.39
C ASP B 749 -22.09 0.08 31.36
N VAL B 750 -23.16 0.86 31.31
CA VAL B 750 -23.09 2.31 31.32
C VAL B 750 -22.99 2.73 32.78
N LEU B 751 -21.85 3.31 33.15
CA LEU B 751 -21.62 3.69 34.54
C LEU B 751 -22.30 5.02 34.83
N ILE B 752 -22.78 5.16 36.06
CA ILE B 752 -23.39 6.40 36.53
C ILE B 752 -22.54 6.94 37.66
N PHE B 753 -22.00 8.15 37.47
CA PHE B 753 -21.25 8.79 38.53
C PHE B 753 -22.20 9.48 39.49
N GLU B 754 -21.70 9.74 40.69
CA GLU B 754 -22.50 10.36 41.74
C GLU B 754 -21.77 11.58 42.26
N GLY B 755 -22.52 12.50 42.85
CA GLY B 755 -21.96 13.75 43.31
C GLY B 755 -20.95 13.56 44.43
N LEU B 756 -20.52 14.67 44.99
CA LEU B 756 -19.46 14.68 46.00
C LEU B 756 -20.04 15.03 47.37
N ASN B 757 -19.80 14.16 48.34
CA ASN B 757 -20.17 14.43 49.71
C ASN B 757 -19.12 15.33 50.36
N PRO B 758 -19.52 16.12 51.37
CA PRO B 758 -18.55 16.99 52.04
C PRO B 758 -17.39 16.25 52.66
N GLU B 759 -17.60 15.00 53.06
CA GLU B 759 -16.51 14.23 53.65
C GLU B 759 -15.38 14.02 52.66
N GLU B 760 -15.72 13.61 51.44
CA GLU B 760 -14.76 13.20 50.42
C GLU B 760 -14.18 14.37 49.66
N LEU B 761 -14.24 15.57 50.22
CA LEU B 761 -13.58 16.75 49.67
C LEU B 761 -12.34 17.14 50.47
N VAL B 762 -12.29 16.78 51.75
CA VAL B 762 -11.13 17.06 52.58
C VAL B 762 -9.87 16.36 52.07
N ARG B 763 -10.02 15.32 51.26
CA ARG B 763 -8.89 14.64 50.64
C ARG B 763 -8.51 15.25 49.31
N ILE B 764 -9.49 15.70 48.53
CA ILE B 764 -9.16 16.49 47.35
C ILE B 764 -8.37 17.72 47.74
N VAL B 765 -8.69 18.30 48.91
CA VAL B 765 -7.91 19.43 49.40
C VAL B 765 -6.45 19.04 49.57
N ASP B 766 -6.20 17.88 50.16
CA ASP B 766 -4.83 17.41 50.34
C ASP B 766 -4.14 17.22 49.01
N ILE B 767 -4.85 16.66 48.03
CA ILE B 767 -4.24 16.40 46.73
C ILE B 767 -3.90 17.71 46.03
N GLN B 768 -4.81 18.69 46.09
CA GLN B 768 -4.54 19.98 45.49
C GLN B 768 -3.33 20.64 46.14
N LEU B 769 -3.25 20.62 47.46
CA LEU B 769 -2.11 21.25 48.13
C LEU B 769 -0.82 20.51 47.82
N ALA B 770 -0.90 19.19 47.65
CA ALA B 770 0.28 18.42 47.27
C ALA B 770 0.76 18.84 45.89
N GLN B 771 -0.16 18.99 44.94
CA GLN B 771 0.23 19.43 43.59
C GLN B 771 0.82 20.84 43.64
N LEU B 772 0.24 21.72 44.45
CA LEU B 772 0.75 23.08 44.53
C LEU B 772 2.16 23.09 45.11
N GLY B 773 2.38 22.33 46.19
CA GLY B 773 3.72 22.24 46.74
C GLY B 773 4.72 21.64 45.78
N LYS B 774 4.29 20.63 45.01
CA LYS B 774 5.15 20.04 44.00
C LYS B 774 5.54 21.07 42.94
N ARG B 775 4.58 21.89 42.52
CA ARG B 775 4.89 22.93 41.54
C ARG B 775 5.79 24.01 42.14
N LEU B 776 5.71 24.20 43.45
CA LEU B 776 6.60 25.17 44.10
C LEU B 776 7.95 24.59 44.45
N ALA B 777 8.19 23.31 44.16
CA ALA B 777 9.48 22.70 44.43
C ALA B 777 10.51 23.16 43.40
N GLN B 778 10.03 23.79 42.32
CA GLN B 778 10.93 24.29 41.29
C GLN B 778 11.80 25.43 41.78
N ARG B 779 11.45 26.04 42.92
CA ARG B 779 12.23 27.10 43.52
C ARG B 779 12.86 26.69 44.85
N ARG B 780 12.85 25.39 45.16
CA ARG B 780 13.26 24.90 46.47
C ARG B 780 12.47 25.58 47.58
N LEU B 781 11.18 25.81 47.31
CA LEU B 781 10.31 26.59 48.19
C LEU B 781 9.17 25.72 48.66
N GLN B 782 9.16 25.40 49.94
CA GLN B 782 8.08 24.64 50.55
C GLN B 782 7.03 25.59 51.11
N LEU B 783 6.09 25.02 51.86
CA LEU B 783 5.14 25.81 52.65
C LEU B 783 4.42 24.86 53.61
N GLN B 784 4.24 25.31 54.85
CA GLN B 784 3.52 24.57 55.87
C GLN B 784 2.05 24.92 55.80
N VAL B 785 1.19 23.99 56.21
CA VAL B 785 -0.25 24.19 56.23
C VAL B 785 -0.78 23.70 57.57
N SER B 786 -1.75 24.42 58.13
CA SER B 786 -2.37 24.02 59.38
C SER B 786 -3.71 23.36 59.11
N LEU B 787 -4.01 22.32 59.89
CA LEU B 787 -5.28 21.62 59.76
C LEU B 787 -6.51 22.51 59.84
N PRO B 788 -6.54 23.57 60.67
CA PRO B 788 -7.71 24.47 60.61
C PRO B 788 -7.97 25.02 59.22
N ALA B 789 -6.95 25.57 58.55
CA ALA B 789 -7.17 26.09 57.20
C ALA B 789 -7.38 24.95 56.21
N LYS B 790 -6.68 23.84 56.40
CA LYS B 790 -6.82 22.71 55.48
C LYS B 790 -8.23 22.14 55.51
N ARG B 791 -8.97 22.35 56.59
CA ARG B 791 -10.38 21.97 56.63
C ARG B 791 -11.32 23.13 56.37
N TRP B 792 -10.86 24.37 56.58
CA TRP B 792 -11.67 25.53 56.22
C TRP B 792 -11.84 25.63 54.71
N LEU B 793 -10.78 25.29 53.96
CA LEU B 793 -10.89 25.21 52.52
C LEU B 793 -12.02 24.27 52.11
N ALA B 794 -12.07 23.09 52.73
CA ALA B 794 -13.15 22.16 52.44
C ALA B 794 -14.50 22.71 52.85
N GLN B 795 -14.58 23.35 54.03
CA GLN B 795 -15.83 23.94 54.46
C GLN B 795 -16.31 25.03 53.53
N ARG B 796 -15.42 25.66 52.79
CA ARG B 796 -15.83 26.55 51.70
C ARG B 796 -15.81 25.86 50.34
N GLY B 797 -15.60 24.54 50.32
CA GLY B 797 -15.90 23.76 49.14
C GLY B 797 -17.39 23.52 49.09
N PHE B 798 -18.06 24.23 48.20
CA PHE B 798 -19.50 24.45 48.33
C PHE B 798 -20.29 23.84 47.19
N ASP B 799 -21.57 24.20 47.11
CA ASP B 799 -22.47 24.09 45.97
C ASP B 799 -22.32 22.78 45.21
N PRO B 800 -22.87 21.68 45.72
CA PRO B 800 -22.75 20.41 44.99
C PRO B 800 -23.52 20.44 43.69
N VAL B 801 -23.22 21.46 42.89
CA VAL B 801 -23.72 21.57 41.52
C VAL B 801 -22.61 21.91 40.54
N TYR B 802 -21.44 22.35 41.00
CA TYR B 802 -20.29 22.57 40.15
C TYR B 802 -19.15 21.62 40.45
N GLY B 803 -19.39 20.60 41.27
CA GLY B 803 -18.35 19.61 41.51
C GLY B 803 -17.20 20.19 42.31
N ALA B 804 -16.00 19.64 42.10
CA ALA B 804 -14.82 20.03 42.84
C ALA B 804 -13.93 20.97 42.04
N ARG B 805 -14.49 21.71 41.10
CA ARG B 805 -13.75 22.72 40.36
C ARG B 805 -13.61 24.03 41.14
N PRO B 806 -14.68 24.58 41.73
CA PRO B 806 -14.53 25.88 42.41
C PRO B 806 -13.44 25.90 43.45
N LEU B 807 -13.13 24.75 44.05
CA LEU B 807 -12.03 24.68 45.00
C LEU B 807 -10.71 25.06 44.33
N ARG B 808 -10.54 24.70 43.07
CA ARG B 808 -9.31 25.04 42.37
C ARG B 808 -9.17 26.54 42.16
N ARG B 809 -10.29 27.26 42.03
CA ARG B 809 -10.22 28.70 41.93
C ARG B 809 -10.04 29.33 43.30
N LEU B 810 -10.68 28.78 44.33
CA LEU B 810 -10.55 29.31 45.67
C LEU B 810 -9.12 29.19 46.19
N VAL B 811 -8.46 28.08 45.89
CA VAL B 811 -7.08 27.90 46.35
C VAL B 811 -6.19 29.01 45.83
N GLN B 812 -6.29 29.32 44.54
CA GLN B 812 -5.39 30.33 44.00
C GLN B 812 -5.91 31.74 44.19
N GLN B 813 -7.16 31.89 44.61
CA GLN B 813 -7.63 33.19 45.06
C GLN B 813 -7.12 33.51 46.46
N ALA B 814 -7.01 32.49 47.31
CA ALA B 814 -6.66 32.72 48.70
C ALA B 814 -5.16 32.64 48.91
N ILE B 815 -4.55 31.49 48.62
CA ILE B 815 -3.14 31.28 48.93
C ILE B 815 -2.23 31.87 47.87
N GLY B 816 -2.35 31.36 46.64
CA GLY B 816 -1.40 31.71 45.60
C GLY B 816 -1.37 33.18 45.29
N ASP B 817 -2.51 33.86 45.43
CA ASP B 817 -2.58 35.29 45.13
C ASP B 817 -1.57 36.07 45.97
N GLN B 818 -1.75 36.05 47.30
CA GLN B 818 -0.84 36.79 48.15
C GLN B 818 0.55 36.18 48.17
N LEU B 819 0.65 34.87 47.91
CA LEU B 819 1.98 34.26 47.81
C LEU B 819 2.76 34.88 46.66
N ALA B 820 2.10 35.09 45.52
CA ALA B 820 2.78 35.69 44.38
C ALA B 820 2.99 37.19 44.57
N LYS B 821 2.06 37.85 45.25
CA LYS B 821 2.24 39.27 45.53
C LYS B 821 3.45 39.49 46.45
N MET B 822 3.71 38.52 47.32
CA MET B 822 4.88 38.60 48.19
C MET B 822 6.17 38.15 47.49
N LEU B 823 6.11 37.05 46.73
CA LEU B 823 7.32 36.44 46.19
C LEU B 823 8.10 37.40 45.29
N LEU B 824 7.42 38.35 44.65
CA LEU B 824 8.09 39.32 43.81
C LEU B 824 8.31 40.65 44.51
N ALA B 825 7.93 40.75 45.78
CA ALA B 825 8.16 41.95 46.58
C ALA B 825 9.19 41.70 47.68
N GLY B 826 10.23 40.94 47.38
CA GLY B 826 11.19 40.57 48.40
C GLY B 826 10.54 39.68 49.46
N GLN B 827 11.19 39.68 50.62
CA GLN B 827 10.69 39.10 51.87
C GLN B 827 10.34 37.62 51.76
N VAL B 828 10.53 37.03 50.59
CA VAL B 828 10.42 35.58 50.38
C VAL B 828 11.43 35.19 49.33
N HIS B 829 12.22 34.15 49.59
CA HIS B 829 13.23 33.69 48.65
C HIS B 829 13.23 32.16 48.61
N ASP B 830 14.23 31.63 47.90
CA ASP B 830 14.39 30.20 47.80
C ASP B 830 14.75 29.59 49.15
N GLY B 831 14.46 28.31 49.31
CA GLY B 831 14.74 27.61 50.54
C GLY B 831 13.85 27.99 51.71
N ASP B 832 13.00 29.01 51.54
CA ASP B 832 12.17 29.46 52.64
C ASP B 832 10.96 28.55 52.81
N THR B 833 10.06 28.96 53.70
CA THR B 833 8.83 28.23 53.96
C THR B 833 7.91 29.15 54.76
N VAL B 834 6.67 29.28 54.32
CA VAL B 834 5.68 30.14 54.97
C VAL B 834 4.49 29.29 55.38
N PRO B 835 4.06 29.35 56.64
CA PRO B 835 2.89 28.57 57.04
C PRO B 835 1.61 29.37 56.90
N VAL B 836 0.57 28.73 56.43
CA VAL B 836 -0.74 29.36 56.37
C VAL B 836 -1.47 29.10 57.68
N ASN B 837 -2.24 30.10 58.11
CA ASN B 837 -3.00 29.97 59.35
C ASN B 837 -4.27 30.80 59.22
N VAL B 838 -5.37 30.26 59.73
CA VAL B 838 -6.70 30.80 59.48
C VAL B 838 -6.87 32.06 60.34
N SER B 839 -6.78 33.22 59.71
CA SER B 839 -7.28 34.45 60.33
C SER B 839 -8.79 34.30 60.53
N PRO B 840 -9.39 35.05 61.48
CA PRO B 840 -10.83 34.91 61.77
C PRO B 840 -11.76 34.64 60.59
N ASP B 841 -11.50 35.24 59.44
CA ASP B 841 -12.31 34.96 58.25
C ASP B 841 -11.50 34.41 57.08
N ALA B 842 -10.38 35.06 56.73
CA ALA B 842 -9.61 34.67 55.57
C ALA B 842 -8.27 34.07 55.99
N ASP B 843 -7.42 33.77 55.02
CA ASP B 843 -6.11 33.20 55.27
C ASP B 843 -5.06 34.29 55.27
N SER B 844 -4.22 34.27 56.30
CA SER B 844 -3.12 35.22 56.45
C SER B 844 -1.82 34.47 56.63
N LEU B 845 -0.82 34.82 55.83
CA LEU B 845 0.48 34.15 55.90
C LEU B 845 1.27 34.61 57.11
N GLN C 159 36.52 -2.90 -4.68
CA GLN C 159 36.99 -1.54 -4.49
C GLN C 159 35.92 -0.52 -4.86
N ALA C 160 34.93 -0.95 -5.63
CA ALA C 160 33.84 -0.06 -6.01
C ALA C 160 33.15 0.53 -4.78
N LEU C 161 33.10 -0.23 -3.69
CA LEU C 161 32.61 0.30 -2.43
C LEU C 161 33.36 1.56 -2.04
N GLN C 162 34.69 1.51 -2.07
CA GLN C 162 35.48 2.65 -1.65
C GLN C 162 35.30 3.85 -2.57
N LYS C 163 34.60 3.66 -3.69
CA LYS C 163 34.34 4.76 -4.62
C LYS C 163 32.92 5.28 -4.54
N TYR C 164 31.96 4.43 -4.18
CA TYR C 164 30.56 4.84 -4.11
C TYR C 164 30.02 4.89 -2.69
N SER C 165 30.88 4.81 -1.68
CA SER C 165 30.39 4.84 -0.30
C SER C 165 31.50 5.32 0.61
N THR C 166 31.09 5.81 1.77
CA THR C 166 32.00 6.19 2.84
C THR C 166 32.25 4.98 3.74
N ASP C 167 32.85 5.24 4.89
CA ASP C 167 33.05 4.22 5.91
C ASP C 167 32.55 4.77 7.24
N LEU C 168 32.14 3.87 8.13
CA LEU C 168 31.60 4.31 9.42
C LEU C 168 32.44 3.77 10.58
N THR C 169 32.77 2.48 10.54
CA THR C 169 33.57 1.90 11.61
C THR C 169 34.91 2.61 11.74
N ALA C 170 35.49 3.05 10.62
CA ALA C 170 36.72 3.83 10.70
C ALA C 170 36.51 5.12 11.47
N ARG C 171 35.51 5.90 11.08
CA ARG C 171 35.19 7.13 11.80
C ARG C 171 34.99 6.86 13.28
N ALA C 172 34.37 5.73 13.62
CA ALA C 172 34.19 5.39 15.01
C ALA C 172 35.52 5.13 15.70
N ARG C 173 36.41 4.40 15.03
CA ARG C 173 37.71 4.08 15.62
C ARG C 173 38.53 5.35 15.87
N GLU C 174 38.48 6.29 14.93
CA GLU C 174 39.14 7.56 15.18
C GLU C 174 38.30 8.51 16.03
N GLY C 175 37.11 8.08 16.46
CA GLY C 175 36.30 8.82 17.40
C GLY C 175 35.85 10.20 16.97
N LYS C 176 35.11 10.27 15.86
CA LYS C 176 34.49 11.51 15.45
C LYS C 176 32.99 11.53 15.67
N LEU C 177 32.43 10.46 16.21
CA LEU C 177 30.99 10.35 16.41
C LEU C 177 30.63 10.77 17.83
N ASP C 178 29.58 11.58 17.95
CA ASP C 178 29.13 11.98 19.27
C ASP C 178 28.71 10.75 20.07
N PRO C 179 29.09 10.67 21.34
CA PRO C 179 28.75 9.51 22.15
C PRO C 179 27.25 9.27 22.18
N VAL C 180 26.88 8.04 22.50
CA VAL C 180 25.48 7.61 22.52
C VAL C 180 25.20 7.07 23.91
N ILE C 181 24.03 7.41 24.45
CA ILE C 181 23.68 7.12 25.83
C ILE C 181 22.27 6.59 25.89
N GLY C 182 22.05 5.59 26.74
CA GLY C 182 20.74 5.01 26.85
C GLY C 182 20.39 4.22 25.60
N ARG C 183 19.09 3.99 25.44
CA ARG C 183 18.55 3.24 24.31
C ARG C 183 19.20 1.86 24.23
N ASP C 184 18.95 1.07 25.27
CA ASP C 184 19.54 -0.26 25.35
C ASP C 184 18.66 -1.30 24.67
N ASN C 185 17.35 -1.25 24.93
CA ASN C 185 16.44 -2.23 24.34
C ASN C 185 16.43 -2.09 22.83
N GLU C 186 16.46 -0.86 22.31
CA GLU C 186 16.45 -0.67 20.87
C GLU C 186 17.69 -1.26 20.23
N ILE C 187 18.86 -1.04 20.81
CA ILE C 187 20.08 -1.57 20.21
C ILE C 187 20.11 -3.08 20.34
N ARG C 188 19.62 -3.64 21.46
CA ARG C 188 19.58 -5.09 21.59
C ARG C 188 18.68 -5.71 20.54
N ARG C 189 17.50 -5.10 20.31
CA ARG C 189 16.60 -5.61 19.30
C ARG C 189 17.21 -5.48 17.91
N VAL C 190 17.86 -4.35 17.62
CA VAL C 190 18.54 -4.18 16.34
C VAL C 190 19.57 -5.27 16.14
N VAL C 191 20.34 -5.59 17.19
CA VAL C 191 21.39 -6.60 17.04
C VAL C 191 20.78 -7.97 16.78
N GLN C 192 19.80 -8.36 17.61
CA GLN C 192 19.26 -9.70 17.45
C GLN C 192 18.53 -9.85 16.12
N VAL C 193 18.05 -8.75 15.54
CA VAL C 193 17.53 -8.83 14.18
C VAL C 193 18.65 -8.93 13.17
N LEU C 194 19.69 -8.12 13.34
CA LEU C 194 20.82 -8.10 12.43
C LEU C 194 21.62 -9.39 12.43
N SER C 195 21.32 -10.32 13.34
CA SER C 195 22.04 -11.58 13.41
C SER C 195 21.09 -12.77 13.34
N ARG C 196 20.19 -12.77 12.35
CA ARG C 196 19.31 -13.91 12.12
C ARG C 196 19.62 -14.53 10.76
N ARG C 197 18.88 -15.59 10.42
CA ARG C 197 19.25 -16.41 9.27
C ARG C 197 18.79 -15.78 7.96
N THR C 198 17.49 -15.62 7.78
CA THR C 198 16.94 -15.08 6.55
C THR C 198 16.16 -13.80 6.84
N LYS C 199 16.25 -12.86 5.91
CA LYS C 199 15.57 -11.58 6.02
C LYS C 199 16.00 -10.84 7.29
N ASN C 200 17.30 -10.55 7.35
CA ASN C 200 17.90 -9.84 8.48
C ASN C 200 18.09 -8.39 8.07
N ASN C 201 17.03 -7.59 8.24
CA ASN C 201 17.06 -6.18 7.85
C ASN C 201 16.22 -5.39 8.84
N PRO C 202 16.86 -4.69 9.77
CA PRO C 202 16.12 -3.79 10.65
C PRO C 202 16.00 -2.42 10.02
N VAL C 203 14.82 -1.82 10.17
CA VAL C 203 14.54 -0.49 9.66
C VAL C 203 14.02 0.33 10.82
N LEU C 204 14.83 1.27 11.28
CA LEU C 204 14.45 2.11 12.41
C LEU C 204 13.39 3.10 11.97
N ILE C 205 12.32 3.19 12.74
CA ILE C 205 11.17 4.00 12.40
C ILE C 205 10.83 4.84 13.62
N GLY C 206 10.12 5.94 13.39
CA GLY C 206 9.74 6.80 14.49
C GLY C 206 9.79 8.26 14.08
N GLU C 207 9.20 9.11 14.92
CA GLU C 207 9.07 10.52 14.63
C GLU C 207 10.44 11.17 14.44
N PRO C 208 10.51 12.29 13.72
CA PRO C 208 11.80 12.88 13.37
C PRO C 208 12.42 13.61 14.55
N GLY C 209 13.66 13.26 14.87
CA GLY C 209 14.43 13.93 15.90
C GLY C 209 14.71 13.08 17.11
N VAL C 210 13.91 12.04 17.38
CA VAL C 210 14.04 11.28 18.62
C VAL C 210 15.28 10.40 18.64
N GLY C 211 16.07 10.39 17.58
CA GLY C 211 17.27 9.58 17.55
C GLY C 211 17.07 8.30 16.76
N LYS C 212 17.51 8.30 15.50
CA LYS C 212 17.36 7.14 14.66
C LYS C 212 18.68 6.86 13.95
N THR C 213 19.56 7.86 13.94
CA THR C 213 20.93 7.64 13.50
C THR C 213 21.87 7.49 14.68
N ALA C 214 21.56 8.14 15.80
CA ALA C 214 22.36 7.97 17.00
C ALA C 214 22.41 6.51 17.43
N ILE C 215 21.33 5.76 17.20
CA ILE C 215 21.34 4.33 17.52
C ILE C 215 22.38 3.61 16.66
N VAL C 216 22.45 3.93 15.37
CA VAL C 216 23.40 3.25 14.51
C VAL C 216 24.82 3.62 14.90
N GLU C 217 25.06 4.88 15.23
CA GLU C 217 26.42 5.26 15.62
C GLU C 217 26.79 4.65 16.98
N GLY C 218 25.80 4.47 17.86
CA GLY C 218 26.06 3.71 19.07
C GLY C 218 26.43 2.27 18.78
N LEU C 219 25.76 1.67 17.80
CA LEU C 219 26.11 0.32 17.40
C LEU C 219 27.52 0.25 16.84
N ALA C 220 27.92 1.27 16.09
CA ALA C 220 29.28 1.30 15.56
C ALA C 220 30.30 1.41 16.70
N GLN C 221 30.04 2.28 17.67
CA GLN C 221 30.91 2.35 18.84
C GLN C 221 30.98 1.03 19.58
N ARG C 222 29.83 0.35 19.70
CA ARG C 222 29.80 -0.91 20.43
C ARG C 222 30.57 -1.99 19.69
N ILE C 223 30.54 -1.96 18.35
CA ILE C 223 31.35 -2.90 17.57
C ILE C 223 32.84 -2.61 17.76
N VAL C 224 33.21 -1.33 17.72
CA VAL C 224 34.62 -0.99 17.91
C VAL C 224 35.10 -1.43 19.29
N ALA C 225 34.25 -1.25 20.31
CA ALA C 225 34.64 -1.65 21.66
C ALA C 225 34.73 -3.17 21.77
N GLY C 226 33.62 -3.86 21.52
CA GLY C 226 33.62 -5.31 21.59
C GLY C 226 32.55 -5.90 22.49
N ASP C 227 31.51 -5.12 22.79
CA ASP C 227 30.44 -5.60 23.65
C ASP C 227 29.29 -6.24 22.89
N VAL C 228 29.50 -6.63 21.64
CA VAL C 228 28.46 -7.24 20.83
C VAL C 228 28.55 -8.75 20.97
N PRO C 229 27.56 -9.52 20.51
CA PRO C 229 27.69 -10.98 20.56
C PRO C 229 28.77 -11.50 19.63
N GLU C 230 28.94 -12.83 19.60
CA GLU C 230 30.04 -13.42 18.86
C GLU C 230 29.92 -13.18 17.36
N SER C 231 28.73 -13.39 16.80
CA SER C 231 28.60 -13.39 15.35
C SER C 231 28.63 -11.99 14.74
N LEU C 232 28.99 -10.97 15.50
CA LEU C 232 29.09 -9.60 15.00
C LEU C 232 30.47 -9.01 15.27
N ARG C 233 31.51 -9.79 15.07
CA ARG C 233 32.87 -9.37 15.37
C ARG C 233 33.53 -8.81 14.11
N ASP C 234 33.98 -7.56 14.19
CA ASP C 234 34.86 -6.96 13.17
C ASP C 234 34.20 -6.94 11.79
N LYS C 235 33.09 -6.20 11.71
CA LYS C 235 32.24 -6.26 10.54
C LYS C 235 32.36 -5.06 9.60
N THR C 236 32.89 -3.93 10.07
CA THR C 236 33.18 -2.77 9.21
C THR C 236 31.91 -2.27 8.50
N ILE C 237 31.00 -1.74 9.32
CA ILE C 237 29.78 -1.12 8.79
C ILE C 237 30.13 -0.09 7.72
N VAL C 238 29.31 -0.04 6.68
CA VAL C 238 29.51 0.87 5.55
C VAL C 238 28.22 1.63 5.28
N ALA C 239 28.35 2.89 4.88
CA ALA C 239 27.19 3.74 4.60
C ALA C 239 27.15 4.00 3.09
N LEU C 240 26.07 3.57 2.45
CA LEU C 240 25.92 3.76 1.01
C LEU C 240 25.60 5.20 0.67
N ASP C 241 25.49 5.47 -0.62
CA ASP C 241 25.17 6.81 -1.10
C ASP C 241 24.45 6.66 -2.44
N LEU C 242 23.13 6.70 -2.41
CA LEU C 242 22.35 6.60 -3.64
C LEU C 242 22.37 7.88 -4.46
N GLY C 243 23.02 8.93 -3.96
CA GLY C 243 23.15 10.15 -4.73
C GLY C 243 24.26 10.04 -5.74
N SER C 244 25.47 9.76 -5.27
CA SER C 244 26.63 9.64 -6.16
C SER C 244 26.63 8.34 -6.95
N MET C 245 25.55 7.57 -6.90
CA MET C 245 25.42 6.40 -7.75
C MET C 245 24.71 6.72 -9.05
N VAL C 246 24.06 7.86 -9.13
CA VAL C 246 23.38 8.31 -10.35
C VAL C 246 24.00 9.60 -10.88
N ALA C 247 25.29 9.81 -10.66
CA ALA C 247 25.95 11.05 -11.04
C ALA C 247 25.88 11.27 -12.54
N GLY C 248 26.53 10.41 -13.32
CA GLY C 248 26.33 10.43 -14.74
C GLY C 248 25.87 9.09 -15.27
N SER C 249 24.59 9.00 -15.62
CA SER C 249 24.04 7.79 -16.20
C SER C 249 23.08 8.14 -17.32
N LYS C 250 23.41 9.16 -18.10
CA LYS C 250 22.55 9.54 -19.21
C LYS C 250 22.42 8.45 -20.25
N TYR C 251 23.32 7.48 -20.26
CA TYR C 251 23.24 6.35 -21.17
C TYR C 251 22.31 5.30 -20.56
N ARG C 252 22.30 4.09 -21.12
CA ARG C 252 21.23 3.16 -20.79
C ARG C 252 21.50 2.32 -19.55
N GLY C 253 22.73 1.86 -19.34
CA GLY C 253 22.96 0.93 -18.26
C GLY C 253 23.99 1.38 -17.25
N GLU C 254 24.42 2.63 -17.36
CA GLU C 254 25.50 3.13 -16.51
C GLU C 254 25.12 3.20 -15.05
N PHE C 255 23.87 2.90 -14.70
CA PHE C 255 23.50 2.84 -13.28
C PHE C 255 23.35 1.40 -12.80
N GLU C 256 22.68 0.55 -13.59
CA GLU C 256 22.59 -0.85 -13.23
C GLU C 256 23.96 -1.48 -13.12
N GLU C 257 24.92 -1.02 -13.93
CA GLU C 257 26.27 -1.57 -13.84
C GLU C 257 26.89 -1.25 -12.48
N ARG C 258 26.79 -0.01 -12.03
CA ARG C 258 27.34 0.35 -10.72
C ARG C 258 26.64 -0.40 -9.61
N LEU C 259 25.31 -0.52 -9.69
CA LEU C 259 24.59 -1.22 -8.63
C LEU C 259 24.99 -2.68 -8.56
N LYS C 260 25.13 -3.33 -9.73
CA LYS C 260 25.57 -4.72 -9.74
C LYS C 260 26.99 -4.86 -9.21
N ALA C 261 27.85 -3.89 -9.53
CA ALA C 261 29.21 -3.91 -8.99
C ALA C 261 29.19 -3.88 -7.47
N VAL C 262 28.44 -2.93 -6.90
CA VAL C 262 28.38 -2.82 -5.44
C VAL C 262 27.79 -4.08 -4.83
N LEU C 263 26.75 -4.62 -5.47
CA LEU C 263 26.09 -5.80 -4.90
C LEU C 263 27.02 -7.00 -4.90
N ASP C 264 27.68 -7.29 -6.03
CA ASP C 264 28.54 -8.46 -6.06
C ASP C 264 29.76 -8.26 -5.17
N ASP C 265 30.19 -7.00 -5.00
CA ASP C 265 31.29 -6.77 -4.07
C ASP C 265 30.87 -7.01 -2.63
N ILE C 266 29.63 -6.66 -2.26
CA ILE C 266 29.13 -7.01 -0.94
C ILE C 266 29.06 -8.52 -0.79
N LYS C 267 28.60 -9.21 -1.84
CA LYS C 267 28.41 -10.65 -1.75
C LYS C 267 29.73 -11.41 -1.67
N ASN C 268 30.76 -10.93 -2.36
CA ASN C 268 32.05 -11.62 -2.32
C ASN C 268 32.70 -11.50 -0.95
N SER C 269 32.29 -10.52 -0.17
CA SER C 269 32.67 -10.48 1.24
C SER C 269 31.80 -11.44 2.03
N ALA C 270 32.44 -12.38 2.73
CA ALA C 270 31.74 -13.47 3.38
C ALA C 270 31.00 -12.95 4.61
N GLY C 271 29.89 -12.27 4.35
CA GLY C 271 29.04 -11.79 5.43
C GLY C 271 29.69 -10.81 6.37
N GLN C 272 30.77 -10.15 5.95
CA GLN C 272 31.41 -9.17 6.81
C GLN C 272 30.64 -7.86 6.81
N ILE C 273 30.25 -7.38 5.63
CA ILE C 273 29.75 -6.02 5.52
C ILE C 273 28.31 -5.93 6.02
N ILE C 274 28.00 -4.82 6.67
CA ILE C 274 26.65 -4.53 7.15
C ILE C 274 26.30 -3.14 6.62
N THR C 275 25.67 -3.10 5.44
CA THR C 275 25.39 -1.83 4.80
C THR C 275 24.41 -1.00 5.63
N PHE C 276 24.52 0.32 5.50
CA PHE C 276 23.67 1.23 6.26
C PHE C 276 23.23 2.35 5.33
N ILE C 277 22.02 2.25 4.81
CA ILE C 277 21.44 3.28 3.97
C ILE C 277 20.64 4.21 4.86
N ASP C 278 21.08 5.46 4.95
CA ASP C 278 20.33 6.46 5.70
C ASP C 278 19.21 7.02 4.83
N GLU C 279 18.04 7.18 5.42
CA GLU C 279 16.85 7.64 4.70
C GLU C 279 16.56 6.71 3.52
N LEU C 280 16.29 5.45 3.83
CA LEU C 280 16.15 4.47 2.77
C LEU C 280 14.84 4.60 2.00
N HIS C 281 13.99 5.56 2.33
CA HIS C 281 12.80 5.73 1.51
C HIS C 281 13.10 6.41 0.18
N THR C 282 14.35 6.77 -0.06
CA THR C 282 14.78 7.27 -1.38
C THR C 282 15.29 6.15 -2.28
N ILE C 283 15.17 4.89 -1.85
CA ILE C 283 15.65 3.76 -2.64
C ILE C 283 14.63 3.30 -3.66
N VAL C 284 13.39 3.80 -3.60
CA VAL C 284 12.33 3.30 -4.46
C VAL C 284 12.60 3.67 -5.91
N GLY C 285 12.68 4.97 -6.20
CA GLY C 285 12.92 5.41 -7.56
C GLY C 285 14.37 5.69 -7.86
N ALA C 286 15.21 4.67 -7.82
CA ALA C 286 16.63 4.88 -8.11
C ALA C 286 16.83 5.38 -9.53
N GLY C 287 16.55 4.54 -10.52
CA GLY C 287 16.58 4.97 -11.90
C GLY C 287 15.39 4.44 -12.67
N ALA C 288 14.56 5.33 -13.20
CA ALA C 288 13.38 4.91 -13.94
C ALA C 288 13.42 5.48 -15.35
N THR C 289 12.31 5.26 -16.07
CA THR C 289 12.17 5.78 -17.42
C THR C 289 10.74 6.23 -17.68
N ALA C 293 6.55 1.05 -15.77
CA ALA C 293 7.90 1.11 -16.29
C ALA C 293 8.93 1.03 -15.17
N MET C 294 8.71 0.12 -14.22
CA MET C 294 9.62 -0.04 -13.09
C MET C 294 10.71 -1.03 -13.46
N ASP C 295 11.96 -0.59 -13.35
CA ASP C 295 13.08 -1.48 -13.63
C ASP C 295 14.12 -1.50 -12.51
N ALA C 296 14.37 -0.38 -11.85
CA ALA C 296 15.43 -0.29 -10.86
C ALA C 296 14.87 -0.02 -9.47
N GLY C 297 15.75 -0.16 -8.47
CA GLY C 297 15.35 -0.07 -7.09
C GLY C 297 14.83 -1.36 -6.48
N ASN C 298 14.50 -2.35 -7.30
CA ASN C 298 14.13 -3.67 -6.81
C ASN C 298 15.09 -4.75 -7.28
N MET C 299 16.28 -4.37 -7.74
CA MET C 299 17.30 -5.36 -8.04
C MET C 299 17.86 -6.00 -6.77
N ILE C 300 17.71 -5.33 -5.62
CA ILE C 300 18.11 -5.93 -4.35
C ILE C 300 16.97 -6.69 -3.69
N LYS C 301 15.78 -6.64 -4.27
CA LYS C 301 14.67 -7.43 -3.75
C LYS C 301 14.96 -8.94 -3.72
N PRO C 302 15.67 -9.54 -4.68
CA PRO C 302 16.01 -10.96 -4.53
C PRO C 302 17.04 -11.21 -3.46
N MET C 303 18.10 -10.40 -3.39
CA MET C 303 19.16 -10.61 -2.41
C MET C 303 18.70 -10.37 -0.98
N LEU C 304 17.69 -9.52 -0.78
CA LEU C 304 17.22 -9.28 0.57
C LEU C 304 16.70 -10.56 1.23
N ALA C 305 15.90 -11.33 0.50
CA ALA C 305 15.23 -12.47 1.10
C ALA C 305 16.23 -13.49 1.66
N ARG C 306 17.24 -13.84 0.86
CA ARG C 306 18.23 -14.81 1.34
C ARG C 306 19.18 -14.22 2.37
N GLY C 307 19.01 -12.96 2.76
CA GLY C 307 19.88 -12.38 3.77
C GLY C 307 21.31 -12.26 3.34
N GLU C 308 21.56 -11.95 2.06
CA GLU C 308 22.92 -11.73 1.61
C GLU C 308 23.50 -10.48 2.23
N LEU C 309 22.82 -9.35 2.06
CA LEU C 309 23.19 -8.09 2.68
C LEU C 309 22.23 -7.78 3.83
N ARG C 310 22.69 -6.94 4.76
CA ARG C 310 21.99 -6.75 6.02
C ARG C 310 21.17 -5.46 6.06
N LEU C 311 21.73 -4.35 5.58
CA LEU C 311 20.96 -3.16 5.20
C LEU C 311 20.13 -2.61 6.37
N VAL C 312 20.86 -2.13 7.38
CA VAL C 312 20.22 -1.36 8.43
C VAL C 312 19.95 0.05 7.90
N GLY C 313 18.74 0.55 8.14
CA GLY C 313 18.37 1.86 7.65
C GLY C 313 17.40 2.56 8.61
N ALA C 314 17.34 3.88 8.48
CA ALA C 314 16.51 4.68 9.36
C ALA C 314 15.78 5.73 8.53
N THR C 315 14.46 5.72 8.59
CA THR C 315 13.64 6.69 7.87
C THR C 315 12.55 7.21 8.79
N THR C 316 12.04 8.39 8.46
CA THR C 316 11.01 9.00 9.29
C THR C 316 9.73 8.17 9.26
N LEU C 317 8.75 8.60 10.03
CA LEU C 317 7.58 7.77 10.25
C LEU C 317 6.43 8.12 9.31
N ASP C 318 6.28 9.39 8.95
CA ASP C 318 5.22 9.80 8.04
C ASP C 318 5.66 9.77 6.58
N GLU C 319 6.64 8.95 6.24
CA GLU C 319 7.01 8.67 4.87
C GLU C 319 7.12 7.18 4.60
N TYR C 320 7.33 6.38 5.64
CA TYR C 320 7.30 4.94 5.51
C TYR C 320 5.95 4.43 5.05
N ARG C 321 4.89 5.22 5.22
CA ARG C 321 3.58 4.88 4.70
C ARG C 321 3.19 5.77 3.53
N LYS C 322 4.11 6.60 3.05
CA LYS C 322 3.87 7.40 1.87
C LYS C 322 4.62 6.88 0.65
N HIS C 323 5.77 6.25 0.84
CA HIS C 323 6.54 5.72 -0.27
C HIS C 323 6.67 4.21 -0.26
N ILE C 324 7.11 3.62 0.85
CA ILE C 324 7.37 2.20 0.92
C ILE C 324 6.09 1.39 1.05
N GLU C 325 5.26 1.71 2.05
CA GLU C 325 4.06 0.94 2.31
C GLU C 325 3.19 0.76 1.07
N LYS C 326 3.30 1.67 0.12
CA LYS C 326 2.61 1.58 -1.16
C LYS C 326 3.09 0.39 -2.00
N ASP C 327 4.24 -0.18 -1.67
CA ASP C 327 4.92 -1.21 -2.46
C ASP C 327 5.12 -2.47 -1.64
N ALA C 328 4.03 -2.96 -1.04
CA ALA C 328 4.11 -3.98 -0.01
C ALA C 328 4.86 -5.24 -0.43
N ALA C 329 5.20 -5.37 -1.72
CA ALA C 329 6.06 -6.48 -2.12
C ALA C 329 7.46 -6.33 -1.55
N LEU C 330 7.95 -5.10 -1.44
CA LEU C 330 9.28 -4.82 -0.91
C LEU C 330 9.29 -4.60 0.59
N GLU C 331 8.27 -3.91 1.12
CA GLU C 331 8.19 -3.66 2.55
C GLU C 331 8.24 -4.95 3.35
N ARG C 332 7.78 -6.07 2.77
CA ARG C 332 7.74 -7.32 3.51
C ARG C 332 9.11 -7.75 4.00
N ARG C 333 10.16 -7.34 3.31
CA ARG C 333 11.51 -7.76 3.67
C ARG C 333 12.13 -6.89 4.77
N PHE C 334 11.35 -6.06 5.43
CA PHE C 334 11.86 -5.13 6.43
C PHE C 334 11.18 -5.36 7.76
N GLN C 335 11.96 -5.36 8.83
CA GLN C 335 11.45 -5.42 10.20
C GLN C 335 11.51 -4.02 10.81
N GLN C 336 10.44 -3.63 11.49
CA GLN C 336 10.33 -2.29 12.04
C GLN C 336 10.70 -2.28 13.51
N VAL C 337 11.43 -1.25 13.92
CA VAL C 337 11.84 -1.08 15.30
C VAL C 337 11.37 0.31 15.73
N TYR C 338 10.18 0.37 16.31
CA TYR C 338 9.60 1.66 16.67
C TYR C 338 10.45 2.31 17.75
N VAL C 339 10.69 3.62 17.60
CA VAL C 339 11.53 4.36 18.51
C VAL C 339 10.69 5.50 19.09
N GLY C 340 10.27 5.35 20.34
CA GLY C 340 9.49 6.39 20.98
C GLY C 340 10.36 7.50 21.54
N GLU C 341 9.75 8.66 21.77
CA GLU C 341 10.49 9.79 22.29
C GLU C 341 10.76 9.61 23.78
N PRO C 342 11.93 10.01 24.25
CA PRO C 342 12.26 9.87 25.66
C PRO C 342 11.61 10.96 26.50
N SER C 343 11.64 10.76 27.80
CA SER C 343 11.07 11.71 28.73
C SER C 343 12.15 12.66 29.23
N VAL C 344 11.75 13.56 30.13
CA VAL C 344 12.69 14.57 30.64
C VAL C 344 13.78 13.90 31.46
N GLU C 345 13.44 12.85 32.21
CA GLU C 345 14.41 12.20 33.08
C GLU C 345 15.54 11.58 32.27
N ASP C 346 15.24 11.11 31.07
CA ASP C 346 16.28 10.52 30.22
C ASP C 346 16.99 11.57 29.39
N THR C 347 16.26 12.62 28.98
CA THR C 347 16.91 13.72 28.28
C THR C 347 17.95 14.39 29.15
N ILE C 348 17.68 14.49 30.46
CA ILE C 348 18.66 15.05 31.38
C ILE C 348 19.94 14.23 31.35
N GLY C 349 19.82 12.91 31.32
CA GLY C 349 21.01 12.07 31.25
C GLY C 349 21.74 12.22 29.93
N ILE C 350 21.00 12.24 28.83
CA ILE C 350 21.61 12.44 27.52
C ILE C 350 22.41 13.73 27.51
N LEU C 351 21.85 14.78 28.09
CA LEU C 351 22.56 16.06 28.15
C LEU C 351 23.80 15.96 29.05
N ARG C 352 23.63 15.38 30.24
CA ARG C 352 24.76 15.26 31.17
C ARG C 352 25.92 14.50 30.54
N GLY C 353 25.62 13.60 29.62
CA GLY C 353 26.69 12.90 28.93
C GLY C 353 27.25 13.70 27.78
N LEU C 354 26.39 14.41 27.07
CA LEU C 354 26.83 15.25 25.96
C LEU C 354 27.39 16.59 26.39
N LYS C 355 27.40 16.88 27.69
CA LYS C 355 27.81 18.22 28.13
C LYS C 355 29.34 18.30 28.21
N ASP C 356 30.01 17.85 27.18
CA ASP C 356 31.44 18.07 27.05
C ASP C 356 31.84 18.59 25.68
N ARG C 357 31.18 18.10 24.62
CA ARG C 357 31.57 18.50 23.28
C ARG C 357 31.32 19.98 23.05
N TYR C 358 30.17 20.48 23.51
CA TYR C 358 29.89 21.90 23.39
C TYR C 358 30.77 22.72 24.30
N GLU C 359 30.89 22.29 25.57
CA GLU C 359 31.78 22.92 26.53
C GLU C 359 33.21 23.02 26.02
N VAL C 360 33.60 22.17 25.08
CA VAL C 360 34.94 22.27 24.50
C VAL C 360 34.95 23.11 23.24
N HIS C 361 34.04 22.85 22.31
CA HIS C 361 34.01 23.59 21.05
C HIS C 361 33.91 25.09 21.31
N HIS C 362 33.04 25.49 22.23
CA HIS C 362 33.07 26.87 22.74
C HIS C 362 33.91 26.89 23.99
N GLY C 363 34.79 27.88 24.10
CA GLY C 363 35.65 27.95 25.26
C GLY C 363 34.94 28.44 26.49
N VAL C 364 33.95 27.67 26.96
CA VAL C 364 33.16 28.05 28.11
C VAL C 364 32.91 26.84 28.99
N ARG C 365 32.17 27.04 30.09
CA ARG C 365 31.76 25.97 30.98
C ARG C 365 30.25 26.02 31.11
N ILE C 366 29.66 24.91 31.54
CA ILE C 366 28.21 24.77 31.61
C ILE C 366 27.83 24.16 32.95
N THR C 367 26.81 24.73 33.58
CA THR C 367 26.36 24.25 34.89
C THR C 367 25.19 23.30 34.72
N ASP C 368 25.09 22.34 35.64
CA ASP C 368 24.04 21.32 35.55
C ASP C 368 22.65 21.91 35.72
N SER C 369 22.54 23.02 36.46
CA SER C 369 21.27 23.72 36.53
C SER C 369 20.78 24.12 35.16
N ALA C 370 21.70 24.52 34.28
CA ALA C 370 21.32 24.86 32.91
C ALA C 370 20.74 23.65 32.19
N LEU C 371 21.37 22.49 32.36
CA LEU C 371 20.86 21.27 31.73
C LEU C 371 19.44 20.99 32.19
N VAL C 372 19.22 21.01 33.50
CA VAL C 372 17.88 20.67 34.01
C VAL C 372 16.85 21.69 33.52
N ALA C 373 17.17 22.98 33.63
CA ALA C 373 16.22 24.00 33.22
C ALA C 373 15.92 23.91 31.73
N ALA C 374 16.91 23.60 30.90
CA ALA C 374 16.66 23.44 29.48
C ALA C 374 15.78 22.24 29.21
N ALA C 375 16.10 21.10 29.83
CA ALA C 375 15.29 19.91 29.61
C ALA C 375 13.87 20.08 30.12
N THR C 376 13.62 21.04 31.00
CA THR C 376 12.25 21.28 31.43
C THR C 376 11.52 22.29 30.53
N LEU C 377 12.16 23.42 30.24
CA LEU C 377 11.49 24.45 29.45
C LEU C 377 11.29 24.00 28.00
N SER C 378 12.24 23.27 27.44
CA SER C 378 12.10 22.78 26.08
C SER C 378 10.92 21.84 25.92
N ASP C 379 10.48 21.20 26.99
CA ASP C 379 9.27 20.39 26.95
C ASP C 379 8.02 21.18 27.29
N ARG C 380 8.16 22.20 28.12
CA ARG C 380 6.98 22.97 28.50
C ARG C 380 6.53 23.93 27.41
N TYR C 381 7.45 24.57 26.70
CA TYR C 381 7.11 25.71 25.86
C TYR C 381 7.17 25.43 24.36
N ILE C 382 8.27 24.87 23.86
CA ILE C 382 8.43 24.66 22.43
C ILE C 382 7.65 23.38 22.10
N THR C 383 6.36 23.53 21.84
CA THR C 383 5.49 22.39 21.57
C THR C 383 5.35 22.12 20.07
N ALA C 384 6.48 22.02 19.39
CA ALA C 384 6.46 21.72 17.96
C ALA C 384 7.46 20.66 17.56
N ARG C 385 8.50 20.40 18.34
CA ARG C 385 9.53 19.43 17.99
C ARG C 385 9.63 18.41 19.12
N PHE C 386 10.53 17.45 18.96
CA PHE C 386 10.60 16.33 19.88
C PHE C 386 11.82 16.43 20.77
N LEU C 387 11.80 15.69 21.86
CA LEU C 387 12.52 16.06 23.06
C LEU C 387 14.04 15.99 23.01
N PRO C 388 14.67 14.96 22.44
CA PRO C 388 16.14 14.88 22.51
C PRO C 388 16.87 15.97 21.77
N ASP C 389 16.17 16.77 20.97
CA ASP C 389 16.82 17.75 20.10
C ASP C 389 16.49 19.19 20.46
N LYS C 390 15.21 19.51 20.65
CA LYS C 390 14.82 20.84 21.06
C LYS C 390 15.39 21.21 22.42
N ALA C 391 15.84 20.23 23.20
CA ALA C 391 16.56 20.52 24.44
C ALA C 391 18.02 20.86 24.18
N ILE C 392 18.70 20.08 23.36
CA ILE C 392 20.11 20.34 23.06
C ILE C 392 20.27 21.69 22.37
N ASP C 393 19.29 22.09 21.56
CA ASP C 393 19.43 23.35 20.83
C ASP C 393 19.53 24.54 21.77
N LEU C 394 18.75 24.52 22.85
CA LEU C 394 18.79 25.63 23.80
C LEU C 394 20.16 25.75 24.44
N VAL C 395 20.71 24.64 24.93
CA VAL C 395 22.04 24.65 25.54
C VAL C 395 23.07 25.15 24.55
N ASP C 396 22.99 24.67 23.31
CA ASP C 396 23.98 25.07 22.31
C ASP C 396 23.92 26.58 22.04
N GLU C 397 22.71 27.11 21.85
CA GLU C 397 22.59 28.54 21.58
C GLU C 397 23.03 29.38 22.78
N ALA C 398 22.74 28.92 24.00
CA ALA C 398 23.18 29.64 25.18
C ALA C 398 24.70 29.72 25.23
N ALA C 399 25.37 28.59 25.03
CA ALA C 399 26.83 28.59 25.04
C ALA C 399 27.37 29.49 23.93
N SER C 400 26.76 29.45 22.75
CA SER C 400 27.21 30.31 21.66
C SER C 400 27.12 31.77 22.03
N ARG C 401 25.99 32.17 22.63
CA ARG C 401 25.84 33.57 23.02
C ARG C 401 26.87 33.96 24.07
N LEU C 402 27.09 33.09 25.06
CA LEU C 402 28.06 33.40 26.10
C LEU C 402 29.45 33.59 25.52
N ARG C 403 29.85 32.71 24.61
CA ARG C 403 31.14 32.90 23.93
C ARG C 403 31.16 34.20 23.15
N MET C 404 30.03 34.56 22.53
CA MET C 404 30.00 35.82 21.80
C MET C 404 30.07 37.03 22.73
N GLU C 405 29.78 36.84 24.01
CA GLU C 405 29.87 37.93 24.98
C GLU C 405 31.25 38.09 25.59
N ILE C 406 32.02 37.00 25.71
CA ILE C 406 33.44 37.11 26.10
C ILE C 406 34.24 37.85 25.04
N ASP C 407 33.65 38.08 23.87
CA ASP C 407 34.17 39.03 22.90
C ASP C 407 34.14 40.43 23.51
N SER C 408 34.59 41.44 22.76
CA SER C 408 34.88 42.76 23.28
C SER C 408 33.90 43.25 24.34
N ARG C 409 32.61 43.30 24.00
CA ARG C 409 31.67 43.84 24.96
C ARG C 409 30.46 42.94 25.10
N PRO C 410 29.82 42.94 26.26
CA PRO C 410 28.60 42.14 26.45
C PRO C 410 27.40 42.84 25.81
N VAL C 411 26.28 42.12 25.80
CA VAL C 411 25.03 42.65 25.25
C VAL C 411 24.50 43.73 26.18
N GLU C 412 23.48 44.45 25.72
CA GLU C 412 22.78 45.53 26.42
C GLU C 412 23.66 46.78 26.57
N ILE C 413 24.90 46.75 26.10
CA ILE C 413 25.74 47.94 26.00
C ILE C 413 26.14 48.22 24.56
N ASP C 414 26.48 47.17 23.80
CA ASP C 414 26.74 47.33 22.38
C ASP C 414 25.53 47.89 21.64
N GLU C 415 24.33 47.40 21.96
CA GLU C 415 23.14 47.93 21.32
C GLU C 415 22.93 49.40 21.66
N VAL C 416 23.18 49.78 22.92
CA VAL C 416 22.96 51.18 23.30
C VAL C 416 23.98 52.08 22.62
N GLU C 417 25.21 51.61 22.45
CA GLU C 417 26.21 52.45 21.79
C GLU C 417 25.93 52.55 20.30
N ARG C 418 25.46 51.47 19.68
CA ARG C 418 25.03 51.56 18.29
C ARG C 418 23.88 52.54 18.13
N LEU C 419 22.91 52.48 19.05
CA LEU C 419 21.78 53.40 19.00
C LEU C 419 22.22 54.84 19.18
N VAL C 420 23.17 55.07 20.09
CA VAL C 420 23.69 56.42 20.29
C VAL C 420 24.37 56.93 19.04
N ARG C 421 25.20 56.09 18.39
CA ARG C 421 25.83 56.50 17.15
C ARG C 421 24.79 56.79 16.07
N ARG C 422 23.72 56.00 16.01
CA ARG C 422 22.65 56.25 15.06
C ARG C 422 22.00 57.61 15.31
N LEU C 423 21.58 57.86 16.55
CA LEU C 423 20.94 59.14 16.87
C LEU C 423 21.89 60.30 16.63
N GLU C 424 23.19 60.08 16.80
CA GLU C 424 24.17 61.12 16.52
C GLU C 424 24.23 61.44 15.04
N ILE C 425 24.44 60.40 14.21
CA ILE C 425 24.48 60.61 12.77
C ILE C 425 23.16 61.15 12.24
N GLU C 426 22.08 61.01 13.02
CA GLU C 426 20.81 61.53 12.57
C GLU C 426 20.60 63.00 12.96
N GLU C 427 20.91 63.33 14.21
CA GLU C 427 20.82 64.71 14.66
C GLU C 427 21.81 65.61 13.93
N MET C 428 22.96 65.08 13.53
CA MET C 428 23.91 65.87 12.77
C MET C 428 23.38 66.26 11.40
N ALA C 429 22.73 65.35 10.70
CA ALA C 429 22.23 65.60 9.35
C ALA C 429 20.83 66.20 9.33
N LEU C 430 20.10 66.17 10.44
CA LEU C 430 18.82 66.85 10.49
C LEU C 430 18.95 68.30 10.94
N SER C 431 20.11 68.69 11.48
CA SER C 431 20.28 70.05 11.98
C SER C 431 20.23 71.07 10.85
N LYS C 432 20.91 70.79 9.74
CA LYS C 432 20.97 71.74 8.63
C LYS C 432 19.68 71.69 7.81
N GLU C 433 18.59 72.05 8.47
CA GLU C 433 17.26 72.10 7.88
C GLU C 433 16.83 73.54 7.72
N GLU C 434 16.85 74.04 6.48
CA GLU C 434 16.33 75.37 6.18
C GLU C 434 14.80 75.28 6.08
N ASP C 435 14.20 74.95 7.22
CA ASP C 435 12.76 74.71 7.30
C ASP C 435 12.31 75.08 8.71
N GLU C 436 11.00 75.13 8.89
CA GLU C 436 10.40 75.42 10.18
C GLU C 436 9.77 74.20 10.84
N ALA C 437 9.29 73.23 10.06
CA ALA C 437 8.71 72.02 10.62
C ALA C 437 9.74 71.15 11.32
N SER C 438 11.03 71.49 11.20
CA SER C 438 12.09 70.75 11.85
C SER C 438 12.43 71.30 13.23
N ALA C 439 11.81 72.41 13.64
CA ALA C 439 12.12 72.99 14.94
C ALA C 439 11.70 72.07 16.08
N GLU C 440 10.42 71.70 16.12
CA GLU C 440 9.94 70.89 17.23
C GLU C 440 10.25 69.42 17.05
N ARG C 441 10.66 69.01 15.84
CA ARG C 441 11.08 67.63 15.64
C ARG C 441 12.52 67.39 16.09
N LEU C 442 13.38 68.40 16.04
CA LEU C 442 14.76 68.25 16.48
C LEU C 442 14.94 68.50 17.96
N ALA C 443 14.06 69.30 18.58
CA ALA C 443 14.20 69.59 20.00
C ALA C 443 14.07 68.36 20.88
N LYS C 444 13.34 67.34 20.43
CA LYS C 444 13.22 66.11 21.19
C LYS C 444 14.33 65.12 20.90
N LEU C 445 14.88 65.15 19.68
CA LEU C 445 15.98 64.25 19.34
C LEU C 445 17.21 64.53 20.19
N ARG C 446 17.46 65.80 20.50
CA ARG C 446 18.55 66.15 21.40
C ARG C 446 18.32 65.54 22.78
N SER C 447 17.10 65.68 23.30
CA SER C 447 16.78 65.09 24.60
C SER C 447 16.98 63.59 24.60
N GLU C 448 16.53 62.90 23.55
CA GLU C 448 16.68 61.46 23.49
C GLU C 448 18.14 61.05 23.41
N LEU C 449 18.93 61.74 22.58
CA LEU C 449 20.35 61.45 22.48
C LEU C 449 21.05 61.61 23.83
N ALA C 450 20.75 62.71 24.54
CA ALA C 450 21.38 62.95 25.82
C ALA C 450 20.97 61.89 26.85
N ASP C 451 19.68 61.56 26.88
CA ASP C 451 19.19 60.64 27.91
C ASP C 451 19.52 59.19 27.61
N GLN C 452 19.91 58.87 26.37
CA GLN C 452 20.48 57.55 26.10
C GLN C 452 21.98 57.53 26.35
N LYS C 453 22.68 58.63 26.09
CA LYS C 453 24.11 58.68 26.39
C LYS C 453 24.36 58.62 27.89
N GLU C 454 23.47 59.20 28.69
CA GLU C 454 23.56 59.05 30.14
C GLU C 454 23.55 57.58 30.55
N LYS C 455 22.59 56.82 30.01
CA LYS C 455 22.50 55.40 30.34
C LYS C 455 23.71 54.64 29.81
N LEU C 456 24.22 55.05 28.66
CA LEU C 456 25.46 54.45 28.16
C LEU C 456 26.58 54.62 29.17
N ALA C 457 26.79 55.84 29.64
CA ALA C 457 27.87 56.10 30.60
C ALA C 457 27.64 55.34 31.90
N GLU C 458 26.38 55.23 32.34
CA GLU C 458 26.11 54.54 33.60
C GLU C 458 26.39 53.04 33.48
N LEU C 459 25.93 52.43 32.39
CA LEU C 459 26.25 51.02 32.15
C LEU C 459 27.75 50.81 32.04
N THR C 460 28.45 51.76 31.39
CA THR C 460 29.89 51.65 31.29
C THR C 460 30.54 51.65 32.66
N THR C 461 30.13 52.58 33.54
CA THR C 461 30.72 52.65 34.87
C THR C 461 30.43 51.40 35.68
N ARG C 462 29.21 50.87 35.60
CA ARG C 462 28.89 49.66 36.33
C ARG C 462 29.71 48.48 35.81
N TRP C 463 29.93 48.41 34.49
CA TRP C 463 30.75 47.35 33.94
C TRP C 463 32.21 47.47 34.41
N GLN C 464 32.73 48.69 34.45
CA GLN C 464 34.11 48.86 34.94
C GLN C 464 34.21 48.47 36.41
N ASN C 465 33.19 48.78 37.20
CA ASN C 465 33.19 48.35 38.60
C ASN C 465 33.21 46.83 38.70
N GLU C 466 32.31 46.16 37.99
CA GLU C 466 32.25 44.71 38.07
C GLU C 466 33.51 44.05 37.51
N LYS C 467 34.21 44.75 36.61
CA LYS C 467 35.45 44.23 36.05
C LYS C 467 36.64 44.44 36.97
N ASN C 468 36.60 45.52 37.75
CA ASN C 468 37.68 45.83 38.72
C ASN C 468 37.42 45.07 40.03
N ALA C 469 36.23 44.51 40.18
CA ALA C 469 35.89 43.75 41.41
C ALA C 469 36.59 42.39 41.41
N ILE C 470 36.89 41.85 40.22
CA ILE C 470 37.53 40.52 40.11
C ILE C 470 39.06 40.66 40.06
N GLU C 471 39.61 41.26 41.10
CA GLU C 471 41.08 41.44 41.32
C GLU C 471 41.30 41.19 42.81
N ILE C 472 40.49 41.86 43.63
CA ILE C 472 40.52 41.67 45.12
C ILE C 472 39.94 40.28 45.37
N VAL C 473 38.62 40.15 45.28
CA VAL C 473 38.01 38.82 45.58
C VAL C 473 39.07 37.76 45.25
N ARG C 474 39.54 37.75 44.00
CA ARG C 474 40.55 36.76 43.56
C ARG C 474 41.94 37.18 44.06
N ASP C 475 42.26 38.47 44.09
CA ASP C 475 43.61 38.88 44.58
C ASP C 475 43.85 38.36 46.00
N LEU C 476 42.84 38.47 46.89
CA LEU C 476 42.93 37.95 48.28
C LEU C 476 43.43 36.51 48.18
N LYS C 477 42.74 35.66 47.40
CA LYS C 477 43.23 34.29 47.16
C LYS C 477 44.67 34.41 46.63
N GLU C 478 44.89 35.09 45.51
CA GLU C 478 46.32 35.25 45.13
C GLU C 478 47.06 35.50 46.45
N GLN C 479 46.32 36.08 47.40
CA GLN C 479 46.74 36.29 48.77
C GLN C 479 46.37 35.11 49.65
N LEU C 480 45.21 34.51 49.39
CA LEU C 480 44.79 33.35 50.15
C LEU C 480 45.70 32.16 49.89
N GLU C 481 46.13 31.99 48.65
CA GLU C 481 47.13 30.96 48.33
C GLU C 481 48.42 31.22 49.07
N ALA C 482 48.83 32.49 49.15
CA ALA C 482 50.01 32.82 49.94
C ALA C 482 49.80 32.44 51.41
N LEU C 483 48.60 32.64 51.93
CA LEU C 483 48.31 32.21 53.30
C LEU C 483 48.40 30.69 53.45
N ARG C 484 48.01 29.96 52.42
CA ARG C 484 48.13 28.50 52.50
C ARG C 484 49.60 28.09 52.53
N GLY C 485 50.44 28.72 51.71
CA GLY C 485 51.87 28.50 51.82
C GLY C 485 52.39 28.89 53.19
N GLU C 486 51.82 29.93 53.78
CA GLU C 486 52.24 30.34 55.12
C GLU C 486 51.89 29.29 56.15
N SER C 487 50.72 28.67 56.04
CA SER C 487 50.35 27.63 57.00
C SER C 487 51.20 26.39 56.80
N GLU C 488 51.48 26.05 55.53
CA GLU C 488 52.46 25.02 55.24
C GLU C 488 53.77 25.25 55.98
N ARG C 489 54.30 26.48 55.91
CA ARG C 489 55.62 26.73 56.48
C ARG C 489 55.54 26.87 58.00
N ALA C 490 54.41 27.37 58.50
CA ALA C 490 54.17 27.37 59.94
C ALA C 490 54.24 25.95 60.49
N GLU C 491 53.67 25.00 59.76
CA GLU C 491 53.71 23.61 60.21
C GLU C 491 55.06 22.96 59.93
N ARG C 492 55.77 23.44 58.90
CA ARG C 492 57.15 23.02 58.69
C ARG C 492 58.02 23.37 59.90
N ASP C 493 57.92 24.61 60.36
CA ASP C 493 58.76 25.11 61.44
C ASP C 493 58.26 24.70 62.82
N GLY C 494 57.26 23.82 62.90
CA GLY C 494 56.65 23.52 64.18
C GLY C 494 55.83 24.65 64.74
N ASP C 495 55.51 25.66 63.93
CA ASP C 495 54.75 26.81 64.40
C ASP C 495 53.28 26.43 64.55
N LEU C 496 52.97 25.69 65.61
CA LEU C 496 51.59 25.40 65.96
C LEU C 496 50.78 26.67 66.11
N ALA C 497 51.39 27.68 66.74
CA ALA C 497 50.70 28.94 66.99
C ALA C 497 50.17 29.54 65.70
N LYS C 498 50.92 29.43 64.61
CA LYS C 498 50.46 29.89 63.31
C LYS C 498 49.62 28.87 62.57
N ALA C 499 49.76 27.58 62.89
CA ALA C 499 48.98 26.55 62.21
C ALA C 499 47.50 26.84 62.29
N ALA C 500 46.98 27.01 63.51
CA ALA C 500 45.58 27.35 63.71
C ALA C 500 45.26 28.80 63.39
N GLU C 501 46.22 29.70 63.60
CA GLU C 501 46.03 31.09 63.24
C GLU C 501 45.77 31.26 61.76
N LEU C 502 46.28 30.34 60.94
CA LEU C 502 46.00 30.32 59.52
C LEU C 502 44.81 29.43 59.18
N ARG C 503 44.67 28.30 59.89
CA ARG C 503 43.58 27.38 59.59
C ARG C 503 42.23 27.92 60.05
N TYR C 504 42.19 28.58 61.21
CA TYR C 504 40.97 29.15 61.76
C TYR C 504 40.95 30.67 61.74
N GLY C 505 42.04 31.31 61.33
CA GLY C 505 42.14 32.75 61.22
C GLY C 505 42.26 33.21 59.78
N ARG C 506 43.50 33.39 59.33
CA ARG C 506 43.79 34.17 58.14
C ARG C 506 43.11 33.60 56.90
N ILE C 507 43.33 32.31 56.64
CA ILE C 507 42.82 31.65 55.45
C ILE C 507 41.29 31.68 55.49
N PRO C 508 40.60 31.21 56.54
CA PRO C 508 39.13 31.27 56.51
C PRO C 508 38.58 32.69 56.52
N GLU C 509 39.30 33.61 57.17
CA GLU C 509 38.87 35.03 57.24
C GLU C 509 38.87 35.62 55.83
N VAL C 510 39.88 35.25 55.02
CA VAL C 510 39.98 35.74 53.62
C VAL C 510 38.87 35.07 52.79
N GLU C 511 38.58 33.80 53.09
CA GLU C 511 37.50 33.07 52.39
C GLU C 511 36.17 33.74 52.70
N LYS C 512 35.95 34.09 53.98
CA LYS C 512 34.71 34.76 54.45
C LYS C 512 34.59 36.15 53.79
N LYS C 513 35.72 36.84 53.61
CA LYS C 513 35.75 38.20 53.00
C LYS C 513 35.19 38.11 51.58
N LEU C 514 35.56 37.06 50.83
CA LEU C 514 35.05 36.89 49.44
C LEU C 514 33.53 36.68 49.49
N ASP C 515 33.05 35.89 50.45
CA ASP C 515 31.61 35.56 50.60
C ASP C 515 30.78 36.82 50.89
N ALA C 516 31.30 37.69 51.76
CA ALA C 516 30.70 38.96 52.29
C ALA C 516 29.20 39.09 51.99
N ALA C 517 28.85 39.49 50.77
CA ALA C 517 27.44 39.67 50.38
C ALA C 517 27.09 38.69 49.23
N LEU C 518 26.00 37.94 49.39
CA LEU C 518 25.56 36.96 48.35
C LEU C 518 25.20 37.72 47.07
N PRO C 519 25.56 37.22 45.88
CA PRO C 519 25.24 37.91 44.62
C PRO C 519 23.73 38.00 44.41
N GLN C 520 23.26 39.13 43.87
CA GLN C 520 21.81 39.33 43.61
C GLN C 520 21.36 38.42 42.47
N LYS C 530 30.48 35.98 35.22
CA LYS C 530 29.84 35.72 33.94
C LYS C 530 30.75 34.92 33.02
N GLU C 531 31.16 33.74 33.48
CA GLU C 531 32.04 32.89 32.69
C GLU C 531 31.42 31.55 32.34
N GLU C 532 30.26 31.20 32.87
CA GLU C 532 29.60 29.97 32.49
C GLU C 532 28.10 30.18 32.48
N VAL C 533 27.42 29.45 31.62
CA VAL C 533 25.98 29.61 31.40
C VAL C 533 25.25 29.26 32.69
N GLY C 534 24.05 29.81 32.83
CA GLY C 534 23.23 29.59 34.00
C GLY C 534 21.81 29.18 33.62
N PRO C 535 21.00 28.89 34.61
CA PRO C 535 19.64 28.41 34.34
C PRO C 535 18.68 29.51 33.92
N ASP C 536 19.20 30.68 33.59
CA ASP C 536 18.36 31.78 33.11
C ASP C 536 18.69 32.25 31.70
N ASP C 537 19.91 32.00 31.21
CA ASP C 537 20.17 32.25 29.79
C ASP C 537 19.32 31.33 28.92
N ILE C 538 19.04 30.13 29.42
CA ILE C 538 18.08 29.27 28.75
C ILE C 538 16.72 29.97 28.65
N ALA C 539 16.29 30.59 29.73
CA ALA C 539 15.03 31.33 29.69
C ALA C 539 15.09 32.49 28.72
N ASP C 540 16.25 33.16 28.62
CA ASP C 540 16.37 34.26 27.67
C ASP C 540 16.28 33.76 26.23
N VAL C 541 16.81 32.57 25.96
CA VAL C 541 16.72 32.02 24.62
C VAL C 541 15.27 31.62 24.31
N VAL C 542 14.61 30.95 25.26
CA VAL C 542 13.22 30.57 25.05
C VAL C 542 12.30 31.79 25.01
N SER C 543 12.78 32.93 25.48
CA SER C 543 11.98 34.14 25.33
C SER C 543 12.24 34.81 23.98
N ALA C 544 13.48 34.77 23.51
CA ALA C 544 13.80 35.35 22.21
C ALA C 544 13.23 34.52 21.06
N TRP C 545 12.99 33.24 21.30
CA TRP C 545 12.44 32.34 20.30
C TRP C 545 11.17 31.74 20.89
N THR C 546 10.07 31.78 20.12
CA THR C 546 8.74 31.52 20.68
C THR C 546 8.45 32.54 21.79
N GLY C 547 8.22 33.79 21.39
CA GLY C 547 8.44 34.95 22.23
C GLY C 547 7.72 35.04 23.57
N ILE C 548 7.13 33.95 24.01
CA ILE C 548 6.65 33.81 25.38
C ILE C 548 7.73 34.29 26.35
N PRO C 549 7.43 35.22 27.26
CA PRO C 549 8.44 35.66 28.23
C PRO C 549 8.46 34.75 29.44
N ALA C 550 9.63 34.19 29.74
CA ALA C 550 9.77 33.26 30.86
C ALA C 550 11.06 33.49 31.65
N GLY C 551 11.48 34.74 31.82
CA GLY C 551 12.70 35.02 32.56
C GLY C 551 12.52 34.87 34.06
N ARG C 552 13.24 35.69 34.84
CA ARG C 552 13.07 35.69 36.28
C ARG C 552 12.87 37.11 36.82
N LEU C 553 12.21 37.96 36.04
CA LEU C 553 11.81 39.29 36.49
C LEU C 553 13.04 40.11 36.93
N LEU C 554 13.87 40.42 35.95
CA LEU C 554 15.21 40.94 36.25
C LEU C 554 15.19 42.41 36.66
N GLU C 555 14.31 42.76 37.59
CA GLU C 555 14.34 44.02 38.32
C GLU C 555 14.10 45.22 37.40
N GLY C 556 13.99 44.99 36.10
CA GLY C 556 13.73 46.08 35.19
C GLY C 556 12.24 46.39 35.06
N GLU C 557 11.40 45.43 35.43
CA GLU C 557 9.96 45.56 35.23
C GLU C 557 9.13 45.16 36.43
N THR C 558 9.73 44.64 37.50
CA THR C 558 8.96 44.27 38.68
C THR C 558 8.21 45.48 39.24
N ALA C 559 8.82 46.66 39.15
CA ALA C 559 8.11 47.89 39.48
C ALA C 559 6.90 48.07 38.59
N LYS C 560 7.05 47.81 37.29
CA LYS C 560 5.92 47.91 36.37
C LYS C 560 4.80 46.95 36.75
N LEU C 561 5.14 45.72 37.11
CA LEU C 561 4.12 44.77 37.52
C LEU C 561 3.42 45.20 38.81
N LEU C 562 4.18 45.68 39.80
CA LEU C 562 3.55 46.16 41.02
C LEU C 562 2.76 47.44 40.79
N ARG C 563 3.00 48.14 39.68
CA ARG C 563 2.29 49.36 39.33
C ARG C 563 1.13 49.12 38.37
N MET C 564 1.02 47.91 37.83
CA MET C 564 0.04 47.60 36.78
C MET C 564 -1.33 48.22 37.02
N GLU C 565 -1.82 48.23 38.25
CA GLU C 565 -3.14 48.78 38.53
C GLU C 565 -3.20 50.25 38.14
N ASP C 566 -2.41 51.09 38.79
CA ASP C 566 -2.44 52.52 38.49
C ASP C 566 -1.83 52.83 37.13
N GLU C 567 -1.22 51.85 36.47
CA GLU C 567 -0.74 52.08 35.11
C GLU C 567 -1.86 51.86 34.10
N LEU C 568 -2.73 50.89 34.36
CA LEU C 568 -3.94 50.70 33.56
C LEU C 568 -4.99 51.75 33.85
N GLY C 569 -5.00 52.32 35.06
CA GLY C 569 -5.97 53.35 35.38
C GLY C 569 -5.89 54.58 34.48
N LYS C 570 -4.83 54.72 33.70
CA LYS C 570 -4.71 55.88 32.81
C LYS C 570 -5.68 55.79 31.64
N ARG C 571 -6.13 54.58 31.29
CA ARG C 571 -7.04 54.40 30.18
C ARG C 571 -8.42 53.93 30.60
N VAL C 572 -8.58 53.47 31.82
CA VAL C 572 -9.89 53.09 32.35
C VAL C 572 -10.08 53.77 33.70
N ILE C 573 -11.30 54.26 33.93
CA ILE C 573 -11.61 55.01 35.14
C ILE C 573 -12.70 54.26 35.89
N GLY C 574 -12.44 53.93 37.15
CA GLY C 574 -13.33 53.07 37.88
C GLY C 574 -13.01 51.62 37.59
N GLN C 575 -13.96 50.76 37.91
CA GLN C 575 -13.86 49.32 37.66
C GLN C 575 -12.58 48.75 38.29
N LYS C 576 -12.26 49.26 39.49
CA LYS C 576 -11.11 48.76 40.23
C LYS C 576 -11.27 47.28 40.52
N ALA C 577 -12.50 46.80 40.69
CA ALA C 577 -12.72 45.37 40.88
C ALA C 577 -12.16 44.56 39.72
N ALA C 578 -12.52 44.92 38.49
CA ALA C 578 -12.03 44.21 37.31
C ALA C 578 -10.55 44.40 37.07
N VAL C 579 -10.04 45.63 37.27
CA VAL C 579 -8.61 45.85 37.11
C VAL C 579 -7.82 45.01 38.08
N THR C 580 -8.33 44.84 39.30
CA THR C 580 -7.64 44.02 40.28
C THR C 580 -7.60 42.56 39.86
N ALA C 581 -8.72 42.04 39.36
CA ALA C 581 -8.75 40.65 38.92
C ALA C 581 -7.78 40.42 37.76
N VAL C 582 -7.82 41.28 36.74
CA VAL C 582 -6.93 41.10 35.60
C VAL C 582 -5.47 41.22 36.04
N SER C 583 -5.16 42.23 36.87
CA SER C 583 -3.79 42.40 37.33
C SER C 583 -3.32 41.20 38.12
N ASP C 584 -4.18 40.63 38.96
CA ASP C 584 -3.80 39.45 39.72
C ASP C 584 -3.52 38.28 38.79
N ALA C 585 -4.38 38.07 37.80
CA ALA C 585 -4.21 36.91 36.93
C ALA C 585 -2.99 37.07 36.03
N VAL C 586 -2.55 38.31 35.79
CA VAL C 586 -1.32 38.48 35.04
C VAL C 586 -0.11 38.35 35.95
N ARG C 587 -0.21 38.85 37.18
CA ARG C 587 0.92 38.83 38.10
C ARG C 587 1.25 37.41 38.54
N ARG C 588 0.26 36.69 39.05
CA ARG C 588 0.51 35.38 39.64
C ARG C 588 0.84 34.32 38.59
N SER C 589 1.04 34.72 37.34
CA SER C 589 1.57 33.82 36.32
C SER C 589 3.04 34.03 36.04
N ARG C 590 3.55 35.25 36.23
CA ARG C 590 4.98 35.49 36.07
C ARG C 590 5.78 34.86 37.20
N ALA C 591 5.24 34.85 38.41
CA ALA C 591 5.95 34.29 39.55
C ALA C 591 5.85 32.77 39.62
N GLY C 592 5.40 32.11 38.57
CA GLY C 592 5.38 30.66 38.52
C GLY C 592 4.54 30.03 39.61
N VAL C 593 3.29 30.44 39.72
CA VAL C 593 2.38 29.92 40.73
C VAL C 593 1.12 29.43 40.03
N SER C 594 1.03 29.71 38.74
CA SER C 594 -0.19 29.40 38.01
C SER C 594 -0.24 27.92 37.63
N ASP C 595 -1.38 27.52 37.07
CA ASP C 595 -1.58 26.14 36.65
C ASP C 595 -0.82 25.91 35.35
N PRO C 596 0.17 25.02 35.32
CA PRO C 596 1.06 24.96 34.16
C PRO C 596 0.39 24.47 32.89
N ASN C 597 -0.65 23.65 32.98
CA ASN C 597 -1.42 23.24 31.81
C ASN C 597 -2.86 23.67 32.04
N ARG C 598 -3.11 24.94 31.75
CA ARG C 598 -4.41 25.62 31.83
C ARG C 598 -4.14 27.03 31.32
N PRO C 599 -5.06 27.67 30.59
CA PRO C 599 -4.77 29.00 30.08
C PRO C 599 -4.48 29.97 31.21
N THR C 600 -3.92 31.13 30.84
CA THR C 600 -3.51 32.12 31.83
C THR C 600 -4.70 32.81 32.48
N GLY C 601 -5.91 32.34 32.23
CA GLY C 601 -7.10 32.95 32.78
C GLY C 601 -8.15 33.14 31.70
N ALA C 602 -9.43 32.94 32.04
CA ALA C 602 -10.51 32.99 31.06
C ALA C 602 -11.66 33.79 31.66
N PHE C 603 -11.65 35.09 31.42
CA PHE C 603 -12.61 36.01 32.04
C PHE C 603 -13.75 36.29 31.07
N MET C 604 -14.95 36.42 31.64
CA MET C 604 -16.11 36.94 30.91
C MET C 604 -16.69 38.03 31.79
N PHE C 605 -16.41 39.28 31.44
CA PHE C 605 -16.96 40.41 32.18
C PHE C 605 -18.05 41.10 31.37
N LEU C 606 -19.19 41.32 32.04
CA LEU C 606 -20.41 41.75 31.40
C LEU C 606 -21.04 42.90 32.20
N GLY C 607 -21.89 43.66 31.53
CA GLY C 607 -22.57 44.76 32.17
C GLY C 607 -23.32 45.63 31.18
N PRO C 608 -23.74 46.81 31.61
CA PRO C 608 -24.47 47.70 30.70
C PRO C 608 -23.55 48.28 29.63
N THR C 609 -24.11 49.04 28.70
CA THR C 609 -23.31 49.54 27.59
C THR C 609 -22.56 50.81 27.97
N GLY C 610 -21.56 51.14 27.16
CA GLY C 610 -20.79 52.36 27.33
C GLY C 610 -20.07 52.46 28.65
N VAL C 611 -19.63 51.32 29.19
CA VAL C 611 -19.04 51.29 30.51
C VAL C 611 -17.53 51.11 30.46
N GLY C 612 -17.01 50.43 29.45
CA GLY C 612 -15.57 50.39 29.27
C GLY C 612 -14.94 49.02 29.18
N LYS C 613 -15.71 47.99 28.85
CA LYS C 613 -15.18 46.63 28.81
C LYS C 613 -14.25 46.41 27.62
N THR C 614 -14.72 46.71 26.41
CA THR C 614 -13.84 46.63 25.25
C THR C 614 -12.64 47.55 25.41
N GLU C 615 -12.85 48.74 25.98
CA GLU C 615 -11.74 49.66 26.19
C GLU C 615 -10.72 49.07 27.17
N LEU C 616 -11.19 48.43 28.23
CA LEU C 616 -10.26 47.81 29.17
C LEU C 616 -9.47 46.71 28.51
N ALA C 617 -10.11 45.88 27.68
CA ALA C 617 -9.39 44.83 26.99
C ALA C 617 -8.31 45.41 26.09
N LYS C 618 -8.67 46.41 25.29
CA LYS C 618 -7.67 47.02 24.42
C LYS C 618 -6.56 47.70 25.20
N ALA C 619 -6.89 48.29 26.35
CA ALA C 619 -5.86 48.93 27.17
C ALA C 619 -4.91 47.89 27.76
N LEU C 620 -5.43 46.73 28.13
CA LEU C 620 -4.57 45.66 28.64
C LEU C 620 -3.63 45.17 27.55
N ALA C 621 -4.17 44.94 26.35
CA ALA C 621 -3.31 44.53 25.25
C ALA C 621 -2.26 45.59 24.95
N ASP C 622 -2.63 46.87 25.07
CA ASP C 622 -1.68 47.95 24.88
C ASP C 622 -0.57 47.90 25.91
N PHE C 623 -0.92 47.84 27.20
CA PHE C 623 0.09 47.79 28.23
C PHE C 623 1.00 46.58 28.06
N LEU C 624 0.48 45.47 27.56
CA LEU C 624 1.30 44.26 27.49
C LEU C 624 2.24 44.29 26.28
N PHE C 625 1.75 44.72 25.11
CA PHE C 625 2.51 44.54 23.88
C PHE C 625 3.05 45.83 23.27
N ASP C 626 2.57 47.00 23.72
CA ASP C 626 2.89 48.30 23.13
C ASP C 626 2.31 48.48 21.73
N ASP C 627 1.52 47.53 21.25
CA ASP C 627 0.92 47.63 19.93
C ASP C 627 -0.45 46.97 19.99
N GLU C 628 -1.51 47.80 20.03
CA GLU C 628 -2.86 47.27 20.14
C GLU C 628 -3.22 46.36 18.97
N ARG C 629 -2.54 46.50 17.84
CA ARG C 629 -2.83 45.71 16.65
C ARG C 629 -2.08 44.37 16.65
N ALA C 630 -1.72 43.87 17.83
CA ALA C 630 -1.05 42.58 17.94
C ALA C 630 -1.85 41.56 18.74
N MET C 631 -3.13 41.81 18.99
CA MET C 631 -3.98 40.82 19.61
C MET C 631 -4.94 40.22 18.58
N VAL C 632 -5.56 39.11 18.95
CA VAL C 632 -6.53 38.43 18.10
C VAL C 632 -7.92 38.83 18.55
N ARG C 633 -8.69 39.41 17.64
CA ARG C 633 -10.03 39.88 17.93
C ARG C 633 -11.00 39.26 16.92
N ILE C 634 -11.97 38.50 17.41
CA ILE C 634 -12.98 37.89 16.56
C ILE C 634 -14.35 38.39 17.01
N ASP C 635 -15.14 38.88 16.06
CA ASP C 635 -16.45 39.45 16.32
C ASP C 635 -17.46 38.30 16.33
N MET C 636 -17.85 37.86 17.52
CA MET C 636 -18.82 36.78 17.62
C MET C 636 -20.23 37.23 17.37
N SER C 637 -20.42 38.44 16.84
CA SER C 637 -21.74 38.87 16.42
C SER C 637 -22.08 38.39 15.02
N GLU C 638 -21.09 37.91 14.26
CA GLU C 638 -21.34 37.38 12.93
C GLU C 638 -21.63 35.89 12.94
N TYR C 639 -21.26 35.20 14.03
CA TYR C 639 -21.45 33.77 14.12
C TYR C 639 -22.86 33.45 14.58
N GLY C 640 -23.86 34.02 13.90
CA GLY C 640 -25.23 33.74 14.26
C GLY C 640 -25.72 32.42 13.73
N GLU C 641 -25.05 31.89 12.71
CA GLU C 641 -25.40 30.61 12.11
C GLU C 641 -24.47 29.52 12.61
N LYS C 642 -25.03 28.34 12.88
CA LYS C 642 -24.21 27.26 13.41
C LYS C 642 -23.05 26.92 12.50
N HIS C 643 -23.33 26.71 11.20
CA HIS C 643 -22.31 26.25 10.28
C HIS C 643 -21.16 27.23 10.11
N THR C 644 -21.29 28.45 10.62
CA THR C 644 -20.19 29.39 10.48
C THR C 644 -19.10 29.15 11.47
N VAL C 645 -19.20 28.10 12.29
CA VAL C 645 -18.12 27.82 13.24
C VAL C 645 -16.90 27.30 12.51
N ALA C 646 -17.07 26.75 11.32
CA ALA C 646 -15.94 26.25 10.56
C ALA C 646 -14.97 27.37 10.19
N ARG C 647 -15.37 28.62 10.34
CA ARG C 647 -14.51 29.75 10.05
C ARG C 647 -13.28 29.81 10.95
N LEU C 648 -13.37 29.29 12.17
CA LEU C 648 -12.28 29.37 13.13
C LEU C 648 -11.62 28.03 13.38
N ILE C 649 -12.05 26.96 12.69
CA ILE C 649 -11.53 25.63 12.93
C ILE C 649 -11.11 24.92 11.64
N GLY C 650 -11.25 25.56 10.49
CA GLY C 650 -10.87 24.93 9.24
C GLY C 650 -11.83 23.86 8.82
N ALA C 651 -11.79 23.55 7.53
CA ALA C 651 -12.71 22.60 6.91
C ALA C 651 -12.07 21.23 6.77
N PRO C 652 -12.84 20.16 6.90
CA PRO C 652 -12.26 18.81 6.92
C PRO C 652 -11.55 18.50 5.62
N PRO C 653 -10.79 17.40 5.56
CA PRO C 653 -10.00 17.12 4.35
C PRO C 653 -10.87 16.62 3.21
N GLY C 654 -10.63 17.18 2.03
CA GLY C 654 -11.42 16.88 0.86
C GLY C 654 -12.48 17.91 0.54
N TYR C 655 -12.34 19.13 1.01
CA TYR C 655 -13.33 20.18 0.79
C TYR C 655 -12.63 21.44 0.27
N VAL C 656 -13.41 22.50 0.12
CA VAL C 656 -12.96 23.68 -0.63
C VAL C 656 -11.80 24.38 0.07
N GLY C 657 -12.04 24.91 1.25
CA GLY C 657 -10.98 25.59 1.96
C GLY C 657 -10.31 24.66 2.95
N TYR C 658 -9.22 24.04 2.53
CA TYR C 658 -8.54 23.07 3.37
C TYR C 658 -7.05 23.32 3.46
N GLU C 659 -6.42 23.80 2.39
CA GLU C 659 -5.00 24.08 2.43
C GLU C 659 -4.69 25.28 3.31
N ALA C 660 -5.64 26.20 3.49
CA ALA C 660 -5.42 27.35 4.34
C ALA C 660 -5.64 27.05 5.81
N GLY C 661 -6.14 25.85 6.14
CA GLY C 661 -6.34 25.47 7.53
C GLY C 661 -7.31 26.40 8.24
N GLY C 662 -7.19 26.40 9.57
CA GLY C 662 -8.02 27.25 10.38
C GLY C 662 -7.61 28.71 10.26
N GLN C 663 -8.35 29.57 10.96
CA GLN C 663 -8.04 30.99 11.00
C GLN C 663 -7.61 31.46 12.39
N LEU C 664 -8.46 31.28 13.39
CA LEU C 664 -8.03 31.51 14.76
C LEU C 664 -6.86 30.59 15.11
N THR C 665 -6.91 29.35 14.63
CA THR C 665 -5.87 28.39 14.95
C THR C 665 -4.54 28.78 14.33
N GLU C 666 -4.53 29.09 13.04
CA GLU C 666 -3.28 29.52 12.41
C GLU C 666 -2.92 30.96 12.76
N ALA C 667 -3.75 31.66 13.53
CA ALA C 667 -3.34 32.93 14.11
C ALA C 667 -2.65 32.73 15.45
N VAL C 668 -3.14 31.79 16.25
CA VAL C 668 -2.52 31.51 17.54
C VAL C 668 -1.23 30.72 17.38
N ARG C 669 -1.19 29.76 16.46
CA ARG C 669 0.00 28.94 16.25
C ARG C 669 1.25 29.78 15.97
N ARG C 670 1.09 31.04 15.61
CA ARG C 670 2.20 31.96 15.43
C ARG C 670 2.12 33.02 16.52
N ARG C 671 3.23 33.21 17.22
CA ARG C 671 3.32 34.16 18.33
C ARG C 671 2.28 33.80 19.39
N PRO C 672 2.47 32.71 20.12
CA PRO C 672 1.44 32.28 21.07
C PRO C 672 1.51 33.00 22.39
N TYR C 673 1.65 34.31 22.36
CA TYR C 673 1.59 35.14 23.55
C TYR C 673 0.52 36.20 23.44
N THR C 674 -0.20 36.25 22.33
CA THR C 674 -1.17 37.30 22.07
C THR C 674 -2.35 37.17 23.05
N VAL C 675 -3.24 38.15 23.01
CA VAL C 675 -4.45 38.17 23.82
C VAL C 675 -5.63 37.90 22.90
N VAL C 676 -6.55 37.04 23.35
CA VAL C 676 -7.71 36.65 22.56
C VAL C 676 -8.91 37.40 23.11
N LEU C 677 -9.84 37.78 22.23
CA LEU C 677 -10.96 38.64 22.60
C LEU C 677 -12.21 38.19 21.88
N PHE C 678 -13.30 38.03 22.62
CA PHE C 678 -14.59 37.55 22.09
C PHE C 678 -15.65 38.62 22.30
N ASP C 679 -15.84 39.49 21.31
CA ASP C 679 -16.92 40.45 21.37
C ASP C 679 -18.27 39.76 21.39
N GLU C 680 -19.21 40.33 22.14
CA GLU C 680 -20.63 39.95 22.11
C GLU C 680 -20.83 38.43 22.08
N ILE C 681 -20.38 37.77 23.15
CA ILE C 681 -20.46 36.32 23.19
C ILE C 681 -21.89 35.82 23.12
N GLU C 682 -22.87 36.61 23.56
CA GLU C 682 -24.23 36.13 23.68
C GLU C 682 -25.00 36.18 22.37
N LYS C 683 -24.45 36.78 21.32
CA LYS C 683 -25.11 36.84 20.02
C LYS C 683 -24.98 35.56 19.22
N ALA C 684 -24.01 34.71 19.54
CA ALA C 684 -23.74 33.55 18.71
C ALA C 684 -24.78 32.45 18.94
N HIS C 685 -24.90 31.58 17.94
CA HIS C 685 -25.78 30.43 18.06
C HIS C 685 -25.32 29.55 19.22
N PRO C 686 -26.24 29.01 20.01
CA PRO C 686 -25.82 28.22 21.18
C PRO C 686 -25.29 26.85 20.80
N ASP C 687 -24.44 26.82 19.78
CA ASP C 687 -23.62 25.67 19.47
C ASP C 687 -22.18 26.05 19.16
N VAL C 688 -21.91 27.32 18.88
CA VAL C 688 -20.53 27.80 18.90
C VAL C 688 -19.95 27.70 20.30
N PHE C 689 -20.77 27.87 21.33
CA PHE C 689 -20.29 27.82 22.71
C PHE C 689 -19.57 26.52 23.04
N ASP C 690 -19.86 25.45 22.31
CA ASP C 690 -19.33 24.14 22.68
C ASP C 690 -17.95 23.87 22.10
N VAL C 691 -17.48 24.71 21.18
CA VAL C 691 -16.11 24.58 20.71
C VAL C 691 -15.10 25.11 21.71
N LEU C 692 -15.52 26.02 22.58
CA LEU C 692 -14.63 26.66 23.54
C LEU C 692 -14.46 25.88 24.82
N LEU C 693 -15.22 24.80 25.03
CA LEU C 693 -15.10 24.03 26.26
C LEU C 693 -13.67 23.56 26.47
N GLN C 694 -13.08 22.93 25.46
CA GLN C 694 -11.71 22.48 25.60
C GLN C 694 -10.75 23.66 25.69
N VAL C 695 -11.01 24.73 24.93
CA VAL C 695 -10.12 25.89 24.93
C VAL C 695 -10.01 26.48 26.34
N LEU C 696 -11.08 26.39 27.13
CA LEU C 696 -11.03 26.95 28.47
C LEU C 696 -10.59 25.91 29.49
N ASP C 697 -10.88 24.63 29.26
CA ASP C 697 -10.47 23.60 30.20
C ASP C 697 -8.96 23.44 30.19
N GLU C 698 -8.36 23.30 29.00
CA GLU C 698 -6.92 23.34 28.84
C GLU C 698 -6.62 24.15 27.59
N GLY C 699 -5.38 24.08 27.13
CA GLY C 699 -5.02 24.94 26.01
C GLY C 699 -5.03 24.29 24.65
N ARG C 700 -5.92 23.34 24.43
CA ARG C 700 -5.88 22.55 23.20
C ARG C 700 -7.09 22.83 22.32
N LEU C 701 -6.81 23.00 21.03
CA LEU C 701 -7.82 23.06 19.98
C LEU C 701 -7.21 22.38 18.76
N THR C 702 -8.04 21.71 17.96
CA THR C 702 -7.56 20.91 16.84
C THR C 702 -8.26 21.31 15.56
N ASP C 703 -7.49 21.83 14.60
CA ASP C 703 -8.03 22.28 13.32
C ASP C 703 -8.23 21.09 12.40
N GLY C 704 -8.44 21.34 11.10
CA GLY C 704 -8.78 20.27 10.19
C GLY C 704 -7.67 19.25 10.01
N HIS C 705 -6.42 19.72 9.93
CA HIS C 705 -5.31 18.82 9.68
C HIS C 705 -5.01 17.91 10.87
N GLY C 706 -5.78 17.97 11.94
CA GLY C 706 -5.57 17.13 13.09
C GLY C 706 -4.54 17.61 14.07
N ARG C 707 -3.68 18.56 13.70
CA ARG C 707 -2.67 19.06 14.61
C ARG C 707 -3.31 19.86 15.73
N THR C 708 -2.55 20.07 16.79
CA THR C 708 -3.06 20.67 18.02
C THR C 708 -2.22 21.89 18.38
N VAL C 709 -2.88 23.01 18.61
CA VAL C 709 -2.22 24.24 19.02
C VAL C 709 -2.33 24.37 20.53
N ASP C 710 -1.53 25.27 21.08
CA ASP C 710 -1.45 25.44 22.53
C ASP C 710 -1.97 26.82 22.93
N PHE C 711 -2.97 26.84 23.81
CA PHE C 711 -3.52 28.07 24.35
C PHE C 711 -3.14 28.29 25.79
N ARG C 712 -2.10 27.60 26.29
CA ARG C 712 -1.81 27.61 27.71
C ARG C 712 -1.41 28.97 28.24
N ASN C 713 -0.95 29.89 27.39
CA ASN C 713 -0.43 31.17 27.86
C ASN C 713 -1.01 32.33 27.05
N THR C 714 -2.32 32.34 26.86
CA THR C 714 -3.04 33.46 26.27
C THR C 714 -4.25 33.79 27.13
N ILE C 715 -4.51 35.09 27.26
CA ILE C 715 -5.51 35.60 28.21
C ILE C 715 -6.83 35.73 27.46
N LEU C 716 -7.75 34.81 27.70
CA LEU C 716 -9.03 34.90 27.02
C LEU C 716 -9.92 35.93 27.69
N ILE C 717 -10.82 36.51 26.91
CA ILE C 717 -11.73 37.55 27.37
C ILE C 717 -13.03 37.44 26.59
N LEU C 718 -14.15 37.38 27.29
CA LEU C 718 -15.46 37.21 26.66
C LEU C 718 -16.38 38.33 27.12
N THR C 719 -16.40 39.43 26.38
CA THR C 719 -17.32 40.52 26.67
C THR C 719 -18.74 40.07 26.41
N SER C 720 -19.71 40.86 26.88
CA SER C 720 -21.12 40.52 26.71
C SER C 720 -21.97 41.72 27.07
N ASN C 721 -23.29 41.53 27.01
CA ASN C 721 -24.23 42.56 27.43
C ASN C 721 -25.44 41.99 28.15
N LEU C 722 -25.38 40.71 28.55
CA LEU C 722 -26.51 40.07 29.23
C LEU C 722 -26.95 40.87 30.44
N GLY C 723 -28.25 40.85 30.69
CA GLY C 723 -28.81 41.57 31.82
C GLY C 723 -28.43 43.04 31.82
N SER C 724 -29.01 43.81 30.89
CA SER C 724 -28.61 45.20 30.66
C SER C 724 -28.46 46.01 31.94
N GLY C 725 -29.55 46.17 32.69
CA GLY C 725 -29.49 46.96 33.90
C GLY C 725 -30.40 46.50 35.02
N GLY C 726 -30.75 45.22 35.04
CA GLY C 726 -31.65 44.71 36.04
C GLY C 726 -31.18 44.94 37.47
N SER C 727 -30.10 44.28 37.86
CA SER C 727 -29.50 44.41 39.18
C SER C 727 -28.19 43.64 39.16
N ALA C 728 -27.43 43.77 40.24
CA ALA C 728 -26.21 43.00 40.39
C ALA C 728 -26.46 41.53 40.67
N GLU C 729 -27.72 41.09 40.71
CA GLU C 729 -28.07 39.70 40.93
C GLU C 729 -28.95 39.11 39.84
N GLN C 730 -29.91 39.89 39.31
CA GLN C 730 -30.74 39.40 38.23
C GLN C 730 -29.90 38.93 37.04
N VAL C 731 -28.78 39.61 36.77
CA VAL C 731 -27.94 39.20 35.66
C VAL C 731 -27.25 37.87 35.98
N LEU C 732 -27.00 37.59 37.26
CA LEU C 732 -26.49 36.28 37.63
C LEU C 732 -27.57 35.21 37.65
N ALA C 733 -28.79 35.55 37.26
CA ALA C 733 -29.80 34.56 36.95
C ALA C 733 -30.14 34.53 35.47
N ALA C 734 -29.79 35.58 34.73
CA ALA C 734 -29.93 35.57 33.28
C ALA C 734 -28.78 34.84 32.60
N VAL C 735 -27.57 34.99 33.12
CA VAL C 735 -26.43 34.29 32.54
C VAL C 735 -26.58 32.79 32.71
N ARG C 736 -26.96 32.36 33.91
CA ARG C 736 -27.15 30.94 34.17
C ARG C 736 -28.29 30.36 33.35
N ALA C 737 -29.17 31.19 32.82
CA ALA C 737 -30.24 30.71 31.94
C ALA C 737 -29.88 30.80 30.48
N THR C 738 -28.92 31.65 30.12
CA THR C 738 -28.47 31.74 28.73
C THR C 738 -27.26 30.86 28.45
N PHE C 739 -26.69 30.23 29.47
CA PHE C 739 -25.57 29.32 29.28
C PHE C 739 -25.89 27.95 29.87
N LYS C 740 -24.93 27.08 29.78
CA LYS C 740 -24.97 25.73 30.32
C LYS C 740 -24.35 25.69 31.71
N PRO C 741 -24.62 24.67 32.51
CA PRO C 741 -23.97 24.56 33.81
C PRO C 741 -22.49 24.26 33.72
N GLU C 742 -22.04 23.56 32.68
CA GLU C 742 -20.64 23.21 32.59
C GLU C 742 -19.81 24.19 31.77
N PHE C 743 -20.41 25.29 31.30
CA PHE C 743 -19.62 26.31 30.64
C PHE C 743 -19.20 27.40 31.61
N ILE C 744 -20.11 27.85 32.47
CA ILE C 744 -19.76 28.79 33.52
C ILE C 744 -18.65 28.22 34.40
N ASN C 745 -18.62 26.90 34.54
CA ASN C 745 -17.65 26.25 35.43
C ASN C 745 -16.22 26.42 34.95
N ARG C 746 -16.00 26.65 33.67
CA ARG C 746 -14.64 26.79 33.16
C ARG C 746 -14.05 28.15 33.48
N LEU C 747 -14.84 29.21 33.37
CA LEU C 747 -14.34 30.58 33.49
C LEU C 747 -13.75 30.83 34.87
N ASP C 748 -12.91 31.85 34.93
CA ASP C 748 -12.55 32.47 36.21
C ASP C 748 -13.69 33.38 36.63
N ASP C 749 -13.45 34.25 37.60
CA ASP C 749 -14.51 35.11 38.13
C ASP C 749 -15.25 35.83 37.00
N VAL C 750 -16.57 35.81 37.09
CA VAL C 750 -17.45 36.46 36.12
C VAL C 750 -17.63 37.90 36.60
N LEU C 751 -16.75 38.79 36.14
CA LEU C 751 -16.76 40.16 36.60
C LEU C 751 -17.98 40.90 36.08
N ILE C 752 -18.61 41.66 36.97
CA ILE C 752 -19.76 42.48 36.62
C ILE C 752 -19.35 43.93 36.71
N PHE C 753 -19.46 44.65 35.59
CA PHE C 753 -19.17 46.06 35.58
C PHE C 753 -20.36 46.84 36.14
N GLU C 754 -20.13 48.11 36.44
CA GLU C 754 -21.16 48.97 36.99
C GLU C 754 -21.14 50.31 36.27
N GLY C 755 -22.28 50.98 36.26
CA GLY C 755 -22.38 52.25 35.58
C GLY C 755 -21.47 53.31 36.17
N LEU C 756 -21.53 54.49 35.58
CA LEU C 756 -20.64 55.57 35.96
C LEU C 756 -21.34 56.59 36.84
N ASN C 757 -20.56 57.29 37.64
CA ASN C 757 -20.99 58.34 38.54
C ASN C 757 -20.60 59.70 37.99
N PRO C 758 -21.43 60.72 38.21
CA PRO C 758 -21.08 62.06 37.72
C PRO C 758 -19.74 62.55 38.21
N GLU C 759 -19.24 62.03 39.34
CA GLU C 759 -17.91 62.38 39.80
C GLU C 759 -16.82 61.70 38.97
N GLU C 760 -17.15 60.62 38.27
CA GLU C 760 -16.18 59.87 37.49
C GLU C 760 -16.06 60.35 36.05
N LEU C 761 -17.04 61.12 35.56
CA LEU C 761 -16.99 61.60 34.19
C LEU C 761 -16.05 62.76 33.98
N VAL C 762 -15.63 63.43 35.05
CA VAL C 762 -14.68 64.54 34.90
C VAL C 762 -13.36 64.03 34.36
N ARG C 763 -12.86 62.93 34.93
CA ARG C 763 -11.62 62.35 34.43
C ARG C 763 -11.78 61.82 33.01
N ILE C 764 -12.97 61.33 32.67
CA ILE C 764 -13.23 60.92 31.29
C ILE C 764 -13.13 62.12 30.35
N VAL C 765 -13.68 63.26 30.78
CA VAL C 765 -13.56 64.49 29.99
C VAL C 765 -12.09 64.84 29.80
N ASP C 766 -11.31 64.73 30.88
CA ASP C 766 -9.87 64.98 30.78
C ASP C 766 -9.23 64.07 29.75
N ILE C 767 -9.60 62.79 29.75
CA ILE C 767 -9.00 61.84 28.82
C ILE C 767 -9.38 62.18 27.38
N GLN C 768 -10.65 62.49 27.15
CA GLN C 768 -11.08 62.84 25.80
C GLN C 768 -10.37 64.08 25.30
N LEU C 769 -10.17 65.07 26.17
CA LEU C 769 -9.46 66.28 25.76
C LEU C 769 -8.00 66.00 25.49
N ALA C 770 -7.38 65.11 26.28
CA ALA C 770 -6.01 64.70 26.00
C ALA C 770 -5.92 64.05 24.62
N GLN C 771 -6.85 63.14 24.33
CA GLN C 771 -6.89 62.52 23.00
C GLN C 771 -7.02 63.56 21.90
N LEU C 772 -7.95 64.51 22.06
CA LEU C 772 -8.18 65.48 21.01
C LEU C 772 -6.97 66.38 20.81
N GLY C 773 -6.29 66.73 21.89
CA GLY C 773 -5.07 67.52 21.76
C GLY C 773 -3.95 66.74 21.09
N LYS C 774 -3.81 65.46 21.42
CA LYS C 774 -2.79 64.65 20.77
C LYS C 774 -3.06 64.49 19.29
N ARG C 775 -4.34 64.42 18.92
CA ARG C 775 -4.68 64.30 17.50
C ARG C 775 -4.53 65.64 16.79
N LEU C 776 -4.70 66.75 17.51
CA LEU C 776 -4.51 68.06 16.91
C LEU C 776 -3.04 68.41 16.76
N ALA C 777 -2.18 67.81 17.58
CA ALA C 777 -0.76 68.14 17.53
C ALA C 777 -0.12 67.78 16.19
N GLN C 778 -0.91 67.19 15.29
CA GLN C 778 -0.40 66.94 13.94
C GLN C 778 -0.35 68.22 13.12
N ARG C 779 -1.22 69.19 13.42
CA ARG C 779 -1.19 70.50 12.80
C ARG C 779 -0.61 71.56 13.74
N ARG C 780 0.22 71.13 14.69
CA ARG C 780 0.85 71.99 15.71
C ARG C 780 -0.13 73.04 16.25
N LEU C 781 -1.27 72.54 16.71
CA LEU C 781 -2.19 73.28 17.56
C LEU C 781 -2.28 72.62 18.91
N GLN C 782 -2.84 73.35 19.87
CA GLN C 782 -3.24 72.80 21.15
C GLN C 782 -4.22 73.78 21.78
N LEU C 783 -4.96 73.31 22.77
CA LEU C 783 -6.00 74.12 23.38
C LEU C 783 -5.64 74.45 24.81
N GLN C 784 -6.35 75.43 25.36
CA GLN C 784 -6.28 75.78 26.77
C GLN C 784 -7.72 75.86 27.27
N VAL C 785 -8.17 74.82 27.95
CA VAL C 785 -9.55 74.70 28.37
C VAL C 785 -9.68 75.20 29.80
N SER C 786 -10.69 76.03 30.05
CA SER C 786 -10.93 76.55 31.38
C SER C 786 -11.81 75.59 32.19
N LEU C 787 -11.58 75.56 33.50
CA LEU C 787 -12.38 74.72 34.38
C LEU C 787 -13.89 74.94 34.24
N PRO C 788 -14.40 76.15 33.99
CA PRO C 788 -15.82 76.27 33.65
C PRO C 788 -16.27 75.29 32.58
N ALA C 789 -15.62 75.30 31.41
CA ALA C 789 -16.01 74.38 30.34
C ALA C 789 -15.68 72.94 30.70
N LYS C 790 -14.56 72.72 31.38
CA LYS C 790 -14.17 71.37 31.76
C LYS C 790 -15.24 70.70 32.62
N ARG C 791 -15.85 71.45 33.53
CA ARG C 791 -16.91 70.86 34.34
C ARG C 791 -18.28 70.97 33.68
N TRP C 792 -18.46 71.92 32.75
CA TRP C 792 -19.70 71.99 31.99
C TRP C 792 -19.89 70.75 31.15
N LEU C 793 -18.83 70.32 30.46
CA LEU C 793 -18.91 69.12 29.63
C LEU C 793 -19.37 67.93 30.45
N ALA C 794 -18.73 67.69 31.60
CA ALA C 794 -19.14 66.60 32.47
C ALA C 794 -20.55 66.81 33.00
N GLN C 795 -20.97 68.06 33.21
CA GLN C 795 -22.34 68.31 33.62
C GLN C 795 -23.32 67.95 32.51
N ARG C 796 -22.84 67.87 31.27
CA ARG C 796 -23.65 67.39 30.17
C ARG C 796 -23.44 65.89 29.89
N GLY C 797 -22.84 65.15 30.82
CA GLY C 797 -22.81 63.71 30.75
C GLY C 797 -24.02 63.11 31.42
N PHE C 798 -25.18 63.34 30.81
CA PHE C 798 -26.48 63.03 31.40
C PHE C 798 -26.85 61.57 31.21
N ASP C 799 -28.15 61.27 31.40
CA ASP C 799 -28.87 60.03 31.08
C ASP C 799 -28.08 58.78 31.42
N PRO C 800 -28.01 58.40 32.70
CA PRO C 800 -27.22 57.22 33.08
C PRO C 800 -27.82 55.93 32.55
N VAL C 801 -28.07 55.91 31.25
CA VAL C 801 -28.43 54.68 30.55
C VAL C 801 -27.56 54.41 29.33
N TYR C 802 -26.93 55.43 28.74
CA TYR C 802 -26.12 55.27 27.55
C TYR C 802 -24.62 55.39 27.84
N GLY C 803 -24.22 55.13 29.07
CA GLY C 803 -22.80 55.02 29.37
C GLY C 803 -22.07 56.34 29.24
N ALA C 804 -21.09 56.38 28.35
CA ALA C 804 -20.21 57.54 28.23
C ALA C 804 -19.93 57.93 26.79
N ARG C 805 -20.67 57.39 25.83
CA ARG C 805 -20.51 57.79 24.44
C ARG C 805 -21.15 59.14 24.17
N PRO C 806 -22.36 59.42 24.70
CA PRO C 806 -22.90 60.78 24.59
C PRO C 806 -21.90 61.86 24.90
N LEU C 807 -20.98 61.62 25.83
CA LEU C 807 -19.95 62.63 26.10
C LEU C 807 -19.04 62.81 24.90
N ARG C 808 -18.72 61.74 24.19
CA ARG C 808 -17.87 61.85 23.01
C ARG C 808 -18.59 62.59 21.89
N ARG C 809 -19.85 62.24 21.65
CA ARG C 809 -20.60 62.95 20.63
C ARG C 809 -20.79 64.41 21.01
N LEU C 810 -20.91 64.70 22.31
CA LEU C 810 -21.01 66.08 22.76
C LEU C 810 -19.73 66.85 22.50
N VAL C 811 -18.58 66.26 22.83
CA VAL C 811 -17.31 66.91 22.54
C VAL C 811 -17.22 67.23 21.06
N GLN C 812 -17.57 66.27 20.21
CA GLN C 812 -17.57 66.52 18.77
C GLN C 812 -18.45 67.72 18.44
N GLN C 813 -19.76 67.57 18.69
CA GLN C 813 -20.75 68.57 18.32
C GLN C 813 -20.46 69.95 18.89
N ALA C 814 -19.76 70.04 20.02
CA ALA C 814 -19.58 71.33 20.69
C ALA C 814 -18.24 71.98 20.40
N ILE C 815 -17.21 71.22 20.02
CA ILE C 815 -15.89 71.78 19.77
C ILE C 815 -15.44 71.56 18.33
N GLY C 816 -15.58 70.34 17.82
CA GLY C 816 -14.97 70.02 16.54
C GLY C 816 -15.57 70.77 15.37
N ASP C 817 -16.89 70.92 15.36
CA ASP C 817 -17.52 71.61 14.23
C ASP C 817 -17.07 73.06 14.15
N GLN C 818 -17.12 73.79 15.27
CA GLN C 818 -16.68 75.17 15.28
C GLN C 818 -15.19 75.28 15.00
N LEU C 819 -14.40 74.35 15.52
CA LEU C 819 -12.97 74.39 15.29
C LEU C 819 -12.66 74.20 13.81
N ALA C 820 -13.32 73.26 13.15
CA ALA C 820 -13.11 73.06 11.73
C ALA C 820 -13.59 74.28 10.94
N LYS C 821 -14.76 74.80 11.30
CA LYS C 821 -15.31 75.96 10.62
C LYS C 821 -14.33 77.12 10.64
N MET C 822 -13.75 77.39 11.80
CA MET C 822 -12.70 78.39 11.88
C MET C 822 -11.46 77.98 11.10
N LEU C 823 -11.02 76.73 11.23
CA LEU C 823 -9.73 76.30 10.71
C LEU C 823 -9.67 76.39 9.19
N LEU C 824 -10.76 76.05 8.50
CA LEU C 824 -10.77 76.12 7.05
C LEU C 824 -11.28 77.46 6.52
N ALA C 825 -11.46 78.44 7.41
CA ALA C 825 -11.85 79.79 7.00
C ALA C 825 -10.77 80.79 7.37
N GLY C 826 -9.52 80.37 7.31
CA GLY C 826 -8.44 81.24 7.73
C GLY C 826 -8.47 81.49 9.23
N GLN C 827 -7.74 82.55 9.61
CA GLN C 827 -7.79 83.19 10.92
C GLN C 827 -7.33 82.29 12.05
N VAL C 828 -7.06 81.01 11.76
CA VAL C 828 -6.59 80.06 12.76
C VAL C 828 -5.32 79.38 12.23
N HIS C 829 -4.53 80.12 11.47
CA HIS C 829 -3.34 79.59 10.82
C HIS C 829 -2.51 78.75 11.77
N ASP C 830 -1.79 77.78 11.21
CA ASP C 830 -1.04 76.80 11.98
C ASP C 830 -0.17 77.48 13.04
N GLY C 831 0.01 76.78 14.16
CA GLY C 831 0.75 77.37 15.24
C GLY C 831 -0.10 77.75 16.44
N ASP C 832 -0.42 79.05 16.54
CA ASP C 832 -0.99 79.64 17.75
C ASP C 832 -2.12 78.80 18.33
N THR C 833 -2.10 78.66 19.65
CA THR C 833 -3.11 77.94 20.39
C THR C 833 -4.37 78.80 20.55
N VAL C 834 -5.51 78.13 20.67
CA VAL C 834 -6.78 78.84 20.89
C VAL C 834 -7.35 78.44 22.23
N PRO C 835 -7.78 79.39 23.04
CA PRO C 835 -8.41 79.05 24.31
C PRO C 835 -9.92 78.96 24.17
N VAL C 836 -10.52 77.95 24.80
CA VAL C 836 -11.96 77.77 24.77
C VAL C 836 -12.53 78.25 26.10
N ASN C 837 -13.58 79.07 26.03
CA ASN C 837 -14.17 79.65 27.21
C ASN C 837 -15.68 79.51 27.14
N VAL C 838 -16.27 79.18 28.28
CA VAL C 838 -17.69 78.88 28.33
C VAL C 838 -18.50 80.15 28.09
N SER C 839 -19.76 79.96 27.73
CA SER C 839 -20.74 81.04 27.55
C SER C 839 -22.02 80.61 28.28
N PRO C 840 -23.07 81.46 28.33
CA PRO C 840 -24.33 81.04 28.97
C PRO C 840 -24.79 79.62 28.65
N ASP C 841 -24.88 79.26 27.36
CA ASP C 841 -25.35 77.94 26.97
C ASP C 841 -24.29 77.13 26.24
N ALA C 842 -23.70 77.68 25.18
CA ALA C 842 -22.63 77.00 24.47
C ALA C 842 -21.29 77.53 24.97
N ASP C 843 -20.20 77.19 24.26
CA ASP C 843 -18.90 77.74 24.58
C ASP C 843 -18.19 78.17 23.29
N SER C 844 -17.63 79.36 23.31
CA SER C 844 -17.00 79.98 22.15
C SER C 844 -15.49 79.86 22.26
N LEU C 845 -14.82 80.18 21.16
CA LEU C 845 -13.37 80.06 21.08
C LEU C 845 -12.71 81.42 20.93
N GLN D 159 36.11 25.37 -9.86
CA GLN D 159 35.28 25.91 -10.93
C GLN D 159 33.87 25.33 -10.85
N ALA D 160 33.49 24.84 -9.68
CA ALA D 160 32.16 24.28 -9.50
C ALA D 160 31.14 25.33 -9.08
N LEU D 161 31.34 26.00 -7.95
CA LEU D 161 30.46 27.09 -7.59
C LEU D 161 30.99 28.41 -8.13
N GLN D 162 31.33 28.41 -9.41
CA GLN D 162 31.73 29.63 -10.11
C GLN D 162 30.77 30.04 -11.20
N LYS D 163 29.99 29.11 -11.75
CA LYS D 163 28.95 29.42 -12.73
C LYS D 163 27.56 29.14 -12.21
N TYR D 164 27.42 28.77 -10.93
CA TYR D 164 26.12 28.66 -10.28
C TYR D 164 26.04 29.54 -9.04
N SER D 165 26.84 30.59 -8.95
CA SER D 165 26.84 31.41 -7.75
C SER D 165 27.65 32.67 -7.99
N THR D 166 27.29 33.73 -7.26
CA THR D 166 28.02 34.98 -7.23
C THR D 166 28.65 35.13 -5.84
N ASP D 167 29.23 36.31 -5.59
CA ASP D 167 29.85 36.58 -4.29
C ASP D 167 29.21 37.85 -3.72
N LEU D 168 28.26 37.66 -2.81
CA LEU D 168 27.59 38.79 -2.18
C LEU D 168 28.58 39.61 -1.35
N THR D 169 29.57 38.95 -0.76
CA THR D 169 30.57 39.68 0.02
C THR D 169 31.40 40.60 -0.85
N ALA D 170 31.89 40.10 -2.00
CA ALA D 170 32.63 40.96 -2.91
C ALA D 170 31.74 42.06 -3.47
N ARG D 171 30.47 41.76 -3.70
CA ARG D 171 29.55 42.80 -4.12
C ARG D 171 29.47 43.92 -3.09
N ALA D 172 29.33 43.56 -1.81
CA ALA D 172 29.30 44.58 -0.77
C ALA D 172 30.63 45.32 -0.66
N ARG D 173 31.74 44.63 -0.92
CA ARG D 173 33.03 45.29 -0.93
C ARG D 173 33.10 46.36 -2.03
N GLU D 174 32.47 46.09 -3.17
CA GLU D 174 32.38 47.09 -4.23
C GLU D 174 31.37 48.18 -3.94
N GLY D 175 30.84 48.24 -2.71
CA GLY D 175 29.98 49.32 -2.30
C GLY D 175 28.63 49.39 -2.97
N LYS D 176 28.29 48.40 -3.79
CA LYS D 176 27.03 48.45 -4.53
C LYS D 176 25.91 47.74 -3.79
N LEU D 177 25.67 48.14 -2.54
CA LEU D 177 24.57 47.61 -1.76
C LEU D 177 23.94 48.73 -0.96
N ASP D 178 22.78 48.47 -0.40
CA ASP D 178 22.14 49.61 0.25
C ASP D 178 22.43 49.62 1.75
N PRO D 179 22.57 50.81 2.32
CA PRO D 179 22.99 50.94 3.72
C PRO D 179 21.89 50.63 4.71
N VAL D 180 21.72 49.35 5.06
CA VAL D 180 20.77 48.93 6.08
C VAL D 180 20.93 49.80 7.32
N ILE D 181 19.80 50.16 7.94
CA ILE D 181 19.80 51.03 9.11
C ILE D 181 18.94 50.37 10.17
N GLY D 182 19.55 50.02 11.30
CA GLY D 182 18.82 49.44 12.40
C GLY D 182 18.79 47.92 12.37
N ARG D 183 17.84 47.34 13.08
CA ARG D 183 17.68 45.89 13.16
C ARG D 183 18.97 45.22 13.60
N ASP D 184 19.41 45.57 14.81
CA ASP D 184 20.59 44.94 15.38
C ASP D 184 20.23 43.67 16.14
N ASN D 185 19.02 43.62 16.71
CA ASN D 185 18.55 42.41 17.37
C ASN D 185 18.59 41.22 16.42
N GLU D 186 18.06 41.39 15.21
CA GLU D 186 17.95 40.27 14.30
C GLU D 186 19.31 39.87 13.75
N ILE D 187 20.19 40.84 13.50
CA ILE D 187 21.53 40.49 13.05
C ILE D 187 22.27 39.73 14.15
N ARG D 188 22.11 40.16 15.41
CA ARG D 188 22.74 39.45 16.50
C ARG D 188 22.19 38.04 16.65
N ARG D 189 20.88 37.88 16.49
CA ARG D 189 20.29 36.55 16.55
C ARG D 189 20.81 35.67 15.43
N VAL D 190 20.86 36.20 14.21
CA VAL D 190 21.36 35.43 13.08
C VAL D 190 22.80 35.01 13.32
N VAL D 191 23.59 35.89 13.92
CA VAL D 191 24.99 35.55 14.16
C VAL D 191 25.11 34.47 15.23
N GLN D 192 24.43 34.65 16.36
CA GLN D 192 24.53 33.66 17.43
C GLN D 192 23.82 32.36 17.08
N VAL D 193 23.10 32.31 15.97
CA VAL D 193 22.64 31.03 15.46
C VAL D 193 23.64 30.45 14.49
N LEU D 194 24.14 31.26 13.56
CA LEU D 194 25.10 30.82 12.56
C LEU D 194 26.43 30.42 13.16
N SER D 195 26.67 30.70 14.44
CA SER D 195 27.93 30.35 15.09
C SER D 195 27.80 29.11 15.97
N ARG D 196 26.75 28.33 15.78
CA ARG D 196 26.51 27.15 16.59
C ARG D 196 27.48 26.04 16.20
N ARG D 197 27.33 24.86 16.81
CA ARG D 197 28.18 23.72 16.51
C ARG D 197 27.56 22.79 15.47
N THR D 198 26.33 22.35 15.69
CA THR D 198 25.63 21.50 14.74
C THR D 198 24.28 22.11 14.42
N LYS D 199 23.82 21.88 13.19
CA LYS D 199 22.53 22.40 12.73
C LYS D 199 22.49 23.92 12.84
N ASN D 200 23.42 24.58 12.13
CA ASN D 200 23.50 26.03 12.14
C ASN D 200 22.99 26.57 10.81
N ASN D 201 21.67 26.75 10.74
CA ASN D 201 21.02 27.26 9.54
C ASN D 201 19.82 28.11 9.93
N PRO D 202 19.97 29.43 9.95
CA PRO D 202 18.82 30.30 10.24
C PRO D 202 17.98 30.55 8.99
N VAL D 203 16.70 30.78 9.22
CA VAL D 203 15.75 31.03 8.14
C VAL D 203 14.88 32.21 8.53
N LEU D 204 14.99 33.30 7.77
CA LEU D 204 14.30 34.54 8.10
C LEU D 204 12.85 34.44 7.64
N ILE D 205 11.92 34.57 8.57
CA ILE D 205 10.50 34.37 8.33
C ILE D 205 9.74 35.62 8.69
N GLY D 206 8.77 35.99 7.84
CA GLY D 206 7.94 37.16 8.09
C GLY D 206 7.14 37.57 6.89
N GLU D 207 6.03 38.28 7.10
CA GLU D 207 5.15 38.68 6.01
C GLU D 207 5.92 39.49 4.97
N PRO D 208 5.49 39.45 3.72
CA PRO D 208 6.36 39.90 2.62
C PRO D 208 6.46 41.41 2.53
N GLY D 209 7.68 41.90 2.38
CA GLY D 209 7.95 43.31 2.21
C GLY D 209 8.67 43.96 3.37
N VAL D 210 8.83 43.27 4.51
CA VAL D 210 9.34 43.89 5.72
C VAL D 210 10.86 43.91 5.80
N GLY D 211 11.55 43.39 4.80
CA GLY D 211 13.00 43.50 4.79
C GLY D 211 13.74 42.23 5.16
N LYS D 212 13.26 41.08 4.69
CA LYS D 212 13.86 39.80 5.04
C LYS D 212 15.19 39.56 4.35
N THR D 213 15.47 40.24 3.25
CA THR D 213 16.79 40.14 2.64
C THR D 213 17.73 41.21 3.19
N ALA D 214 17.18 42.40 3.47
CA ALA D 214 17.98 43.51 3.99
C ALA D 214 18.83 43.07 5.17
N ILE D 215 18.34 42.15 5.98
CA ILE D 215 19.13 41.65 7.10
C ILE D 215 20.36 40.91 6.60
N VAL D 216 20.21 40.15 5.51
CA VAL D 216 21.36 39.41 4.98
C VAL D 216 22.36 40.38 4.37
N GLU D 217 21.90 41.38 3.62
CA GLU D 217 22.86 42.38 3.16
C GLU D 217 23.53 43.08 4.33
N GLY D 218 22.81 43.30 5.42
CA GLY D 218 23.43 43.91 6.59
C GLY D 218 24.52 43.05 7.17
N LEU D 219 24.27 41.75 7.27
CA LEU D 219 25.29 40.83 7.76
C LEU D 219 26.50 40.82 6.84
N ALA D 220 26.28 40.88 5.53
CA ALA D 220 27.40 40.92 4.60
C ALA D 220 28.23 42.18 4.79
N GLN D 221 27.56 43.34 4.89
CA GLN D 221 28.28 44.59 5.12
C GLN D 221 29.07 44.54 6.42
N ARG D 222 28.47 43.97 7.47
CA ARG D 222 29.15 43.91 8.75
C ARG D 222 30.38 43.00 8.67
N ILE D 223 30.27 41.88 7.96
CA ILE D 223 31.42 41.00 7.76
C ILE D 223 32.53 41.75 7.03
N VAL D 224 32.17 42.46 5.96
CA VAL D 224 33.17 43.18 5.18
C VAL D 224 33.86 44.23 6.02
N ALA D 225 33.10 44.91 6.87
CA ALA D 225 33.68 45.96 7.72
C ALA D 225 34.48 45.38 8.88
N GLY D 226 34.22 44.15 9.27
CA GLY D 226 34.97 43.54 10.35
C GLY D 226 34.44 43.82 11.74
N ASP D 227 33.14 43.66 11.95
CA ASP D 227 32.50 43.93 13.24
C ASP D 227 31.85 42.68 13.83
N VAL D 228 32.36 41.51 13.50
CA VAL D 228 31.73 40.25 13.88
C VAL D 228 32.65 39.50 14.84
N PRO D 229 32.16 38.48 15.56
CA PRO D 229 33.02 37.77 16.51
C PRO D 229 34.19 37.04 15.88
N GLU D 230 35.00 36.39 16.71
CA GLU D 230 36.28 35.84 16.27
C GLU D 230 36.10 34.82 15.16
N SER D 231 35.20 33.86 15.36
CA SER D 231 35.01 32.80 14.37
C SER D 231 33.95 33.16 13.34
N LEU D 232 34.04 34.37 12.80
CA LEU D 232 33.17 34.74 11.69
C LEU D 232 33.86 35.65 10.69
N ARG D 233 35.18 35.87 10.80
CA ARG D 233 35.86 36.81 9.91
C ARG D 233 36.25 36.13 8.61
N ASP D 234 36.06 36.86 7.50
CA ASP D 234 36.47 36.42 6.17
C ASP D 234 35.80 35.09 5.81
N LYS D 235 34.48 35.14 5.70
CA LYS D 235 33.70 33.96 5.35
C LYS D 235 33.06 34.02 3.98
N THR D 236 32.90 35.21 3.40
CA THR D 236 32.53 35.37 1.99
C THR D 236 31.23 34.63 1.67
N ILE D 237 30.14 35.13 2.26
CA ILE D 237 28.86 34.47 2.04
C ILE D 237 28.54 34.47 0.54
N VAL D 238 27.89 33.40 0.10
CA VAL D 238 27.70 33.10 -1.31
C VAL D 238 26.21 33.09 -1.61
N ALA D 239 25.83 33.68 -2.74
CA ALA D 239 24.44 33.73 -3.18
C ALA D 239 24.21 32.56 -4.14
N LEU D 240 23.80 31.43 -3.58
CA LEU D 240 23.52 30.26 -4.39
C LEU D 240 22.20 30.44 -5.14
N ASP D 241 22.00 29.64 -6.18
CA ASP D 241 20.77 29.70 -6.95
C ASP D 241 20.50 28.34 -7.57
N LEU D 242 19.22 27.98 -7.61
CA LEU D 242 18.80 26.72 -8.21
C LEU D 242 18.05 26.90 -9.52
N GLY D 243 17.63 28.13 -9.84
CA GLY D 243 17.01 28.37 -11.14
C GLY D 243 17.93 28.07 -12.31
N SER D 244 19.24 28.10 -12.08
CA SER D 244 20.21 27.82 -13.11
C SER D 244 20.93 26.50 -12.92
N MET D 245 20.42 25.63 -12.07
CA MET D 245 20.95 24.27 -11.93
C MET D 245 19.98 23.22 -12.45
N VAL D 246 18.69 23.39 -12.21
CA VAL D 246 17.69 22.44 -12.66
C VAL D 246 17.18 22.85 -14.03
N ALA D 247 17.67 23.98 -14.54
CA ALA D 247 17.11 24.54 -15.76
C ALA D 247 17.46 23.72 -16.99
N GLY D 248 18.75 23.67 -17.33
CA GLY D 248 19.13 22.90 -18.50
C GLY D 248 19.56 21.50 -18.12
N SER D 249 18.62 20.56 -18.16
CA SER D 249 18.92 19.16 -17.88
C SER D 249 17.77 18.32 -18.43
N LYS D 250 18.04 17.56 -19.49
CA LYS D 250 17.06 16.62 -20.03
C LYS D 250 17.77 15.29 -20.21
N TYR D 251 17.87 14.52 -19.13
CA TYR D 251 18.43 13.18 -19.10
C TYR D 251 18.19 12.61 -17.72
N ARG D 252 18.55 11.34 -17.54
CA ARG D 252 18.49 10.72 -16.22
C ARG D 252 19.74 11.08 -15.44
N GLY D 253 19.53 11.55 -14.21
CA GLY D 253 20.65 11.87 -13.34
C GLY D 253 21.62 12.86 -13.94
N GLU D 254 21.17 14.08 -14.17
CA GLU D 254 22.06 15.14 -14.60
C GLU D 254 22.09 16.30 -13.63
N PHE D 255 20.96 16.66 -13.04
CA PHE D 255 20.96 17.65 -11.97
C PHE D 255 21.76 17.17 -10.77
N GLU D 256 21.83 15.85 -10.58
CA GLU D 256 22.55 15.31 -9.44
C GLU D 256 24.05 15.57 -9.55
N GLU D 257 24.61 15.47 -10.75
CA GLU D 257 26.03 15.73 -10.89
C GLU D 257 26.37 17.17 -10.55
N ARG D 258 25.51 18.11 -10.93
CA ARG D 258 25.77 19.51 -10.61
C ARG D 258 25.64 19.78 -9.13
N LEU D 259 24.56 19.28 -8.51
CA LEU D 259 24.39 19.50 -7.08
C LEU D 259 25.54 18.87 -6.30
N LYS D 260 25.97 17.68 -6.71
CA LYS D 260 27.05 17.02 -5.99
C LYS D 260 28.38 17.73 -6.22
N ALA D 261 28.59 18.29 -7.41
CA ALA D 261 29.79 19.08 -7.62
C ALA D 261 29.82 20.30 -6.72
N VAL D 262 28.67 20.96 -6.57
CA VAL D 262 28.60 22.14 -5.70
C VAL D 262 28.87 21.75 -4.26
N LEU D 263 28.21 20.71 -3.78
CA LEU D 263 28.41 20.27 -2.40
C LEU D 263 29.86 19.84 -2.18
N ASP D 264 30.46 19.16 -3.15
CA ASP D 264 31.83 18.72 -3.00
C ASP D 264 32.77 19.92 -2.94
N ASP D 265 32.55 20.92 -3.78
CA ASP D 265 33.38 22.11 -3.74
C ASP D 265 33.22 22.86 -2.43
N ILE D 266 32.02 22.84 -1.84
CA ILE D 266 31.85 23.45 -0.53
C ILE D 266 32.66 22.69 0.51
N LYS D 267 32.45 21.38 0.61
CA LYS D 267 33.03 20.63 1.71
C LYS D 267 34.52 20.34 1.54
N ASN D 268 35.10 20.59 0.35
CA ASN D 268 36.56 20.52 0.27
C ASN D 268 37.21 21.68 1.01
N SER D 269 36.78 22.90 0.73
CA SER D 269 37.27 24.05 1.47
C SER D 269 36.82 23.96 2.92
N ALA D 270 37.55 24.67 3.78
CA ALA D 270 37.20 24.71 5.19
C ALA D 270 35.84 25.36 5.37
N GLY D 271 35.34 25.35 6.61
CA GLY D 271 34.02 25.89 6.87
C GLY D 271 34.01 27.41 6.79
N GLN D 272 34.22 27.94 5.58
CA GLN D 272 34.25 29.38 5.38
C GLN D 272 33.56 29.77 4.08
N ILE D 273 32.51 29.04 3.69
CA ILE D 273 31.76 29.33 2.48
C ILE D 273 30.28 29.47 2.82
N ILE D 274 29.97 30.17 3.92
CA ILE D 274 28.59 30.38 4.37
C ILE D 274 27.70 30.67 3.17
N THR D 275 26.62 29.93 3.04
CA THR D 275 25.81 29.97 1.83
C THR D 275 24.49 30.69 2.08
N PHE D 276 23.88 31.16 1.00
CA PHE D 276 22.64 31.93 1.10
C PHE D 276 21.76 31.57 -0.09
N ILE D 277 20.68 30.84 0.17
CA ILE D 277 19.63 30.60 -0.80
C ILE D 277 18.45 31.48 -0.44
N ASP D 278 18.07 32.37 -1.35
CA ASP D 278 16.87 33.18 -1.17
C ASP D 278 15.66 32.38 -1.63
N GLU D 279 14.49 32.72 -1.09
CA GLU D 279 13.22 32.07 -1.40
C GLU D 279 13.38 30.54 -1.50
N LEU D 280 13.83 29.95 -0.40
CA LEU D 280 14.16 28.53 -0.41
C LEU D 280 12.93 27.63 -0.42
N HIS D 281 11.73 28.16 -0.61
CA HIS D 281 10.61 27.28 -0.89
C HIS D 281 10.72 26.64 -2.26
N THR D 282 11.73 27.00 -3.04
CA THR D 282 12.07 26.33 -4.29
C THR D 282 13.12 25.25 -4.10
N ILE D 283 13.20 24.66 -2.91
CA ILE D 283 14.19 23.63 -2.62
C ILE D 283 13.59 22.23 -2.55
N VAL D 284 12.26 22.11 -2.43
CA VAL D 284 11.65 20.80 -2.26
C VAL D 284 11.37 20.10 -3.59
N GLY D 285 11.38 20.84 -4.69
CA GLY D 285 11.12 20.25 -5.99
C GLY D 285 12.35 19.64 -6.64
N ALA D 286 12.51 19.86 -7.94
CA ALA D 286 13.66 19.38 -8.70
C ALA D 286 13.74 17.86 -8.75
N GLY D 287 12.73 17.17 -8.23
CA GLY D 287 12.78 15.73 -8.06
C GLY D 287 12.65 14.93 -9.34
N ALA D 288 11.50 15.00 -9.98
CA ALA D 288 11.25 14.25 -11.20
C ALA D 288 10.08 14.85 -11.98
N ASP D 295 13.71 12.86 -4.37
CA ASP D 295 15.13 12.56 -4.55
C ASP D 295 15.89 13.78 -5.08
N ALA D 296 15.53 14.96 -4.58
CA ALA D 296 16.21 16.20 -4.94
C ALA D 296 15.85 17.24 -3.91
N GLY D 297 16.78 18.16 -3.63
CA GLY D 297 16.65 18.96 -2.44
C GLY D 297 16.51 18.12 -1.19
N ASN D 298 16.92 16.86 -1.26
CA ASN D 298 16.82 15.89 -0.18
C ASN D 298 18.11 15.14 0.05
N MET D 299 18.90 15.01 -1.00
CA MET D 299 20.20 14.42 -0.72
C MET D 299 21.00 15.43 0.09
N ILE D 300 20.65 16.70 -0.08
CA ILE D 300 21.35 17.84 0.56
C ILE D 300 20.99 17.85 2.03
N LYS D 301 20.44 16.77 2.55
CA LYS D 301 19.92 16.88 3.93
C LYS D 301 20.81 16.18 4.93
N PRO D 302 21.85 15.43 4.56
CA PRO D 302 22.70 14.89 5.59
C PRO D 302 23.66 16.02 5.93
N MET D 303 24.22 16.68 4.92
CA MET D 303 25.21 17.76 5.16
C MET D 303 24.57 18.81 6.05
N LEU D 304 23.33 19.18 5.77
CA LEU D 304 22.68 20.20 6.60
C LEU D 304 22.83 19.88 8.07
N ALA D 305 22.31 18.73 8.50
CA ALA D 305 22.29 18.49 9.94
C ALA D 305 23.64 17.98 10.44
N ARG D 306 24.73 18.61 10.01
CA ARG D 306 26.04 18.35 10.59
C ARG D 306 26.91 19.59 10.64
N GLY D 307 26.41 20.75 10.23
CA GLY D 307 27.21 21.96 10.21
C GLY D 307 28.31 21.95 9.15
N GLU D 308 27.96 21.56 7.93
CA GLU D 308 28.90 21.62 6.82
C GLU D 308 28.73 22.87 5.98
N LEU D 309 27.49 23.22 5.65
CA LEU D 309 27.14 24.47 5.01
C LEU D 309 26.15 25.20 5.90
N ARG D 310 26.04 26.51 5.71
CA ARG D 310 25.30 27.32 6.66
C ARG D 310 23.91 27.69 6.18
N LEU D 311 23.77 28.05 4.90
CA LEU D 311 22.48 28.12 4.23
C LEU D 311 21.52 29.10 4.92
N VAL D 312 21.89 30.38 4.87
CA VAL D 312 20.96 31.43 5.32
C VAL D 312 19.84 31.55 4.30
N GLY D 313 18.59 31.50 4.77
CA GLY D 313 17.45 31.52 3.90
C GLY D 313 16.52 32.69 4.16
N ALA D 314 15.46 32.77 3.38
CA ALA D 314 14.47 33.83 3.53
C ALA D 314 13.20 33.40 2.81
N THR D 315 12.10 33.27 3.54
CA THR D 315 10.85 32.81 2.94
C THR D 315 9.66 33.45 3.65
N THR D 316 8.58 33.62 2.90
CA THR D 316 7.36 34.20 3.44
C THR D 316 6.65 33.20 4.33
N LEU D 317 5.78 33.71 5.20
CA LEU D 317 4.98 32.86 6.06
C LEU D 317 4.19 31.84 5.27
N ASP D 318 3.43 32.33 4.28
CA ASP D 318 2.55 31.45 3.52
C ASP D 318 3.32 30.35 2.81
N GLU D 319 4.34 30.74 2.03
CA GLU D 319 5.11 29.75 1.31
C GLU D 319 5.80 28.78 2.26
N TYR D 320 6.30 29.28 3.38
CA TYR D 320 6.91 28.38 4.37
C TYR D 320 5.91 27.31 4.80
N ARG D 321 4.76 27.74 5.31
CA ARG D 321 3.78 26.78 5.80
C ARG D 321 3.34 25.81 4.71
N LYS D 322 3.19 26.32 3.49
CA LYS D 322 2.61 25.50 2.44
C LYS D 322 3.61 24.49 1.87
N HIS D 323 4.89 24.86 1.79
CA HIS D 323 5.86 24.06 1.06
C HIS D 323 6.79 23.26 1.97
N ILE D 324 7.08 23.74 3.17
CA ILE D 324 8.08 23.06 4.00
C ILE D 324 7.42 22.22 5.08
N GLU D 325 6.44 22.77 5.78
CA GLU D 325 5.86 22.08 6.93
C GLU D 325 5.15 20.80 6.53
N LYS D 326 5.06 20.51 5.23
CA LYS D 326 4.62 19.22 4.76
C LYS D 326 5.77 18.21 4.69
N ASP D 327 6.98 18.61 5.09
CA ASP D 327 8.18 17.79 4.96
C ASP D 327 8.96 17.82 6.26
N ALA D 328 8.26 17.56 7.37
CA ALA D 328 8.74 17.78 8.73
C ALA D 328 10.20 17.37 8.97
N ALA D 329 10.61 16.21 8.46
CA ALA D 329 11.96 15.74 8.71
C ALA D 329 13.02 16.64 8.11
N LEU D 330 12.64 17.58 7.24
CA LEU D 330 13.55 18.58 6.71
C LEU D 330 13.46 19.90 7.45
N GLU D 331 12.27 20.30 7.86
CA GLU D 331 12.09 21.50 8.66
C GLU D 331 12.89 21.46 9.96
N ARG D 332 13.20 20.28 10.47
CA ARG D 332 13.95 20.18 11.71
C ARG D 332 15.34 20.79 11.58
N ARG D 333 15.93 20.77 10.40
CA ARG D 333 17.32 21.26 10.36
C ARG D 333 17.39 22.77 10.26
N PHE D 334 16.28 23.46 10.40
CA PHE D 334 16.22 24.90 10.22
C PHE D 334 15.87 25.59 11.53
N GLN D 335 16.17 26.88 11.60
CA GLN D 335 15.82 27.73 12.73
C GLN D 335 15.10 28.96 12.22
N GLN D 336 14.05 29.37 12.93
CA GLN D 336 13.21 30.48 12.48
C GLN D 336 13.62 31.75 13.21
N VAL D 337 13.65 32.86 12.48
CA VAL D 337 13.90 34.18 13.03
C VAL D 337 12.77 35.08 12.58
N TYR D 338 11.75 35.23 13.41
CA TYR D 338 10.54 35.97 13.06
C TYR D 338 10.90 37.44 12.88
N VAL D 339 10.92 37.90 11.63
CA VAL D 339 11.27 39.27 11.30
C VAL D 339 9.97 40.07 11.18
N GLY D 340 9.52 40.62 12.29
CA GLY D 340 8.30 41.40 12.31
C GLY D 340 8.48 42.75 11.64
N GLU D 341 7.37 43.31 11.16
CA GLU D 341 7.43 44.60 10.50
C GLU D 341 7.77 45.68 11.52
N PRO D 342 8.42 46.75 11.09
CA PRO D 342 8.79 47.83 11.99
C PRO D 342 7.66 48.83 12.20
N SER D 343 7.82 49.66 13.22
CA SER D 343 6.84 50.69 13.53
C SER D 343 7.14 51.97 12.76
N VAL D 344 6.31 52.99 13.01
CA VAL D 344 6.40 54.24 12.26
C VAL D 344 7.72 54.95 12.53
N GLU D 345 8.19 54.95 13.78
CA GLU D 345 9.42 55.65 14.11
C GLU D 345 10.62 55.01 13.42
N ASP D 346 10.72 53.68 13.49
CA ASP D 346 11.79 52.98 12.79
C ASP D 346 11.68 53.19 11.29
N THR D 347 10.46 53.29 10.76
CA THR D 347 10.30 53.54 9.34
C THR D 347 10.85 54.91 8.97
N ILE D 348 10.57 55.92 9.81
CA ILE D 348 11.11 57.25 9.57
C ILE D 348 12.62 57.22 9.60
N GLY D 349 13.20 56.49 10.56
CA GLY D 349 14.63 56.35 10.60
C GLY D 349 15.21 55.75 9.33
N ILE D 350 14.63 54.65 8.87
CA ILE D 350 15.11 53.99 7.65
C ILE D 350 14.99 54.92 6.46
N LEU D 351 13.86 55.62 6.34
CA LEU D 351 13.66 56.53 5.22
C LEU D 351 14.71 57.63 5.22
N ARG D 352 14.95 58.23 6.39
CA ARG D 352 15.96 59.27 6.48
C ARG D 352 17.34 58.73 6.15
N GLY D 353 17.60 57.46 6.48
CA GLY D 353 18.85 56.85 6.08
C GLY D 353 19.00 56.74 4.59
N LEU D 354 17.95 56.28 3.91
CA LEU D 354 18.03 56.01 2.47
C LEU D 354 17.81 57.25 1.61
N LYS D 355 17.41 58.39 2.20
CA LYS D 355 17.08 59.58 1.43
C LYS D 355 18.12 59.90 0.35
N ASP D 356 19.41 59.78 0.68
CA ASP D 356 20.44 60.31 -0.20
C ASP D 356 20.52 59.54 -1.51
N ARG D 357 20.25 58.23 -1.47
CA ARG D 357 20.33 57.44 -2.71
C ARG D 357 19.36 57.97 -3.76
N TYR D 358 18.10 58.20 -3.38
CA TYR D 358 17.13 58.73 -4.32
C TYR D 358 17.43 60.19 -4.65
N GLU D 359 17.88 60.97 -3.66
CA GLU D 359 18.25 62.35 -3.93
C GLU D 359 19.36 62.45 -4.96
N VAL D 360 20.21 61.43 -5.04
CA VAL D 360 21.26 61.41 -6.04
C VAL D 360 20.75 60.87 -7.37
N HIS D 361 19.96 59.79 -7.33
CA HIS D 361 19.40 59.22 -8.55
C HIS D 361 18.60 60.25 -9.33
N HIS D 362 17.52 60.75 -8.73
CA HIS D 362 16.76 61.84 -9.31
C HIS D 362 17.38 63.15 -8.87
N GLY D 363 17.73 64.00 -9.82
CA GLY D 363 18.42 65.23 -9.49
C GLY D 363 17.53 66.25 -8.82
N VAL D 364 16.89 65.86 -7.72
CA VAL D 364 15.98 66.72 -6.97
C VAL D 364 16.38 66.72 -5.51
N ARG D 365 15.61 67.38 -4.66
CA ARG D 365 15.84 67.38 -3.23
C ARG D 365 14.56 66.93 -2.51
N ILE D 366 14.74 66.38 -1.32
CA ILE D 366 13.64 65.79 -0.57
C ILE D 366 13.67 66.32 0.86
N THR D 367 12.52 66.73 1.36
CA THR D 367 12.41 67.40 2.64
C THR D 367 12.03 66.42 3.74
N ASP D 368 12.56 66.67 4.94
CA ASP D 368 12.27 65.79 6.07
C ASP D 368 10.79 65.78 6.42
N SER D 369 10.10 66.92 6.26
CA SER D 369 8.67 66.92 6.46
C SER D 369 7.98 66.02 5.46
N ALA D 370 8.49 65.98 4.23
CA ALA D 370 7.92 65.07 3.24
C ALA D 370 8.14 63.62 3.64
N LEU D 371 9.32 63.29 4.16
CA LEU D 371 9.55 61.93 4.62
C LEU D 371 8.61 61.55 5.74
N VAL D 372 8.43 62.44 6.72
CA VAL D 372 7.54 62.15 7.83
C VAL D 372 6.10 61.98 7.35
N ALA D 373 5.66 62.86 6.45
CA ALA D 373 4.30 62.76 5.95
C ALA D 373 4.11 61.48 5.16
N ALA D 374 5.13 61.03 4.43
CA ALA D 374 5.03 59.77 3.71
C ALA D 374 4.90 58.61 4.68
N ALA D 375 5.76 58.56 5.70
CA ALA D 375 5.70 57.47 6.66
C ALA D 375 4.43 57.48 7.48
N THR D 376 3.76 58.62 7.58
CA THR D 376 2.50 58.67 8.33
C THR D 376 1.30 58.32 7.45
N LEU D 377 1.27 58.81 6.21
CA LEU D 377 0.15 58.52 5.32
C LEU D 377 0.17 57.08 4.85
N SER D 378 1.34 56.56 4.49
CA SER D 378 1.42 55.18 3.99
C SER D 378 0.98 54.16 5.03
N ASP D 379 0.70 54.57 6.26
CA ASP D 379 0.20 53.66 7.28
C ASP D 379 -1.29 53.78 7.52
N ARG D 380 -1.91 54.88 7.11
CA ARG D 380 -3.31 55.14 7.41
C ARG D 380 -4.23 54.95 6.21
N TYR D 381 -3.70 54.86 5.00
CA TYR D 381 -4.53 54.82 3.81
C TYR D 381 -4.28 53.62 2.90
N ILE D 382 -3.08 53.05 2.90
CA ILE D 382 -2.79 51.83 2.16
C ILE D 382 -2.62 50.73 3.19
N THR D 383 -3.70 50.05 3.53
CA THR D 383 -3.71 49.05 4.59
C THR D 383 -3.74 47.63 4.02
N ALA D 384 -3.08 47.42 2.89
CA ALA D 384 -2.95 46.09 2.31
C ALA D 384 -1.52 45.64 2.15
N ARG D 385 -0.54 46.54 2.15
CA ARG D 385 0.87 46.22 2.08
C ARG D 385 1.56 46.66 3.37
N PHE D 386 2.88 46.48 3.42
CA PHE D 386 3.62 46.65 4.65
C PHE D 386 4.63 47.78 4.53
N LEU D 387 5.13 48.21 5.68
CA LEU D 387 5.65 49.55 5.90
C LEU D 387 7.01 49.86 5.24
N PRO D 388 8.07 49.10 5.52
CA PRO D 388 9.41 49.58 5.15
C PRO D 388 9.59 49.78 3.66
N ASP D 389 8.75 49.20 2.82
CA ASP D 389 8.78 49.48 1.38
C ASP D 389 7.54 50.19 0.88
N LYS D 390 6.38 49.94 1.50
CA LYS D 390 5.19 50.72 1.18
C LYS D 390 5.46 52.20 1.30
N ALA D 391 6.29 52.61 2.25
CA ALA D 391 6.64 54.02 2.37
C ALA D 391 7.61 54.46 1.28
N ILE D 392 8.70 53.70 1.08
CA ILE D 392 9.73 54.10 0.14
C ILE D 392 9.18 54.25 -1.27
N ASP D 393 8.21 53.41 -1.63
CA ASP D 393 7.66 53.47 -2.98
C ASP D 393 7.04 54.82 -3.27
N LEU D 394 6.40 55.43 -2.27
CA LEU D 394 5.78 56.74 -2.47
C LEU D 394 6.83 57.80 -2.75
N VAL D 395 7.91 57.81 -1.98
CA VAL D 395 8.99 58.76 -2.20
C VAL D 395 9.53 58.61 -3.61
N ASP D 396 9.72 57.37 -4.05
CA ASP D 396 10.24 57.16 -5.40
C ASP D 396 9.26 57.66 -6.45
N GLU D 397 7.98 57.36 -6.28
CA GLU D 397 6.97 57.81 -7.22
C GLU D 397 6.95 59.32 -7.35
N ALA D 398 6.96 60.03 -6.21
CA ALA D 398 6.90 61.48 -6.24
C ALA D 398 8.16 62.08 -6.84
N ALA D 399 9.33 61.51 -6.53
CA ALA D 399 10.57 62.00 -7.13
C ALA D 399 10.51 61.85 -8.64
N SER D 400 10.01 60.71 -9.13
CA SER D 400 9.94 60.50 -10.57
C SER D 400 8.97 61.47 -11.23
N ARG D 401 7.81 61.70 -10.60
CA ARG D 401 6.85 62.64 -11.17
C ARG D 401 7.42 64.04 -11.23
N LEU D 402 8.12 64.46 -10.17
CA LEU D 402 8.73 65.79 -10.19
C LEU D 402 9.80 65.88 -11.27
N ARG D 403 10.57 64.80 -11.47
CA ARG D 403 11.56 64.79 -12.54
C ARG D 403 10.90 64.99 -13.89
N MET D 404 9.85 64.22 -14.17
CA MET D 404 9.15 64.36 -15.44
C MET D 404 8.57 65.75 -15.62
N GLU D 405 8.05 66.34 -14.54
CA GLU D 405 7.52 67.70 -14.64
C GLU D 405 8.64 68.71 -14.92
N ILE D 406 9.83 68.49 -14.36
CA ILE D 406 10.94 69.38 -14.65
C ILE D 406 11.34 69.27 -16.11
N ASP D 407 11.64 68.06 -16.57
CA ASP D 407 12.06 67.88 -17.95
C ASP D 407 10.89 68.07 -18.90
N SER D 408 11.20 68.13 -20.20
CA SER D 408 10.22 68.15 -21.28
C SER D 408 9.20 69.27 -21.14
N ARG D 409 9.53 70.34 -20.40
CA ARG D 409 8.62 71.47 -20.22
C ARG D 409 9.43 72.75 -20.15
N PRO D 410 9.55 73.49 -21.26
CA PRO D 410 10.22 74.78 -21.30
C PRO D 410 9.49 75.84 -20.47
N LYS D 530 11.92 75.76 -5.41
CA LYS D 530 10.74 75.22 -6.08
C LYS D 530 11.13 74.12 -7.06
N GLU D 531 12.19 73.41 -6.75
CA GLU D 531 12.61 72.22 -7.49
C GLU D 531 12.93 71.08 -6.52
N GLU D 532 12.04 70.86 -5.56
CA GLU D 532 12.18 69.77 -4.61
C GLU D 532 10.79 69.30 -4.20
N VAL D 533 10.72 68.02 -3.82
CA VAL D 533 9.43 67.45 -3.46
C VAL D 533 8.97 68.03 -2.14
N GLY D 534 7.67 68.06 -1.92
CA GLY D 534 7.10 68.64 -0.72
C GLY D 534 6.24 67.66 0.03
N PRO D 535 5.87 68.02 1.26
CA PRO D 535 5.04 67.14 2.08
C PRO D 535 3.58 67.05 1.65
N ASP D 536 3.21 67.67 0.52
CA ASP D 536 1.87 67.51 -0.03
C ASP D 536 1.87 66.80 -1.37
N ASP D 537 3.04 66.68 -2.02
CA ASP D 537 3.12 65.84 -3.21
C ASP D 537 2.91 64.37 -2.84
N ILE D 538 3.33 63.97 -1.65
CA ILE D 538 3.08 62.61 -1.19
C ILE D 538 1.59 62.38 -1.01
N ALA D 539 0.89 63.35 -0.43
CA ALA D 539 -0.56 63.25 -0.33
C ALA D 539 -1.19 63.23 -1.72
N ASP D 540 -0.63 64.01 -2.65
CA ASP D 540 -1.11 63.97 -4.03
C ASP D 540 -1.00 62.57 -4.60
N VAL D 541 0.09 61.87 -4.34
CA VAL D 541 0.25 60.51 -4.85
C VAL D 541 -0.76 59.58 -4.20
N VAL D 542 -0.76 59.55 -2.86
CA VAL D 542 -1.59 58.61 -2.13
C VAL D 542 -3.07 58.91 -2.28
N SER D 543 -3.41 60.05 -2.88
CA SER D 543 -4.77 60.28 -3.36
C SER D 543 -4.93 59.98 -4.84
N ALA D 544 -3.83 60.04 -5.60
CA ALA D 544 -3.89 59.73 -7.02
C ALA D 544 -4.20 58.26 -7.22
N TRP D 545 -3.79 57.42 -6.29
CA TRP D 545 -4.42 56.12 -6.21
C TRP D 545 -5.09 55.93 -4.85
N THR D 546 -6.00 54.96 -4.80
CA THR D 546 -6.90 54.61 -3.70
C THR D 546 -8.06 55.59 -3.55
N GLY D 547 -8.10 56.69 -4.31
CA GLY D 547 -9.27 57.53 -4.35
C GLY D 547 -9.54 58.38 -3.12
N ILE D 548 -8.88 58.08 -2.02
CA ILE D 548 -9.12 58.81 -0.76
C ILE D 548 -8.67 60.27 -0.94
N PRO D 549 -9.48 61.24 -0.54
CA PRO D 549 -9.12 62.64 -0.80
C PRO D 549 -8.14 63.22 0.21
N ALA D 550 -7.43 62.36 0.94
CA ALA D 550 -6.48 62.78 1.96
C ALA D 550 -5.56 63.87 1.45
N GLY D 551 -5.56 65.00 2.14
CA GLY D 551 -4.72 66.12 1.77
C GLY D 551 -4.78 67.19 2.85
N ARG D 552 -4.30 68.39 2.48
CA ARG D 552 -4.28 69.52 3.38
C ARG D 552 -5.06 70.70 2.82
N LEU D 553 -6.20 70.41 2.19
CA LEU D 553 -7.15 71.42 1.73
C LEU D 553 -6.49 72.42 0.77
N LEU D 554 -6.12 71.89 -0.39
CA LEU D 554 -5.66 72.76 -1.47
C LEU D 554 -6.80 73.68 -1.90
N GLU D 555 -6.45 74.76 -2.60
CA GLU D 555 -7.42 75.79 -2.93
C GLU D 555 -8.53 75.24 -3.83
N GLY D 556 -9.65 75.94 -3.85
CA GLY D 556 -10.82 75.51 -4.59
C GLY D 556 -11.64 74.51 -3.80
N GLU D 557 -10.97 73.50 -3.26
CA GLU D 557 -11.63 72.53 -2.40
C GLU D 557 -12.25 73.22 -1.18
N THR D 558 -11.53 74.16 -0.58
CA THR D 558 -12.06 74.89 0.57
C THR D 558 -13.25 75.75 0.16
N ALA D 559 -13.18 76.35 -1.02
CA ALA D 559 -14.32 77.13 -1.51
C ALA D 559 -15.54 76.24 -1.68
N LYS D 560 -15.35 75.03 -2.22
CA LYS D 560 -16.48 74.12 -2.38
C LYS D 560 -17.04 73.70 -1.03
N LEU D 561 -16.17 73.40 -0.06
CA LEU D 561 -16.65 72.97 1.24
C LEU D 561 -17.42 74.08 1.95
N LEU D 562 -16.85 75.29 1.99
CA LEU D 562 -17.58 76.43 2.54
C LEU D 562 -18.91 76.62 1.82
N ARG D 563 -18.91 76.40 0.50
CA ARG D 563 -20.10 76.54 -0.32
C ARG D 563 -20.75 75.18 -0.53
N MET D 564 -21.24 74.60 0.58
CA MET D 564 -21.82 73.28 0.54
C MET D 564 -23.31 73.27 0.84
N GLU D 565 -23.72 73.85 1.97
CA GLU D 565 -25.14 73.84 2.35
C GLU D 565 -26.03 74.34 1.23
N ASP D 566 -25.63 75.41 0.56
CA ASP D 566 -26.41 75.95 -0.55
C ASP D 566 -26.22 75.15 -1.83
N GLU D 567 -24.99 74.73 -2.12
CA GLU D 567 -24.74 73.92 -3.31
C GLU D 567 -25.50 72.59 -3.25
N LEU D 568 -25.70 72.06 -2.05
CA LEU D 568 -26.51 70.86 -1.89
C LEU D 568 -28.00 71.15 -1.93
N GLY D 569 -28.39 72.41 -1.70
CA GLY D 569 -29.79 72.77 -1.69
C GLY D 569 -30.45 72.74 -3.05
N LYS D 570 -29.68 72.87 -4.12
CA LYS D 570 -30.26 72.88 -5.46
C LYS D 570 -30.86 71.53 -5.83
N ARG D 571 -30.52 70.46 -5.11
CA ARG D 571 -31.09 69.14 -5.36
C ARG D 571 -32.00 68.67 -4.24
N VAL D 572 -31.89 69.30 -3.08
CA VAL D 572 -32.83 68.92 -2.00
C VAL D 572 -33.38 70.21 -1.43
N ILE D 573 -34.69 70.37 -1.50
CA ILE D 573 -35.34 71.60 -1.02
C ILE D 573 -35.98 71.25 0.32
N GLY D 574 -35.72 72.05 1.36
CA GLY D 574 -36.26 71.77 2.70
C GLY D 574 -35.21 71.07 3.54
N GLN D 575 -35.62 70.42 4.64
CA GLN D 575 -34.69 69.66 5.52
C GLN D 575 -33.44 70.47 5.87
N LYS D 576 -33.59 71.72 6.25
CA LYS D 576 -32.40 72.52 6.59
C LYS D 576 -31.70 71.86 7.77
N ALA D 577 -32.42 71.12 8.60
CA ALA D 577 -31.69 70.61 9.76
C ALA D 577 -30.69 69.52 9.38
N ALA D 578 -31.03 68.66 8.43
CA ALA D 578 -30.20 67.52 8.09
C ALA D 578 -28.96 67.90 7.28
N VAL D 579 -29.13 68.74 6.25
CA VAL D 579 -28.01 69.08 5.39
C VAL D 579 -26.87 69.69 6.19
N THR D 580 -27.18 70.49 7.21
CA THR D 580 -26.12 71.06 8.04
C THR D 580 -25.33 69.98 8.75
N ALA D 581 -26.00 68.91 9.21
CA ALA D 581 -25.30 67.87 9.93
C ALA D 581 -24.31 67.12 9.04
N VAL D 582 -24.78 66.65 7.88
CA VAL D 582 -23.91 65.93 6.95
C VAL D 582 -22.77 66.84 6.49
N SER D 583 -23.09 68.11 6.22
CA SER D 583 -22.07 69.05 5.80
C SER D 583 -21.00 69.21 6.87
N ASP D 584 -21.42 69.33 8.13
CA ASP D 584 -20.46 69.45 9.21
C ASP D 584 -19.63 68.18 9.37
N ALA D 585 -20.23 67.03 9.12
CA ALA D 585 -19.48 65.78 9.17
C ALA D 585 -18.36 65.79 8.13
N VAL D 586 -18.69 66.10 6.89
CA VAL D 586 -17.67 66.15 5.84
C VAL D 586 -16.62 67.19 6.18
N ARG D 587 -17.05 68.34 6.70
CA ARG D 587 -16.12 69.40 7.06
C ARG D 587 -15.12 68.95 8.11
N ARG D 588 -15.62 68.38 9.21
CA ARG D 588 -14.72 67.87 10.24
C ARG D 588 -13.78 66.82 9.66
N SER D 589 -14.31 65.87 8.90
CA SER D 589 -13.49 64.77 8.42
C SER D 589 -12.35 65.26 7.54
N ARG D 590 -12.61 66.26 6.70
CA ARG D 590 -11.56 66.73 5.80
C ARG D 590 -10.73 67.88 6.35
N ALA D 591 -11.15 68.50 7.44
CA ALA D 591 -10.36 69.58 8.01
C ALA D 591 -9.23 69.09 8.90
N GLY D 592 -9.32 67.88 9.41
CA GLY D 592 -8.28 67.32 10.25
C GLY D 592 -8.62 67.10 11.70
N VAL D 593 -9.89 67.21 12.08
CA VAL D 593 -10.33 66.96 13.44
C VAL D 593 -11.42 65.90 13.40
N SER D 594 -11.02 64.64 13.51
CA SER D 594 -11.94 63.52 13.54
C SER D 594 -11.16 62.27 13.91
N ASP D 595 -11.79 61.40 14.72
CA ASP D 595 -11.12 60.20 15.20
C ASP D 595 -10.74 59.31 14.04
N PRO D 596 -9.44 59.13 13.78
CA PRO D 596 -9.01 58.38 12.60
C PRO D 596 -9.47 56.94 12.57
N ASN D 597 -9.90 56.35 13.68
CA ASN D 597 -10.39 54.98 13.69
C ASN D 597 -11.84 54.99 14.18
N ARG D 598 -12.74 55.32 13.27
CA ARG D 598 -14.19 55.27 13.39
C ARG D 598 -14.69 55.78 12.05
N PRO D 599 -15.88 55.39 11.59
CA PRO D 599 -16.35 55.88 10.30
C PRO D 599 -16.47 57.39 10.28
N THR D 600 -16.60 57.95 9.08
CA THR D 600 -16.75 59.38 8.90
C THR D 600 -18.17 59.86 9.17
N GLY D 601 -18.97 59.05 9.85
CA GLY D 601 -20.35 59.38 10.14
C GLY D 601 -21.27 58.19 9.96
N ALA D 602 -22.25 58.03 10.84
CA ALA D 602 -23.12 56.86 10.83
C ALA D 602 -24.57 57.29 10.99
N PHE D 603 -24.98 58.30 10.24
CA PHE D 603 -26.30 58.90 10.44
C PHE D 603 -27.41 57.93 10.06
N MET D 604 -28.50 58.00 10.83
CA MET D 604 -29.76 57.35 10.49
C MET D 604 -30.85 58.40 10.60
N PHE D 605 -31.39 58.83 9.46
CA PHE D 605 -32.48 59.78 9.45
C PHE D 605 -33.76 59.08 9.01
N LEU D 606 -34.86 59.41 9.67
CA LEU D 606 -36.14 58.78 9.40
C LEU D 606 -37.24 59.83 9.52
N GLY D 607 -38.35 59.56 8.86
CA GLY D 607 -39.47 60.47 8.88
C GLY D 607 -40.63 59.99 8.04
N PRO D 608 -41.57 60.88 7.75
CA PRO D 608 -42.73 60.51 6.92
C PRO D 608 -42.33 60.01 5.54
N THR D 609 -43.29 59.43 4.82
CA THR D 609 -43.03 58.84 3.52
C THR D 609 -42.84 59.92 2.46
N GLY D 610 -41.97 59.65 1.49
CA GLY D 610 -41.79 60.55 0.37
C GLY D 610 -41.37 61.96 0.75
N VAL D 611 -40.29 62.10 1.52
CA VAL D 611 -39.83 63.42 1.91
C VAL D 611 -38.47 63.75 1.31
N GLY D 612 -37.71 62.75 0.89
CA GLY D 612 -36.43 63.02 0.26
C GLY D 612 -35.23 62.45 0.98
N LYS D 613 -35.41 61.33 1.66
CA LYS D 613 -34.30 60.72 2.40
C LYS D 613 -33.30 60.06 1.46
N THR D 614 -33.75 59.06 0.71
CA THR D 614 -32.92 58.45 -0.32
C THR D 614 -32.41 59.49 -1.30
N GLU D 615 -33.22 60.50 -1.59
CA GLU D 615 -32.81 61.52 -2.55
C GLU D 615 -31.73 62.41 -1.96
N LEU D 616 -31.81 62.71 -0.66
CA LEU D 616 -30.73 63.44 -0.01
C LEU D 616 -29.43 62.66 -0.06
N ALA D 617 -29.50 61.35 0.22
CA ALA D 617 -28.30 60.52 0.15
C ALA D 617 -27.71 60.52 -1.25
N LYS D 618 -28.57 60.35 -2.26
CA LYS D 618 -28.09 60.36 -3.64
C LYS D 618 -27.51 61.72 -4.02
N ALA D 619 -28.11 62.80 -3.54
CA ALA D 619 -27.59 64.12 -3.84
C ALA D 619 -26.23 64.35 -3.19
N LEU D 620 -26.05 63.82 -1.98
CA LEU D 620 -24.73 63.87 -1.36
C LEU D 620 -23.70 63.14 -2.20
N ALA D 621 -23.99 61.88 -2.53
CA ALA D 621 -23.06 61.09 -3.35
C ALA D 621 -22.77 61.78 -4.67
N ASP D 622 -23.78 62.44 -5.25
CA ASP D 622 -23.55 63.20 -6.47
C ASP D 622 -22.69 64.43 -6.21
N PHE D 623 -22.74 64.97 -4.99
CA PHE D 623 -21.95 66.15 -4.68
C PHE D 623 -20.47 65.80 -4.60
N LEU D 624 -20.11 64.84 -3.75
CA LEU D 624 -18.69 64.59 -3.53
C LEU D 624 -18.12 63.51 -4.45
N PHE D 625 -18.86 63.10 -5.48
CA PHE D 625 -18.30 62.26 -6.54
C PHE D 625 -18.65 62.71 -7.95
N ASP D 626 -19.77 63.40 -8.16
CA ASP D 626 -20.33 63.64 -9.48
C ASP D 626 -20.50 62.35 -10.26
N ASP D 627 -20.97 61.31 -9.56
CA ASP D 627 -21.27 60.02 -10.17
C ASP D 627 -22.35 59.37 -9.33
N GLU D 628 -23.60 59.46 -9.78
CA GLU D 628 -24.72 58.96 -9.00
C GLU D 628 -24.67 57.45 -8.80
N ARG D 629 -24.00 56.72 -9.69
CA ARG D 629 -23.93 55.27 -9.61
C ARG D 629 -22.61 54.79 -9.03
N ALA D 630 -21.95 55.63 -8.22
CA ALA D 630 -20.69 55.24 -7.58
C ALA D 630 -20.84 55.02 -6.08
N MET D 631 -22.05 54.83 -5.58
CA MET D 631 -22.29 54.48 -4.20
C MET D 631 -22.82 53.07 -4.10
N VAL D 632 -22.73 52.50 -2.90
CA VAL D 632 -23.13 51.11 -2.69
C VAL D 632 -24.38 51.07 -1.83
N ARG D 633 -25.55 51.02 -2.46
CA ARG D 633 -26.80 50.90 -1.75
C ARG D 633 -27.22 49.44 -1.72
N ILE D 634 -27.69 49.00 -0.56
CA ILE D 634 -28.25 47.65 -0.40
C ILE D 634 -29.65 47.80 0.17
N ASP D 635 -30.58 47.03 -0.38
CA ASP D 635 -31.99 47.15 -0.07
C ASP D 635 -32.33 46.19 1.06
N MET D 636 -32.36 46.70 2.29
CA MET D 636 -32.70 45.88 3.44
C MET D 636 -34.12 45.35 3.38
N SER D 637 -34.91 45.70 2.37
CA SER D 637 -36.24 45.16 2.22
C SER D 637 -36.24 43.70 1.81
N GLU D 638 -35.12 43.19 1.31
CA GLU D 638 -35.01 41.81 0.86
C GLU D 638 -34.67 40.84 1.99
N TYR D 639 -34.09 41.32 3.09
CA TYR D 639 -33.50 40.44 4.09
C TYR D 639 -34.48 40.11 5.20
N GLY D 640 -35.77 40.03 4.87
CA GLY D 640 -36.75 39.60 5.86
C GLY D 640 -36.49 38.21 6.39
N GLU D 641 -35.72 37.41 5.67
CA GLU D 641 -35.35 36.07 6.10
C GLU D 641 -34.05 36.14 6.90
N LYS D 642 -33.91 35.18 7.83
CA LYS D 642 -32.72 35.16 8.67
C LYS D 642 -31.46 34.94 7.85
N HIS D 643 -31.42 33.84 7.09
CA HIS D 643 -30.18 33.36 6.49
C HIS D 643 -29.69 34.25 5.35
N THR D 644 -30.48 35.18 4.88
CA THR D 644 -30.03 35.96 3.73
C THR D 644 -28.91 36.93 4.06
N VAL D 645 -28.35 36.90 5.27
CA VAL D 645 -27.27 37.82 5.62
C VAL D 645 -25.98 37.41 4.91
N ALA D 646 -25.89 36.15 4.48
CA ALA D 646 -24.65 35.63 3.93
C ALA D 646 -24.20 36.36 2.67
N ARG D 647 -25.06 37.17 2.05
CA ARG D 647 -24.67 37.85 0.82
C ARG D 647 -23.64 38.93 1.07
N LEU D 648 -23.67 39.57 2.23
CA LEU D 648 -22.75 40.66 2.54
C LEU D 648 -21.63 40.23 3.48
N ILE D 649 -21.47 38.93 3.68
CA ILE D 649 -20.41 38.40 4.53
C ILE D 649 -19.59 37.39 3.75
N GLY D 650 -20.27 36.40 3.19
CA GLY D 650 -19.63 35.28 2.54
C GLY D 650 -20.07 33.97 3.16
N ALA D 651 -19.34 32.92 2.80
CA ALA D 651 -19.66 31.63 3.39
C ALA D 651 -18.44 31.04 4.07
N PRO D 652 -18.62 30.24 5.12
CA PRO D 652 -17.49 29.70 5.84
C PRO D 652 -16.72 28.72 4.98
N PRO D 653 -15.49 28.38 5.38
CA PRO D 653 -14.68 27.46 4.56
C PRO D 653 -15.29 26.06 4.52
N GLY D 654 -15.48 25.57 3.29
CA GLY D 654 -16.09 24.27 3.10
C GLY D 654 -17.52 24.30 2.62
N TYR D 655 -17.98 25.41 2.05
CA TYR D 655 -19.36 25.53 1.61
C TYR D 655 -19.38 26.11 0.20
N VAL D 656 -20.59 26.19 -0.38
CA VAL D 656 -20.74 26.31 -1.82
C VAL D 656 -20.02 27.56 -2.33
N GLY D 657 -20.50 28.73 -1.94
CA GLY D 657 -19.84 29.94 -2.40
C GLY D 657 -18.85 30.45 -1.38
N TYR D 658 -17.59 30.07 -1.53
CA TYR D 658 -16.57 30.44 -0.56
C TYR D 658 -15.50 31.31 -1.17
N GLU D 659 -14.96 30.91 -2.32
CA GLU D 659 -13.93 31.67 -3.02
C GLU D 659 -14.48 32.93 -3.68
N ALA D 660 -15.79 33.12 -3.69
CA ALA D 660 -16.36 34.32 -4.30
C ALA D 660 -16.34 35.50 -3.35
N GLY D 661 -16.49 35.25 -2.05
CA GLY D 661 -16.49 36.32 -1.07
C GLY D 661 -17.89 36.81 -0.74
N GLY D 662 -17.93 38.00 -0.16
CA GLY D 662 -19.17 38.67 0.17
C GLY D 662 -19.38 39.88 -0.72
N GLN D 663 -20.65 40.15 -1.05
CA GLN D 663 -20.97 41.25 -1.95
C GLN D 663 -20.49 42.58 -1.39
N LEU D 664 -20.96 42.93 -0.21
CA LEU D 664 -20.63 44.23 0.38
C LEU D 664 -19.13 44.35 0.62
N THR D 665 -18.53 43.31 1.18
CA THR D 665 -17.11 43.35 1.49
C THR D 665 -16.28 43.50 0.22
N GLU D 666 -16.66 42.80 -0.85
CA GLU D 666 -15.94 42.95 -2.11
C GLU D 666 -16.10 44.33 -2.68
N ALA D 667 -17.32 44.88 -2.65
CA ALA D 667 -17.54 46.22 -3.18
C ALA D 667 -16.78 47.29 -2.41
N VAL D 668 -16.55 47.07 -1.11
CA VAL D 668 -15.88 48.09 -0.31
C VAL D 668 -14.36 47.91 -0.24
N ARG D 669 -13.86 46.68 -0.45
CA ARG D 669 -12.41 46.48 -0.41
C ARG D 669 -11.71 47.30 -1.48
N ARG D 670 -12.30 47.40 -2.65
CA ARG D 670 -11.92 48.42 -3.61
C ARG D 670 -12.88 49.60 -3.49
N ARG D 671 -12.48 50.73 -4.06
CA ARG D 671 -13.21 51.99 -3.89
C ARG D 671 -13.43 52.26 -2.40
N PRO D 672 -12.38 52.51 -1.63
CA PRO D 672 -12.58 52.74 -0.20
C PRO D 672 -12.97 54.16 0.11
N TYR D 673 -13.92 54.71 -0.65
CA TYR D 673 -14.42 56.05 -0.37
C TYR D 673 -15.91 56.19 -0.64
N THR D 674 -16.65 55.10 -0.77
CA THR D 674 -18.03 55.18 -1.25
C THR D 674 -18.93 55.72 -0.14
N VAL D 675 -20.23 55.70 -0.39
CA VAL D 675 -21.24 56.15 0.55
C VAL D 675 -22.25 55.03 0.71
N VAL D 676 -22.04 54.18 1.71
CA VAL D 676 -22.90 53.02 1.93
C VAL D 676 -24.28 53.50 2.29
N LEU D 677 -25.30 52.76 1.87
CA LEU D 677 -26.69 53.10 2.14
C LEU D 677 -27.44 51.85 2.55
N PHE D 678 -28.44 52.01 3.40
CA PHE D 678 -29.28 50.91 3.86
C PHE D 678 -30.74 51.32 3.67
N ASP D 679 -31.27 51.02 2.48
CA ASP D 679 -32.64 51.40 2.16
C ASP D 679 -33.63 50.77 3.14
N GLU D 680 -34.41 51.62 3.80
CA GLU D 680 -35.56 51.24 4.62
C GLU D 680 -35.25 50.04 5.53
N ILE D 681 -34.34 50.27 6.47
CA ILE D 681 -33.93 49.22 7.40
C ILE D 681 -34.97 49.20 8.51
N GLU D 682 -36.11 48.56 8.19
CA GLU D 682 -37.11 48.16 9.16
C GLU D 682 -37.67 46.79 8.86
N LYS D 683 -37.33 46.20 7.71
CA LYS D 683 -37.86 44.93 7.26
C LYS D 683 -37.06 43.75 7.79
N ALA D 684 -35.75 43.76 7.59
CA ALA D 684 -34.90 42.67 8.06
C ALA D 684 -35.10 42.45 9.55
N HIS D 685 -35.50 41.24 9.92
CA HIS D 685 -35.87 40.98 11.30
C HIS D 685 -34.64 41.08 12.19
N PRO D 686 -34.83 41.35 13.48
CA PRO D 686 -33.72 41.89 14.29
C PRO D 686 -32.57 40.91 14.50
N ASP D 687 -31.95 40.49 13.41
CA ASP D 687 -30.67 39.80 13.46
C ASP D 687 -29.62 40.46 12.59
N VAL D 688 -29.98 41.02 11.44
CA VAL D 688 -29.04 41.80 10.65
C VAL D 688 -28.54 43.00 11.44
N PHE D 689 -29.25 43.38 12.50
CA PHE D 689 -28.78 44.47 13.35
C PHE D 689 -27.56 44.04 14.16
N ASP D 690 -27.15 42.79 14.02
CA ASP D 690 -25.98 42.35 14.77
C ASP D 690 -24.76 42.16 13.90
N VAL D 691 -24.73 42.81 12.75
CA VAL D 691 -23.50 42.97 11.98
C VAL D 691 -23.09 44.43 11.89
N LEU D 692 -24.04 45.30 11.59
CA LEU D 692 -23.80 46.73 11.70
C LEU D 692 -23.39 47.12 13.10
N LEU D 693 -23.85 46.37 14.11
CA LEU D 693 -23.52 46.65 15.49
C LEU D 693 -22.04 46.81 15.73
N GLN D 694 -21.20 46.17 14.90
CA GLN D 694 -19.76 46.36 14.97
C GLN D 694 -19.15 46.85 13.67
N VAL D 695 -19.92 46.91 12.58
CA VAL D 695 -19.49 47.71 11.43
C VAL D 695 -19.34 49.16 11.86
N LEU D 696 -20.33 49.67 12.58
CA LEU D 696 -20.28 50.98 13.19
C LEU D 696 -19.28 50.98 14.34
N ASP D 697 -18.78 52.17 14.67
CA ASP D 697 -17.95 52.43 15.84
C ASP D 697 -16.55 51.85 15.72
N GLU D 698 -16.30 51.02 14.71
CA GLU D 698 -14.94 50.57 14.41
C GLU D 698 -14.61 50.53 12.94
N GLY D 699 -15.57 50.47 12.04
CA GLY D 699 -15.29 50.30 10.64
C GLY D 699 -14.60 48.97 10.35
N ARG D 700 -15.02 47.92 11.04
CA ARG D 700 -14.44 46.60 10.85
C ARG D 700 -15.48 45.65 10.29
N LEU D 701 -15.01 44.70 9.49
CA LEU D 701 -15.84 43.63 8.97
C LEU D 701 -14.93 42.51 8.48
N THR D 702 -15.34 41.27 8.70
CA THR D 702 -14.52 40.11 8.35
C THR D 702 -15.34 39.18 7.46
N ASP D 703 -14.85 38.94 6.25
CA ASP D 703 -15.54 38.12 5.27
C ASP D 703 -15.17 36.65 5.44
N GLY D 704 -15.48 35.83 4.45
CA GLY D 704 -15.27 34.40 4.55
C GLY D 704 -13.82 34.00 4.75
N HIS D 705 -12.92 34.48 3.88
CA HIS D 705 -11.52 34.09 3.94
C HIS D 705 -10.82 34.50 5.23
N GLY D 706 -11.52 35.17 6.14
CA GLY D 706 -10.88 35.65 7.35
C GLY D 706 -10.21 37.00 7.21
N ARG D 707 -10.34 37.66 6.07
CA ARG D 707 -9.75 38.97 5.89
C ARG D 707 -10.45 40.00 6.79
N THR D 708 -9.95 41.23 6.74
CA THR D 708 -10.56 42.36 7.41
C THR D 708 -10.60 43.52 6.44
N VAL D 709 -11.68 44.28 6.47
CA VAL D 709 -11.80 45.48 5.66
C VAL D 709 -12.00 46.67 6.59
N ASP D 710 -11.75 47.86 6.05
CA ASP D 710 -11.82 49.09 6.83
C ASP D 710 -12.91 49.98 6.27
N PHE D 711 -13.84 50.37 7.12
CA PHE D 711 -14.86 51.35 6.77
C PHE D 711 -14.55 52.72 7.34
N ARG D 712 -13.29 53.00 7.65
CA ARG D 712 -12.94 54.18 8.43
C ARG D 712 -13.16 55.48 7.68
N ASN D 713 -13.35 55.43 6.36
CA ASN D 713 -13.57 56.66 5.59
C ASN D 713 -14.74 56.50 4.64
N THR D 714 -15.82 55.91 5.12
CA THR D 714 -17.10 55.85 4.44
C THR D 714 -18.14 56.58 5.25
N ILE D 715 -19.29 56.84 4.64
CA ILE D 715 -20.39 57.52 5.32
C ILE D 715 -21.59 56.58 5.29
N LEU D 716 -21.81 55.86 6.39
CA LEU D 716 -22.94 54.96 6.45
C LEU D 716 -24.22 55.77 6.63
N ILE D 717 -25.25 55.38 5.91
CA ILE D 717 -26.52 56.09 5.89
C ILE D 717 -27.63 55.06 5.80
N LEU D 718 -28.55 55.08 6.76
CA LEU D 718 -29.61 54.08 6.82
C LEU D 718 -30.93 54.76 7.13
N THR D 719 -31.85 54.74 6.16
CA THR D 719 -33.15 55.37 6.30
C THR D 719 -34.09 54.45 7.07
N SER D 720 -35.35 54.85 7.18
CA SER D 720 -36.38 54.06 7.84
C SER D 720 -37.73 54.71 7.57
N ASN D 721 -38.79 54.12 8.15
CA ASN D 721 -40.11 54.73 8.08
C ASN D 721 -40.88 54.60 9.40
N LEU D 722 -40.18 54.49 10.52
CA LEU D 722 -40.87 54.48 11.81
C LEU D 722 -41.62 55.79 12.00
N GLY D 723 -42.63 55.77 12.87
CA GLY D 723 -43.44 56.95 13.02
C GLY D 723 -44.68 56.92 12.15
N SER D 724 -44.55 57.49 10.94
CA SER D 724 -45.65 57.60 9.99
C SER D 724 -46.76 58.49 10.55
N GLY D 725 -46.43 59.75 10.80
CA GLY D 725 -47.42 60.71 11.25
C GLY D 725 -47.21 61.16 12.68
N GLY D 726 -46.81 60.25 13.56
CA GLY D 726 -46.64 60.56 14.96
C GLY D 726 -45.64 61.67 15.19
N SER D 727 -45.78 62.33 16.35
CA SER D 727 -44.88 63.40 16.73
C SER D 727 -43.48 62.85 17.02
N ALA D 728 -42.55 63.75 17.26
CA ALA D 728 -41.18 63.35 17.56
C ALA D 728 -41.08 62.48 18.80
N GLU D 729 -42.02 62.58 19.74
CA GLU D 729 -42.01 61.75 20.93
C GLU D 729 -42.88 60.51 20.79
N GLN D 730 -43.53 60.31 19.65
CA GLN D 730 -44.21 59.05 19.35
C GLN D 730 -43.40 58.18 18.40
N VAL D 731 -42.41 58.75 17.72
CA VAL D 731 -41.49 58.00 16.89
C VAL D 731 -40.20 57.66 17.64
N LEU D 732 -39.78 58.56 18.54
CA LEU D 732 -38.64 58.28 19.40
C LEU D 732 -38.96 57.21 20.44
N ALA D 733 -40.21 56.77 20.50
CA ALA D 733 -40.57 55.56 21.24
C ALA D 733 -40.53 54.34 20.35
N ALA D 734 -40.90 54.50 19.07
CA ALA D 734 -40.77 53.41 18.12
C ALA D 734 -39.33 52.99 17.95
N VAL D 735 -38.41 53.94 17.84
CA VAL D 735 -37.00 53.60 17.72
C VAL D 735 -36.54 52.79 18.92
N ARG D 736 -36.84 53.27 20.13
CA ARG D 736 -36.43 52.57 21.33
C ARG D 736 -37.03 51.17 21.42
N ALA D 737 -38.32 51.02 21.14
CA ALA D 737 -38.97 49.72 21.25
C ALA D 737 -38.64 48.79 20.10
N THR D 738 -38.04 49.30 19.03
CA THR D 738 -37.65 48.42 17.93
C THR D 738 -36.20 47.99 18.03
N PHE D 739 -35.27 48.93 18.19
CA PHE D 739 -33.86 48.61 18.31
C PHE D 739 -33.48 48.43 19.77
N LYS D 740 -32.17 48.37 20.01
CA LYS D 740 -31.61 48.14 21.32
C LYS D 740 -30.76 49.32 21.77
N PRO D 741 -30.49 49.44 23.07
CA PRO D 741 -29.54 50.48 23.52
C PRO D 741 -28.16 50.32 22.94
N GLU D 742 -27.62 49.09 22.92
CA GLU D 742 -26.32 48.84 22.32
C GLU D 742 -26.25 49.30 20.87
N PHE D 743 -27.39 49.44 20.21
CA PHE D 743 -27.42 49.89 18.82
C PHE D 743 -27.63 51.40 18.70
N ILE D 744 -28.69 51.93 19.33
CA ILE D 744 -28.93 53.36 19.24
C ILE D 744 -27.75 54.15 19.78
N ASN D 745 -26.98 53.54 20.69
CA ASN D 745 -25.81 54.22 21.22
C ASN D 745 -24.68 54.32 20.21
N ARG D 746 -24.63 53.40 19.23
CA ARG D 746 -23.54 53.39 18.26
C ARG D 746 -23.63 54.57 17.31
N LEU D 747 -24.74 54.68 16.59
CA LEU D 747 -24.87 55.63 15.50
C LEU D 747 -25.02 57.05 16.02
N ASP D 748 -24.77 58.00 15.12
CA ASP D 748 -24.78 59.42 15.45
C ASP D 748 -26.19 59.95 15.54
N ASP D 749 -26.33 61.27 15.52
CA ASP D 749 -27.61 61.94 15.69
C ASP D 749 -28.70 61.28 14.86
N VAL D 750 -29.87 61.13 15.47
CA VAL D 750 -31.04 60.53 14.82
C VAL D 750 -31.86 61.68 14.26
N LEU D 751 -31.57 62.06 13.02
CA LEU D 751 -32.26 63.18 12.40
C LEU D 751 -33.71 62.80 12.11
N ILE D 752 -34.63 63.72 12.41
CA ILE D 752 -36.04 63.57 12.08
C ILE D 752 -36.33 64.49 10.90
N PHE D 753 -37.11 64.00 9.94
CA PHE D 753 -37.42 64.80 8.76
C PHE D 753 -38.80 65.42 8.89
N GLU D 754 -38.89 66.70 8.52
CA GLU D 754 -40.15 67.43 8.59
C GLU D 754 -41.07 66.99 7.46
N GLY D 755 -42.27 67.54 7.42
CA GLY D 755 -43.20 67.28 6.34
C GLY D 755 -43.02 68.30 5.22
N LEU D 756 -43.50 67.93 4.04
CA LEU D 756 -43.39 68.81 2.88
C LEU D 756 -44.20 70.07 3.11
N ASN D 757 -43.54 71.21 3.06
CA ASN D 757 -44.24 72.49 3.17
C ASN D 757 -45.12 72.69 1.95
N PRO D 758 -46.38 73.09 2.12
CA PRO D 758 -47.29 73.18 0.98
C PRO D 758 -46.88 74.20 -0.06
N GLU D 759 -45.89 75.03 0.26
CA GLU D 759 -45.47 76.09 -0.65
C GLU D 759 -44.40 75.65 -1.64
N GLU D 760 -43.35 74.99 -1.16
CA GLU D 760 -42.14 74.77 -1.94
C GLU D 760 -42.33 73.80 -3.09
N LEU D 761 -43.50 73.18 -3.23
CA LEU D 761 -43.71 72.24 -4.32
C LEU D 761 -43.54 72.90 -5.68
N VAL D 762 -43.68 74.22 -5.78
CA VAL D 762 -43.38 74.90 -7.02
C VAL D 762 -41.94 74.68 -7.42
N ARG D 763 -41.01 74.79 -6.46
CA ARG D 763 -39.61 74.54 -6.76
C ARG D 763 -39.36 73.06 -7.05
N ILE D 764 -40.10 72.15 -6.41
CA ILE D 764 -39.97 70.74 -6.74
C ILE D 764 -40.33 70.50 -8.20
N VAL D 765 -41.45 71.06 -8.63
CA VAL D 765 -41.86 70.93 -10.03
C VAL D 765 -40.84 71.59 -10.94
N ASP D 766 -40.24 72.69 -10.48
CA ASP D 766 -39.16 73.32 -11.22
C ASP D 766 -38.01 72.34 -11.45
N ILE D 767 -37.58 71.66 -10.39
CA ILE D 767 -36.51 70.67 -10.51
C ILE D 767 -36.89 69.60 -11.52
N GLN D 768 -38.12 69.09 -11.41
CA GLN D 768 -38.54 68.01 -12.30
C GLN D 768 -38.56 68.45 -13.76
N LEU D 769 -39.04 69.67 -14.02
CA LEU D 769 -39.04 70.17 -15.38
C LEU D 769 -37.63 70.41 -15.89
N ALA D 770 -36.71 70.82 -15.01
CA ALA D 770 -35.32 70.96 -15.42
C ALA D 770 -34.74 69.61 -15.82
N GLN D 771 -35.00 68.57 -15.04
CA GLN D 771 -34.52 67.24 -15.39
C GLN D 771 -35.14 66.77 -16.71
N LEU D 772 -36.41 67.07 -16.92
CA LEU D 772 -37.04 66.71 -18.19
C LEU D 772 -36.39 67.42 -19.36
N GLY D 773 -36.16 68.72 -19.23
CA GLY D 773 -35.46 69.46 -20.27
C GLY D 773 -34.07 68.92 -20.53
N LYS D 774 -33.41 68.46 -19.48
CA LYS D 774 -32.11 67.82 -19.66
C LYS D 774 -32.24 66.52 -20.45
N ARG D 775 -33.34 65.78 -20.22
CA ARG D 775 -33.59 64.61 -21.05
C ARG D 775 -33.87 65.00 -22.50
N LEU D 776 -34.42 66.20 -22.71
CA LEU D 776 -34.70 66.69 -24.07
C LEU D 776 -33.55 67.54 -24.58
N ALA D 777 -32.41 66.89 -24.80
CA ALA D 777 -31.22 67.56 -25.28
C ALA D 777 -30.61 66.93 -26.53
N GLN D 778 -30.91 65.67 -26.82
CA GLN D 778 -30.45 65.08 -28.07
C GLN D 778 -31.13 65.77 -29.26
N ARG D 779 -32.41 66.09 -29.11
CA ARG D 779 -33.10 67.00 -30.01
C ARG D 779 -32.78 68.43 -29.57
N ARG D 780 -33.53 69.39 -30.11
CA ARG D 780 -33.35 70.79 -29.75
C ARG D 780 -34.66 71.41 -29.27
N LEU D 781 -35.39 70.70 -28.41
CA LEU D 781 -36.65 71.20 -27.89
C LEU D 781 -36.45 71.96 -26.60
N GLN D 782 -37.37 72.88 -26.33
CA GLN D 782 -37.48 73.56 -25.05
C GLN D 782 -38.93 73.53 -24.62
N LEU D 783 -39.21 74.06 -23.44
CA LEU D 783 -40.56 74.15 -22.92
C LEU D 783 -40.86 75.57 -22.47
N GLN D 784 -42.14 75.89 -22.46
CA GLN D 784 -42.65 77.21 -22.08
C GLN D 784 -43.69 77.06 -20.99
N VAL D 785 -43.33 76.30 -19.95
CA VAL D 785 -44.29 75.92 -18.92
C VAL D 785 -44.90 77.17 -18.29
N SER D 786 -46.22 77.19 -18.22
CA SER D 786 -46.95 78.32 -17.67
C SER D 786 -47.13 78.17 -16.17
N LEU D 787 -47.24 79.32 -15.49
CA LEU D 787 -47.41 79.33 -14.04
C LEU D 787 -48.68 78.62 -13.57
N PRO D 788 -49.84 78.78 -14.21
CA PRO D 788 -51.01 78.01 -13.74
C PRO D 788 -50.86 76.52 -13.96
N ALA D 789 -50.21 76.11 -15.05
CA ALA D 789 -49.95 74.69 -15.25
C ALA D 789 -49.04 74.15 -14.16
N LYS D 790 -47.96 74.86 -13.86
CA LYS D 790 -47.08 74.45 -12.78
C LYS D 790 -47.82 74.39 -11.46
N ARG D 791 -48.73 75.35 -11.23
CA ARG D 791 -49.47 75.36 -9.97
C ARG D 791 -50.40 74.16 -9.87
N TRP D 792 -51.15 73.87 -10.93
CA TRP D 792 -52.02 72.69 -10.91
C TRP D 792 -51.21 71.42 -10.76
N LEU D 793 -50.01 71.38 -11.34
CA LEU D 793 -49.13 70.23 -11.18
C LEU D 793 -48.76 70.03 -9.72
N ALA D 794 -48.23 71.08 -9.08
CA ALA D 794 -47.87 70.98 -7.67
C ALA D 794 -49.10 70.77 -6.80
N GLN D 795 -50.28 71.06 -7.33
CA GLN D 795 -51.51 70.90 -6.56
C GLN D 795 -52.07 69.49 -6.64
N ARG D 796 -51.87 68.80 -7.75
CA ARG D 796 -52.40 67.45 -7.94
C ARG D 796 -51.26 66.46 -7.95
N GLY D 797 -51.29 65.51 -7.01
CA GLY D 797 -50.24 64.52 -6.92
C GLY D 797 -49.24 64.80 -5.81
N PHE D 798 -49.72 65.24 -4.65
CA PHE D 798 -48.89 65.35 -3.46
C PHE D 798 -49.66 64.97 -2.20
N ASP D 799 -50.59 64.01 -2.32
CA ASP D 799 -51.47 63.57 -1.24
C ASP D 799 -50.71 63.44 0.07
N PRO D 800 -51.31 63.84 1.19
CA PRO D 800 -50.54 63.99 2.44
C PRO D 800 -49.90 62.72 2.94
N VAL D 801 -50.30 61.55 2.43
CA VAL D 801 -49.77 60.31 3.00
C VAL D 801 -48.54 59.83 2.25
N TYR D 802 -48.34 60.27 1.01
CA TYR D 802 -47.25 59.75 0.19
C TYR D 802 -46.30 60.82 -0.34
N GLY D 803 -46.50 62.08 0.01
CA GLY D 803 -45.56 63.11 -0.38
C GLY D 803 -45.42 63.23 -1.89
N ALA D 804 -44.23 63.67 -2.30
CA ALA D 804 -43.96 63.97 -3.71
C ALA D 804 -43.69 62.74 -4.54
N ARG D 805 -44.02 61.54 -4.06
CA ARG D 805 -43.73 60.35 -4.85
C ARG D 805 -44.57 60.28 -6.12
N PRO D 806 -45.90 60.47 -6.08
CA PRO D 806 -46.67 60.44 -7.35
C PRO D 806 -46.56 61.73 -8.13
N LEU D 807 -45.33 62.14 -8.43
CA LEU D 807 -45.10 63.33 -9.24
C LEU D 807 -44.28 63.04 -10.49
N ARG D 808 -43.27 62.17 -10.40
CA ARG D 808 -42.50 61.82 -11.58
C ARG D 808 -43.36 61.04 -12.56
N ARG D 809 -44.16 60.10 -12.06
CA ARG D 809 -45.04 59.32 -12.93
C ARG D 809 -46.10 60.21 -13.56
N LEU D 810 -46.61 61.19 -12.81
CA LEU D 810 -47.58 62.12 -13.36
C LEU D 810 -46.96 62.99 -14.43
N VAL D 811 -45.76 63.51 -14.18
CA VAL D 811 -45.05 64.29 -15.19
C VAL D 811 -44.87 63.46 -16.46
N GLN D 812 -44.49 62.19 -16.30
CA GLN D 812 -44.34 61.34 -17.47
C GLN D 812 -45.65 61.22 -18.24
N GLN D 813 -46.69 60.72 -17.57
CA GLN D 813 -47.94 60.43 -18.26
C GLN D 813 -48.65 61.69 -18.75
N ALA D 814 -48.21 62.88 -18.31
CA ALA D 814 -48.85 64.10 -18.76
C ALA D 814 -48.01 64.92 -19.73
N ILE D 815 -46.73 64.59 -19.91
CA ILE D 815 -45.92 65.34 -20.85
C ILE D 815 -45.25 64.42 -21.85
N GLY D 816 -44.56 63.39 -21.36
CA GLY D 816 -43.73 62.58 -22.23
C GLY D 816 -44.55 61.78 -23.24
N ASP D 817 -45.59 61.11 -22.78
CA ASP D 817 -46.42 60.33 -23.69
C ASP D 817 -47.19 61.23 -24.63
N GLN D 818 -47.74 62.34 -24.10
CA GLN D 818 -48.44 63.30 -24.94
C GLN D 818 -47.54 63.81 -26.06
N LEU D 819 -46.26 64.04 -25.76
CA LEU D 819 -45.33 64.48 -26.79
C LEU D 819 -44.97 63.34 -27.74
N ALA D 820 -44.86 62.11 -27.23
CA ALA D 820 -44.52 60.98 -28.09
C ALA D 820 -45.60 60.73 -29.12
N LYS D 821 -46.86 60.77 -28.70
CA LYS D 821 -47.96 60.67 -29.67
C LYS D 821 -47.97 61.86 -30.63
N MET D 822 -47.24 62.93 -30.29
CA MET D 822 -47.28 64.15 -31.07
C MET D 822 -46.00 64.39 -31.87
N LEU D 823 -44.99 63.52 -31.76
CA LEU D 823 -43.76 63.73 -32.50
C LEU D 823 -43.57 62.75 -33.64
N LEU D 824 -43.87 61.46 -33.43
CA LEU D 824 -43.76 60.48 -34.50
C LEU D 824 -44.83 60.66 -35.57
N ALA D 825 -45.85 61.49 -35.31
CA ALA D 825 -46.93 61.73 -36.26
C ALA D 825 -46.95 63.17 -36.74
N GLY D 826 -45.79 63.76 -37.00
CA GLY D 826 -45.72 65.12 -37.46
C GLY D 826 -46.18 66.11 -36.41
N GLN D 827 -46.44 67.34 -36.88
CA GLN D 827 -47.01 68.44 -36.11
C GLN D 827 -46.14 68.86 -34.92
N VAL D 828 -44.99 68.23 -34.77
CA VAL D 828 -43.96 68.62 -33.80
C VAL D 828 -42.61 68.28 -34.40
N HIS D 829 -41.65 69.20 -34.29
CA HIS D 829 -40.31 68.98 -34.80
C HIS D 829 -39.29 69.64 -33.88
N ASP D 830 -38.07 69.12 -33.91
CA ASP D 830 -37.03 69.63 -33.03
C ASP D 830 -36.72 71.10 -33.32
N GLY D 831 -36.59 71.89 -32.26
CA GLY D 831 -36.40 73.32 -32.35
C GLY D 831 -37.58 74.12 -31.84
N ASP D 832 -38.78 73.56 -31.93
CA ASP D 832 -39.99 74.27 -31.53
C ASP D 832 -40.04 74.40 -30.00
N THR D 833 -40.10 75.64 -29.52
CA THR D 833 -40.20 75.90 -28.08
C THR D 833 -41.63 75.57 -27.64
N VAL D 834 -41.88 74.28 -27.47
CA VAL D 834 -43.20 73.74 -27.17
C VAL D 834 -43.78 74.40 -25.93
N PRO D 835 -44.92 75.08 -26.04
CA PRO D 835 -45.60 75.60 -24.86
C PRO D 835 -46.65 74.65 -24.33
N VAL D 836 -47.01 74.84 -23.06
CA VAL D 836 -48.03 74.03 -22.42
C VAL D 836 -49.18 74.94 -21.98
N ASN D 837 -50.35 74.34 -21.78
CA ASN D 837 -51.55 75.09 -21.45
C ASN D 837 -52.21 74.48 -20.22
N VAL D 838 -53.24 75.18 -19.74
CA VAL D 838 -53.88 74.87 -18.47
C VAL D 838 -55.37 74.62 -18.72
N SER D 839 -55.67 73.95 -19.84
CA SER D 839 -57.04 73.67 -20.29
C SER D 839 -57.90 73.17 -19.13
N PRO D 840 -59.22 73.41 -19.17
CA PRO D 840 -60.08 73.07 -18.02
C PRO D 840 -60.00 71.60 -17.60
N ASP D 841 -59.80 70.71 -18.56
CA ASP D 841 -59.59 69.30 -18.29
C ASP D 841 -58.13 69.04 -17.89
N ALA D 842 -57.72 67.78 -17.88
CA ALA D 842 -56.32 67.45 -17.64
C ALA D 842 -55.42 68.27 -18.56
N ASP D 843 -54.18 68.49 -18.11
CA ASP D 843 -53.28 69.39 -18.81
C ASP D 843 -53.11 69.00 -20.26
N SER D 844 -52.96 70.00 -21.12
CA SER D 844 -52.76 69.82 -22.54
C SER D 844 -51.70 70.80 -23.03
N LEU D 845 -51.29 70.61 -24.28
CA LEU D 845 -50.28 71.49 -24.87
C LEU D 845 -50.83 72.90 -24.97
N GLN E 159 25.85 40.44 -29.46
CA GLN E 159 25.45 40.22 -30.84
C GLN E 159 25.69 38.76 -31.24
N ALA E 160 25.99 37.93 -30.25
CA ALA E 160 26.40 36.55 -30.50
C ALA E 160 25.24 35.63 -30.89
N LEU E 161 24.08 35.77 -30.26
CA LEU E 161 22.93 34.92 -30.53
C LEU E 161 21.70 35.75 -30.87
N GLN E 162 21.88 36.78 -31.70
CA GLN E 162 20.78 37.62 -32.14
C GLN E 162 20.06 36.99 -33.32
N LYS E 163 19.64 35.73 -33.18
CA LYS E 163 18.87 35.06 -34.21
C LYS E 163 17.46 34.70 -33.77
N TYR E 164 17.11 34.89 -32.50
CA TYR E 164 15.73 34.81 -32.02
C TYR E 164 15.24 36.18 -31.57
N SER E 165 15.84 37.23 -32.11
CA SER E 165 15.58 38.59 -31.61
C SER E 165 15.62 39.56 -32.79
N THR E 166 14.63 40.43 -32.84
CA THR E 166 14.57 41.51 -33.81
C THR E 166 14.78 42.85 -33.12
N ASP E 167 15.34 43.80 -33.86
CA ASP E 167 15.64 45.12 -33.34
C ASP E 167 14.52 46.08 -33.68
N LEU E 168 14.42 47.17 -32.90
CA LEU E 168 13.43 48.20 -33.12
C LEU E 168 14.04 49.55 -33.47
N THR E 169 15.28 49.82 -33.07
CA THR E 169 15.93 51.09 -33.38
C THR E 169 16.72 51.03 -34.67
N ALA E 170 17.32 49.88 -35.01
CA ALA E 170 18.03 49.76 -36.27
C ALA E 170 17.11 50.01 -37.46
N ARG E 171 16.04 49.21 -37.57
CA ARG E 171 15.07 49.45 -38.63
C ARG E 171 14.34 50.77 -38.46
N ALA E 172 14.35 51.36 -37.26
CA ALA E 172 13.89 52.73 -37.11
C ALA E 172 14.81 53.72 -37.81
N ARG E 173 16.11 53.44 -37.85
CA ARG E 173 17.03 54.27 -38.63
C ARG E 173 16.77 54.21 -40.12
N GLU E 174 15.84 53.37 -40.58
CA GLU E 174 15.41 53.35 -41.97
C GLU E 174 13.97 53.79 -42.14
N GLY E 175 13.11 53.53 -41.16
CA GLY E 175 11.71 53.92 -41.27
C GLY E 175 10.80 52.85 -41.80
N LYS E 176 11.11 51.58 -41.57
CA LYS E 176 10.23 50.51 -42.00
C LYS E 176 9.09 50.26 -40.99
N LEU E 177 8.87 51.20 -40.07
CA LEU E 177 7.79 51.13 -39.10
C LEU E 177 6.70 52.12 -39.47
N ASP E 178 5.60 52.05 -38.74
CA ASP E 178 4.51 52.97 -38.99
C ASP E 178 4.43 54.02 -37.88
N PRO E 179 4.23 55.28 -38.23
CA PRO E 179 3.99 56.30 -37.19
C PRO E 179 2.68 56.03 -36.48
N VAL E 180 2.66 56.36 -35.19
CA VAL E 180 1.61 55.91 -34.28
C VAL E 180 0.92 57.13 -33.68
N ILE E 181 0.70 58.16 -34.50
CA ILE E 181 0.03 59.37 -34.03
C ILE E 181 -1.21 59.01 -33.21
N GLY E 182 -1.34 59.66 -32.06
CA GLY E 182 -2.28 59.26 -31.04
C GLY E 182 -1.60 58.44 -29.95
N ARG E 183 -2.31 58.29 -28.83
CA ARG E 183 -1.80 57.57 -27.67
C ARG E 183 -0.46 58.13 -27.22
N ASP E 184 -0.46 59.40 -26.86
CA ASP E 184 0.74 60.05 -26.37
C ASP E 184 0.80 60.12 -24.85
N ASN E 185 -0.30 59.81 -24.17
CA ASN E 185 -0.31 59.64 -22.72
C ASN E 185 0.45 58.37 -22.32
N GLU E 186 0.15 57.26 -22.98
CA GLU E 186 0.74 55.99 -22.60
C GLU E 186 2.25 56.01 -22.73
N ILE E 187 2.78 56.68 -23.74
CA ILE E 187 4.23 56.76 -23.91
C ILE E 187 4.85 57.51 -22.74
N ARG E 188 4.23 58.61 -22.32
CA ARG E 188 4.77 59.36 -21.19
C ARG E 188 4.70 58.55 -19.91
N ARG E 189 3.59 57.83 -19.70
CA ARG E 189 3.47 56.95 -18.54
C ARG E 189 4.58 55.91 -18.53
N VAL E 190 4.85 55.30 -19.70
CA VAL E 190 5.84 54.24 -19.76
C VAL E 190 7.24 54.78 -19.51
N VAL E 191 7.59 55.89 -20.17
CA VAL E 191 8.92 56.44 -19.98
C VAL E 191 9.09 56.99 -18.55
N GLN E 192 7.98 57.32 -17.88
CA GLN E 192 8.09 57.71 -16.48
C GLN E 192 8.35 56.49 -15.59
N VAL E 193 7.61 55.41 -15.82
CA VAL E 193 7.82 54.20 -15.03
C VAL E 193 9.24 53.67 -15.21
N LEU E 194 9.73 53.64 -16.45
CA LEU E 194 11.06 53.11 -16.74
C LEU E 194 12.17 54.00 -16.22
N SER E 195 11.85 55.11 -15.56
CA SER E 195 12.86 56.04 -15.07
C SER E 195 12.93 56.04 -13.55
N ARG E 196 12.39 55.04 -12.89
CA ARG E 196 12.43 54.96 -11.44
C ARG E 196 13.69 54.21 -11.01
N ARG E 197 13.78 53.91 -9.71
CA ARG E 197 14.86 53.09 -9.18
C ARG E 197 14.40 51.72 -8.74
N THR E 198 13.19 51.60 -8.22
CA THR E 198 12.61 50.32 -7.87
C THR E 198 11.24 50.17 -8.53
N LYS E 199 10.85 48.92 -8.78
CA LYS E 199 9.58 48.60 -9.43
C LYS E 199 9.49 49.21 -10.82
N ASN E 200 10.62 49.26 -11.52
CA ASN E 200 10.66 49.71 -12.91
C ASN E 200 10.21 48.58 -13.83
N ASN E 201 10.54 48.65 -15.12
CA ASN E 201 10.21 47.70 -16.17
C ASN E 201 8.71 47.40 -16.19
N PRO E 202 7.90 48.32 -16.72
CA PRO E 202 6.45 48.15 -16.69
C PRO E 202 5.96 47.01 -17.57
N VAL E 203 4.66 46.77 -17.55
CA VAL E 203 4.04 45.75 -18.39
C VAL E 203 2.76 46.32 -18.97
N LEU E 204 2.56 46.14 -20.26
CA LEU E 204 1.41 46.67 -20.96
C LEU E 204 0.27 45.67 -20.92
N ILE E 205 -0.87 46.09 -20.37
CA ILE E 205 -2.01 45.22 -20.15
C ILE E 205 -3.18 45.74 -20.96
N GLY E 206 -3.68 44.93 -21.88
CA GLY E 206 -4.81 45.32 -22.69
C GLY E 206 -5.27 44.18 -23.56
N GLU E 207 -6.43 44.38 -24.21
CA GLU E 207 -7.01 43.34 -25.11
C GLU E 207 -6.08 43.11 -26.31
N PRO E 208 -6.35 42.12 -27.18
CA PRO E 208 -5.50 41.85 -28.34
C PRO E 208 -5.74 42.87 -29.46
N GLY E 209 -4.72 43.11 -30.29
CA GLY E 209 -4.82 44.06 -31.41
C GLY E 209 -5.39 45.40 -30.95
N VAL E 210 -4.79 45.98 -29.91
CA VAL E 210 -5.26 47.29 -29.36
C VAL E 210 -4.19 48.36 -29.64
N GLY E 211 -2.96 47.93 -29.93
CA GLY E 211 -1.86 48.87 -30.22
C GLY E 211 -0.69 48.66 -29.29
N LYS E 212 -0.65 47.52 -28.60
CA LYS E 212 0.45 47.20 -27.65
C LYS E 212 1.79 47.37 -28.38
N THR E 213 1.92 46.75 -29.56
CA THR E 213 3.16 46.84 -30.36
C THR E 213 3.28 48.24 -30.97
N ALA E 214 2.14 48.92 -31.17
CA ALA E 214 2.14 50.26 -31.74
C ALA E 214 2.73 51.26 -30.76
N ILE E 215 2.40 51.13 -29.48
CA ILE E 215 2.92 52.05 -28.46
C ILE E 215 4.42 51.87 -28.28
N VAL E 216 4.88 50.62 -28.21
CA VAL E 216 6.31 50.44 -28.03
C VAL E 216 7.09 50.91 -29.25
N GLU E 217 6.52 50.76 -30.45
CA GLU E 217 7.18 51.28 -31.65
C GLU E 217 7.17 52.81 -31.67
N GLY E 218 6.08 53.44 -31.25
CA GLY E 218 6.08 54.88 -31.13
C GLY E 218 7.13 55.38 -30.18
N LEU E 219 7.32 54.67 -29.06
CA LEU E 219 8.38 55.03 -28.13
C LEU E 219 9.75 54.84 -28.78
N ALA E 220 9.91 53.76 -29.54
CA ALA E 220 11.17 53.53 -30.25
C ALA E 220 11.46 54.67 -31.22
N GLN E 221 10.44 55.18 -31.89
CA GLN E 221 10.66 56.24 -32.86
C GLN E 221 10.94 57.55 -32.16
N ARG E 222 10.25 57.84 -31.05
CA ARG E 222 10.61 59.00 -30.26
C ARG E 222 12.04 58.89 -29.73
N ILE E 223 12.51 57.67 -29.48
CA ILE E 223 13.90 57.47 -29.09
C ILE E 223 14.83 57.84 -30.24
N VAL E 224 14.64 57.21 -31.40
CA VAL E 224 15.56 57.40 -32.51
C VAL E 224 15.57 58.86 -32.96
N ALA E 225 14.46 59.56 -32.79
CA ALA E 225 14.46 61.00 -33.01
C ALA E 225 15.25 61.70 -31.91
N GLY E 226 14.91 61.42 -30.65
CA GLY E 226 15.54 62.01 -29.49
C GLY E 226 14.67 63.09 -28.89
N ASP E 227 13.86 62.70 -27.90
CA ASP E 227 13.08 63.65 -27.11
C ASP E 227 13.01 63.30 -25.64
N VAL E 228 13.35 62.08 -25.24
CA VAL E 228 13.16 61.60 -23.88
C VAL E 228 14.26 62.15 -22.99
N PRO E 229 14.21 61.96 -21.68
CA PRO E 229 15.35 62.32 -20.84
C PRO E 229 16.62 61.60 -21.29
N GLU E 230 17.75 62.29 -21.14
CA GLU E 230 19.03 61.72 -21.55
C GLU E 230 19.39 60.45 -20.78
N SER E 231 18.71 60.17 -19.68
CA SER E 231 18.89 58.89 -19.00
C SER E 231 18.49 57.75 -19.93
N LEU E 232 17.30 57.82 -20.52
CA LEU E 232 16.83 56.81 -21.46
C LEU E 232 17.37 57.01 -22.86
N ARG E 233 17.82 58.22 -23.20
CA ARG E 233 18.45 58.44 -24.49
C ARG E 233 19.66 57.54 -24.66
N ASP E 234 20.01 57.27 -25.92
CA ASP E 234 21.17 56.45 -26.28
C ASP E 234 21.05 55.04 -25.69
N LYS E 235 19.82 54.51 -25.71
CA LYS E 235 19.56 53.16 -25.26
C LYS E 235 18.62 52.48 -26.25
N THR E 236 19.07 51.38 -26.80
CA THR E 236 18.33 50.68 -27.84
C THR E 236 17.34 49.70 -27.25
N ILE E 237 16.52 49.11 -28.11
CA ILE E 237 15.53 48.11 -27.73
C ILE E 237 15.68 46.90 -28.64
N VAL E 238 15.42 45.71 -28.10
CA VAL E 238 15.46 44.48 -28.86
C VAL E 238 14.20 43.69 -28.55
N ALA E 239 13.55 43.19 -29.60
CA ALA E 239 12.36 42.36 -29.42
C ALA E 239 12.75 40.90 -29.21
N LEU E 240 11.75 40.08 -28.96
CA LEU E 240 11.91 38.64 -28.79
C LEU E 240 10.64 37.95 -29.27
N ASP E 241 10.79 36.76 -29.85
CA ASP E 241 9.66 35.93 -30.24
C ASP E 241 9.73 34.61 -29.49
N LEU E 242 8.71 34.33 -28.67
CA LEU E 242 8.74 33.12 -27.85
C LEU E 242 8.27 31.90 -28.62
N GLY E 243 7.39 32.07 -29.60
CA GLY E 243 6.97 30.95 -30.43
C GLY E 243 8.09 30.29 -31.19
N SER E 244 9.30 30.84 -31.14
CA SER E 244 10.48 30.24 -31.76
C SER E 244 11.29 29.39 -30.79
N MET E 245 11.10 29.56 -29.49
CA MET E 245 11.86 28.84 -28.48
C MET E 245 11.25 27.47 -28.17
N VAL E 246 9.92 27.39 -28.16
CA VAL E 246 9.24 26.13 -27.89
C VAL E 246 8.71 25.52 -29.18
N ARG E 252 10.58 17.78 -24.25
CA ARG E 252 10.47 19.10 -23.64
C ARG E 252 11.78 19.50 -22.97
N GLY E 253 12.19 20.74 -23.19
CA GLY E 253 13.43 21.26 -22.66
C GLY E 253 14.20 22.07 -23.68
N GLU E 254 15.36 22.55 -23.23
CA GLU E 254 16.31 23.34 -24.03
C GLU E 254 15.77 24.74 -24.30
N PHE E 255 14.49 24.96 -23.97
CA PHE E 255 13.97 26.31 -23.91
C PHE E 255 14.66 27.09 -22.80
N GLU E 256 14.89 26.43 -21.67
CA GLU E 256 15.67 27.04 -20.60
C GLU E 256 17.13 27.22 -21.01
N GLU E 257 17.65 26.34 -21.86
CA GLU E 257 19.02 26.48 -22.34
C GLU E 257 19.18 27.71 -23.22
N ARG E 258 18.26 27.90 -24.16
CA ARG E 258 18.30 29.09 -25.00
C ARG E 258 17.98 30.35 -24.20
N LEU E 259 17.12 30.22 -23.18
CA LEU E 259 16.89 31.33 -22.26
C LEU E 259 18.18 31.72 -21.56
N LYS E 260 18.95 30.72 -21.11
CA LYS E 260 20.26 31.00 -20.52
C LYS E 260 21.16 31.71 -21.51
N ALA E 261 21.19 31.23 -22.75
CA ALA E 261 22.04 31.86 -23.76
C ALA E 261 21.70 33.34 -23.94
N VAL E 262 20.41 33.65 -24.10
CA VAL E 262 20.03 35.04 -24.39
C VAL E 262 20.22 35.91 -23.15
N LEU E 263 19.88 35.38 -21.97
CA LEU E 263 20.07 36.16 -20.76
C LEU E 263 21.54 36.44 -20.49
N ASP E 264 22.41 35.47 -20.80
CA ASP E 264 23.85 35.70 -20.64
C ASP E 264 24.35 36.71 -21.65
N ASP E 265 23.83 36.66 -22.87
CA ASP E 265 24.14 37.69 -23.86
C ASP E 265 23.80 39.09 -23.33
N ILE E 266 22.56 39.26 -22.86
CA ILE E 266 22.16 40.55 -22.31
C ILE E 266 23.06 40.94 -21.13
N LYS E 267 23.39 39.96 -20.28
CA LYS E 267 24.15 40.25 -19.07
C LYS E 267 25.56 40.71 -19.39
N ASN E 268 26.23 40.05 -20.34
CA ASN E 268 27.59 40.45 -20.67
C ASN E 268 27.63 41.64 -21.62
N SER E 269 26.49 42.01 -22.21
CA SER E 269 26.40 43.26 -22.95
C SER E 269 26.83 44.44 -22.07
N ALA E 270 26.61 44.33 -20.75
CA ALA E 270 27.13 45.29 -19.79
C ALA E 270 26.59 46.70 -20.03
N GLY E 271 25.27 46.81 -20.14
CA GLY E 271 24.66 48.11 -20.34
C GLY E 271 23.19 48.14 -19.99
N GLN E 272 22.45 49.07 -20.59
CA GLN E 272 21.03 49.23 -20.37
C GLN E 272 20.27 49.05 -21.68
N ILE E 273 20.62 48.00 -22.41
CA ILE E 273 19.97 47.68 -23.69
C ILE E 273 18.63 47.04 -23.35
N ILE E 274 17.55 47.82 -23.48
CA ILE E 274 16.23 47.37 -23.06
C ILE E 274 15.79 46.19 -23.90
N THR E 275 15.02 45.29 -23.28
CA THR E 275 14.44 44.16 -23.98
C THR E 275 12.96 44.42 -24.24
N PHE E 276 12.30 43.43 -24.85
CA PHE E 276 10.87 43.51 -25.11
C PHE E 276 10.38 42.10 -25.38
N ILE E 277 9.43 41.63 -24.57
CA ILE E 277 8.98 40.25 -24.59
C ILE E 277 7.47 40.23 -24.72
N ASP E 278 6.98 39.84 -25.89
CA ASP E 278 5.55 39.80 -26.15
C ASP E 278 4.94 38.57 -25.50
N GLU E 279 3.71 38.72 -24.98
CA GLU E 279 2.92 37.64 -24.38
C GLU E 279 3.78 36.73 -23.49
N LEU E 280 4.56 37.36 -22.62
CA LEU E 280 5.45 36.60 -21.75
C LEU E 280 4.70 35.75 -20.75
N HIS E 281 3.37 35.74 -20.76
CA HIS E 281 2.62 34.86 -19.87
C HIS E 281 2.90 33.39 -20.13
N THR E 282 3.63 33.06 -21.20
CA THR E 282 4.12 31.70 -21.39
C THR E 282 5.47 31.48 -20.73
N ILE E 283 6.25 32.56 -20.57
CA ILE E 283 7.52 32.45 -19.85
C ILE E 283 7.27 32.33 -18.36
N VAL E 284 6.46 33.22 -17.80
CA VAL E 284 6.15 33.19 -16.38
C VAL E 284 4.65 33.25 -16.17
N GLY E 297 10.84 31.09 -15.51
CA GLY E 297 10.18 31.51 -14.29
C GLY E 297 11.15 32.00 -13.23
N ASN E 298 11.56 31.08 -12.36
CA ASN E 298 12.54 31.39 -11.31
C ASN E 298 13.92 31.68 -11.87
N MET E 299 14.08 31.70 -13.19
CA MET E 299 15.39 31.88 -13.81
C MET E 299 15.68 33.33 -14.15
N ILE E 300 14.67 34.18 -14.21
CA ILE E 300 14.85 35.59 -14.54
C ILE E 300 14.75 36.49 -13.32
N LYS E 301 14.20 36.00 -12.21
CA LYS E 301 14.11 36.86 -11.03
C LYS E 301 15.47 37.13 -10.38
N PRO E 302 16.36 36.14 -10.19
CA PRO E 302 17.71 36.49 -9.72
C PRO E 302 18.46 37.41 -10.66
N MET E 303 18.15 37.36 -11.97
CA MET E 303 18.75 38.31 -12.89
C MET E 303 18.12 39.69 -12.75
N LEU E 304 16.84 39.73 -12.41
CA LEU E 304 16.07 40.97 -12.49
C LEU E 304 16.24 41.80 -11.23
N ALA E 305 16.27 41.16 -10.07
CA ALA E 305 16.45 41.91 -8.83
C ALA E 305 17.92 42.20 -8.60
N ARG E 306 18.59 42.69 -9.65
CA ARG E 306 19.97 43.16 -9.53
C ARG E 306 20.23 44.46 -10.27
N GLY E 307 19.43 44.80 -11.29
CA GLY E 307 19.54 46.09 -11.93
C GLY E 307 20.51 46.17 -13.10
N GLU E 308 20.43 45.21 -14.03
CA GLU E 308 21.29 45.27 -15.20
C GLU E 308 20.48 45.14 -16.48
N LEU E 309 19.30 44.54 -16.39
CA LEU E 309 18.42 44.38 -17.55
C LEU E 309 17.10 45.10 -17.31
N ARG E 310 16.44 45.45 -18.41
CA ARG E 310 15.14 46.12 -18.38
C ARG E 310 14.25 45.44 -19.40
N LEU E 311 13.23 44.72 -18.93
CA LEU E 311 12.30 44.04 -19.81
C LEU E 311 10.97 44.76 -19.83
N VAL E 312 10.44 44.96 -21.03
CA VAL E 312 9.13 45.59 -21.22
C VAL E 312 8.21 44.57 -21.87
N GLY E 313 7.28 44.04 -21.10
CA GLY E 313 6.42 42.98 -21.60
C GLY E 313 5.04 43.44 -22.00
N ALA E 314 4.16 42.49 -22.29
CA ALA E 314 2.81 42.79 -22.71
C ALA E 314 1.99 41.51 -22.67
N THR E 315 0.71 41.64 -22.34
CA THR E 315 -0.22 40.52 -22.30
C THR E 315 -1.63 41.09 -22.15
N THR E 316 -2.61 40.22 -21.96
CA THR E 316 -4.00 40.63 -21.78
C THR E 316 -4.35 40.60 -20.30
N LEU E 317 -5.52 41.15 -19.99
CA LEU E 317 -5.87 41.41 -18.60
C LEU E 317 -6.10 40.12 -17.82
N ASP E 318 -7.07 39.31 -18.24
CA ASP E 318 -7.38 38.09 -17.50
C ASP E 318 -6.21 37.12 -17.53
N GLU E 319 -5.51 37.03 -18.66
CA GLU E 319 -4.34 36.16 -18.75
C GLU E 319 -3.28 36.59 -17.75
N TYR E 320 -2.95 37.89 -17.72
CA TYR E 320 -2.02 38.40 -16.72
C TYR E 320 -2.49 38.08 -15.32
N ARG E 321 -3.78 38.23 -15.05
CA ARG E 321 -4.34 37.88 -13.75
C ARG E 321 -4.16 36.41 -13.43
N LYS E 322 -3.83 35.57 -14.41
CA LYS E 322 -3.66 34.15 -14.20
C LYS E 322 -2.20 33.77 -13.92
N HIS E 323 -1.30 34.06 -14.85
CA HIS E 323 0.07 33.59 -14.75
C HIS E 323 0.96 34.47 -13.89
N ILE E 324 0.52 35.67 -13.52
CA ILE E 324 1.35 36.60 -12.77
C ILE E 324 0.75 36.92 -11.40
N GLU E 325 -0.21 36.13 -10.95
CA GLU E 325 -0.79 36.36 -9.63
C GLU E 325 -0.74 35.13 -8.73
N LYS E 326 -0.97 33.94 -9.29
CA LYS E 326 -1.02 32.74 -8.45
C LYS E 326 0.36 32.15 -8.21
N ASP E 327 1.11 31.89 -9.29
CA ASP E 327 2.40 31.23 -9.21
C ASP E 327 3.57 32.19 -9.34
N ALA E 328 3.29 33.50 -9.34
CA ALA E 328 4.34 34.47 -9.60
C ALA E 328 5.19 34.77 -8.37
N ALA E 329 4.59 35.34 -7.33
CA ALA E 329 5.30 35.98 -6.23
C ALA E 329 6.29 37.04 -6.74
N LEU E 330 6.13 37.46 -7.99
CA LEU E 330 7.01 38.39 -8.68
C LEU E 330 6.34 39.73 -8.96
N GLU E 331 5.01 39.79 -8.84
CA GLU E 331 4.21 40.97 -9.14
C GLU E 331 4.69 42.21 -8.39
N ARG E 332 5.51 42.02 -7.36
CA ARG E 332 6.11 43.15 -6.66
C ARG E 332 7.17 43.87 -7.48
N ARG E 333 7.54 43.34 -8.64
CA ARG E 333 8.53 44.00 -9.48
C ARG E 333 8.01 44.24 -10.90
N PHE E 334 6.68 44.31 -11.07
CA PHE E 334 6.05 44.55 -12.35
C PHE E 334 5.00 45.65 -12.18
N GLN E 335 5.04 46.64 -13.06
CA GLN E 335 4.10 47.76 -13.01
C GLN E 335 3.13 47.66 -14.17
N GLN E 336 1.84 47.73 -13.87
CA GLN E 336 0.81 47.56 -14.89
C GLN E 336 0.56 48.87 -15.62
N VAL E 337 0.24 48.77 -16.91
CA VAL E 337 -0.16 49.90 -17.73
C VAL E 337 -1.39 49.47 -18.53
N TYR E 338 -2.41 50.29 -18.55
CA TYR E 338 -3.70 49.92 -19.15
C TYR E 338 -3.93 50.66 -20.46
N VAL E 339 -4.32 49.91 -21.48
CA VAL E 339 -4.73 50.45 -22.77
C VAL E 339 -6.01 49.73 -23.18
N GLY E 340 -7.16 50.34 -22.88
CA GLY E 340 -8.42 49.67 -23.10
C GLY E 340 -8.80 49.47 -24.54
N GLU E 341 -9.18 50.56 -25.22
CA GLU E 341 -9.56 50.51 -26.63
C GLU E 341 -9.76 51.93 -27.14
N PRO E 342 -9.37 52.23 -28.37
CA PRO E 342 -9.72 53.53 -28.96
C PRO E 342 -11.20 53.59 -29.29
N SER E 343 -11.67 54.81 -29.53
CA SER E 343 -13.07 55.01 -29.87
C SER E 343 -13.23 55.16 -31.38
N VAL E 344 -14.48 55.35 -31.81
CA VAL E 344 -14.77 55.49 -33.23
C VAL E 344 -14.04 56.71 -33.80
N GLU E 345 -14.19 57.86 -33.15
CA GLU E 345 -13.53 59.08 -33.62
C GLU E 345 -12.02 58.93 -33.68
N ASP E 346 -11.43 58.16 -32.77
CA ASP E 346 -9.99 57.98 -32.74
C ASP E 346 -9.53 57.03 -33.84
N THR E 347 -10.18 55.89 -34.00
CA THR E 347 -9.81 54.99 -35.09
C THR E 347 -10.05 55.63 -36.44
N ILE E 348 -10.98 56.58 -36.54
CA ILE E 348 -11.13 57.32 -37.78
C ILE E 348 -9.88 58.14 -38.08
N GLY E 349 -9.36 58.85 -37.08
CA GLY E 349 -8.10 59.54 -37.26
C GLY E 349 -6.97 58.60 -37.60
N ILE E 350 -6.96 57.43 -36.98
CA ILE E 350 -5.93 56.43 -37.27
C ILE E 350 -5.98 56.03 -38.74
N LEU E 351 -7.17 55.67 -39.22
CA LEU E 351 -7.35 55.31 -40.61
C LEU E 351 -6.89 56.44 -41.53
N ARG E 352 -7.44 57.64 -41.34
CA ARG E 352 -7.10 58.74 -42.24
C ARG E 352 -5.63 59.13 -42.14
N GLY E 353 -4.93 58.73 -41.09
CA GLY E 353 -3.49 58.87 -41.08
C GLY E 353 -2.83 57.79 -41.91
N LEU E 354 -3.34 56.56 -41.78
CA LEU E 354 -2.79 55.41 -42.51
C LEU E 354 -3.60 55.12 -43.76
N LYS E 355 -3.56 56.04 -44.72
CA LYS E 355 -4.29 55.89 -45.97
C LYS E 355 -3.38 55.88 -47.18
N ASP E 356 -2.37 56.75 -47.21
CA ASP E 356 -1.50 56.87 -48.37
C ASP E 356 -0.74 55.58 -48.66
N ARG E 357 -0.31 54.87 -47.61
CA ARG E 357 0.45 53.63 -47.80
C ARG E 357 -0.29 52.66 -48.72
N TYR E 358 -1.60 52.53 -48.53
CA TYR E 358 -2.36 51.63 -49.39
C TYR E 358 -2.67 52.28 -50.74
N GLU E 359 -2.83 53.59 -50.78
CA GLU E 359 -3.03 54.29 -52.05
C GLU E 359 -1.82 54.20 -52.96
N VAL E 360 -0.70 53.69 -52.47
CA VAL E 360 0.39 53.30 -53.34
C VAL E 360 0.55 51.77 -53.38
N HIS E 361 0.12 51.06 -52.35
CA HIS E 361 0.15 49.60 -52.40
C HIS E 361 -0.73 49.08 -53.53
N HIS E 362 -2.06 49.25 -53.40
CA HIS E 362 -2.94 49.04 -54.56
C HIS E 362 -3.01 50.33 -55.37
N GLY E 363 -3.65 51.35 -54.79
CA GLY E 363 -3.83 52.63 -55.41
C GLY E 363 -5.18 52.64 -56.11
N VAL E 364 -6.24 53.09 -55.45
CA VAL E 364 -7.52 53.18 -56.13
C VAL E 364 -8.12 54.58 -55.96
N ARG E 365 -8.61 54.85 -54.75
CA ARG E 365 -9.01 56.14 -54.21
C ARG E 365 -9.63 55.85 -52.84
N ILE E 366 -9.70 56.87 -51.99
CA ILE E 366 -10.25 56.73 -50.65
C ILE E 366 -11.26 57.85 -50.42
N THR E 367 -12.31 57.54 -49.68
CA THR E 367 -13.33 58.51 -49.29
C THR E 367 -13.56 58.47 -47.79
N ASP E 368 -13.62 59.67 -47.19
CA ASP E 368 -13.92 59.79 -45.77
C ASP E 368 -15.23 59.09 -45.42
N SER E 369 -16.19 59.12 -46.33
CA SER E 369 -17.43 58.38 -46.11
C SER E 369 -17.15 56.89 -45.96
N ALA E 370 -16.28 56.34 -46.82
CA ALA E 370 -15.92 54.94 -46.70
C ALA E 370 -15.20 54.65 -45.38
N LEU E 371 -14.27 55.53 -44.99
CA LEU E 371 -13.56 55.32 -43.73
C LEU E 371 -14.52 55.29 -42.55
N VAL E 372 -15.38 56.31 -42.43
CA VAL E 372 -16.27 56.36 -41.29
C VAL E 372 -17.28 55.23 -41.33
N ALA E 373 -17.72 54.83 -42.53
CA ALA E 373 -18.65 53.72 -42.64
C ALA E 373 -18.01 52.43 -42.15
N ALA E 374 -16.78 52.17 -42.58
CA ALA E 374 -16.05 51.01 -42.09
C ALA E 374 -15.95 51.04 -40.58
N ALA E 375 -15.56 52.19 -40.02
CA ALA E 375 -15.39 52.28 -38.57
C ALA E 375 -16.68 51.95 -37.84
N THR E 376 -17.76 52.68 -38.15
CA THR E 376 -19.01 52.48 -37.44
C THR E 376 -19.58 51.08 -37.66
N LEU E 377 -19.54 50.57 -38.90
CA LEU E 377 -20.13 49.26 -39.16
C LEU E 377 -19.35 48.15 -38.48
N SER E 378 -18.01 48.21 -38.50
CA SER E 378 -17.21 47.23 -37.78
C SER E 378 -17.52 47.29 -36.29
N ASP E 379 -17.47 48.49 -35.71
CA ASP E 379 -17.78 48.66 -34.30
C ASP E 379 -19.13 48.06 -33.93
N ARG E 380 -20.15 48.28 -34.77
CA ARG E 380 -21.50 47.88 -34.41
C ARG E 380 -21.73 46.39 -34.62
N TYR E 381 -21.25 45.84 -35.75
CA TYR E 381 -21.68 44.50 -36.14
C TYR E 381 -20.59 43.44 -36.07
N ILE E 382 -19.32 43.79 -36.25
CA ILE E 382 -18.25 42.81 -36.07
C ILE E 382 -17.89 42.86 -34.58
N THR E 383 -18.65 42.10 -33.78
CA THR E 383 -18.54 42.15 -32.34
C THR E 383 -17.59 41.10 -31.77
N ALA E 384 -16.64 40.63 -32.59
CA ALA E 384 -15.66 39.65 -32.16
C ALA E 384 -14.27 40.25 -32.02
N ARG E 385 -13.79 40.93 -33.05
CA ARG E 385 -12.49 41.58 -33.04
C ARG E 385 -12.64 43.01 -32.52
N PHE E 386 -11.53 43.73 -32.48
CA PHE E 386 -11.49 45.05 -31.87
C PHE E 386 -11.04 46.09 -32.88
N LEU E 387 -11.06 47.35 -32.45
CA LEU E 387 -11.20 48.46 -33.39
C LEU E 387 -9.96 48.73 -34.23
N PRO E 388 -8.78 49.01 -33.66
CA PRO E 388 -7.70 49.57 -34.47
C PRO E 388 -7.19 48.63 -35.54
N ASP E 389 -7.27 47.32 -35.34
CA ASP E 389 -6.91 46.36 -36.36
C ASP E 389 -8.11 45.90 -37.17
N LYS E 390 -9.29 45.83 -36.54
CA LYS E 390 -10.51 45.42 -37.24
C LYS E 390 -10.83 46.35 -38.39
N ALA E 391 -10.73 47.66 -38.16
CA ALA E 391 -11.03 48.62 -39.22
C ALA E 391 -10.05 48.49 -40.38
N ILE E 392 -8.75 48.40 -40.06
CA ILE E 392 -7.73 48.27 -41.10
C ILE E 392 -7.95 47.01 -41.91
N ASP E 393 -8.34 45.91 -41.26
CA ASP E 393 -8.58 44.67 -41.96
C ASP E 393 -9.66 44.85 -43.03
N LEU E 394 -10.82 45.38 -42.64
CA LEU E 394 -11.91 45.57 -43.59
C LEU E 394 -11.51 46.52 -44.71
N VAL E 395 -10.85 47.63 -44.36
CA VAL E 395 -10.48 48.61 -45.37
C VAL E 395 -9.55 47.98 -46.41
N ASP E 396 -8.51 47.28 -45.93
CA ASP E 396 -7.57 46.66 -46.85
C ASP E 396 -8.22 45.56 -47.68
N GLU E 397 -9.16 44.82 -47.08
CA GLU E 397 -9.85 43.77 -47.83
C GLU E 397 -10.68 44.36 -48.95
N ALA E 398 -11.44 45.42 -48.66
CA ALA E 398 -12.24 46.06 -49.71
C ALA E 398 -11.34 46.64 -50.80
N ALA E 399 -10.22 47.26 -50.41
CA ALA E 399 -9.31 47.81 -51.42
C ALA E 399 -8.73 46.70 -52.30
N SER E 400 -8.36 45.57 -51.71
CA SER E 400 -7.81 44.48 -52.51
C SER E 400 -8.87 43.88 -53.42
N ARG E 401 -10.11 43.76 -52.94
CA ARG E 401 -11.19 43.27 -53.78
C ARG E 401 -11.44 44.20 -54.96
N LEU E 402 -11.38 45.51 -54.72
CA LEU E 402 -11.66 46.45 -55.80
C LEU E 402 -10.45 46.60 -56.73
N ARG E 403 -9.27 46.20 -56.29
CA ARG E 403 -8.15 46.10 -57.23
C ARG E 403 -8.25 44.84 -58.07
N MET E 404 -8.73 43.75 -57.48
CA MET E 404 -8.92 42.52 -58.23
C MET E 404 -10.12 42.58 -59.17
N GLU E 405 -11.09 43.44 -58.88
CA GLU E 405 -12.31 43.52 -59.68
C GLU E 405 -12.06 43.91 -61.12
N ILE E 406 -10.87 44.41 -61.45
CA ILE E 406 -10.60 44.92 -62.79
C ILE E 406 -10.29 43.76 -63.73
N ASP E 407 -10.47 42.53 -63.25
CA ASP E 407 -10.29 41.35 -64.07
C ASP E 407 -11.29 41.33 -65.23
N LYS E 530 -15.16 51.88 -61.64
CA LYS E 530 -15.21 52.06 -60.19
C LYS E 530 -13.80 52.16 -59.60
N GLU E 531 -13.22 53.36 -59.74
CA GLU E 531 -11.86 53.65 -59.29
C GLU E 531 -11.82 54.24 -57.89
N GLU E 532 -12.75 53.88 -57.03
CA GLU E 532 -12.81 54.42 -55.68
C GLU E 532 -13.49 53.44 -54.75
N VAL E 533 -13.24 53.58 -53.45
CA VAL E 533 -13.95 52.82 -52.44
C VAL E 533 -14.94 53.74 -51.75
N GLY E 534 -16.12 53.21 -51.45
CA GLY E 534 -17.19 53.98 -50.89
C GLY E 534 -17.97 53.22 -49.85
N PRO E 535 -18.97 53.87 -49.26
CA PRO E 535 -19.73 53.20 -48.17
C PRO E 535 -20.38 51.89 -48.61
N ASP E 536 -20.97 51.85 -49.79
CA ASP E 536 -21.49 50.59 -50.30
C ASP E 536 -20.36 49.61 -50.59
N ASP E 537 -19.24 50.12 -51.09
CA ASP E 537 -18.06 49.31 -51.38
C ASP E 537 -17.49 48.64 -50.14
N ILE E 538 -17.99 48.99 -48.96
CA ILE E 538 -17.59 48.35 -47.71
C ILE E 538 -18.75 47.58 -47.09
N ALA E 539 -19.96 48.11 -47.21
CA ALA E 539 -21.14 47.40 -46.73
C ALA E 539 -21.30 46.06 -47.43
N ASP E 540 -20.94 45.99 -48.71
CA ASP E 540 -20.96 44.70 -49.40
C ASP E 540 -20.02 43.71 -48.73
N VAL E 541 -18.83 44.15 -48.35
CA VAL E 541 -17.87 43.28 -47.68
C VAL E 541 -18.41 42.84 -46.32
N VAL E 542 -18.99 43.77 -45.57
CA VAL E 542 -19.53 43.40 -44.25
C VAL E 542 -20.69 42.43 -44.39
N SER E 543 -21.51 42.59 -45.43
CA SER E 543 -22.59 41.64 -45.67
C SER E 543 -22.04 40.27 -46.02
N ALA E 544 -21.11 40.20 -46.96
CA ALA E 544 -20.46 38.94 -47.28
C ALA E 544 -19.81 38.30 -46.06
N TRP E 545 -19.37 39.11 -45.10
CA TRP E 545 -18.72 38.55 -43.92
C TRP E 545 -19.72 37.98 -42.93
N THR E 546 -20.71 38.78 -42.52
CA THR E 546 -21.59 38.34 -41.44
C THR E 546 -22.71 37.43 -41.96
N GLY E 547 -23.29 37.77 -43.11
CA GLY E 547 -24.45 37.04 -43.60
C GLY E 547 -25.64 37.95 -43.81
N ILE E 548 -25.73 38.99 -43.01
CA ILE E 548 -26.86 39.94 -43.13
C ILE E 548 -26.63 40.81 -44.35
N PRO E 549 -27.63 40.96 -45.23
CA PRO E 549 -27.39 41.67 -46.50
C PRO E 549 -27.12 43.15 -46.30
N ALA E 550 -26.71 43.79 -47.39
CA ALA E 550 -26.36 45.21 -47.36
C ALA E 550 -27.56 46.10 -47.11
N GLY E 551 -28.77 45.61 -47.31
CA GLY E 551 -29.96 46.44 -47.15
C GLY E 551 -30.19 46.87 -45.71
N ARG E 552 -30.40 45.89 -44.83
CA ARG E 552 -30.64 46.17 -43.43
C ARG E 552 -29.46 46.84 -42.75
N LEU E 553 -28.27 46.81 -43.37
CA LEU E 553 -27.10 47.47 -42.81
C LEU E 553 -27.09 48.94 -43.19
N LEU E 554 -28.15 49.65 -42.85
CA LEU E 554 -28.27 51.08 -43.11
C LEU E 554 -28.97 51.70 -41.90
N GLU E 555 -29.49 52.92 -42.07
CA GLU E 555 -30.19 53.64 -41.01
C GLU E 555 -31.12 52.72 -40.23
N GLY E 556 -30.98 52.72 -38.91
CA GLY E 556 -31.64 51.75 -38.08
C GLY E 556 -32.81 52.26 -37.27
N GLU E 557 -33.32 53.44 -37.60
CA GLU E 557 -34.48 53.98 -36.88
C GLU E 557 -35.70 54.10 -37.78
N THR E 558 -35.62 54.85 -38.88
CA THR E 558 -36.81 55.08 -39.68
C THR E 558 -37.14 53.85 -40.54
N ALA E 559 -36.17 53.40 -41.34
CA ALA E 559 -36.39 52.24 -42.20
C ALA E 559 -36.62 50.95 -41.43
N LYS E 560 -36.42 50.97 -40.11
CA LYS E 560 -36.72 49.84 -39.25
C LYS E 560 -38.09 49.98 -38.59
N LEU E 561 -38.32 51.09 -37.91
CA LEU E 561 -39.59 51.30 -37.24
C LEU E 561 -40.74 51.49 -38.23
N LEU E 562 -40.42 51.62 -39.52
CA LEU E 562 -41.46 51.55 -40.53
C LEU E 562 -41.68 50.15 -41.07
N ARG E 563 -40.81 49.21 -40.72
CA ARG E 563 -40.98 47.82 -41.11
C ARG E 563 -41.84 47.03 -40.13
N MET E 564 -42.52 47.70 -39.20
CA MET E 564 -43.35 47.04 -38.20
C MET E 564 -44.64 46.54 -38.85
N GLU E 565 -44.68 46.56 -40.17
CA GLU E 565 -45.83 46.12 -40.96
C GLU E 565 -45.90 44.61 -41.00
N ASP E 566 -46.61 44.07 -41.99
CA ASP E 566 -46.88 42.64 -42.15
C ASP E 566 -45.63 41.79 -42.01
N GLU E 567 -44.44 42.39 -42.02
CA GLU E 567 -43.23 41.66 -41.65
C GLU E 567 -43.43 40.87 -40.35
N LEU E 568 -44.24 41.41 -39.43
CA LEU E 568 -44.75 40.59 -38.35
C LEU E 568 -45.81 39.62 -38.85
N GLY E 569 -46.79 40.11 -39.60
CA GLY E 569 -47.86 39.29 -40.13
C GLY E 569 -47.41 38.23 -41.12
N LYS E 570 -46.13 38.23 -41.47
CA LYS E 570 -45.59 37.13 -42.26
C LYS E 570 -45.45 35.87 -41.42
N ARG E 571 -45.32 36.03 -40.10
CA ARG E 571 -45.22 34.92 -39.18
C ARG E 571 -46.47 34.75 -38.33
N VAL E 572 -47.08 35.85 -37.90
CA VAL E 572 -48.36 35.81 -37.20
C VAL E 572 -49.47 36.02 -38.23
N ILE E 573 -50.66 35.47 -37.95
CA ILE E 573 -51.79 35.56 -38.85
C ILE E 573 -52.97 36.16 -38.10
N GLY E 574 -53.62 37.13 -38.74
CA GLY E 574 -54.67 37.84 -38.04
C GLY E 574 -54.08 38.68 -36.92
N GLN E 575 -54.95 39.09 -36.00
CA GLN E 575 -54.56 39.88 -34.84
C GLN E 575 -53.84 41.16 -35.25
N LYS E 576 -54.17 41.67 -36.44
CA LYS E 576 -53.55 42.88 -36.94
C LYS E 576 -53.72 44.05 -35.98
N ALA E 577 -54.84 44.10 -35.27
CA ALA E 577 -55.01 45.14 -34.25
C ALA E 577 -53.94 45.03 -33.18
N ALA E 578 -53.70 43.82 -32.68
CA ALA E 578 -52.67 43.63 -31.67
C ALA E 578 -51.30 43.99 -32.21
N VAL E 579 -51.01 43.58 -33.45
CA VAL E 579 -49.71 43.90 -34.05
C VAL E 579 -49.55 45.41 -34.17
N THR E 580 -50.62 46.12 -34.54
CA THR E 580 -50.53 47.57 -34.68
C THR E 580 -50.30 48.24 -33.33
N ALA E 581 -51.03 47.80 -32.32
CA ALA E 581 -50.86 48.37 -30.98
C ALA E 581 -49.44 48.15 -30.47
N VAL E 582 -48.95 46.92 -30.59
CA VAL E 582 -47.59 46.61 -30.12
C VAL E 582 -46.56 47.39 -30.92
N SER E 583 -46.77 47.53 -32.23
CA SER E 583 -45.82 48.28 -33.04
C SER E 583 -45.78 49.74 -32.62
N ASP E 584 -46.94 50.34 -32.35
CA ASP E 584 -46.95 51.72 -31.87
C ASP E 584 -46.25 51.83 -30.53
N ALA E 585 -46.47 50.86 -29.65
CA ALA E 585 -45.83 50.89 -28.33
C ALA E 585 -44.33 50.82 -28.45
N VAL E 586 -43.81 49.98 -29.35
CA VAL E 586 -42.36 49.87 -29.49
C VAL E 586 -41.79 51.07 -30.24
N ARG E 587 -42.55 51.66 -31.16
CA ARG E 587 -42.07 52.85 -31.86
C ARG E 587 -41.93 54.02 -30.91
N ARG E 588 -42.99 54.32 -30.16
CA ARG E 588 -42.93 55.47 -29.26
C ARG E 588 -41.98 55.24 -28.08
N SER E 589 -41.65 53.99 -27.76
CA SER E 589 -40.80 53.73 -26.62
C SER E 589 -39.35 54.11 -26.88
N ARG E 590 -38.86 53.91 -28.11
CA ARG E 590 -37.50 54.28 -28.47
C ARG E 590 -37.41 55.66 -29.10
N ALA E 591 -38.38 56.53 -28.83
CA ALA E 591 -38.33 57.88 -29.38
C ALA E 591 -37.17 58.66 -28.77
N GLY E 592 -37.07 58.68 -27.45
CA GLY E 592 -36.01 59.42 -26.79
C GLY E 592 -36.54 60.43 -25.79
N VAL E 593 -37.75 60.21 -25.30
CA VAL E 593 -38.32 61.07 -24.27
C VAL E 593 -38.77 60.32 -23.04
N SER E 594 -38.88 58.99 -23.08
CA SER E 594 -39.23 58.24 -21.89
C SER E 594 -38.04 58.15 -20.94
N ASP E 595 -38.31 57.78 -19.70
CA ASP E 595 -37.26 57.71 -18.69
C ASP E 595 -36.27 56.61 -19.05
N PRO E 596 -34.97 56.79 -18.73
CA PRO E 596 -33.95 55.84 -19.18
C PRO E 596 -33.87 54.58 -18.34
N ASN E 597 -34.78 54.37 -17.40
CA ASN E 597 -34.79 53.19 -16.53
C ASN E 597 -36.18 52.58 -16.54
N ARG E 598 -36.44 51.74 -17.53
CA ARG E 598 -37.73 51.09 -17.73
C ARG E 598 -37.58 50.01 -18.80
N PRO E 599 -38.29 48.89 -18.68
CA PRO E 599 -38.31 47.91 -19.76
C PRO E 599 -38.79 48.54 -21.07
N THR E 600 -38.29 48.02 -22.18
CA THR E 600 -38.69 48.51 -23.48
C THR E 600 -40.14 48.20 -23.82
N GLY E 601 -40.85 47.51 -22.94
CA GLY E 601 -42.26 47.24 -23.11
C GLY E 601 -42.75 46.27 -22.05
N ALA E 602 -43.90 46.57 -21.45
CA ALA E 602 -44.41 45.79 -20.34
C ALA E 602 -45.89 45.48 -20.54
N PHE E 603 -46.23 45.03 -21.74
CA PHE E 603 -47.61 44.72 -22.08
C PHE E 603 -47.85 43.22 -21.94
N MET E 604 -49.13 42.87 -21.85
CA MET E 604 -49.54 41.48 -21.69
C MET E 604 -50.76 41.22 -22.55
N PHE E 605 -50.93 39.95 -22.93
CA PHE E 605 -52.06 39.54 -23.74
C PHE E 605 -52.52 38.15 -23.32
N LEU E 606 -53.83 37.98 -23.25
CA LEU E 606 -54.45 36.80 -22.67
C LEU E 606 -55.59 36.33 -23.56
N GLY E 607 -56.35 35.37 -23.05
CA GLY E 607 -57.53 34.89 -23.74
C GLY E 607 -57.41 33.45 -24.18
N PRO E 608 -57.95 33.14 -25.36
CA PRO E 608 -57.89 31.77 -25.85
C PRO E 608 -56.47 31.38 -26.25
N THR E 609 -56.18 30.09 -26.05
CA THR E 609 -54.87 29.55 -26.41
C THR E 609 -54.85 29.09 -27.86
N GLY E 610 -53.69 28.62 -28.30
CA GLY E 610 -53.53 28.06 -29.63
C GLY E 610 -53.74 29.04 -30.76
N VAL E 611 -54.01 30.30 -30.42
CA VAL E 611 -54.18 31.34 -31.43
C VAL E 611 -52.86 31.91 -31.90
N GLY E 612 -51.75 31.52 -31.27
CA GLY E 612 -50.45 32.04 -31.63
C GLY E 612 -49.95 33.10 -30.67
N LYS E 613 -50.39 33.00 -29.40
CA LYS E 613 -49.96 33.96 -28.39
C LYS E 613 -48.44 34.03 -28.32
N THR E 614 -47.79 32.87 -28.16
CA THR E 614 -46.33 32.85 -28.17
C THR E 614 -45.79 33.25 -29.54
N GLU E 615 -46.40 32.75 -30.62
CA GLU E 615 -45.90 32.99 -31.96
C GLU E 615 -45.66 34.47 -32.24
N LEU E 616 -46.54 35.34 -31.74
CA LEU E 616 -46.29 36.77 -31.85
C LEU E 616 -44.95 37.13 -31.22
N ALA E 617 -44.68 36.63 -30.02
CA ALA E 617 -43.44 36.97 -29.34
C ALA E 617 -42.22 36.39 -30.05
N LYS E 618 -42.34 35.14 -30.53
CA LYS E 618 -41.24 34.54 -31.26
C LYS E 618 -40.91 35.34 -32.52
N ALA E 619 -41.93 35.82 -33.23
CA ALA E 619 -41.67 36.66 -34.39
C ALA E 619 -41.14 38.03 -33.99
N LEU E 620 -41.60 38.53 -32.84
CA LEU E 620 -41.17 39.85 -32.38
C LEU E 620 -39.69 39.86 -32.07
N ALA E 621 -39.23 38.90 -31.28
CA ALA E 621 -37.80 38.79 -30.98
C ALA E 621 -36.99 38.53 -32.24
N ASP E 622 -37.56 37.78 -33.19
CA ASP E 622 -36.86 37.53 -34.46
C ASP E 622 -36.59 38.82 -35.20
N PHE E 623 -37.60 39.68 -35.34
CA PHE E 623 -37.43 40.90 -36.11
C PHE E 623 -36.48 41.87 -35.43
N LEU E 624 -36.56 42.01 -34.10
CA LEU E 624 -35.80 43.03 -33.40
C LEU E 624 -34.37 42.58 -33.11
N PHE E 625 -34.21 41.46 -32.40
CA PHE E 625 -32.90 40.99 -31.99
C PHE E 625 -32.30 39.96 -32.94
N ASP E 626 -32.86 39.83 -34.14
CA ASP E 626 -32.32 38.99 -35.21
C ASP E 626 -32.26 37.52 -34.82
N ASP E 627 -33.13 37.09 -33.92
CA ASP E 627 -33.16 35.69 -33.51
C ASP E 627 -34.49 35.40 -32.84
N GLU E 628 -35.06 34.25 -33.14
CA GLU E 628 -36.24 33.76 -32.45
C GLU E 628 -35.91 32.80 -31.32
N ARG E 629 -34.66 32.37 -31.22
CA ARG E 629 -34.21 31.61 -30.05
C ARG E 629 -33.70 32.55 -28.96
N ALA E 630 -34.50 33.55 -28.63
CA ALA E 630 -34.16 34.53 -27.64
C ALA E 630 -35.14 34.62 -26.49
N MET E 631 -36.43 34.53 -26.76
CA MET E 631 -37.42 34.55 -25.69
C MET E 631 -37.17 33.40 -24.72
N VAL E 632 -37.47 33.66 -23.45
CA VAL E 632 -37.29 32.68 -22.38
C VAL E 632 -38.61 32.55 -21.65
N ARG E 633 -39.20 31.35 -21.68
CA ARG E 633 -40.48 31.10 -21.05
C ARG E 633 -40.23 30.51 -19.68
N ILE E 634 -40.77 31.15 -18.65
CA ILE E 634 -40.69 30.67 -17.28
C ILE E 634 -42.12 30.53 -16.77
N ASP E 635 -42.56 29.28 -16.57
CA ASP E 635 -43.94 29.04 -16.18
C ASP E 635 -44.19 29.54 -14.77
N MET E 636 -45.32 30.20 -14.57
CA MET E 636 -45.74 30.59 -13.23
C MET E 636 -46.64 29.54 -12.61
N SER E 637 -46.18 28.28 -12.65
CA SER E 637 -46.89 27.18 -12.02
C SER E 637 -46.27 26.71 -10.73
N GLU E 638 -44.97 26.42 -10.72
CA GLU E 638 -44.30 26.03 -9.49
C GLU E 638 -44.35 27.17 -8.46
N TYR E 639 -44.49 28.40 -8.93
CA TYR E 639 -44.47 29.57 -8.05
C TYR E 639 -45.86 29.80 -7.45
N GLY E 640 -46.39 28.74 -6.85
CA GLY E 640 -47.66 28.80 -6.16
C GLY E 640 -47.48 28.71 -4.66
N GLU E 641 -46.23 28.61 -4.23
CA GLU E 641 -45.89 28.50 -2.83
C GLU E 641 -45.15 29.76 -2.39
N LYS E 642 -45.29 30.09 -1.10
CA LYS E 642 -44.72 31.32 -0.58
C LYS E 642 -43.20 31.30 -0.66
N HIS E 643 -42.57 30.16 -0.38
CA HIS E 643 -41.12 30.10 -0.30
C HIS E 643 -40.47 30.06 -1.68
N THR E 644 -41.17 29.51 -2.68
CA THR E 644 -40.54 29.24 -3.97
C THR E 644 -40.32 30.49 -4.80
N VAL E 645 -40.64 31.66 -4.25
CA VAL E 645 -40.37 32.89 -5.00
C VAL E 645 -38.88 33.14 -5.08
N ALA E 646 -38.10 32.59 -4.17
CA ALA E 646 -36.65 32.70 -4.21
C ALA E 646 -36.02 31.77 -5.24
N ARG E 647 -36.83 31.01 -5.98
CA ARG E 647 -36.26 30.15 -7.00
C ARG E 647 -35.77 30.93 -8.20
N LEU E 648 -36.47 31.99 -8.57
CA LEU E 648 -36.08 32.77 -9.74
C LEU E 648 -34.99 33.79 -9.43
N ILE E 649 -34.46 33.79 -8.21
CA ILE E 649 -33.31 34.60 -7.86
C ILE E 649 -32.20 33.71 -7.30
N GLY E 650 -32.47 33.11 -6.14
CA GLY E 650 -31.54 32.22 -5.48
C GLY E 650 -30.79 33.03 -4.46
N ALA E 651 -31.24 33.03 -3.21
CA ALA E 651 -30.81 34.13 -2.34
C ALA E 651 -29.40 33.98 -1.79
N PRO E 652 -29.10 32.95 -1.00
CA PRO E 652 -27.88 32.99 -0.21
C PRO E 652 -26.73 32.30 -0.92
N PRO E 653 -25.50 32.70 -0.63
CA PRO E 653 -24.33 31.87 -0.98
C PRO E 653 -24.07 30.84 0.10
N GLY E 654 -24.25 29.58 -0.25
CA GLY E 654 -23.97 28.51 0.70
C GLY E 654 -25.18 27.64 0.98
N TYR E 655 -26.24 27.80 0.19
CA TYR E 655 -27.45 27.03 0.37
C TYR E 655 -27.75 26.25 -0.92
N VAL E 656 -28.91 25.59 -0.95
CA VAL E 656 -29.18 24.57 -1.97
C VAL E 656 -29.03 25.14 -3.38
N GLY E 657 -29.89 26.07 -3.75
CA GLY E 657 -29.76 26.68 -5.06
C GLY E 657 -29.00 27.98 -5.00
N TYR E 658 -27.68 27.90 -5.21
CA TYR E 658 -26.85 29.09 -5.37
C TYR E 658 -26.13 29.09 -6.71
N GLU E 659 -25.40 28.01 -7.03
CA GLU E 659 -24.63 27.96 -8.26
C GLU E 659 -25.50 28.00 -9.49
N ALA E 660 -26.72 27.45 -9.43
CA ALA E 660 -27.60 27.47 -10.59
C ALA E 660 -28.17 28.85 -10.86
N GLY E 661 -28.10 29.76 -9.89
CA GLY E 661 -28.68 31.08 -10.04
C GLY E 661 -30.19 31.01 -10.14
N GLY E 662 -30.80 32.17 -10.29
CA GLY E 662 -32.23 32.25 -10.45
C GLY E 662 -32.66 31.97 -11.87
N GLN E 663 -33.90 31.47 -11.99
CA GLN E 663 -34.42 31.14 -13.31
C GLN E 663 -34.51 32.37 -14.20
N LEU E 664 -34.84 33.52 -13.62
CA LEU E 664 -35.03 34.73 -14.39
C LEU E 664 -33.73 35.47 -14.67
N THR E 665 -32.91 35.69 -13.64
CA THR E 665 -31.73 36.55 -13.76
C THR E 665 -30.62 35.90 -14.57
N GLU E 666 -30.20 34.68 -14.20
CA GLU E 666 -29.11 34.01 -14.89
C GLU E 666 -29.39 33.83 -16.38
N ALA E 667 -30.66 33.91 -16.78
CA ALA E 667 -31.03 33.87 -18.19
C ALA E 667 -31.23 35.25 -18.78
N VAL E 668 -30.93 36.31 -18.02
CA VAL E 668 -31.07 37.69 -18.48
C VAL E 668 -29.75 38.44 -18.42
N ARG E 669 -29.00 38.28 -17.32
CA ARG E 669 -27.69 38.92 -17.22
C ARG E 669 -26.77 38.52 -18.36
N ARG E 670 -26.96 37.32 -18.91
CA ARG E 670 -26.40 36.98 -20.20
C ARG E 670 -27.52 37.07 -21.22
N ARG E 671 -27.20 37.56 -22.41
CA ARG E 671 -28.19 37.88 -23.43
C ARG E 671 -29.20 38.88 -22.88
N PRO E 672 -28.80 40.13 -22.59
CA PRO E 672 -29.76 41.11 -22.08
C PRO E 672 -30.62 41.68 -23.19
N TYR E 673 -31.14 40.81 -24.06
CA TYR E 673 -31.95 41.21 -25.20
C TYR E 673 -33.15 40.29 -25.35
N THR E 674 -33.41 39.46 -24.36
CA THR E 674 -34.42 38.41 -24.48
C THR E 674 -35.82 39.02 -24.42
N VAL E 675 -36.83 38.16 -24.56
CA VAL E 675 -38.23 38.57 -24.43
C VAL E 675 -38.89 37.58 -23.48
N VAL E 676 -38.95 37.92 -22.20
CA VAL E 676 -39.37 36.98 -21.18
C VAL E 676 -40.87 36.76 -21.28
N LEU E 677 -41.30 35.51 -21.17
CA LEU E 677 -42.71 35.15 -21.13
C LEU E 677 -43.08 34.67 -19.73
N PHE E 678 -44.37 34.78 -19.42
CA PHE E 678 -44.89 34.44 -18.10
C PHE E 678 -46.23 33.75 -18.28
N ASP E 679 -46.21 32.42 -18.30
CA ASP E 679 -47.44 31.66 -18.48
C ASP E 679 -48.28 31.71 -17.21
N GLU E 680 -49.61 31.69 -17.39
CA GLU E 680 -50.61 31.70 -16.31
C GLU E 680 -50.19 32.62 -15.16
N ILE E 681 -50.04 33.90 -15.49
CA ILE E 681 -49.65 34.90 -14.49
C ILE E 681 -50.67 34.99 -13.36
N GLU E 682 -51.88 34.46 -13.58
CA GLU E 682 -52.91 34.53 -12.55
C GLU E 682 -52.70 33.53 -11.41
N LYS E 683 -51.96 32.45 -11.64
CA LYS E 683 -51.74 31.44 -10.61
C LYS E 683 -50.52 31.72 -9.76
N ALA E 684 -49.67 32.67 -10.14
CA ALA E 684 -48.50 33.00 -9.34
C ALA E 684 -48.92 33.66 -8.03
N HIS E 685 -48.23 33.28 -6.96
CA HIS E 685 -48.57 33.78 -5.64
C HIS E 685 -48.47 35.30 -5.60
N PRO E 686 -49.28 35.98 -4.79
CA PRO E 686 -49.19 37.44 -4.72
C PRO E 686 -47.97 37.94 -3.98
N ASP E 687 -46.80 37.39 -4.33
CA ASP E 687 -45.52 37.92 -3.88
C ASP E 687 -44.53 38.14 -5.01
N VAL E 688 -44.59 37.35 -6.08
CA VAL E 688 -43.77 37.61 -7.26
C VAL E 688 -44.15 38.94 -7.90
N PHE E 689 -45.42 39.34 -7.76
CA PHE E 689 -45.84 40.62 -8.33
C PHE E 689 -45.05 41.78 -7.74
N ASP E 690 -44.55 41.63 -6.52
CA ASP E 690 -43.64 42.63 -5.96
C ASP E 690 -42.35 42.68 -6.76
N VAL E 691 -41.80 41.51 -7.08
CA VAL E 691 -40.61 41.45 -7.94
C VAL E 691 -40.89 42.14 -9.27
N LEU E 692 -42.02 41.82 -9.91
CA LEU E 692 -42.36 42.42 -11.18
C LEU E 692 -42.46 43.94 -11.06
N LEU E 693 -43.12 44.42 -10.00
CA LEU E 693 -43.15 45.85 -9.72
C LEU E 693 -41.74 46.43 -9.72
N GLN E 694 -40.84 45.83 -8.95
CA GLN E 694 -39.48 46.35 -8.88
C GLN E 694 -38.83 46.36 -10.25
N VAL E 695 -39.14 45.36 -11.08
CA VAL E 695 -38.61 45.33 -12.45
C VAL E 695 -39.09 46.55 -13.23
N LEU E 696 -40.40 46.68 -13.37
CA LEU E 696 -40.97 47.74 -14.21
C LEU E 696 -41.19 49.04 -13.46
N ASP E 697 -40.52 49.24 -12.32
CA ASP E 697 -40.40 50.56 -11.72
C ASP E 697 -38.97 51.09 -11.73
N GLU E 698 -37.99 50.21 -11.94
CA GLU E 698 -36.59 50.61 -12.10
C GLU E 698 -35.88 49.49 -12.83
N GLY E 699 -35.20 49.82 -13.91
CA GLY E 699 -34.64 48.81 -14.78
C GLY E 699 -33.42 48.10 -14.22
N ARG E 700 -33.56 47.47 -13.07
CA ARG E 700 -32.47 46.68 -12.50
C ARG E 700 -33.04 45.76 -11.44
N LEU E 701 -32.27 44.72 -11.12
CA LEU E 701 -32.65 43.74 -10.12
C LEU E 701 -31.38 43.14 -9.56
N THR E 702 -31.52 42.40 -8.45
CA THR E 702 -30.39 41.84 -7.74
C THR E 702 -30.55 40.33 -7.61
N ASP E 703 -29.56 39.60 -8.09
CA ASP E 703 -29.54 38.15 -7.93
C ASP E 703 -29.02 37.81 -6.54
N GLY E 704 -28.67 36.56 -6.31
CA GLY E 704 -28.13 36.16 -5.02
C GLY E 704 -26.62 36.28 -4.95
N HIS E 705 -25.94 36.03 -6.07
CA HIS E 705 -24.49 36.16 -6.11
C HIS E 705 -24.06 37.55 -5.65
N GLY E 706 -24.91 38.55 -5.86
CA GLY E 706 -24.58 39.92 -5.52
C GLY E 706 -24.61 40.82 -6.73
N ARG E 707 -24.61 40.23 -7.92
CA ARG E 707 -24.59 41.01 -9.15
C ARG E 707 -25.83 41.90 -9.26
N THR E 708 -25.80 42.78 -10.25
CA THR E 708 -26.95 43.60 -10.63
C THR E 708 -27.28 43.32 -12.08
N VAL E 709 -28.51 42.87 -12.32
CA VAL E 709 -29.00 42.61 -13.67
C VAL E 709 -29.80 43.81 -14.12
N ASP E 710 -29.70 44.12 -15.42
CA ASP E 710 -30.28 45.34 -15.98
C ASP E 710 -31.40 44.99 -16.95
N PHE E 711 -32.49 45.75 -16.88
CA PHE E 711 -33.70 45.45 -17.63
C PHE E 711 -34.16 46.61 -18.52
N ARG E 712 -33.27 47.55 -18.83
CA ARG E 712 -33.71 48.76 -19.51
C ARG E 712 -33.82 48.60 -21.01
N ASN E 713 -33.47 47.45 -21.57
CA ASN E 713 -33.68 47.18 -23.00
C ASN E 713 -34.18 45.76 -23.21
N THR E 714 -35.13 45.33 -22.38
CA THR E 714 -35.79 44.04 -22.55
C THR E 714 -37.30 44.27 -22.71
N ILE E 715 -38.01 43.19 -23.02
CA ILE E 715 -39.44 43.26 -23.29
C ILE E 715 -40.14 42.20 -22.43
N LEU E 716 -41.11 42.63 -21.65
CA LEU E 716 -41.88 41.72 -20.82
C LEU E 716 -43.19 41.36 -21.49
N ILE E 717 -43.61 40.12 -21.29
CA ILE E 717 -44.85 39.61 -21.86
C ILE E 717 -45.46 38.65 -20.86
N LEU E 718 -46.66 38.97 -20.37
CA LEU E 718 -47.30 38.21 -19.30
C LEU E 718 -48.53 37.52 -19.87
N THR E 719 -48.35 36.33 -20.45
CA THR E 719 -49.47 35.60 -21.01
C THR E 719 -50.41 35.14 -19.89
N SER E 720 -51.56 34.60 -20.28
CA SER E 720 -52.56 34.14 -19.33
C SER E 720 -53.63 33.36 -20.08
N ASN E 721 -54.67 32.98 -19.35
CA ASN E 721 -55.81 32.29 -19.92
C ASN E 721 -57.14 32.79 -19.36
N LEU E 722 -57.14 33.93 -18.68
CA LEU E 722 -58.38 34.47 -18.12
C LEU E 722 -59.31 34.92 -19.25
N GLY E 723 -60.60 35.03 -18.91
CA GLY E 723 -61.58 35.48 -19.88
C GLY E 723 -62.15 34.36 -20.72
N SER E 724 -62.72 33.36 -20.08
CA SER E 724 -63.24 32.20 -20.81
C SER E 724 -64.69 32.44 -21.25
N GLY E 725 -65.43 33.25 -20.52
CA GLY E 725 -66.83 33.48 -20.83
C GLY E 725 -67.15 34.84 -21.41
N GLY E 726 -66.48 35.88 -20.92
CA GLY E 726 -66.76 37.24 -21.35
C GLY E 726 -66.07 37.63 -22.65
N SER E 727 -66.73 38.46 -23.45
CA SER E 727 -66.13 38.91 -24.70
C SER E 727 -65.18 40.08 -24.47
N ALA E 728 -65.73 41.21 -24.04
CA ALA E 728 -64.89 42.34 -23.67
C ALA E 728 -65.41 43.07 -22.43
N GLU E 729 -66.39 42.51 -21.71
CA GLU E 729 -67.08 43.23 -20.65
C GLU E 729 -66.65 42.76 -19.27
N GLN E 730 -66.62 41.45 -19.04
CA GLN E 730 -66.23 40.91 -17.74
C GLN E 730 -64.79 40.43 -17.71
N VAL E 731 -64.15 40.27 -18.87
CA VAL E 731 -62.74 39.87 -18.87
C VAL E 731 -61.88 40.95 -18.24
N LEU E 732 -62.13 42.22 -18.59
CA LEU E 732 -61.39 43.31 -17.98
C LEU E 732 -61.70 43.45 -16.51
N ALA E 733 -62.95 43.21 -16.11
CA ALA E 733 -63.30 43.28 -14.69
C ALA E 733 -62.61 42.18 -13.90
N ALA E 734 -62.52 40.98 -14.48
CA ALA E 734 -61.83 39.88 -13.81
C ALA E 734 -60.33 40.15 -13.72
N VAL E 735 -59.74 40.73 -14.78
CA VAL E 735 -58.33 41.10 -14.72
C VAL E 735 -58.06 42.20 -13.71
N ARG E 736 -58.98 43.16 -13.57
CA ARG E 736 -58.88 44.18 -12.53
C ARG E 736 -59.01 43.60 -11.12
N ALA E 737 -59.95 42.69 -10.92
CA ALA E 737 -60.22 42.14 -9.59
C ALA E 737 -59.18 41.13 -9.13
N THR E 738 -58.73 40.24 -10.01
CA THR E 738 -57.76 39.22 -9.63
C THR E 738 -56.39 39.82 -9.32
N PHE E 739 -55.84 40.61 -10.24
CA PHE E 739 -54.57 41.27 -10.01
C PHE E 739 -54.80 42.58 -9.25
N LYS E 740 -53.72 43.13 -8.72
CA LYS E 740 -53.81 44.42 -8.06
C LYS E 740 -54.11 45.50 -9.10
N PRO E 741 -55.22 46.23 -8.95
CA PRO E 741 -55.64 47.14 -10.03
C PRO E 741 -54.70 48.32 -10.23
N GLU E 742 -53.74 48.54 -9.34
CA GLU E 742 -52.75 49.60 -9.56
C GLU E 742 -51.48 49.10 -10.21
N PHE E 743 -51.12 47.83 -10.00
CA PHE E 743 -49.98 47.24 -10.68
C PHE E 743 -50.17 47.29 -12.19
N ILE E 744 -51.40 47.10 -12.66
CA ILE E 744 -51.72 47.15 -14.08
C ILE E 744 -51.47 48.53 -14.68
N ASN E 745 -51.45 49.58 -13.84
CA ASN E 745 -51.31 50.94 -14.37
C ASN E 745 -49.98 51.13 -15.08
N ARG E 746 -48.88 50.63 -14.53
CA ARG E 746 -47.58 50.76 -15.15
C ARG E 746 -47.42 49.88 -16.39
N LEU E 747 -48.35 48.96 -16.62
CA LEU E 747 -48.32 48.16 -17.84
C LEU E 747 -48.69 49.02 -19.05
N ASP E 748 -48.39 48.49 -20.22
CA ASP E 748 -48.80 49.09 -21.48
C ASP E 748 -50.17 48.52 -21.87
N ASP E 749 -50.56 48.71 -23.13
CA ASP E 749 -51.82 48.17 -23.63
C ASP E 749 -52.00 46.72 -23.19
N VAL E 750 -53.25 46.38 -22.84
CA VAL E 750 -53.57 45.09 -22.23
C VAL E 750 -54.45 44.33 -23.21
N LEU E 751 -54.17 44.49 -24.49
CA LEU E 751 -55.01 43.95 -25.55
C LEU E 751 -55.29 42.46 -25.35
N ILE E 752 -56.46 42.05 -25.82
CA ILE E 752 -56.85 40.64 -25.84
C ILE E 752 -56.80 40.17 -27.28
N PHE E 753 -56.26 38.97 -27.48
CA PHE E 753 -56.23 38.40 -28.82
C PHE E 753 -57.63 38.02 -29.28
N GLU E 754 -58.00 38.49 -30.46
CA GLU E 754 -59.30 38.20 -31.05
C GLU E 754 -59.29 36.79 -31.62
N GLY E 755 -60.42 36.10 -31.47
CA GLY E 755 -60.56 34.74 -31.95
C GLY E 755 -60.23 34.57 -33.41
N LEU E 756 -60.02 33.33 -33.83
CA LEU E 756 -59.72 33.05 -35.23
C LEU E 756 -61.01 32.89 -36.02
N ASN E 757 -61.11 33.60 -37.13
CA ASN E 757 -62.28 33.48 -38.01
C ASN E 757 -62.40 32.06 -38.51
N PRO E 758 -63.61 31.47 -38.51
CA PRO E 758 -63.76 30.12 -39.07
C PRO E 758 -63.22 30.02 -40.49
N GLU E 759 -63.24 31.14 -41.21
CA GLU E 759 -62.49 31.20 -42.46
C GLU E 759 -61.00 31.32 -42.20
N GLU E 760 -60.59 32.17 -41.25
CA GLU E 760 -59.17 32.45 -41.07
C GLU E 760 -58.49 31.38 -40.22
N LEU E 761 -58.73 30.12 -40.55
CA LEU E 761 -57.82 29.04 -40.25
C LEU E 761 -57.10 28.56 -41.50
N VAL E 762 -57.65 28.90 -42.66
CA VAL E 762 -57.04 28.52 -43.93
C VAL E 762 -55.70 29.21 -44.09
N ARG E 763 -55.56 30.44 -43.58
CA ARG E 763 -54.29 31.15 -43.72
C ARG E 763 -53.21 30.50 -42.86
N ILE E 764 -53.53 30.16 -41.61
CA ILE E 764 -52.56 29.51 -40.74
C ILE E 764 -52.18 28.15 -41.30
N VAL E 765 -53.18 27.35 -41.67
CA VAL E 765 -52.87 26.04 -42.24
C VAL E 765 -52.16 26.20 -43.58
N ASP E 766 -52.34 27.34 -44.26
CA ASP E 766 -51.70 27.55 -45.54
C ASP E 766 -50.22 27.86 -45.37
N ILE E 767 -49.89 28.69 -44.38
CA ILE E 767 -48.48 28.86 -44.02
C ILE E 767 -47.90 27.52 -43.60
N GLN E 768 -48.69 26.73 -42.88
CA GLN E 768 -48.24 25.39 -42.49
C GLN E 768 -47.90 24.53 -43.71
N LEU E 769 -48.76 24.57 -44.72
CA LEU E 769 -48.50 23.78 -45.93
C LEU E 769 -47.32 24.32 -46.72
N ALA E 770 -47.23 25.64 -46.86
CA ALA E 770 -46.06 26.23 -47.50
C ALA E 770 -44.78 25.81 -46.82
N GLN E 771 -44.82 25.67 -45.49
CA GLN E 771 -43.66 25.16 -44.76
C GLN E 771 -43.41 23.70 -45.08
N LEU E 772 -44.39 22.84 -44.81
CA LEU E 772 -44.20 21.40 -44.96
C LEU E 772 -43.89 21.00 -46.40
N GLY E 773 -44.14 21.86 -47.37
CA GLY E 773 -43.66 21.60 -48.72
C GLY E 773 -42.16 21.48 -48.81
N LYS E 774 -41.43 22.12 -47.89
CA LYS E 774 -39.98 22.00 -47.85
C LYS E 774 -39.53 20.65 -47.32
N ARG E 775 -40.39 19.96 -46.57
CA ARG E 775 -39.99 18.73 -45.89
C ARG E 775 -39.40 17.71 -46.86
N LEU E 776 -40.16 17.31 -47.86
CA LEU E 776 -39.67 16.33 -48.84
C LEU E 776 -39.02 17.00 -50.03
N ALA E 777 -38.08 17.90 -49.78
CA ALA E 777 -37.26 18.46 -50.84
C ALA E 777 -36.06 17.59 -51.16
N GLN E 778 -35.83 16.53 -50.39
CA GLN E 778 -34.72 15.63 -50.65
C GLN E 778 -35.00 14.72 -51.84
N ARG E 779 -36.26 14.52 -52.19
CA ARG E 779 -36.65 13.74 -53.36
C ARG E 779 -37.54 14.52 -54.32
N ARG E 780 -37.76 15.81 -54.07
CA ARG E 780 -38.47 16.72 -54.98
C ARG E 780 -39.90 16.25 -55.27
N LEU E 781 -40.53 15.57 -54.32
CA LEU E 781 -41.91 15.11 -54.53
C LEU E 781 -42.89 16.21 -54.13
N GLN E 782 -43.50 16.84 -55.14
CA GLN E 782 -44.41 17.94 -54.90
C GLN E 782 -45.71 17.44 -54.28
N LEU E 783 -46.54 18.37 -53.84
CA LEU E 783 -47.75 18.07 -53.09
C LEU E 783 -48.97 18.70 -53.74
N GLN E 784 -50.15 18.20 -53.38
CA GLN E 784 -51.41 18.64 -53.95
C GLN E 784 -52.09 19.62 -52.98
N VAL E 785 -53.01 20.42 -53.52
CA VAL E 785 -53.85 21.32 -52.73
C VAL E 785 -55.28 21.25 -53.25
N SER E 786 -56.23 21.29 -52.35
CA SER E 786 -57.65 21.23 -52.70
C SER E 786 -58.46 21.76 -51.52
N LEU E 787 -59.22 22.83 -51.76
CA LEU E 787 -59.99 23.45 -50.68
C LEU E 787 -60.79 22.47 -49.84
N PRO E 788 -61.48 21.46 -50.39
CA PRO E 788 -62.14 20.49 -49.50
C PRO E 788 -61.18 19.81 -48.53
N ALA E 789 -60.01 19.39 -49.02
CA ALA E 789 -59.05 18.72 -48.16
C ALA E 789 -58.45 19.68 -47.14
N LYS E 790 -58.06 20.87 -47.59
CA LYS E 790 -57.42 21.81 -46.68
C LYS E 790 -58.36 22.31 -45.60
N ARG E 791 -59.62 22.56 -45.95
CA ARG E 791 -60.60 22.97 -44.94
C ARG E 791 -61.06 21.80 -44.09
N TRP E 792 -60.93 20.58 -44.59
CA TRP E 792 -61.15 19.38 -43.79
C TRP E 792 -60.23 19.33 -42.57
N LEU E 793 -59.06 19.97 -42.62
CA LEU E 793 -58.18 20.02 -41.46
C LEU E 793 -58.75 20.90 -40.36
N ALA E 794 -59.52 21.92 -40.71
CA ALA E 794 -59.97 22.89 -39.73
C ALA E 794 -60.92 22.26 -38.72
N GLN E 795 -62.07 21.79 -39.19
CA GLN E 795 -63.09 21.26 -38.30
C GLN E 795 -62.68 19.95 -37.63
N ARG E 796 -61.57 19.34 -38.05
CA ARG E 796 -61.10 18.10 -37.44
C ARG E 796 -59.76 18.28 -36.74
N GLY E 797 -59.23 19.50 -36.67
CA GLY E 797 -57.97 19.69 -35.99
C GLY E 797 -57.99 20.89 -35.06
N PHE E 798 -59.08 21.65 -35.08
CA PHE E 798 -59.19 22.78 -34.16
C PHE E 798 -59.20 22.29 -32.71
N ASP E 799 -60.27 21.59 -32.32
CA ASP E 799 -60.45 21.10 -30.96
C ASP E 799 -60.31 22.28 -30.01
N PRO E 800 -61.32 23.15 -29.91
CA PRO E 800 -61.14 24.46 -29.29
C PRO E 800 -60.93 24.45 -27.78
N VAL E 801 -59.97 23.68 -27.30
CA VAL E 801 -59.44 23.87 -25.96
C VAL E 801 -57.93 24.11 -25.96
N TYR E 802 -57.29 23.82 -27.10
CA TYR E 802 -55.84 24.14 -27.24
C TYR E 802 -55.53 24.52 -28.69
N GLY E 803 -56.37 25.37 -29.28
CA GLY E 803 -56.20 25.92 -30.63
C GLY E 803 -55.60 24.97 -31.65
N ALA E 804 -54.55 25.40 -32.32
CA ALA E 804 -53.91 24.58 -33.37
C ALA E 804 -52.62 23.96 -32.88
N ARG E 805 -52.58 23.63 -31.58
CA ARG E 805 -51.39 22.97 -30.99
C ARG E 805 -51.12 21.74 -31.85
N PRO E 806 -52.11 20.84 -31.95
CA PRO E 806 -52.00 19.58 -32.68
C PRO E 806 -52.03 19.74 -34.19
N LEU E 807 -52.42 20.91 -34.71
CA LEU E 807 -52.57 21.08 -36.14
C LEU E 807 -51.28 20.88 -36.92
N ARG E 808 -50.15 20.82 -36.23
CA ARG E 808 -48.93 20.43 -36.93
C ARG E 808 -48.77 18.92 -36.94
N ARG E 809 -48.86 18.28 -35.77
CA ARG E 809 -48.72 16.83 -35.71
C ARG E 809 -49.87 16.13 -36.41
N LEU E 810 -51.11 16.58 -36.15
CA LEU E 810 -52.29 15.96 -36.73
C LEU E 810 -52.15 15.75 -38.24
N VAL E 811 -51.63 16.75 -38.94
CA VAL E 811 -51.47 16.65 -40.38
C VAL E 811 -50.14 16.00 -40.75
N GLN E 812 -49.07 16.29 -40.01
CA GLN E 812 -47.77 15.78 -40.41
C GLN E 812 -47.71 14.26 -40.28
N GLN E 813 -48.16 13.71 -39.15
CA GLN E 813 -48.14 12.26 -38.99
C GLN E 813 -49.03 11.61 -40.04
N ALA E 814 -50.24 12.14 -40.22
CA ALA E 814 -51.17 11.58 -41.19
C ALA E 814 -50.55 11.51 -42.57
N ILE E 815 -50.26 12.67 -43.16
CA ILE E 815 -49.79 12.70 -44.55
C ILE E 815 -48.45 11.99 -44.67
N GLY E 816 -47.46 12.39 -43.86
CA GLY E 816 -46.15 11.80 -43.91
C GLY E 816 -46.14 10.29 -43.77
N ASP E 817 -46.66 9.75 -42.66
CA ASP E 817 -46.59 8.31 -42.41
C ASP E 817 -47.61 7.51 -43.19
N GLN E 818 -48.61 8.16 -43.82
CA GLN E 818 -49.50 7.47 -44.72
C GLN E 818 -48.93 7.38 -46.12
N LEU E 819 -48.06 8.33 -46.47
CA LEU E 819 -47.38 8.26 -47.76
C LEU E 819 -46.02 7.57 -47.66
N ALA E 820 -45.47 7.42 -46.45
CA ALA E 820 -44.13 6.90 -46.24
C ALA E 820 -43.95 5.50 -46.79
N LYS E 821 -45.05 4.79 -47.02
CA LYS E 821 -44.95 3.46 -47.61
C LYS E 821 -44.91 3.54 -49.13
N MET E 822 -45.68 4.46 -49.69
CA MET E 822 -45.55 4.76 -51.12
C MET E 822 -44.14 5.22 -51.43
N LEU E 823 -43.55 6.03 -50.54
CA LEU E 823 -42.22 6.58 -50.78
C LEU E 823 -41.14 5.50 -50.84
N LEU E 824 -41.46 4.27 -50.42
CA LEU E 824 -40.53 3.14 -50.52
C LEU E 824 -40.97 2.12 -51.55
N ALA E 825 -42.27 1.96 -51.80
CA ALA E 825 -42.77 1.01 -52.77
C ALA E 825 -42.71 1.55 -54.20
N GLY E 826 -43.21 2.76 -54.41
CA GLY E 826 -43.19 3.39 -55.71
C GLY E 826 -44.33 4.37 -55.88
N GLN E 827 -45.03 4.28 -57.00
CA GLN E 827 -46.27 4.98 -57.30
C GLN E 827 -46.11 6.49 -57.40
N VAL E 828 -44.93 7.04 -57.09
CA VAL E 828 -44.68 8.47 -57.16
C VAL E 828 -43.25 8.68 -57.63
N HIS E 829 -43.04 9.78 -58.35
CA HIS E 829 -41.70 10.27 -58.65
C HIS E 829 -41.76 11.80 -58.59
N ASP E 830 -40.62 12.44 -58.81
CA ASP E 830 -40.51 13.84 -58.41
C ASP E 830 -41.11 14.80 -59.42
N GLY E 831 -42.34 14.55 -59.83
CA GLY E 831 -43.12 15.53 -60.58
C GLY E 831 -44.58 15.40 -60.24
N ASP E 832 -44.91 14.46 -59.36
CA ASP E 832 -46.29 14.06 -59.10
C ASP E 832 -46.89 14.92 -58.01
N THR E 833 -48.09 15.45 -58.27
CA THR E 833 -48.83 16.27 -57.32
C THR E 833 -49.26 15.50 -56.08
N VAL E 834 -49.04 14.19 -56.02
CA VAL E 834 -49.59 13.28 -55.00
C VAL E 834 -51.03 13.69 -54.66
N PRO E 835 -51.98 13.45 -55.56
CA PRO E 835 -53.35 13.91 -55.30
C PRO E 835 -54.00 13.16 -54.16
N VAL E 836 -54.17 13.84 -53.04
CA VAL E 836 -54.82 13.29 -51.87
C VAL E 836 -56.26 13.78 -51.88
N ASN E 837 -57.19 12.90 -51.53
CA ASN E 837 -58.60 13.23 -51.62
C ASN E 837 -59.25 12.97 -50.27
N VAL E 838 -60.51 13.41 -50.16
CA VAL E 838 -61.30 13.21 -48.96
C VAL E 838 -62.19 12.00 -49.18
N SER E 839 -61.72 10.83 -48.74
CA SER E 839 -62.49 9.61 -48.85
C SER E 839 -63.80 9.74 -48.06
N PRO E 840 -64.76 8.83 -48.27
CA PRO E 840 -66.05 8.91 -47.57
C PRO E 840 -65.95 9.22 -46.07
N ASP E 841 -64.93 8.69 -45.39
CA ASP E 841 -64.77 8.92 -43.97
C ASP E 841 -63.52 9.72 -43.64
N ALA E 842 -62.35 9.25 -44.07
CA ALA E 842 -61.09 9.84 -43.65
C ALA E 842 -60.23 10.25 -44.83
N ASP E 843 -58.98 10.60 -44.57
CA ASP E 843 -58.07 11.08 -45.62
C ASP E 843 -57.13 9.95 -46.02
N SER E 844 -57.58 9.16 -47.00
CA SER E 844 -56.69 8.29 -47.75
C SER E 844 -56.15 9.10 -48.92
N LEU E 845 -55.36 8.47 -49.80
CA LEU E 845 -54.86 9.16 -50.98
C LEU E 845 -55.99 9.51 -51.93
N GLN F 159 18.46 29.56 -58.65
CA GLN F 159 18.54 28.59 -59.73
C GLN F 159 19.08 27.25 -59.21
N ALA F 160 19.65 27.27 -58.01
CA ALA F 160 20.17 26.07 -57.38
C ALA F 160 19.13 25.37 -56.51
N LEU F 161 17.85 25.57 -56.80
CA LEU F 161 16.75 24.91 -56.10
C LEU F 161 16.00 23.93 -56.98
N GLN F 162 16.41 23.78 -58.24
CA GLN F 162 15.66 22.97 -59.18
C GLN F 162 15.62 21.49 -58.81
N LYS F 163 16.55 21.02 -57.98
CA LYS F 163 16.56 19.60 -57.65
C LYS F 163 15.83 19.30 -56.35
N TYR F 164 16.17 20.00 -55.27
CA TYR F 164 15.47 19.82 -54.01
C TYR F 164 14.00 20.21 -54.10
N SER F 165 13.61 20.97 -55.13
CA SER F 165 12.24 21.38 -55.32
C SER F 165 11.88 21.23 -56.80
N THR F 166 10.69 20.68 -57.04
CA THR F 166 10.19 20.51 -58.41
C THR F 166 9.68 21.85 -58.91
N ASP F 167 8.97 21.85 -60.03
CA ASP F 167 8.52 23.09 -60.63
C ASP F 167 7.02 23.02 -60.92
N LEU F 168 6.39 24.19 -60.89
CA LEU F 168 5.04 24.35 -61.41
C LEU F 168 4.97 25.44 -62.49
N THR F 169 6.11 25.94 -62.95
CA THR F 169 6.14 26.85 -64.09
C THR F 169 6.42 26.11 -65.38
N ALA F 170 7.28 25.09 -65.34
CA ALA F 170 7.51 24.22 -66.47
C ALA F 170 6.32 23.33 -66.77
N ARG F 171 5.70 22.76 -65.73
CA ARG F 171 4.50 21.95 -65.92
C ARG F 171 3.35 22.79 -66.45
N ALA F 172 3.28 24.06 -66.06
CA ALA F 172 2.25 24.94 -66.57
C ALA F 172 2.28 25.03 -68.10
N ARG F 173 3.45 25.35 -68.66
CA ARG F 173 3.57 25.42 -70.12
C ARG F 173 3.45 24.03 -70.75
N GLU F 174 4.10 23.02 -70.17
CA GLU F 174 4.07 21.69 -70.76
C GLU F 174 2.70 21.05 -70.64
N GLY F 175 1.77 21.70 -69.96
CA GLY F 175 0.35 21.42 -70.10
C GLY F 175 -0.17 20.23 -69.33
N LYS F 176 0.67 19.38 -68.76
CA LYS F 176 0.21 18.21 -68.04
C LYS F 176 -0.23 18.67 -66.65
N LEU F 177 -1.49 18.41 -66.31
CA LEU F 177 -2.06 18.90 -65.06
C LEU F 177 -3.22 18.02 -64.68
N ASP F 178 -3.36 17.77 -63.38
CA ASP F 178 -4.48 17.01 -62.89
C ASP F 178 -5.77 17.76 -63.19
N PRO F 179 -6.85 17.04 -63.47
CA PRO F 179 -8.12 17.72 -63.82
C PRO F 179 -8.58 18.63 -62.70
N VAL F 180 -8.85 19.88 -63.05
CA VAL F 180 -9.34 20.88 -62.11
C VAL F 180 -10.69 21.36 -62.62
N ILE F 181 -11.64 21.55 -61.71
CA ILE F 181 -12.98 22.00 -62.05
C ILE F 181 -13.58 22.71 -60.83
N GLY F 182 -14.29 23.80 -61.07
CA GLY F 182 -14.88 24.57 -60.00
C GLY F 182 -13.84 25.30 -59.17
N ARG F 183 -14.29 25.75 -57.99
CA ARG F 183 -13.45 26.44 -57.02
C ARG F 183 -12.81 27.71 -57.59
N ASP F 184 -13.34 28.22 -58.71
CA ASP F 184 -12.79 29.44 -59.30
C ASP F 184 -12.97 30.64 -58.40
N ASN F 185 -14.09 30.70 -57.68
CA ASN F 185 -14.26 31.74 -56.67
C ASN F 185 -13.21 31.62 -55.57
N GLU F 186 -12.84 30.39 -55.24
CA GLU F 186 -11.80 30.19 -54.23
C GLU F 186 -10.44 30.65 -54.75
N ILE F 187 -10.14 30.40 -56.03
CA ILE F 187 -8.90 30.89 -56.61
C ILE F 187 -8.90 32.43 -56.63
N ARG F 188 -10.05 33.02 -56.95
CA ARG F 188 -10.15 34.48 -56.92
C ARG F 188 -9.92 35.02 -55.52
N ARG F 189 -10.50 34.38 -54.52
CA ARG F 189 -10.24 34.77 -53.14
C ARG F 189 -8.77 34.65 -52.81
N VAL F 190 -8.12 33.58 -53.27
CA VAL F 190 -6.71 33.36 -52.99
C VAL F 190 -5.87 34.50 -53.56
N VAL F 191 -6.11 34.85 -54.83
CA VAL F 191 -5.31 35.93 -55.42
C VAL F 191 -5.64 37.27 -54.78
N GLN F 192 -6.91 37.48 -54.40
CA GLN F 192 -7.30 38.74 -53.77
C GLN F 192 -6.60 38.92 -52.44
N VAL F 193 -6.50 37.84 -51.65
CA VAL F 193 -5.83 37.98 -50.36
C VAL F 193 -4.31 37.95 -50.54
N LEU F 194 -3.81 37.38 -51.64
CA LEU F 194 -2.38 37.45 -51.91
C LEU F 194 -1.95 38.87 -52.24
N SER F 195 -2.80 39.62 -52.96
CA SER F 195 -2.47 41.00 -53.29
C SER F 195 -3.00 41.94 -52.20
N ARG F 196 -2.38 41.80 -51.02
CA ARG F 196 -2.69 42.65 -49.87
C ARG F 196 -1.38 43.12 -49.25
N ARG F 197 -1.48 43.92 -48.20
CA ARG F 197 -0.30 44.34 -47.44
C ARG F 197 -0.17 43.62 -46.11
N THR F 198 -1.28 43.38 -45.41
CA THR F 198 -1.26 42.64 -44.16
C THR F 198 -2.15 41.41 -44.28
N LYS F 199 -1.79 40.37 -43.53
CA LYS F 199 -2.52 39.11 -43.50
C LYS F 199 -2.64 38.51 -44.89
N ASN F 200 -1.58 38.60 -45.69
CA ASN F 200 -1.52 38.00 -47.01
C ASN F 200 -1.21 36.52 -46.90
N ASN F 201 -0.79 35.91 -48.01
CA ASN F 201 -0.29 34.53 -48.17
C ASN F 201 -1.04 33.53 -47.30
N PRO F 202 -2.28 33.21 -47.67
CA PRO F 202 -3.12 32.37 -46.82
C PRO F 202 -2.69 30.92 -46.78
N VAL F 203 -3.49 30.09 -46.12
CA VAL F 203 -3.29 28.66 -46.08
C VAL F 203 -4.63 28.01 -46.43
N LEU F 204 -4.62 26.71 -46.69
CA LEU F 204 -5.84 25.99 -47.01
C LEU F 204 -6.26 25.11 -45.84
N ILE F 205 -7.53 25.16 -45.50
CA ILE F 205 -8.11 24.39 -44.39
C ILE F 205 -9.16 23.45 -44.97
N GLY F 206 -9.20 22.22 -44.45
CA GLY F 206 -10.15 21.24 -44.93
C GLY F 206 -9.95 19.87 -44.34
N GLU F 207 -10.12 18.84 -45.15
CA GLU F 207 -9.96 17.45 -44.73
C GLU F 207 -9.35 16.66 -45.88
N PRO F 208 -8.78 15.49 -45.60
CA PRO F 208 -8.20 14.68 -46.68
C PRO F 208 -9.25 14.33 -47.73
N GLY F 209 -8.98 14.73 -48.96
CA GLY F 209 -9.90 14.52 -50.06
C GLY F 209 -10.60 15.76 -50.57
N VAL F 210 -10.07 16.96 -50.28
CA VAL F 210 -10.59 18.17 -50.89
C VAL F 210 -10.04 18.38 -52.30
N GLY F 211 -8.73 18.20 -52.47
CA GLY F 211 -8.09 18.59 -53.71
C GLY F 211 -7.49 19.97 -53.55
N LYS F 212 -6.72 20.17 -52.47
CA LYS F 212 -6.07 21.46 -52.25
C LYS F 212 -4.80 21.61 -53.08
N THR F 213 -4.02 20.53 -53.22
CA THR F 213 -3.00 20.51 -54.24
C THR F 213 -3.61 20.82 -55.60
N ALA F 214 -4.79 20.28 -55.87
CA ALA F 214 -5.50 20.60 -57.10
C ALA F 214 -5.92 22.06 -57.14
N ILE F 215 -6.25 22.65 -55.98
CA ILE F 215 -6.59 24.07 -55.92
C ILE F 215 -5.42 24.92 -56.38
N VAL F 216 -4.24 24.65 -55.81
CA VAL F 216 -3.07 25.44 -56.19
C VAL F 216 -2.64 25.10 -57.62
N GLU F 217 -2.95 23.88 -58.10
CA GLU F 217 -2.63 23.53 -59.47
C GLU F 217 -3.51 24.31 -60.45
N GLY F 218 -4.80 24.38 -60.18
CA GLY F 218 -5.67 25.23 -60.97
C GLY F 218 -5.29 26.70 -60.89
N LEU F 219 -4.86 27.14 -59.70
CA LEU F 219 -4.33 28.49 -59.57
C LEU F 219 -3.15 28.71 -60.51
N ALA F 220 -2.23 27.74 -60.58
CA ALA F 220 -1.07 27.88 -61.46
C ALA F 220 -1.48 27.86 -62.92
N GLN F 221 -2.45 27.01 -63.29
CA GLN F 221 -2.89 26.96 -64.67
C GLN F 221 -3.55 28.27 -65.09
N ARG F 222 -4.32 28.87 -64.18
CA ARG F 222 -4.94 30.14 -64.51
C ARG F 222 -3.91 31.27 -64.51
N ILE F 223 -2.86 31.15 -63.71
CA ILE F 223 -1.77 32.11 -63.75
C ILE F 223 -1.08 32.06 -65.10
N VAL F 224 -0.78 30.86 -65.59
CA VAL F 224 -0.06 30.74 -66.85
C VAL F 224 -0.96 31.10 -68.03
N ALA F 225 -2.27 30.91 -67.89
CA ALA F 225 -3.19 31.35 -68.93
C ALA F 225 -3.29 32.87 -68.96
N GLY F 226 -3.50 33.49 -67.80
CA GLY F 226 -3.50 34.93 -67.64
C GLY F 226 -4.86 35.50 -67.31
N ASP F 227 -5.12 35.67 -66.02
CA ASP F 227 -6.24 36.42 -65.47
C ASP F 227 -5.81 37.16 -64.21
N VAL F 228 -4.55 37.56 -64.16
CA VAL F 228 -3.90 38.00 -62.92
C VAL F 228 -3.91 39.52 -62.82
N PRO F 229 -3.70 40.09 -61.62
CA PRO F 229 -3.50 41.54 -61.53
C PRO F 229 -2.13 41.96 -62.03
N GLU F 230 -1.79 43.23 -61.85
CA GLU F 230 -0.59 43.77 -62.48
C GLU F 230 0.69 43.27 -61.82
N SER F 231 0.61 42.86 -60.56
CA SER F 231 1.80 42.46 -59.81
C SER F 231 2.09 40.96 -59.88
N LEU F 232 1.60 40.26 -60.89
CA LEU F 232 1.64 38.80 -60.96
C LEU F 232 2.11 38.31 -62.31
N ARG F 233 3.27 38.80 -62.78
CA ARG F 233 3.76 38.38 -64.09
C ARG F 233 4.17 36.92 -64.05
N ASP F 234 3.17 36.06 -63.91
CA ASP F 234 3.25 34.60 -63.83
C ASP F 234 3.83 34.13 -62.51
N LYS F 235 4.48 35.04 -61.77
CA LYS F 235 4.82 34.88 -60.36
C LYS F 235 5.61 33.60 -60.06
N THR F 236 5.86 32.79 -61.10
CA THR F 236 6.60 31.53 -61.03
C THR F 236 6.41 30.80 -59.71
N ILE F 237 5.17 30.49 -59.35
CA ILE F 237 4.93 29.81 -58.08
C ILE F 237 5.55 28.42 -58.13
N VAL F 238 6.09 27.99 -56.99
CA VAL F 238 6.83 26.75 -56.87
C VAL F 238 6.44 26.07 -55.56
N ALA F 239 7.06 24.92 -55.32
CA ALA F 239 6.86 24.15 -54.09
C ALA F 239 8.20 23.87 -53.41
N LEU F 240 8.12 23.46 -52.15
CA LEU F 240 9.29 23.08 -51.37
C LEU F 240 9.09 21.63 -50.93
N ASP F 241 9.83 20.72 -51.55
CA ASP F 241 9.67 19.30 -51.31
C ASP F 241 10.06 18.92 -49.89
N LEU F 242 9.12 18.37 -49.13
CA LEU F 242 9.43 17.77 -47.84
C LEU F 242 10.15 16.44 -47.96
N GLY F 243 10.31 15.94 -49.19
CA GLY F 243 11.15 14.79 -49.45
C GLY F 243 12.59 15.21 -49.65
N SER F 244 12.89 16.44 -49.25
CA SER F 244 14.25 16.97 -49.27
C SER F 244 14.89 16.88 -47.90
N MET F 245 14.60 15.83 -47.16
CA MET F 245 15.15 15.63 -45.82
C MET F 245 15.76 14.25 -45.68
N PHE F 255 22.90 19.34 -41.41
CA PHE F 255 21.52 19.29 -41.86
C PHE F 255 20.97 20.69 -42.12
N GLU F 256 20.96 21.52 -41.08
CA GLU F 256 20.36 22.85 -41.17
C GLU F 256 21.15 23.81 -42.05
N GLU F 257 22.32 23.40 -42.53
CA GLU F 257 23.15 24.28 -43.37
C GLU F 257 22.62 24.42 -44.78
N ARG F 258 22.14 23.34 -45.39
CA ARG F 258 21.56 23.40 -46.72
C ARG F 258 20.35 24.32 -46.78
N LEU F 259 19.52 24.32 -45.73
CA LEU F 259 18.29 25.11 -45.74
C LEU F 259 18.55 26.60 -45.92
N LYS F 260 19.67 27.10 -45.37
CA LYS F 260 19.99 28.52 -45.55
C LYS F 260 20.14 28.87 -47.03
N ALA F 261 20.95 28.11 -47.77
CA ALA F 261 21.13 28.39 -49.18
C ALA F 261 19.88 28.05 -49.99
N VAL F 262 19.10 27.05 -49.54
CA VAL F 262 17.85 26.73 -50.22
C VAL F 262 16.87 27.89 -50.11
N LEU F 263 16.87 28.58 -48.98
CA LEU F 263 15.96 29.70 -48.81
C LEU F 263 16.57 31.01 -49.29
N ASP F 264 17.88 31.01 -49.58
CA ASP F 264 18.52 32.20 -50.11
C ASP F 264 17.98 32.59 -51.48
N ASP F 265 17.65 31.61 -52.32
CA ASP F 265 17.10 31.92 -53.63
C ASP F 265 15.72 32.56 -53.49
N ILE F 266 14.93 32.08 -52.54
CA ILE F 266 13.61 32.66 -52.31
C ILE F 266 13.74 34.07 -51.73
N LYS F 267 14.67 34.27 -50.79
CA LYS F 267 14.86 35.59 -50.20
C LYS F 267 15.35 36.60 -51.23
N ASN F 268 16.45 36.28 -51.92
CA ASN F 268 17.07 37.21 -52.86
C ASN F 268 16.19 37.45 -54.08
N SER F 269 15.18 36.62 -54.31
CA SER F 269 14.23 36.89 -55.37
C SER F 269 13.46 38.18 -55.10
N ALA F 270 12.72 38.62 -56.11
CA ALA F 270 11.88 39.82 -56.02
C ALA F 270 10.47 39.46 -55.60
N GLY F 271 10.33 38.40 -54.82
CA GLY F 271 9.02 37.82 -54.59
C GLY F 271 8.43 37.24 -55.85
N GLN F 272 9.27 36.74 -56.75
CA GLN F 272 8.84 36.24 -58.04
C GLN F 272 8.95 34.74 -58.17
N ILE F 273 9.57 34.06 -57.20
CA ILE F 273 9.64 32.59 -57.20
C ILE F 273 9.03 32.12 -55.88
N ILE F 274 7.98 32.81 -55.43
CA ILE F 274 7.23 32.46 -54.24
C ILE F 274 6.91 30.96 -54.22
N THR F 275 6.95 30.37 -53.04
CA THR F 275 6.83 28.92 -52.90
C THR F 275 5.50 28.53 -52.25
N PHE F 276 5.17 27.25 -52.37
CA PHE F 276 3.95 26.66 -51.82
C PHE F 276 4.34 25.47 -50.97
N ILE F 277 4.30 25.64 -49.65
CA ILE F 277 4.70 24.55 -48.76
C ILE F 277 3.50 23.67 -48.49
N ASP F 278 3.36 22.60 -49.27
CA ASP F 278 2.28 21.65 -49.07
C ASP F 278 2.40 21.00 -47.69
N GLU F 279 1.36 21.15 -46.88
CA GLU F 279 1.28 20.53 -45.55
C GLU F 279 2.39 21.05 -44.63
N LEU F 280 2.40 22.38 -44.45
CA LEU F 280 3.36 23.02 -43.55
C LEU F 280 2.96 22.93 -42.08
N HIS F 281 1.95 22.13 -41.76
CA HIS F 281 1.44 21.99 -40.39
C HIS F 281 2.54 21.78 -39.36
N THR F 282 3.46 20.85 -39.61
CA THR F 282 4.45 20.46 -38.61
C THR F 282 5.74 21.24 -38.71
N ILE F 283 5.97 21.95 -39.81
CA ILE F 283 7.18 22.78 -39.94
C ILE F 283 7.23 23.82 -38.83
N VAL F 284 6.08 24.12 -38.23
CA VAL F 284 6.01 25.08 -37.15
C VAL F 284 5.43 24.43 -35.90
N ASN F 298 12.00 29.46 -35.55
CA ASN F 298 13.35 28.92 -35.50
C ASN F 298 14.19 29.40 -36.69
N MET F 299 13.74 29.06 -37.90
CA MET F 299 14.45 29.44 -39.13
C MET F 299 13.61 30.29 -40.07
N ILE F 300 12.37 29.90 -40.32
CA ILE F 300 11.55 30.61 -41.32
C ILE F 300 10.77 31.76 -40.69
N LYS F 301 10.68 31.83 -39.36
CA LYS F 301 9.94 32.91 -38.75
C LYS F 301 10.58 34.28 -39.00
N PRO F 302 11.86 34.51 -38.70
CA PRO F 302 12.45 35.80 -39.08
C PRO F 302 12.55 35.98 -40.58
N MET F 303 12.82 34.90 -41.32
CA MET F 303 12.83 34.98 -42.77
C MET F 303 11.49 35.41 -43.35
N LEU F 304 10.39 35.22 -42.63
CA LEU F 304 9.09 35.70 -43.05
C LEU F 304 8.75 37.07 -42.49
N ALA F 305 9.33 37.43 -41.34
CA ALA F 305 9.01 38.69 -40.68
C ALA F 305 9.13 39.90 -41.60
N ARG F 306 9.95 39.83 -42.65
CA ARG F 306 10.16 40.97 -43.52
C ARG F 306 9.19 41.03 -44.69
N GLY F 307 8.47 39.95 -44.96
CA GLY F 307 7.51 39.95 -46.05
C GLY F 307 8.14 39.81 -47.42
N GLU F 308 8.78 38.67 -47.66
CA GLU F 308 9.45 38.39 -48.92
C GLU F 308 9.02 37.07 -49.56
N LEU F 309 8.70 36.05 -48.78
CA LEU F 309 8.20 34.79 -49.29
C LEU F 309 6.78 34.57 -48.80
N ARG F 310 5.92 34.16 -49.74
CA ARG F 310 4.46 33.95 -49.51
C ARG F 310 4.21 32.81 -48.52
N LEU F 311 4.94 31.70 -48.67
CA LEU F 311 4.81 30.48 -47.81
C LEU F 311 3.36 29.98 -47.79
N VAL F 312 2.70 29.97 -48.96
CA VAL F 312 1.29 29.50 -49.08
C VAL F 312 1.28 28.00 -48.72
N GLY F 313 0.24 27.53 -48.01
CA GLY F 313 0.24 26.14 -47.61
C GLY F 313 -1.09 25.43 -47.82
N ALA F 314 -1.21 24.25 -47.22
CA ALA F 314 -2.46 23.50 -47.27
C ALA F 314 -2.47 22.53 -46.10
N THR F 315 -3.37 22.74 -45.14
CA THR F 315 -3.43 21.90 -43.94
C THR F 315 -4.90 21.60 -43.64
N THR F 316 -5.16 21.11 -42.45
CA THR F 316 -6.51 20.77 -42.00
C THR F 316 -6.86 21.52 -40.73
N LEU F 317 -8.13 21.43 -40.35
CA LEU F 317 -8.65 22.22 -39.24
C LEU F 317 -8.06 21.77 -37.91
N ASP F 318 -7.95 20.46 -37.70
CA ASP F 318 -7.40 19.95 -36.45
C ASP F 318 -5.96 20.42 -36.26
N GLU F 319 -5.16 20.36 -37.33
CA GLU F 319 -3.77 20.77 -37.24
C GLU F 319 -3.64 22.29 -37.09
N TYR F 320 -4.53 23.05 -37.72
CA TYR F 320 -4.56 24.48 -37.47
C TYR F 320 -4.86 24.77 -36.00
N ARG F 321 -5.79 24.03 -35.41
CA ARG F 321 -6.25 24.35 -34.06
C ARG F 321 -5.28 23.87 -32.99
N LYS F 322 -4.54 22.79 -33.27
CA LYS F 322 -3.62 22.29 -32.25
C LYS F 322 -2.20 22.84 -32.44
N HIS F 323 -1.86 23.24 -33.67
CA HIS F 323 -0.51 23.72 -33.93
C HIS F 323 -0.42 25.24 -33.89
N ILE F 324 -1.20 25.92 -34.74
CA ILE F 324 -0.95 27.33 -35.01
C ILE F 324 -2.09 28.22 -34.53
N GLU F 325 -2.80 27.80 -33.48
CA GLU F 325 -3.94 28.56 -33.00
C GLU F 325 -3.59 29.56 -31.91
N LYS F 326 -2.88 29.14 -30.86
CA LYS F 326 -2.65 30.00 -29.72
C LYS F 326 -1.51 31.00 -29.93
N ASP F 327 -0.53 30.66 -30.77
CA ASP F 327 0.62 31.52 -31.02
C ASP F 327 0.13 32.78 -31.73
N ALA F 328 0.22 33.92 -31.04
CA ALA F 328 -0.13 35.20 -31.64
C ALA F 328 0.98 35.77 -32.51
N ALA F 329 2.13 35.10 -32.59
CA ALA F 329 3.22 35.60 -33.41
C ALA F 329 2.98 35.35 -34.89
N LEU F 330 2.31 34.25 -35.24
CA LEU F 330 2.11 33.88 -36.63
C LEU F 330 0.67 34.03 -37.10
N GLU F 331 -0.29 34.22 -36.20
CA GLU F 331 -1.67 34.45 -36.62
C GLU F 331 -1.89 35.85 -37.18
N ARG F 332 -0.83 36.64 -37.34
CA ARG F 332 -0.90 37.93 -38.02
C ARG F 332 -0.53 37.84 -39.48
N ARG F 333 -0.22 36.64 -39.99
CA ARG F 333 0.24 36.46 -41.36
C ARG F 333 -0.42 35.24 -42.00
N PHE F 334 -1.64 34.90 -41.59
CA PHE F 334 -2.31 33.72 -42.11
C PHE F 334 -3.82 33.93 -42.00
N GLN F 335 -4.49 34.07 -43.14
CA GLN F 335 -5.93 34.25 -43.20
C GLN F 335 -6.54 33.00 -43.83
N GLN F 336 -7.17 32.18 -42.99
CA GLN F 336 -7.68 30.88 -43.45
C GLN F 336 -8.76 31.06 -44.50
N VAL F 337 -8.88 30.04 -45.36
CA VAL F 337 -9.88 30.02 -46.43
C VAL F 337 -10.54 28.65 -46.42
N TYR F 338 -11.79 28.59 -46.01
CA TYR F 338 -12.49 27.32 -45.91
C TYR F 338 -12.95 26.83 -47.28
N VAL F 339 -13.13 25.52 -47.39
CA VAL F 339 -13.45 24.86 -48.64
C VAL F 339 -14.65 23.95 -48.44
N GLY F 340 -15.44 23.77 -49.49
CA GLY F 340 -16.62 22.92 -49.43
C GLY F 340 -16.41 21.56 -50.08
N GLU F 341 -16.62 20.50 -49.30
CA GLU F 341 -16.38 19.13 -49.76
C GLU F 341 -17.37 18.66 -50.81
N PRO F 342 -18.67 18.54 -50.50
CA PRO F 342 -19.58 17.81 -51.40
C PRO F 342 -19.89 18.63 -52.66
N SER F 343 -19.52 18.07 -53.81
CA SER F 343 -19.71 18.73 -55.09
C SER F 343 -20.14 17.73 -56.15
N VAL F 344 -21.14 16.90 -55.82
CA VAL F 344 -21.57 15.75 -56.62
C VAL F 344 -21.60 16.04 -58.12
N GLU F 345 -22.24 17.15 -58.49
CA GLU F 345 -22.40 17.51 -59.90
C GLU F 345 -21.06 17.69 -60.62
N ASP F 346 -20.02 18.15 -59.90
CA ASP F 346 -18.69 18.26 -60.49
C ASP F 346 -17.84 17.03 -60.26
N THR F 347 -18.10 16.27 -59.19
CA THR F 347 -17.46 14.96 -59.04
C THR F 347 -17.80 14.05 -60.22
N ILE F 348 -18.97 14.26 -60.82
CA ILE F 348 -19.29 13.52 -62.04
C ILE F 348 -18.21 13.75 -63.10
N GLY F 349 -17.94 15.01 -63.44
CA GLY F 349 -16.89 15.30 -64.40
C GLY F 349 -15.51 14.92 -63.90
N ILE F 350 -15.30 14.98 -62.59
CA ILE F 350 -14.03 14.55 -62.01
C ILE F 350 -13.78 13.08 -62.32
N LEU F 351 -14.77 12.23 -62.03
CA LEU F 351 -14.70 10.83 -62.41
C LEU F 351 -14.49 10.69 -63.91
N ARG F 352 -15.20 11.50 -64.71
CA ARG F 352 -15.02 11.48 -66.15
C ARG F 352 -13.56 11.69 -66.53
N GLY F 353 -12.89 12.60 -65.82
CA GLY F 353 -11.49 12.89 -66.06
C GLY F 353 -10.52 11.90 -65.46
N LEU F 354 -10.98 11.09 -64.50
CA LEU F 354 -10.14 10.07 -63.88
C LEU F 354 -10.54 8.64 -64.20
N LYS F 355 -11.72 8.43 -64.77
CA LYS F 355 -12.16 7.09 -65.14
C LYS F 355 -11.12 6.37 -66.01
N ASP F 356 -10.41 7.12 -66.85
CA ASP F 356 -9.49 6.50 -67.81
C ASP F 356 -8.37 5.76 -67.10
N ARG F 357 -7.84 6.33 -66.02
CA ARG F 357 -6.69 5.74 -65.35
C ARG F 357 -7.01 4.43 -64.65
N TYR F 358 -8.29 4.09 -64.50
CA TYR F 358 -8.68 2.84 -63.86
C TYR F 358 -9.23 1.81 -64.83
N GLU F 359 -9.52 2.22 -66.07
CA GLU F 359 -9.93 1.27 -67.10
C GLU F 359 -8.73 0.59 -67.75
N VAL F 360 -7.51 0.95 -67.37
CA VAL F 360 -6.33 0.31 -67.96
C VAL F 360 -5.89 -0.87 -67.11
N HIS F 361 -5.71 -0.68 -65.81
CA HIS F 361 -5.45 -1.79 -64.92
C HIS F 361 -6.63 -2.76 -64.90
N HIS F 362 -7.77 -2.29 -64.41
CA HIS F 362 -8.98 -3.09 -64.43
C HIS F 362 -9.60 -3.04 -65.81
N GLY F 363 -9.60 -4.16 -66.51
CA GLY F 363 -10.23 -4.22 -67.82
C GLY F 363 -11.74 -4.26 -67.68
N VAL F 364 -12.34 -3.17 -67.21
CA VAL F 364 -13.75 -3.12 -66.86
C VAL F 364 -14.35 -1.85 -67.44
N ARG F 365 -15.69 -1.81 -67.44
CA ARG F 365 -16.46 -0.66 -67.88
C ARG F 365 -17.26 -0.11 -66.70
N ILE F 366 -16.89 1.07 -66.23
CA ILE F 366 -17.64 1.77 -65.18
C ILE F 366 -18.59 2.72 -65.89
N THR F 367 -19.81 2.26 -66.13
CA THR F 367 -20.80 3.00 -66.89
C THR F 367 -21.13 4.34 -66.22
N ASP F 368 -21.76 5.22 -67.00
CA ASP F 368 -22.28 6.46 -66.46
C ASP F 368 -23.20 6.22 -65.28
N SER F 369 -23.94 5.11 -65.30
CA SER F 369 -24.73 4.71 -64.16
C SER F 369 -23.85 4.53 -62.93
N ALA F 370 -22.69 3.90 -63.11
CA ALA F 370 -21.78 3.71 -61.98
C ALA F 370 -21.18 5.04 -61.53
N LEU F 371 -20.86 5.92 -62.47
CA LEU F 371 -20.38 7.25 -62.10
C LEU F 371 -21.38 7.96 -61.22
N VAL F 372 -22.62 8.11 -61.70
CA VAL F 372 -23.61 8.85 -60.93
C VAL F 372 -24.11 8.05 -59.73
N ALA F 373 -23.77 6.77 -59.65
CA ALA F 373 -24.10 5.99 -58.46
C ALA F 373 -23.08 6.24 -57.36
N ALA F 374 -21.80 6.15 -57.70
CA ALA F 374 -20.76 6.53 -56.75
C ALA F 374 -20.94 7.98 -56.30
N ALA F 375 -21.46 8.83 -57.19
CA ALA F 375 -21.66 10.23 -56.84
C ALA F 375 -22.79 10.43 -55.82
N THR F 376 -23.88 9.67 -55.93
CA THR F 376 -25.09 9.95 -55.16
C THR F 376 -25.52 8.85 -54.18
N LEU F 377 -24.61 7.98 -53.76
CA LEU F 377 -24.96 6.96 -52.77
C LEU F 377 -24.16 7.08 -51.48
N SER F 378 -22.84 7.13 -51.58
CA SER F 378 -21.96 7.05 -50.42
C SER F 378 -21.88 8.34 -49.61
N ASP F 379 -22.58 9.40 -50.00
CA ASP F 379 -22.41 10.68 -49.32
C ASP F 379 -23.10 10.69 -47.96
N ARG F 380 -24.40 10.39 -47.92
CA ARG F 380 -25.15 10.49 -46.67
C ARG F 380 -24.86 9.33 -45.73
N TYR F 381 -24.56 8.15 -46.26
CA TYR F 381 -24.41 6.96 -45.43
C TYR F 381 -22.96 6.74 -45.00
N ILE F 382 -22.03 6.71 -45.96
CA ILE F 382 -20.60 6.57 -45.62
C ILE F 382 -20.09 8.00 -45.45
N THR F 383 -20.36 8.56 -44.28
CA THR F 383 -19.75 9.82 -43.88
C THR F 383 -18.64 9.57 -42.86
N ALA F 384 -17.62 8.86 -43.33
CA ALA F 384 -16.40 8.63 -42.57
C ALA F 384 -15.16 9.07 -43.34
N ARG F 385 -15.13 8.80 -44.64
CA ARG F 385 -14.27 9.49 -45.57
C ARG F 385 -15.11 10.54 -46.30
N PHE F 386 -14.54 11.15 -47.33
CA PHE F 386 -15.17 12.30 -47.96
C PHE F 386 -15.35 12.06 -49.45
N LEU F 387 -16.33 12.77 -50.03
CA LEU F 387 -16.84 12.44 -51.37
C LEU F 387 -15.77 12.37 -52.46
N PRO F 388 -14.92 13.37 -52.67
CA PRO F 388 -13.97 13.30 -53.80
C PRO F 388 -12.96 12.17 -53.70
N ASP F 389 -12.58 11.71 -52.50
CA ASP F 389 -11.67 10.58 -52.38
C ASP F 389 -12.35 9.28 -51.99
N LYS F 390 -13.40 9.32 -51.17
CA LYS F 390 -14.13 8.08 -50.89
C LYS F 390 -14.84 7.58 -52.15
N ALA F 391 -15.22 8.48 -53.05
CA ALA F 391 -15.80 8.07 -54.31
C ALA F 391 -14.76 7.51 -55.26
N ILE F 392 -13.52 7.99 -55.18
CA ILE F 392 -12.44 7.40 -55.97
C ILE F 392 -12.11 6.01 -55.45
N ASP F 393 -12.02 5.85 -54.13
CA ASP F 393 -11.73 4.54 -53.56
C ASP F 393 -12.88 3.58 -53.72
N LEU F 394 -14.12 4.09 -53.76
CA LEU F 394 -15.27 3.24 -54.02
C LEU F 394 -15.19 2.63 -55.41
N VAL F 395 -15.00 3.46 -56.43
CA VAL F 395 -14.90 2.91 -57.78
C VAL F 395 -13.64 2.07 -57.92
N ASP F 396 -12.57 2.40 -57.19
CA ASP F 396 -11.35 1.60 -57.26
C ASP F 396 -11.60 0.20 -56.72
N GLU F 397 -12.19 0.09 -55.54
CA GLU F 397 -12.49 -1.21 -54.95
C GLU F 397 -13.56 -1.94 -55.76
N ALA F 398 -14.47 -1.20 -56.39
CA ALA F 398 -15.48 -1.85 -57.22
C ALA F 398 -14.86 -2.46 -58.47
N ALA F 399 -13.93 -1.74 -59.10
CA ALA F 399 -13.24 -2.28 -60.26
C ALA F 399 -12.36 -3.46 -59.87
N SER F 400 -11.72 -3.37 -58.70
CA SER F 400 -10.95 -4.52 -58.20
C SER F 400 -11.85 -5.72 -57.94
N ARG F 401 -13.01 -5.48 -57.33
CA ARG F 401 -13.96 -6.56 -57.08
C ARG F 401 -14.44 -7.18 -58.38
N LEU F 402 -14.66 -6.35 -59.41
CA LEU F 402 -15.14 -6.88 -60.69
C LEU F 402 -14.07 -7.68 -61.39
N ARG F 403 -12.84 -7.14 -61.47
CA ARG F 403 -11.74 -7.90 -62.06
C ARG F 403 -11.48 -9.18 -61.26
N MET F 404 -11.82 -9.17 -59.97
CA MET F 404 -11.72 -10.38 -59.17
C MET F 404 -12.76 -11.40 -59.58
N GLU F 405 -14.04 -11.04 -59.50
CA GLU F 405 -15.12 -11.95 -59.82
C GLU F 405 -15.14 -12.35 -61.29
N ILE F 406 -14.33 -11.70 -62.14
CA ILE F 406 -14.20 -12.11 -63.54
C ILE F 406 -13.77 -13.57 -63.64
N ASP F 407 -12.98 -14.05 -62.68
CA ASP F 407 -12.40 -15.38 -62.78
C ASP F 407 -13.45 -16.45 -62.57
N SER F 408 -12.98 -17.70 -62.45
CA SER F 408 -13.82 -18.90 -62.43
C SER F 408 -15.12 -18.72 -61.64
N ARG F 409 -15.02 -18.33 -60.38
CA ARG F 409 -16.20 -18.26 -59.52
C ARG F 409 -16.41 -16.84 -59.05
N PRO F 410 -17.58 -16.23 -59.32
CA PRO F 410 -17.91 -14.87 -58.88
C PRO F 410 -18.27 -14.81 -57.39
N LYS F 530 -21.45 -10.89 -64.64
CA LYS F 530 -21.44 -9.48 -65.03
C LYS F 530 -20.11 -9.11 -65.69
N GLU F 531 -20.12 -8.08 -66.54
CA GLU F 531 -18.94 -7.70 -67.30
C GLU F 531 -18.64 -6.20 -67.18
N GLU F 532 -19.41 -5.47 -66.37
CA GLU F 532 -19.18 -4.05 -66.20
C GLU F 532 -19.77 -3.61 -64.86
N VAL F 533 -19.15 -2.59 -64.28
CA VAL F 533 -19.64 -2.05 -63.02
C VAL F 533 -20.95 -1.30 -63.27
N GLY F 534 -21.96 -1.61 -62.46
CA GLY F 534 -23.24 -0.95 -62.55
C GLY F 534 -23.69 -0.41 -61.21
N PRO F 535 -25.00 -0.42 -60.96
CA PRO F 535 -25.52 0.00 -59.66
C PRO F 535 -25.48 -1.06 -58.57
N ASP F 536 -24.75 -2.16 -58.78
CA ASP F 536 -24.75 -3.26 -57.82
C ASP F 536 -23.45 -3.36 -57.01
N ASP F 537 -22.30 -3.43 -57.69
CA ASP F 537 -21.03 -3.56 -56.97
C ASP F 537 -20.73 -2.31 -56.15
N ILE F 538 -21.24 -1.16 -56.58
CA ILE F 538 -21.08 0.07 -55.81
C ILE F 538 -21.74 -0.08 -54.44
N ALA F 539 -23.04 -0.39 -54.44
CA ALA F 539 -23.74 -0.64 -53.17
C ALA F 539 -23.07 -1.76 -52.38
N ASP F 540 -22.56 -2.79 -53.06
CA ASP F 540 -21.81 -3.84 -52.38
C ASP F 540 -20.67 -3.25 -51.56
N VAL F 541 -19.85 -2.40 -52.17
CA VAL F 541 -18.75 -1.81 -51.44
C VAL F 541 -19.27 -0.84 -50.36
N VAL F 542 -20.44 -0.24 -50.59
CA VAL F 542 -21.03 0.62 -49.56
C VAL F 542 -21.32 -0.19 -48.31
N SER F 543 -21.77 -1.44 -48.49
CA SER F 543 -22.13 -2.26 -47.33
C SER F 543 -20.90 -2.63 -46.52
N ALA F 544 -19.79 -2.97 -47.19
CA ALA F 544 -18.59 -3.48 -46.53
C ALA F 544 -17.77 -2.38 -45.85
N TRP F 545 -18.31 -1.18 -45.69
CA TRP F 545 -17.58 -0.08 -45.08
C TRP F 545 -18.34 0.43 -43.86
N THR F 546 -17.67 0.40 -42.71
CA THR F 546 -18.19 0.91 -41.44
C THR F 546 -19.47 0.20 -40.98
N GLY F 547 -19.86 -0.87 -41.66
CA GLY F 547 -20.96 -1.69 -41.20
C GLY F 547 -22.36 -1.19 -41.51
N ILE F 548 -22.52 0.11 -41.71
CA ILE F 548 -23.85 0.67 -41.98
C ILE F 548 -24.31 0.22 -43.37
N PRO F 549 -25.44 -0.48 -43.48
CA PRO F 549 -25.90 -0.94 -44.80
C PRO F 549 -26.65 0.13 -45.57
N ALA F 550 -26.29 0.31 -46.84
CA ALA F 550 -26.92 1.33 -47.68
C ALA F 550 -26.74 0.93 -49.15
N GLY F 551 -27.85 0.57 -49.79
CA GLY F 551 -27.86 0.24 -51.20
C GLY F 551 -29.17 0.65 -51.85
N ARG F 552 -29.48 -0.05 -52.94
CA ARG F 552 -30.79 0.10 -53.57
C ARG F 552 -31.84 -0.57 -52.69
N LEU F 553 -31.74 -1.90 -52.58
CA LEU F 553 -32.62 -2.67 -51.69
C LEU F 553 -32.02 -4.08 -51.66
N LEU F 554 -31.99 -4.68 -50.47
CA LEU F 554 -31.38 -6.01 -50.34
C LEU F 554 -32.38 -7.09 -50.70
N GLU F 555 -33.56 -6.68 -51.18
CA GLU F 555 -34.57 -7.57 -51.74
C GLU F 555 -35.14 -8.55 -50.71
N GLY F 556 -34.67 -8.48 -49.47
CA GLY F 556 -35.24 -9.29 -48.40
C GLY F 556 -35.47 -8.47 -47.15
N GLU F 557 -34.92 -7.25 -47.13
CA GLU F 557 -35.04 -6.34 -46.02
C GLU F 557 -36.32 -5.51 -46.09
N THR F 558 -36.92 -5.40 -47.26
CA THR F 558 -38.14 -4.62 -47.39
C THR F 558 -39.32 -5.32 -46.72
N ALA F 559 -39.28 -6.64 -46.68
CA ALA F 559 -40.30 -7.43 -45.99
C ALA F 559 -40.20 -7.33 -44.48
N LYS F 560 -39.01 -7.58 -43.91
CA LYS F 560 -38.82 -7.46 -42.47
C LYS F 560 -39.21 -6.08 -41.97
N LEU F 561 -38.80 -5.04 -42.69
CA LEU F 561 -39.10 -3.67 -42.26
C LEU F 561 -40.59 -3.40 -42.27
N LEU F 562 -41.32 -3.93 -43.25
CA LEU F 562 -42.78 -3.84 -43.23
C LEU F 562 -43.38 -4.63 -42.07
N ARG F 563 -42.64 -5.60 -41.53
CA ARG F 563 -43.14 -6.51 -40.51
C ARG F 563 -42.52 -6.25 -39.14
N MET F 564 -41.93 -5.07 -38.93
CA MET F 564 -41.21 -4.82 -37.69
C MET F 564 -42.13 -4.86 -36.49
N GLU F 565 -43.29 -4.20 -36.57
CA GLU F 565 -44.22 -4.18 -35.46
C GLU F 565 -44.62 -5.58 -35.03
N ASP F 566 -45.05 -6.41 -35.97
CA ASP F 566 -45.45 -7.77 -35.66
C ASP F 566 -44.30 -8.62 -35.14
N GLU F 567 -43.13 -8.50 -35.77
CA GLU F 567 -41.97 -9.30 -35.37
C GLU F 567 -41.50 -8.92 -33.97
N LEU F 568 -41.62 -7.64 -33.59
CA LEU F 568 -41.15 -7.20 -32.29
C LEU F 568 -42.15 -7.48 -31.17
N GLY F 569 -43.40 -7.73 -31.51
CA GLY F 569 -44.42 -8.04 -30.53
C GLY F 569 -44.25 -9.39 -29.86
N LYS F 570 -43.39 -10.25 -30.38
CA LYS F 570 -43.14 -11.54 -29.75
C LYS F 570 -42.09 -11.46 -28.65
N ARG F 571 -41.32 -10.39 -28.60
CA ARG F 571 -40.36 -10.15 -27.54
C ARG F 571 -40.76 -9.02 -26.61
N VAL F 572 -41.45 -8.00 -27.10
CA VAL F 572 -42.07 -6.97 -26.28
C VAL F 572 -43.58 -7.14 -26.37
N ILE F 573 -44.26 -7.02 -25.25
CA ILE F 573 -45.69 -7.33 -25.15
C ILE F 573 -46.43 -6.08 -24.66
N GLY F 574 -47.49 -5.73 -25.36
CA GLY F 574 -48.22 -4.52 -25.05
C GLY F 574 -47.58 -3.31 -25.69
N GLN F 575 -47.92 -2.15 -25.14
CA GLN F 575 -47.37 -0.87 -25.57
C GLN F 575 -47.57 -0.67 -27.07
N LYS F 576 -48.84 -0.62 -27.47
CA LYS F 576 -49.17 -0.44 -28.89
C LYS F 576 -48.68 0.89 -29.41
N ALA F 577 -48.97 1.98 -28.69
CA ALA F 577 -48.48 3.29 -29.10
C ALA F 577 -46.96 3.31 -29.16
N ALA F 578 -46.31 2.70 -28.17
CA ALA F 578 -44.85 2.66 -28.14
C ALA F 578 -44.28 1.92 -29.33
N VAL F 579 -44.83 0.76 -29.69
CA VAL F 579 -44.29 0.00 -30.80
C VAL F 579 -44.56 0.73 -32.11
N THR F 580 -45.74 1.33 -32.25
CA THR F 580 -46.01 2.12 -33.45
C THR F 580 -45.00 3.26 -33.61
N ALA F 581 -44.73 3.98 -32.52
CA ALA F 581 -43.84 5.13 -32.60
C ALA F 581 -42.39 4.68 -32.85
N VAL F 582 -41.96 3.59 -32.22
CA VAL F 582 -40.57 3.16 -32.40
C VAL F 582 -40.39 2.52 -33.76
N SER F 583 -41.46 1.99 -34.36
CA SER F 583 -41.37 1.44 -35.70
C SER F 583 -41.35 2.54 -36.75
N ASP F 584 -42.23 3.53 -36.62
CA ASP F 584 -42.29 4.62 -37.60
C ASP F 584 -40.99 5.40 -37.64
N ALA F 585 -40.13 5.24 -36.63
CA ALA F 585 -38.91 6.02 -36.51
C ALA F 585 -37.78 5.50 -37.38
N VAL F 586 -37.67 4.19 -37.58
CA VAL F 586 -36.59 3.60 -38.35
C VAL F 586 -36.95 3.47 -39.82
N ARG F 587 -38.22 3.22 -40.11
CA ARG F 587 -38.66 3.11 -41.50
C ARG F 587 -38.57 4.46 -42.21
N ARG F 588 -38.88 5.54 -41.48
CA ARG F 588 -38.70 6.88 -42.03
C ARG F 588 -37.23 7.27 -42.14
N SER F 589 -36.31 6.36 -41.84
CA SER F 589 -34.88 6.62 -41.98
C SER F 589 -34.26 5.74 -43.05
N ARG F 590 -34.46 4.43 -42.96
CA ARG F 590 -33.93 3.48 -43.94
C ARG F 590 -34.35 3.79 -45.37
N ALA F 591 -35.40 4.60 -45.56
CA ALA F 591 -35.86 4.95 -46.90
C ALA F 591 -35.27 6.25 -47.39
N GLY F 592 -34.62 7.02 -46.52
CA GLY F 592 -34.05 8.30 -46.92
C GLY F 592 -34.95 9.49 -46.70
N VAL F 593 -35.94 9.38 -45.83
CA VAL F 593 -36.90 10.46 -45.59
C VAL F 593 -36.37 11.39 -44.51
N SER F 594 -35.57 10.85 -43.60
CA SER F 594 -35.16 11.58 -42.41
C SER F 594 -34.19 12.70 -42.75
N ASP F 595 -34.01 13.60 -41.79
CA ASP F 595 -33.22 14.81 -42.01
C ASP F 595 -31.73 14.48 -41.93
N PRO F 596 -30.87 15.12 -42.73
CA PRO F 596 -29.48 14.67 -42.84
C PRO F 596 -28.59 15.03 -41.66
N ASN F 597 -28.89 16.09 -40.91
CA ASN F 597 -28.06 16.48 -39.77
C ASN F 597 -28.89 16.26 -38.50
N ARG F 598 -28.90 15.00 -38.04
CA ARG F 598 -29.63 14.57 -36.86
C ARG F 598 -29.30 13.10 -36.63
N PRO F 599 -29.30 12.64 -35.38
CA PRO F 599 -29.22 11.20 -35.14
C PRO F 599 -30.46 10.51 -35.70
N THR F 600 -30.23 9.39 -36.39
CA THR F 600 -31.31 8.70 -37.08
C THR F 600 -32.36 8.16 -36.13
N GLY F 601 -32.17 8.32 -34.82
CA GLY F 601 -33.20 8.03 -33.85
C GLY F 601 -32.79 8.54 -32.48
N ALA F 602 -33.66 9.31 -31.84
CA ALA F 602 -33.32 9.88 -30.54
C ALA F 602 -34.62 10.25 -29.83
N PHE F 603 -34.94 9.50 -28.77
CA PHE F 603 -36.08 9.83 -27.92
C PHE F 603 -35.86 9.17 -26.58
N MET F 604 -36.69 9.56 -25.62
CA MET F 604 -36.61 9.06 -24.25
C MET F 604 -38.02 8.76 -23.76
N PHE F 605 -38.18 7.66 -23.04
CA PHE F 605 -39.46 7.31 -22.46
C PHE F 605 -39.30 6.92 -20.99
N LEU F 606 -40.43 6.85 -20.31
CA LEU F 606 -40.47 6.62 -18.87
C LEU F 606 -41.87 6.16 -18.49
N GLY F 607 -42.09 6.04 -17.18
CA GLY F 607 -43.37 5.66 -16.65
C GLY F 607 -43.26 4.80 -15.41
N PRO F 608 -44.22 3.89 -15.23
CA PRO F 608 -44.15 2.98 -14.08
C PRO F 608 -43.16 1.85 -14.33
N THR F 609 -42.76 1.21 -13.24
CA THR F 609 -41.72 0.19 -13.29
C THR F 609 -42.28 -1.16 -13.68
N GLY F 610 -41.39 -2.04 -14.16
CA GLY F 610 -41.78 -3.39 -14.51
C GLY F 610 -42.69 -3.50 -15.72
N VAL F 611 -42.53 -2.63 -16.71
CA VAL F 611 -43.43 -2.57 -17.85
C VAL F 611 -42.71 -2.89 -19.15
N GLY F 612 -41.40 -2.70 -19.21
CA GLY F 612 -40.66 -3.05 -20.41
C GLY F 612 -39.77 -1.94 -20.95
N LYS F 613 -39.53 -0.91 -20.14
CA LYS F 613 -38.74 0.23 -20.59
C LYS F 613 -37.35 -0.15 -21.07
N THR F 614 -36.76 -1.19 -20.51
CA THR F 614 -35.47 -1.71 -20.96
C THR F 614 -35.62 -2.84 -21.96
N GLU F 615 -36.60 -3.72 -21.75
CA GLU F 615 -36.83 -4.84 -22.64
C GLU F 615 -37.08 -4.39 -24.07
N LEU F 616 -37.80 -3.28 -24.24
CA LEU F 616 -38.06 -2.79 -25.59
C LEU F 616 -36.78 -2.38 -26.29
N ALA F 617 -35.92 -1.63 -25.61
CA ALA F 617 -34.65 -1.23 -26.22
C ALA F 617 -33.77 -2.45 -26.48
N LYS F 618 -33.83 -3.44 -25.60
CA LYS F 618 -33.02 -4.65 -25.82
C LYS F 618 -33.51 -5.42 -27.04
N ALA F 619 -34.83 -5.50 -27.21
CA ALA F 619 -35.37 -6.13 -28.42
C ALA F 619 -35.00 -5.32 -29.67
N LEU F 620 -34.92 -3.99 -29.52
CA LEU F 620 -34.50 -3.16 -30.65
C LEU F 620 -33.06 -3.47 -31.04
N ALA F 621 -32.18 -3.62 -30.04
CA ALA F 621 -30.82 -4.04 -30.34
C ALA F 621 -30.76 -5.46 -30.87
N ASP F 622 -31.75 -6.29 -30.52
CA ASP F 622 -31.78 -7.67 -30.99
C ASP F 622 -32.17 -7.77 -32.46
N PHE F 623 -33.18 -7.02 -32.90
CA PHE F 623 -33.72 -7.21 -34.23
C PHE F 623 -32.90 -6.51 -35.32
N LEU F 624 -31.91 -5.71 -34.95
CA LEU F 624 -31.08 -5.03 -35.93
C LEU F 624 -29.68 -5.62 -36.06
N PHE F 625 -29.16 -6.22 -35.00
CA PHE F 625 -27.83 -6.81 -35.02
C PHE F 625 -27.81 -8.32 -34.81
N ASP F 626 -28.98 -8.93 -34.57
CA ASP F 626 -29.17 -10.36 -34.38
C ASP F 626 -28.56 -10.89 -33.09
N ASP F 627 -27.89 -10.03 -32.32
CA ASP F 627 -27.38 -10.43 -31.01
C ASP F 627 -27.57 -9.28 -30.04
N GLU F 628 -27.60 -9.60 -28.75
CA GLU F 628 -27.84 -8.59 -27.73
C GLU F 628 -26.59 -7.79 -27.38
N ARG F 629 -25.41 -8.41 -27.44
CA ARG F 629 -24.19 -7.74 -27.01
C ARG F 629 -23.78 -6.60 -27.93
N ALA F 630 -24.42 -6.45 -29.09
CA ALA F 630 -24.03 -5.42 -30.05
C ALA F 630 -24.64 -4.06 -29.72
N MET F 631 -25.09 -3.86 -28.49
CA MET F 631 -25.62 -2.58 -28.02
C MET F 631 -24.59 -1.91 -27.14
N VAL F 632 -24.42 -0.60 -27.30
CA VAL F 632 -23.62 0.18 -26.38
C VAL F 632 -24.54 0.60 -25.23
N ARG F 633 -24.19 0.22 -24.01
CA ARG F 633 -24.99 0.53 -22.83
C ARG F 633 -24.09 1.17 -21.79
N ILE F 634 -24.41 2.39 -21.38
CA ILE F 634 -23.76 3.04 -20.26
C ILE F 634 -24.84 3.57 -19.33
N ASP F 635 -24.70 3.28 -18.05
CA ASP F 635 -25.70 3.60 -17.04
C ASP F 635 -25.37 4.95 -16.42
N MET F 636 -26.30 5.89 -16.50
CA MET F 636 -26.09 7.24 -16.01
C MET F 636 -26.28 7.34 -14.50
N SER F 637 -26.25 6.21 -13.79
CA SER F 637 -26.46 6.20 -12.36
C SER F 637 -25.21 6.57 -11.57
N GLU F 638 -24.03 6.20 -12.07
CA GLU F 638 -22.79 6.46 -11.35
C GLU F 638 -22.34 7.91 -11.46
N TYR F 639 -22.89 8.66 -12.41
CA TYR F 639 -22.50 10.06 -12.61
C TYR F 639 -23.22 10.96 -11.61
N GLY F 640 -22.83 10.83 -10.35
CA GLY F 640 -23.40 11.62 -9.28
C GLY F 640 -22.65 12.88 -8.93
N GLU F 641 -21.49 13.12 -9.54
CA GLU F 641 -20.68 14.30 -9.30
C GLU F 641 -20.38 15.02 -10.61
N LYS F 642 -19.88 16.25 -10.49
CA LYS F 642 -19.62 17.06 -11.67
C LYS F 642 -18.47 16.50 -12.49
N HIS F 643 -17.33 16.23 -11.86
CA HIS F 643 -16.10 15.95 -12.59
C HIS F 643 -16.07 14.59 -13.24
N THR F 644 -17.16 13.84 -13.32
CA THR F 644 -17.18 12.57 -14.02
C THR F 644 -17.50 12.72 -15.51
N VAL F 645 -17.38 13.93 -16.05
CA VAL F 645 -17.58 14.12 -17.49
C VAL F 645 -16.43 13.51 -18.27
N ALA F 646 -15.22 13.56 -17.73
CA ALA F 646 -14.05 13.01 -18.41
C ALA F 646 -14.02 11.49 -18.42
N ARG F 647 -14.98 10.84 -17.76
CA ARG F 647 -15.04 9.38 -17.80
C ARG F 647 -15.56 8.89 -19.14
N LEU F 648 -16.42 9.68 -19.79
CA LEU F 648 -16.93 9.36 -21.11
C LEU F 648 -16.33 10.25 -22.19
N ILE F 649 -15.33 11.05 -21.83
CA ILE F 649 -14.67 11.94 -22.78
C ILE F 649 -13.17 11.72 -22.87
N GLY F 650 -12.50 11.24 -21.82
CA GLY F 650 -11.07 11.08 -21.83
C GLY F 650 -10.36 12.32 -21.33
N ALA F 651 -9.30 12.09 -20.54
CA ALA F 651 -8.62 13.22 -19.94
C ALA F 651 -7.69 13.89 -20.95
N PRO F 652 -7.59 15.22 -20.90
CA PRO F 652 -6.82 15.94 -21.91
C PRO F 652 -5.34 15.61 -21.80
N PRO F 653 -4.57 15.90 -22.85
CA PRO F 653 -3.12 15.64 -22.79
C PRO F 653 -2.46 16.33 -21.61
N GLY F 654 -1.73 15.53 -20.83
CA GLY F 654 -0.97 16.03 -19.71
C GLY F 654 -1.34 15.46 -18.35
N TYR F 655 -2.30 14.55 -18.28
CA TYR F 655 -2.74 13.99 -17.01
C TYR F 655 -2.43 12.49 -16.97
N VAL F 656 -2.89 11.82 -15.92
CA VAL F 656 -2.50 10.43 -15.68
C VAL F 656 -3.16 9.50 -16.68
N GLY F 657 -4.49 9.44 -16.66
CA GLY F 657 -5.17 8.59 -17.62
C GLY F 657 -5.42 9.34 -18.91
N TYR F 658 -4.53 9.15 -19.88
CA TYR F 658 -4.49 9.96 -21.08
C TYR F 658 -4.70 9.15 -22.34
N GLU F 659 -4.05 7.99 -22.45
CA GLU F 659 -4.23 7.12 -23.60
C GLU F 659 -5.47 6.24 -23.47
N ALA F 660 -6.10 6.22 -22.31
CA ALA F 660 -7.23 5.32 -22.10
C ALA F 660 -8.45 5.69 -22.93
N GLY F 661 -8.61 6.97 -23.28
CA GLY F 661 -9.77 7.39 -24.05
C GLY F 661 -11.06 7.33 -23.27
N GLY F 662 -12.14 7.84 -23.85
CA GLY F 662 -13.42 7.88 -23.17
C GLY F 662 -14.10 6.54 -23.08
N GLN F 663 -15.42 6.56 -22.87
CA GLN F 663 -16.20 5.34 -22.75
C GLN F 663 -17.35 5.35 -23.74
N LEU F 664 -17.71 6.55 -24.22
CA LEU F 664 -18.73 6.74 -25.23
C LEU F 664 -18.16 7.15 -26.58
N THR F 665 -17.34 8.21 -26.60
CA THR F 665 -16.81 8.70 -27.87
C THR F 665 -15.88 7.69 -28.50
N GLU F 666 -15.08 6.98 -27.70
CA GLU F 666 -14.21 5.96 -28.23
C GLU F 666 -14.97 4.77 -28.77
N ALA F 667 -16.10 4.41 -28.17
CA ALA F 667 -16.88 3.28 -28.66
C ALA F 667 -17.74 3.66 -29.86
N VAL F 668 -18.03 4.95 -30.06
CA VAL F 668 -18.80 5.35 -31.23
C VAL F 668 -17.91 5.78 -32.40
N ARG F 669 -16.65 6.15 -32.13
CA ARG F 669 -15.76 6.57 -33.22
C ARG F 669 -15.60 5.48 -34.25
N ARG F 670 -15.27 4.27 -33.82
CA ARG F 670 -15.14 3.12 -34.71
C ARG F 670 -16.41 2.28 -34.60
N ARG F 671 -16.89 1.80 -35.74
CA ARG F 671 -18.18 1.12 -35.87
C ARG F 671 -19.29 2.07 -35.44
N PRO F 672 -19.54 3.15 -36.17
CA PRO F 672 -20.51 4.15 -35.73
C PRO F 672 -21.93 3.86 -36.18
N TYR F 673 -22.46 2.71 -35.80
CA TYR F 673 -23.85 2.40 -36.14
C TYR F 673 -24.64 1.80 -34.99
N THR F 674 -24.00 1.43 -33.88
CA THR F 674 -24.69 0.74 -32.80
C THR F 674 -25.67 1.69 -32.10
N VAL F 675 -26.44 1.15 -31.17
CA VAL F 675 -27.42 1.92 -30.42
C VAL F 675 -26.89 2.10 -28.99
N VAL F 676 -26.96 3.32 -28.49
CA VAL F 676 -26.46 3.66 -27.17
C VAL F 676 -27.65 3.78 -26.22
N LEU F 677 -27.54 3.16 -25.06
CA LEU F 677 -28.60 3.14 -24.05
C LEU F 677 -28.17 3.95 -22.83
N PHE F 678 -28.86 5.05 -22.58
CA PHE F 678 -28.60 5.90 -21.42
C PHE F 678 -29.60 5.51 -20.34
N ASP F 679 -29.28 4.45 -19.61
CA ASP F 679 -30.16 3.97 -18.55
C ASP F 679 -30.16 4.98 -17.40
N GLU F 680 -31.35 5.30 -16.90
CA GLU F 680 -31.54 6.21 -15.78
C GLU F 680 -30.83 7.54 -16.02
N ILE F 681 -31.32 8.25 -17.04
CA ILE F 681 -30.75 9.53 -17.39
C ILE F 681 -31.05 10.58 -16.32
N GLU F 682 -32.09 10.36 -15.52
CA GLU F 682 -32.47 11.36 -14.52
C GLU F 682 -31.43 11.49 -13.42
N LYS F 683 -30.59 10.48 -13.24
CA LYS F 683 -29.64 10.45 -12.12
C LYS F 683 -28.37 11.24 -12.38
N ALA F 684 -27.99 11.43 -13.64
CA ALA F 684 -26.72 12.06 -13.95
C ALA F 684 -26.71 13.51 -13.49
N HIS F 685 -25.50 14.02 -13.26
CA HIS F 685 -25.33 15.42 -12.90
C HIS F 685 -25.84 16.31 -14.02
N PRO F 686 -26.59 17.37 -13.72
CA PRO F 686 -27.15 18.19 -14.81
C PRO F 686 -26.09 19.04 -15.51
N ASP F 687 -25.01 18.39 -15.90
CA ASP F 687 -24.02 18.94 -16.81
C ASP F 687 -23.78 18.06 -18.03
N VAL F 688 -23.88 16.74 -17.86
CA VAL F 688 -23.88 15.83 -19.01
C VAL F 688 -25.10 16.10 -19.90
N PHE F 689 -26.18 16.60 -19.31
CA PHE F 689 -27.32 17.02 -20.11
C PHE F 689 -26.91 18.12 -21.09
N ASP F 690 -25.94 18.95 -20.71
CA ASP F 690 -25.44 19.97 -21.63
C ASP F 690 -24.63 19.39 -22.77
N VAL F 691 -23.89 18.30 -22.54
CA VAL F 691 -23.23 17.59 -23.62
C VAL F 691 -24.24 16.99 -24.58
N LEU F 692 -25.27 16.34 -24.03
CA LEU F 692 -26.32 15.80 -24.88
C LEU F 692 -27.07 16.89 -25.63
N LEU F 693 -27.16 18.09 -25.03
CA LEU F 693 -27.67 19.25 -25.74
C LEU F 693 -26.92 19.50 -27.03
N GLN F 694 -25.58 19.51 -26.97
CA GLN F 694 -24.79 19.65 -28.19
C GLN F 694 -25.05 18.47 -29.13
N VAL F 695 -25.10 17.26 -28.57
CA VAL F 695 -25.28 16.06 -29.39
C VAL F 695 -26.52 16.19 -30.26
N LEU F 696 -27.63 16.62 -29.67
CA LEU F 696 -28.88 16.75 -30.43
C LEU F 696 -28.82 17.97 -31.35
N ASP F 697 -29.34 17.80 -32.57
CA ASP F 697 -29.49 18.82 -33.60
C ASP F 697 -28.16 19.29 -34.17
N GLU F 698 -27.03 18.83 -33.65
CA GLU F 698 -25.73 19.13 -34.24
C GLU F 698 -25.04 17.91 -34.81
N GLY F 699 -24.91 16.84 -34.01
CA GLY F 699 -24.46 15.57 -34.52
C GLY F 699 -22.98 15.28 -34.41
N ARG F 700 -22.29 15.87 -33.45
CA ARG F 700 -20.88 15.62 -33.24
C ARG F 700 -20.47 16.22 -31.90
N LEU F 701 -19.39 15.69 -31.33
CA LEU F 701 -18.84 16.21 -30.09
C LEU F 701 -17.34 16.03 -30.10
N THR F 702 -16.66 16.84 -29.30
CA THR F 702 -15.21 16.81 -29.19
C THR F 702 -14.82 16.22 -27.84
N ASP F 703 -13.75 15.44 -27.86
CA ASP F 703 -13.18 14.86 -26.65
C ASP F 703 -11.79 15.47 -26.40
N GLY F 704 -11.12 14.98 -25.36
CA GLY F 704 -9.95 15.66 -24.83
C GLY F 704 -8.85 15.88 -25.85
N HIS F 705 -8.62 14.92 -26.73
CA HIS F 705 -7.51 15.02 -27.67
C HIS F 705 -7.74 16.05 -28.77
N GLY F 706 -8.98 16.49 -28.98
CA GLY F 706 -9.30 17.49 -29.96
C GLY F 706 -9.90 16.95 -31.24
N ARG F 707 -10.13 15.65 -31.34
CA ARG F 707 -10.74 15.09 -32.52
C ARG F 707 -12.26 15.21 -32.44
N THR F 708 -12.91 15.01 -33.58
CA THR F 708 -14.37 15.11 -33.70
C THR F 708 -14.91 13.80 -34.26
N VAL F 709 -15.95 13.27 -33.63
CA VAL F 709 -16.60 12.05 -34.08
C VAL F 709 -18.05 12.36 -34.45
N ASP F 710 -18.66 11.49 -35.23
CA ASP F 710 -19.99 11.73 -35.78
C ASP F 710 -21.03 10.82 -35.13
N PHE F 711 -22.26 11.34 -35.05
CA PHE F 711 -23.39 10.67 -34.42
C PHE F 711 -24.64 10.80 -35.30
N ARG F 712 -24.47 10.93 -36.60
CA ARG F 712 -25.58 11.17 -37.51
C ARG F 712 -26.19 9.90 -38.08
N ASN F 713 -25.78 8.72 -37.62
CA ASN F 713 -26.32 7.46 -38.11
C ASN F 713 -26.67 6.49 -36.99
N THR F 714 -26.61 6.93 -35.74
CA THR F 714 -26.87 6.07 -34.60
C THR F 714 -28.26 6.34 -34.03
N ILE F 715 -28.61 5.53 -33.04
CA ILE F 715 -29.88 5.67 -32.33
C ILE F 715 -29.57 6.06 -30.89
N LEU F 716 -30.40 6.93 -30.33
CA LEU F 716 -30.20 7.45 -28.97
C LEU F 716 -31.40 7.08 -28.12
N ILE F 717 -31.15 6.29 -27.07
CA ILE F 717 -32.19 5.85 -26.14
C ILE F 717 -31.84 6.36 -24.74
N LEU F 718 -32.79 7.05 -24.13
CA LEU F 718 -32.67 7.54 -22.76
C LEU F 718 -33.91 7.11 -22.00
N THR F 719 -33.75 6.78 -20.72
CA THR F 719 -34.87 6.31 -19.92
C THR F 719 -34.79 6.85 -18.50
N SER F 720 -35.92 6.77 -17.80
CA SER F 720 -36.04 7.19 -16.42
C SER F 720 -37.39 6.71 -15.89
N ASN F 721 -37.72 7.12 -14.67
CA ASN F 721 -39.02 6.83 -14.09
C ASN F 721 -39.53 8.04 -13.31
N LEU F 722 -39.39 9.23 -13.90
CA LEU F 722 -39.80 10.46 -13.21
C LEU F 722 -41.23 10.38 -12.73
N GLY F 723 -41.44 10.77 -11.48
CA GLY F 723 -42.76 10.73 -10.88
C GLY F 723 -43.15 9.35 -10.42
N SER F 724 -43.48 8.47 -11.36
CA SER F 724 -43.89 7.08 -11.15
C SER F 724 -45.23 6.96 -10.45
N GLY F 725 -45.83 8.07 -10.03
CA GLY F 725 -47.14 8.04 -9.39
C GLY F 725 -48.12 8.98 -10.04
N GLY F 726 -47.61 9.97 -10.78
CA GLY F 726 -48.47 10.90 -11.48
C GLY F 726 -49.05 10.28 -12.74
N SER F 727 -50.35 10.47 -12.94
CA SER F 727 -51.00 9.87 -14.10
C SER F 727 -50.45 10.43 -15.40
N ALA F 728 -50.77 11.69 -15.71
CA ALA F 728 -50.17 12.33 -16.88
C ALA F 728 -49.65 13.73 -16.64
N GLU F 729 -50.35 14.58 -15.90
CA GLU F 729 -49.97 15.98 -15.79
C GLU F 729 -48.83 16.19 -14.82
N GLN F 730 -48.85 15.46 -13.70
CA GLN F 730 -47.73 15.53 -12.77
C GLN F 730 -46.42 15.16 -13.46
N VAL F 731 -46.41 14.03 -14.17
CA VAL F 731 -45.19 13.60 -14.84
C VAL F 731 -44.84 14.53 -15.99
N LEU F 732 -45.85 15.08 -16.67
CA LEU F 732 -45.58 16.03 -17.74
C LEU F 732 -44.84 17.26 -17.22
N ALA F 733 -45.40 17.89 -16.18
CA ALA F 733 -44.74 19.04 -15.57
C ALA F 733 -43.38 18.66 -14.99
N ALA F 734 -43.26 17.44 -14.47
CA ALA F 734 -41.99 17.02 -13.89
C ALA F 734 -40.90 16.92 -14.95
N VAL F 735 -41.21 16.29 -16.09
CA VAL F 735 -40.21 16.17 -17.14
C VAL F 735 -39.94 17.52 -17.77
N ARG F 736 -40.93 18.42 -17.78
CA ARG F 736 -40.67 19.76 -18.30
C ARG F 736 -39.82 20.59 -17.36
N ALA F 737 -39.87 20.30 -16.05
CA ALA F 737 -39.17 21.08 -15.05
C ALA F 737 -37.78 20.55 -14.73
N THR F 738 -37.55 19.24 -14.83
CA THR F 738 -36.25 18.67 -14.54
C THR F 738 -35.23 18.92 -15.63
N PHE F 739 -35.63 18.82 -16.89
CA PHE F 739 -34.82 19.21 -18.02
C PHE F 739 -35.39 20.48 -18.64
N LYS F 740 -34.50 21.38 -19.05
CA LYS F 740 -34.92 22.68 -19.53
C LYS F 740 -35.72 22.53 -20.82
N PRO F 741 -36.64 23.46 -21.11
CA PRO F 741 -37.44 23.32 -22.34
C PRO F 741 -36.65 23.52 -23.62
N GLU F 742 -35.41 23.97 -23.53
CA GLU F 742 -34.56 24.13 -24.71
C GLU F 742 -33.79 22.85 -25.05
N PHE F 743 -33.82 21.85 -24.17
CA PHE F 743 -33.24 20.54 -24.42
C PHE F 743 -34.29 19.52 -24.84
N ILE F 744 -35.46 19.52 -24.19
CA ILE F 744 -36.58 18.70 -24.61
C ILE F 744 -37.16 19.16 -25.94
N ASN F 745 -36.83 20.37 -26.38
CA ASN F 745 -37.37 20.89 -27.62
C ASN F 745 -36.96 20.03 -28.81
N ARG F 746 -35.66 19.69 -28.88
CA ARG F 746 -35.10 18.97 -30.01
C ARG F 746 -35.57 17.53 -30.12
N LEU F 747 -35.96 16.91 -29.01
CA LEU F 747 -36.21 15.48 -28.96
C LEU F 747 -37.36 15.06 -29.86
N ASP F 748 -37.46 13.75 -30.07
CA ASP F 748 -38.63 13.14 -30.69
C ASP F 748 -39.73 13.04 -29.64
N ASP F 749 -40.77 12.26 -29.92
CA ASP F 749 -41.80 12.06 -28.92
C ASP F 749 -41.22 11.43 -27.66
N VAL F 750 -41.56 12.01 -26.51
CA VAL F 750 -41.24 11.45 -25.21
C VAL F 750 -42.37 10.50 -24.84
N LEU F 751 -42.07 9.20 -24.85
CA LEU F 751 -43.10 8.18 -24.75
C LEU F 751 -43.41 7.89 -23.29
N ILE F 752 -44.56 7.26 -23.07
CA ILE F 752 -45.04 6.90 -21.73
C ILE F 752 -45.55 5.48 -21.83
N PHE F 753 -45.14 4.62 -20.90
CA PHE F 753 -45.63 3.26 -20.88
C PHE F 753 -46.80 3.14 -19.90
N GLU F 754 -47.76 2.29 -20.25
CA GLU F 754 -49.07 2.36 -19.62
C GLU F 754 -49.19 1.41 -18.42
N GLY F 755 -48.53 0.26 -18.48
CA GLY F 755 -48.66 -0.70 -17.40
C GLY F 755 -49.31 -2.00 -17.86
N LEU F 756 -49.19 -3.05 -17.05
CA LEU F 756 -49.68 -4.36 -17.43
C LEU F 756 -51.12 -4.57 -16.97
N ASN F 757 -51.81 -5.49 -17.65
CA ASN F 757 -53.21 -5.81 -17.42
C ASN F 757 -53.36 -7.34 -17.40
N PRO F 758 -54.54 -7.87 -17.02
CA PRO F 758 -54.67 -9.34 -16.97
C PRO F 758 -54.46 -10.03 -18.30
N GLU F 759 -55.11 -9.55 -19.37
CA GLU F 759 -55.01 -10.23 -20.66
C GLU F 759 -53.60 -10.19 -21.23
N GLU F 760 -52.76 -9.28 -20.73
CA GLU F 760 -51.42 -9.09 -21.23
C GLU F 760 -50.39 -9.98 -20.53
N LEU F 761 -50.78 -10.67 -19.46
CA LEU F 761 -49.83 -11.41 -18.64
C LEU F 761 -49.71 -12.88 -19.03
N VAL F 762 -50.74 -13.47 -19.63
CA VAL F 762 -50.65 -14.86 -20.04
C VAL F 762 -49.57 -15.04 -21.10
N ARG F 763 -49.46 -14.09 -22.04
CA ARG F 763 -48.41 -14.15 -23.03
C ARG F 763 -47.03 -13.99 -22.40
N ILE F 764 -46.91 -13.12 -21.40
CA ILE F 764 -45.65 -12.99 -20.67
C ILE F 764 -45.28 -14.30 -20.01
N VAL F 765 -46.26 -14.96 -19.38
CA VAL F 765 -46.00 -16.25 -18.76
C VAL F 765 -45.52 -17.26 -19.80
N ASP F 766 -46.15 -17.25 -20.97
CA ASP F 766 -45.72 -18.17 -22.03
C ASP F 766 -44.28 -17.89 -22.45
N ILE F 767 -43.92 -16.61 -22.55
CA ILE F 767 -42.55 -16.27 -22.92
C ILE F 767 -41.57 -16.74 -21.86
N GLN F 768 -41.89 -16.51 -20.59
CA GLN F 768 -40.99 -16.93 -19.53
C GLN F 768 -40.83 -18.44 -19.50
N LEU F 769 -41.91 -19.17 -19.78
CA LEU F 769 -41.83 -20.61 -19.76
C LEU F 769 -41.01 -21.13 -20.93
N ALA F 770 -41.19 -20.55 -22.11
CA ALA F 770 -40.34 -20.91 -23.24
C ALA F 770 -38.88 -20.62 -22.95
N GLN F 771 -38.61 -19.50 -22.26
CA GLN F 771 -37.24 -19.17 -21.90
C GLN F 771 -36.65 -20.19 -20.93
N LEU F 772 -37.44 -20.58 -19.93
CA LEU F 772 -36.96 -21.59 -18.98
C LEU F 772 -36.71 -22.91 -19.68
N GLY F 773 -37.53 -23.24 -20.69
CA GLY F 773 -37.26 -24.42 -21.49
C GLY F 773 -35.94 -24.33 -22.22
N LYS F 774 -35.73 -23.21 -22.93
CA LYS F 774 -34.44 -22.97 -23.58
C LYS F 774 -33.28 -23.12 -22.61
N ARG F 775 -33.46 -22.66 -21.38
CA ARG F 775 -32.40 -22.75 -20.39
C ARG F 775 -32.14 -24.20 -19.98
N LEU F 776 -33.15 -24.86 -19.42
CA LEU F 776 -32.96 -26.24 -19.01
C LEU F 776 -33.30 -27.20 -20.14
N ALA F 777 -32.83 -26.89 -21.34
CA ALA F 777 -32.78 -27.86 -22.43
C ALA F 777 -31.46 -28.61 -22.49
N GLN F 778 -30.40 -28.05 -21.89
CA GLN F 778 -29.07 -28.65 -21.98
C GLN F 778 -28.89 -29.79 -21.00
N ARG F 779 -29.81 -30.00 -20.07
CA ARG F 779 -29.94 -31.26 -19.36
C ARG F 779 -31.11 -32.06 -19.92
N ARG F 780 -31.73 -31.58 -20.99
CA ARG F 780 -32.79 -32.28 -21.71
C ARG F 780 -33.92 -32.69 -20.77
N LEU F 781 -34.53 -31.68 -20.16
CA LEU F 781 -35.66 -31.84 -19.26
C LEU F 781 -36.83 -31.00 -19.74
N GLN F 782 -37.15 -31.11 -21.02
CA GLN F 782 -38.23 -30.33 -21.61
C GLN F 782 -39.49 -30.45 -20.79
N LEU F 783 -40.21 -29.34 -20.69
CA LEU F 783 -41.30 -29.18 -19.73
C LEU F 783 -42.61 -29.67 -20.31
N GLN F 784 -43.54 -29.97 -19.40
CA GLN F 784 -44.93 -30.29 -19.75
C GLN F 784 -45.82 -29.57 -18.73
N VAL F 785 -46.41 -28.45 -19.14
CA VAL F 785 -47.17 -27.60 -18.24
C VAL F 785 -48.59 -27.49 -18.75
N SER F 786 -49.54 -27.41 -17.83
CA SER F 786 -50.95 -27.35 -18.16
C SER F 786 -51.45 -25.92 -18.20
N LEU F 787 -52.43 -25.69 -19.07
CA LEU F 787 -53.07 -24.38 -19.16
C LEU F 787 -53.67 -23.90 -17.84
N PRO F 788 -54.26 -24.75 -17.00
CA PRO F 788 -54.64 -24.28 -15.66
C PRO F 788 -53.47 -23.69 -14.89
N ALA F 789 -52.31 -24.33 -14.90
CA ALA F 789 -51.15 -23.78 -14.20
C ALA F 789 -50.69 -22.48 -14.85
N LYS F 790 -50.73 -22.41 -16.18
CA LYS F 790 -50.40 -21.17 -16.87
C LYS F 790 -51.26 -20.01 -16.39
N ARG F 791 -52.58 -20.19 -16.44
CA ARG F 791 -53.48 -19.13 -15.99
C ARG F 791 -53.34 -18.86 -14.51
N TRP F 792 -53.02 -19.89 -13.72
CA TRP F 792 -52.82 -19.69 -12.29
C TRP F 792 -51.65 -18.76 -12.01
N LEU F 793 -50.53 -18.99 -12.70
CA LEU F 793 -49.38 -18.11 -12.56
C LEU F 793 -49.72 -16.70 -13.03
N ALA F 794 -50.33 -16.60 -14.22
CA ALA F 794 -50.65 -15.29 -14.78
C ALA F 794 -51.61 -14.51 -13.89
N GLN F 795 -52.46 -15.20 -13.13
CA GLN F 795 -53.36 -14.54 -12.19
C GLN F 795 -52.66 -14.18 -10.90
N ARG F 796 -51.91 -15.11 -10.31
CA ARG F 796 -51.29 -14.90 -9.01
C ARG F 796 -50.27 -13.78 -9.08
N GLY F 797 -49.35 -13.81 -10.04
CA GLY F 797 -48.44 -12.70 -10.15
C GLY F 797 -49.00 -11.62 -11.07
N PHE F 798 -49.70 -10.64 -10.50
CA PHE F 798 -50.38 -9.63 -11.28
C PHE F 798 -50.22 -8.20 -10.78
N ASP F 799 -49.91 -7.98 -9.50
CA ASP F 799 -50.05 -6.71 -8.80
C ASP F 799 -49.61 -5.53 -9.66
N PRO F 800 -50.50 -4.58 -9.93
CA PRO F 800 -50.17 -3.50 -10.88
C PRO F 800 -49.38 -2.36 -10.26
N VAL F 801 -48.37 -2.66 -9.45
CA VAL F 801 -47.44 -1.64 -8.99
C VAL F 801 -45.99 -2.00 -9.27
N TYR F 802 -45.66 -3.27 -9.43
CA TYR F 802 -44.31 -3.70 -9.74
C TYR F 802 -44.16 -4.23 -11.16
N GLY F 803 -45.24 -4.63 -11.80
CA GLY F 803 -45.17 -5.11 -13.18
C GLY F 803 -44.82 -6.59 -13.26
N ALA F 804 -43.85 -6.91 -14.13
CA ALA F 804 -43.57 -8.30 -14.47
C ALA F 804 -42.53 -8.98 -13.59
N ARG F 805 -41.70 -8.22 -12.87
CA ARG F 805 -40.71 -8.83 -12.00
C ARG F 805 -41.29 -9.79 -10.96
N PRO F 806 -42.42 -9.50 -10.31
CA PRO F 806 -42.99 -10.50 -9.40
C PRO F 806 -43.35 -11.79 -10.11
N LEU F 807 -43.60 -11.74 -11.41
CA LEU F 807 -43.91 -12.95 -12.14
C LEU F 807 -42.67 -13.83 -12.29
N ARG F 808 -41.52 -13.23 -12.59
CA ARG F 808 -40.27 -13.99 -12.60
C ARG F 808 -39.98 -14.56 -11.22
N ARG F 809 -40.19 -13.75 -10.18
CA ARG F 809 -39.97 -14.25 -8.83
C ARG F 809 -40.84 -15.45 -8.52
N LEU F 810 -42.12 -15.38 -8.89
CA LEU F 810 -43.04 -16.48 -8.62
C LEU F 810 -42.68 -17.71 -9.44
N VAL F 811 -42.33 -17.52 -10.71
CA VAL F 811 -41.94 -18.66 -11.55
C VAL F 811 -40.77 -19.38 -10.91
N GLN F 812 -39.71 -18.64 -10.55
CA GLN F 812 -38.56 -19.26 -9.90
C GLN F 812 -38.99 -19.99 -8.64
N GLN F 813 -39.55 -19.27 -7.67
CA GLN F 813 -39.83 -19.84 -6.36
C GLN F 813 -40.84 -20.98 -6.42
N ALA F 814 -41.64 -21.05 -7.48
CA ALA F 814 -42.67 -22.08 -7.59
C ALA F 814 -42.20 -23.33 -8.32
N ILE F 815 -41.55 -23.18 -9.47
CA ILE F 815 -41.06 -24.32 -10.23
C ILE F 815 -39.64 -24.69 -9.83
N GLY F 816 -38.69 -23.74 -9.98
CA GLY F 816 -37.29 -24.07 -9.81
C GLY F 816 -36.97 -24.60 -8.43
N ASP F 817 -37.73 -24.18 -7.41
CA ASP F 817 -37.54 -24.73 -6.07
C ASP F 817 -37.66 -26.25 -6.09
N GLN F 818 -38.84 -26.75 -6.43
CA GLN F 818 -39.05 -28.19 -6.41
C GLN F 818 -38.20 -28.90 -7.46
N LEU F 819 -38.01 -28.27 -8.62
CA LEU F 819 -37.24 -28.91 -9.67
C LEU F 819 -35.79 -29.12 -9.25
N ALA F 820 -35.17 -28.11 -8.65
CA ALA F 820 -33.82 -28.24 -8.16
C ALA F 820 -33.75 -29.12 -6.92
N LYS F 821 -34.83 -29.20 -6.15
CA LYS F 821 -34.84 -30.16 -5.03
C LYS F 821 -34.79 -31.58 -5.56
N MET F 822 -35.58 -31.88 -6.58
CA MET F 822 -35.61 -33.24 -7.13
C MET F 822 -34.33 -33.57 -7.90
N LEU F 823 -33.85 -32.64 -8.72
CA LEU F 823 -32.79 -32.95 -9.68
C LEU F 823 -31.49 -33.37 -9.01
N LEU F 824 -31.32 -33.05 -7.73
CA LEU F 824 -30.11 -33.43 -7.01
C LEU F 824 -30.31 -34.65 -6.12
N ALA F 825 -31.55 -35.10 -5.93
CA ALA F 825 -31.83 -36.33 -5.20
C ALA F 825 -32.08 -37.50 -6.13
N GLY F 826 -31.87 -37.31 -7.44
CA GLY F 826 -32.10 -38.34 -8.42
C GLY F 826 -33.53 -38.33 -8.96
N GLN F 827 -33.87 -39.45 -9.57
CA GLN F 827 -35.21 -39.85 -10.03
C GLN F 827 -35.80 -38.93 -11.09
N VAL F 828 -35.11 -37.86 -11.48
CA VAL F 828 -35.58 -36.97 -12.54
C VAL F 828 -34.46 -36.82 -13.56
N HIS F 829 -33.69 -37.88 -13.74
CA HIS F 829 -32.46 -37.85 -14.52
C HIS F 829 -32.71 -37.34 -15.95
N ASP F 830 -31.61 -37.05 -16.64
CA ASP F 830 -31.63 -36.41 -17.96
C ASP F 830 -32.52 -37.13 -18.95
N GLY F 831 -32.95 -36.42 -19.99
CA GLY F 831 -33.88 -36.98 -20.94
C GLY F 831 -35.20 -37.31 -20.28
N ASP F 832 -35.93 -36.30 -19.84
CA ASP F 832 -37.16 -36.53 -19.11
C ASP F 832 -38.13 -35.39 -19.37
N THR F 833 -39.41 -35.65 -19.14
CA THR F 833 -40.46 -34.66 -19.33
C THR F 833 -41.32 -34.64 -18.08
N VAL F 834 -41.27 -33.54 -17.35
CA VAL F 834 -41.95 -33.40 -16.06
C VAL F 834 -43.30 -32.74 -16.29
N PRO F 835 -44.38 -33.25 -15.70
CA PRO F 835 -45.66 -32.55 -15.73
C PRO F 835 -45.86 -31.69 -14.49
N VAL F 836 -46.74 -30.70 -14.62
CA VAL F 836 -47.13 -29.86 -13.50
C VAL F 836 -48.65 -29.73 -13.50
N ASN F 837 -49.22 -29.66 -12.30
CA ASN F 837 -50.66 -29.61 -12.14
C ASN F 837 -51.00 -28.74 -10.94
N VAL F 838 -52.10 -27.99 -11.05
CA VAL F 838 -52.49 -27.06 -10.00
C VAL F 838 -53.00 -27.84 -8.80
N SER F 839 -52.20 -27.89 -7.75
CA SER F 839 -52.62 -28.36 -6.45
C SER F 839 -53.46 -27.29 -5.77
N PRO F 840 -54.26 -27.65 -4.76
CA PRO F 840 -55.08 -26.65 -4.04
C PRO F 840 -54.39 -25.31 -3.78
N ASP F 841 -53.15 -25.33 -3.30
CA ASP F 841 -52.39 -24.11 -3.07
C ASP F 841 -51.15 -24.01 -3.94
N ALA F 842 -50.27 -25.00 -3.89
CA ALA F 842 -49.08 -25.05 -4.71
C ALA F 842 -49.40 -25.72 -6.04
N ASP F 843 -48.36 -26.13 -6.77
CA ASP F 843 -48.54 -26.94 -7.98
C ASP F 843 -47.49 -28.05 -7.94
N SER F 844 -47.94 -29.29 -7.76
CA SER F 844 -47.02 -30.42 -7.67
C SER F 844 -46.44 -30.76 -9.03
N LEU F 845 -45.45 -31.64 -9.03
CA LEU F 845 -44.79 -32.04 -10.27
C LEU F 845 -45.04 -33.51 -10.60
N UNK G 1 34.74 4.06 -36.83
CA UNK G 1 35.45 4.74 -35.75
C UNK G 1 34.50 5.58 -34.90
N UNK G 2 33.22 5.52 -35.24
CA UNK G 2 32.19 6.26 -34.52
C UNK G 2 31.35 5.32 -33.67
N UNK G 3 30.44 5.89 -32.90
CA UNK G 3 29.49 5.14 -32.11
C UNK G 3 28.15 5.87 -32.09
N UNK G 4 27.18 5.32 -31.36
CA UNK G 4 25.86 5.93 -31.24
C UNK G 4 25.52 6.37 -29.83
N UNK G 5 25.70 5.50 -28.83
CA UNK G 5 25.52 5.84 -27.42
C UNK G 5 24.09 6.36 -27.16
N UNK G 6 23.13 5.46 -27.36
CA UNK G 6 21.73 5.77 -27.08
C UNK G 6 21.56 6.17 -25.63
N UNK G 7 20.55 7.00 -25.37
CA UNK G 7 20.36 7.59 -24.05
C UNK G 7 18.96 7.30 -23.53
N UNK G 8 18.80 7.40 -22.21
CA UNK G 8 17.53 7.19 -21.54
C UNK G 8 17.15 8.42 -20.73
N UNK G 9 15.95 8.94 -20.98
CA UNK G 9 15.49 10.18 -20.35
C UNK G 9 14.26 9.90 -19.52
N UNK G 10 14.25 10.41 -18.29
CA UNK G 10 13.14 10.20 -17.36
C UNK G 10 11.99 11.15 -17.69
N UNK G 11 10.80 10.79 -17.22
CA UNK G 11 9.59 11.54 -17.51
C UNK G 11 8.82 11.84 -16.24
N UNK G 12 8.06 12.93 -16.26
CA UNK G 12 7.22 13.36 -15.16
C UNK G 12 5.77 13.43 -15.63
N UNK G 13 4.85 13.64 -14.69
CA UNK G 13 3.43 13.69 -14.99
C UNK G 13 2.73 14.63 -14.00
N UNK G 14 1.42 14.71 -14.12
CA UNK G 14 0.61 15.59 -13.28
C UNK G 14 -0.72 14.92 -12.96
N UNK G 15 -1.24 15.19 -11.77
CA UNK G 15 -2.52 14.65 -11.33
C UNK G 15 -3.30 15.71 -10.57
N UNK G 16 -4.50 16.02 -11.04
CA UNK G 16 -5.32 17.05 -10.40
C UNK G 16 -6.02 16.48 -9.16
N UNK G 17 -6.88 17.30 -8.55
CA UNK G 17 -7.60 16.88 -7.35
C UNK G 17 -8.79 17.81 -7.16
N UNK G 18 -10.00 17.27 -7.20
CA UNK G 18 -11.21 18.08 -7.09
C UNK G 18 -11.55 18.32 -5.61
N UNK G 19 -12.67 19.00 -5.39
CA UNK G 19 -13.13 19.34 -4.04
C UNK G 19 -14.62 19.03 -3.94
N UNK G 20 -15.18 19.21 -2.75
CA UNK G 20 -16.54 18.75 -2.46
C UNK G 20 -17.58 19.85 -2.44
N UNK G 21 -17.37 20.92 -1.67
CA UNK G 21 -18.29 22.06 -1.63
C UNK G 21 -19.69 21.65 -1.15
N UNK G 22 -19.77 21.24 0.11
CA UNK G 22 -21.05 20.89 0.72
C UNK G 22 -21.99 22.08 0.75
N UNK G 23 -23.26 21.80 1.03
CA UNK G 23 -24.32 22.81 0.99
C UNK G 23 -25.13 22.75 2.27
N UNK G 24 -25.54 23.92 2.77
CA UNK G 24 -26.13 24.00 4.11
C UNK G 24 -27.59 23.56 4.14
N UNK G 25 -28.26 23.52 2.98
CA UNK G 25 -29.58 22.90 2.82
C UNK G 25 -30.62 23.52 3.76
N UNK G 26 -30.88 24.80 3.53
CA UNK G 26 -31.96 25.49 4.23
C UNK G 26 -32.50 26.65 3.42
N MET H 1 12.76 -96.91 -68.38
CA MET H 1 11.29 -96.89 -68.61
C MET H 1 10.99 -96.72 -70.08
N ALA H 2 9.74 -96.95 -70.43
CA ALA H 2 9.22 -96.30 -71.62
C ALA H 2 9.47 -94.80 -71.49
N ARG H 3 10.08 -94.25 -72.52
CA ARG H 3 10.32 -92.81 -72.60
C ARG H 3 9.01 -92.01 -72.70
N ALA H 4 7.88 -92.69 -72.88
CA ALA H 4 6.56 -92.07 -72.85
C ALA H 4 5.73 -92.72 -71.76
N VAL H 5 4.49 -92.25 -71.68
CA VAL H 5 3.53 -92.68 -70.66
C VAL H 5 2.20 -92.90 -71.38
N GLY H 6 1.16 -93.18 -70.58
CA GLY H 6 -0.21 -93.12 -71.04
C GLY H 6 -1.03 -92.34 -70.05
N ILE H 7 -2.08 -91.70 -70.55
CA ILE H 7 -2.88 -90.76 -69.76
C ILE H 7 -4.34 -91.01 -70.02
N ASP H 8 -5.02 -91.59 -69.03
CA ASP H 8 -6.47 -91.60 -68.97
C ASP H 8 -6.84 -90.25 -68.38
N LEU H 9 -6.83 -89.22 -69.21
CA LEU H 9 -7.25 -87.92 -68.70
C LEU H 9 -8.76 -88.01 -68.56
N GLY H 10 -9.21 -88.57 -67.42
CA GLY H 10 -10.63 -88.75 -67.19
C GLY H 10 -11.40 -87.46 -67.29
N THR H 11 -12.72 -87.60 -67.34
CA THR H 11 -13.57 -86.42 -67.29
C THR H 11 -13.62 -85.88 -65.87
N THR H 12 -13.41 -86.74 -64.89
CA THR H 12 -13.15 -86.36 -63.52
C THR H 12 -11.94 -87.06 -62.93
N ASN H 13 -11.32 -87.99 -63.67
CA ASN H 13 -10.23 -88.79 -63.15
C ASN H 13 -9.05 -88.72 -64.11
N SER H 14 -8.23 -87.68 -63.99
CA SER H 14 -7.04 -87.54 -64.81
C SER H 14 -5.90 -88.34 -64.20
N VAL H 15 -5.55 -89.43 -64.86
CA VAL H 15 -4.58 -90.40 -64.37
C VAL H 15 -3.51 -90.59 -65.44
N VAL H 16 -2.28 -90.83 -65.00
CA VAL H 16 -1.14 -91.02 -65.88
C VAL H 16 -0.32 -92.19 -65.36
N SER H 17 -0.12 -93.19 -66.21
CA SER H 17 0.69 -94.36 -65.89
C SER H 17 1.93 -94.38 -66.77
N VAL H 18 3.06 -94.76 -66.15
CA VAL H 18 4.34 -94.92 -66.83
C VAL H 18 4.64 -96.41 -66.82
N LEU H 19 5.79 -96.76 -67.39
CA LEU H 19 6.22 -98.14 -67.49
C LEU H 19 7.57 -98.30 -66.83
N GLU H 20 7.58 -98.87 -65.63
CA GLU H 20 8.80 -99.29 -64.96
C GLU H 20 9.28 -100.54 -65.68
N GLY H 21 10.05 -100.32 -66.75
CA GLY H 21 10.53 -101.41 -67.58
C GLY H 21 9.42 -102.24 -68.19
N GLY H 22 8.28 -101.63 -68.46
CA GLY H 22 7.10 -102.32 -68.93
C GLY H 22 6.07 -102.60 -67.84
N ASP H 23 6.47 -102.54 -66.57
CA ASP H 23 5.55 -102.72 -65.46
C ASP H 23 4.68 -101.48 -65.37
N PRO H 24 3.36 -101.57 -65.53
CA PRO H 24 2.56 -100.33 -65.51
C PRO H 24 2.49 -99.75 -64.11
N VAL H 25 3.23 -98.66 -63.91
CA VAL H 25 3.31 -97.96 -62.65
C VAL H 25 2.51 -96.68 -62.77
N VAL H 26 1.36 -96.64 -62.12
CA VAL H 26 0.58 -95.41 -62.07
C VAL H 26 1.25 -94.49 -61.07
N VAL H 27 1.74 -93.36 -61.56
CA VAL H 27 2.56 -92.48 -60.73
C VAL H 27 1.66 -91.73 -59.76
N ALA H 28 2.02 -91.75 -58.50
CA ALA H 28 1.44 -90.84 -57.54
C ALA H 28 1.74 -89.41 -57.97
N ASN H 29 0.68 -88.63 -58.17
CA ASN H 29 0.81 -87.21 -58.39
C ASN H 29 1.58 -86.58 -57.24
N SER H 30 2.13 -85.39 -57.50
CA SER H 30 2.63 -84.56 -56.43
C SER H 30 1.54 -84.23 -55.42
N GLU H 31 0.27 -84.23 -55.86
CA GLU H 31 -0.88 -84.23 -54.97
C GLU H 31 -0.99 -85.50 -54.13
N GLY H 32 -0.19 -86.53 -54.41
CA GLY H 32 -0.24 -87.79 -53.72
C GLY H 32 -1.15 -88.80 -54.40
N SER H 33 -2.38 -88.41 -54.71
CA SER H 33 -3.30 -89.27 -55.43
C SER H 33 -2.81 -89.41 -56.86
N ARG H 34 -2.59 -90.66 -57.28
CA ARG H 34 -2.22 -90.94 -58.66
C ARG H 34 -3.24 -90.38 -59.63
N THR H 35 -4.52 -90.38 -59.26
CA THR H 35 -5.56 -89.70 -60.01
C THR H 35 -5.49 -88.22 -59.66
N THR H 36 -5.18 -87.40 -60.65
CA THR H 36 -5.49 -85.99 -60.59
C THR H 36 -6.97 -85.84 -60.90
N PRO H 37 -7.81 -85.29 -60.03
CA PRO H 37 -9.16 -84.98 -60.46
C PRO H 37 -9.16 -84.04 -61.65
N SER H 38 -9.83 -84.46 -62.73
CA SER H 38 -9.86 -83.72 -63.98
C SER H 38 -10.74 -82.47 -63.83
N ILE H 39 -10.26 -81.57 -63.00
CA ILE H 39 -10.94 -80.31 -62.70
C ILE H 39 -9.85 -79.25 -62.64
N VAL H 40 -10.16 -78.07 -63.15
CA VAL H 40 -9.19 -76.98 -63.29
C VAL H 40 -9.82 -75.75 -62.67
N ALA H 41 -9.41 -75.42 -61.45
CA ALA H 41 -10.04 -74.34 -60.71
C ALA H 41 -9.19 -73.09 -60.85
N PHE H 42 -9.63 -72.18 -61.70
CA PHE H 42 -8.93 -70.93 -61.90
C PHE H 42 -9.20 -70.09 -60.67
N ALA H 43 -8.37 -70.32 -59.64
CA ALA H 43 -8.43 -69.56 -58.42
C ALA H 43 -8.41 -68.07 -58.73
N ARG H 44 -9.01 -67.28 -57.86
CA ARG H 44 -9.16 -65.84 -58.09
C ARG H 44 -7.83 -65.11 -57.86
N ASN H 45 -6.83 -65.52 -58.64
CA ASN H 45 -5.48 -64.99 -58.57
C ASN H 45 -4.83 -64.82 -59.93
N GLY H 46 -5.41 -65.41 -61.00
CA GLY H 46 -4.68 -65.78 -62.17
C GLY H 46 -4.06 -67.17 -62.08
N GLU H 47 -3.69 -67.59 -60.88
CA GLU H 47 -3.24 -68.95 -60.65
C GLU H 47 -4.38 -69.92 -60.86
N VAL H 48 -4.04 -71.17 -61.18
CA VAL H 48 -4.99 -72.20 -61.54
C VAL H 48 -4.63 -73.48 -60.80
N LEU H 49 -5.46 -73.84 -59.82
CA LEU H 49 -5.38 -75.17 -59.23
C LEU H 49 -5.79 -76.22 -60.25
N VAL H 50 -5.38 -77.46 -59.96
CA VAL H 50 -5.85 -78.63 -60.67
C VAL H 50 -5.93 -79.75 -59.65
N GLY H 51 -6.86 -80.68 -59.86
CA GLY H 51 -6.94 -81.87 -59.04
C GLY H 51 -7.87 -81.68 -57.87
N GLN H 52 -7.61 -82.40 -56.78
CA GLN H 52 -8.35 -82.14 -55.56
C GLN H 52 -8.16 -80.71 -55.05
N PRO H 53 -7.00 -80.06 -55.21
CA PRO H 53 -6.97 -78.61 -54.98
C PRO H 53 -8.01 -77.87 -55.78
N ALA H 54 -8.10 -78.14 -57.07
CA ALA H 54 -9.13 -77.50 -57.88
C ALA H 54 -10.51 -77.97 -57.48
N LYS H 55 -10.65 -79.27 -57.21
CA LYS H 55 -11.93 -79.85 -56.85
C LYS H 55 -12.51 -79.13 -55.64
N ASN H 56 -11.69 -78.89 -54.63
CA ASN H 56 -12.09 -78.11 -53.46
C ASN H 56 -12.67 -76.76 -53.84
N GLN H 57 -12.15 -76.14 -54.89
CA GLN H 57 -12.64 -74.85 -55.37
C GLN H 57 -13.70 -75.00 -56.45
N ALA H 58 -14.23 -76.20 -56.63
CA ALA H 58 -15.40 -76.36 -57.50
C ALA H 58 -16.59 -75.61 -56.95
N VAL H 59 -16.69 -75.46 -55.63
CA VAL H 59 -17.71 -74.62 -55.01
C VAL H 59 -17.25 -73.18 -54.88
N THR H 60 -15.97 -72.97 -54.57
CA THR H 60 -15.48 -71.63 -54.30
C THR H 60 -15.19 -70.86 -55.57
N ASN H 61 -14.47 -71.47 -56.50
CA ASN H 61 -14.29 -70.96 -57.85
C ASN H 61 -15.30 -71.62 -58.77
N VAL H 62 -16.50 -71.88 -58.25
CA VAL H 62 -17.61 -72.34 -59.07
C VAL H 62 -17.77 -71.49 -60.33
N ASP H 63 -17.60 -70.17 -60.19
CA ASP H 63 -17.64 -69.27 -61.34
C ASP H 63 -16.36 -69.30 -62.16
N ARG H 64 -15.31 -69.96 -61.67
CA ARG H 64 -14.01 -70.01 -62.34
C ARG H 64 -13.41 -71.40 -62.31
N THR H 65 -14.19 -72.44 -61.99
CA THR H 65 -13.72 -73.82 -61.98
C THR H 65 -14.33 -74.58 -63.14
N VAL H 66 -13.48 -75.32 -63.85
CA VAL H 66 -13.83 -76.01 -65.07
C VAL H 66 -13.84 -77.51 -64.76
N ARG H 67 -14.96 -78.16 -65.07
CA ARG H 67 -15.06 -79.61 -65.02
C ARG H 67 -15.63 -80.11 -66.34
N SER H 68 -15.08 -81.23 -66.80
CA SER H 68 -15.60 -81.93 -67.97
C SER H 68 -15.48 -81.11 -69.26
N VAL H 69 -14.53 -80.17 -69.26
CA VAL H 69 -14.01 -79.59 -70.49
C VAL H 69 -13.47 -80.66 -71.43
N LYS H 70 -13.12 -81.84 -70.89
CA LYS H 70 -12.98 -83.04 -71.69
C LYS H 70 -14.07 -83.12 -72.75
N ARG H 71 -15.33 -83.09 -72.33
CA ARG H 71 -16.44 -83.11 -73.27
C ARG H 71 -16.37 -81.95 -74.25
N HIS H 72 -15.89 -80.79 -73.81
CA HIS H 72 -15.79 -79.60 -74.65
C HIS H 72 -14.41 -79.42 -75.26
N MET H 73 -13.68 -80.50 -75.54
CA MET H 73 -12.32 -80.35 -76.05
C MET H 73 -12.33 -79.78 -77.46
N GLY H 74 -13.14 -80.35 -78.35
CA GLY H 74 -13.03 -80.08 -79.77
C GLY H 74 -13.35 -78.68 -80.22
N SER H 75 -13.78 -77.81 -79.33
CA SER H 75 -14.10 -76.42 -79.64
C SER H 75 -13.04 -75.51 -79.03
N ASP H 76 -13.16 -74.22 -79.36
CA ASP H 76 -12.60 -73.18 -78.53
C ASP H 76 -13.43 -72.94 -77.29
N TRP H 77 -13.55 -73.94 -76.43
CA TRP H 77 -14.37 -73.82 -75.23
C TRP H 77 -13.63 -72.89 -74.28
N SER H 78 -13.84 -71.59 -74.50
CA SER H 78 -12.88 -70.59 -74.07
C SER H 78 -13.47 -69.82 -72.91
N ILE H 79 -12.91 -70.07 -71.73
CA ILE H 79 -13.47 -69.61 -70.47
C ILE H 79 -12.72 -68.35 -70.07
N GLU H 80 -13.46 -67.24 -69.91
CA GLU H 80 -12.91 -65.92 -69.50
C GLU H 80 -12.37 -66.04 -68.07
N ILE H 81 -11.12 -66.49 -67.93
CA ILE H 81 -10.43 -66.69 -66.61
C ILE H 81 -9.54 -65.47 -66.33
N ASP H 82 -10.12 -64.41 -65.74
CA ASP H 82 -9.45 -63.15 -65.33
C ASP H 82 -8.88 -62.40 -66.55
N GLY H 83 -7.80 -62.87 -67.16
CA GLY H 83 -7.15 -62.22 -68.32
C GLY H 83 -7.99 -62.31 -69.58
N LYS H 84 -7.85 -63.41 -70.33
CA LYS H 84 -8.59 -63.67 -71.60
C LYS H 84 -9.37 -64.98 -71.46
N LYS H 85 -9.85 -65.52 -72.59
CA LYS H 85 -10.60 -66.76 -72.63
C LYS H 85 -9.70 -67.93 -72.97
N TYR H 86 -9.73 -68.94 -72.11
CA TYR H 86 -8.80 -70.06 -72.18
C TYR H 86 -9.57 -71.26 -72.73
N THR H 87 -9.21 -71.68 -73.93
CA THR H 87 -9.90 -72.79 -74.60
C THR H 87 -9.61 -74.10 -73.90
N ALA H 88 -10.39 -75.12 -74.29
CA ALA H 88 -10.25 -76.44 -73.69
C ALA H 88 -8.84 -77.03 -73.82
N PRO H 89 -8.14 -76.88 -74.95
CA PRO H 89 -6.73 -77.31 -74.98
C PRO H 89 -5.90 -76.77 -73.84
N GLU H 90 -6.06 -75.50 -73.47
CA GLU H 90 -5.21 -74.93 -72.43
C GLU H 90 -5.65 -75.37 -71.04
N ILE H 91 -6.95 -75.56 -70.84
CA ILE H 91 -7.42 -76.07 -69.56
C ILE H 91 -6.89 -77.48 -69.35
N SER H 92 -6.88 -78.28 -70.42
CA SER H 92 -6.23 -79.59 -70.36
C SER H 92 -4.73 -79.47 -70.20
N ALA H 93 -4.11 -78.50 -70.86
CA ALA H 93 -2.67 -78.32 -70.80
C ALA H 93 -2.23 -77.97 -69.40
N ARG H 94 -3.09 -77.29 -68.63
CA ARG H 94 -2.77 -77.02 -67.24
C ARG H 94 -2.62 -78.30 -66.44
N ILE H 95 -3.61 -79.20 -66.51
CA ILE H 95 -3.50 -80.49 -65.84
C ILE H 95 -2.29 -81.24 -66.36
N LEU H 96 -1.98 -81.05 -67.65
CA LEU H 96 -0.84 -81.76 -68.22
C LEU H 96 0.47 -81.22 -67.69
N MET H 97 0.55 -79.92 -67.43
CA MET H 97 1.75 -79.36 -66.82
C MET H 97 1.88 -79.82 -65.38
N LYS H 98 0.75 -79.91 -64.67
CA LYS H 98 0.82 -80.53 -63.35
C LYS H 98 1.38 -81.94 -63.43
N LEU H 99 0.71 -82.83 -64.17
CA LEU H 99 1.17 -84.21 -64.33
C LEU H 99 2.61 -84.27 -64.83
N LYS H 100 2.98 -83.32 -65.69
CA LYS H 100 4.33 -83.23 -66.21
C LYS H 100 5.34 -83.09 -65.09
N ARG H 101 5.12 -82.11 -64.22
CA ARG H 101 6.10 -81.89 -63.15
C ARG H 101 5.94 -82.91 -62.03
N ASP H 102 4.76 -83.51 -61.88
CA ASP H 102 4.63 -84.64 -60.95
C ASP H 102 5.51 -85.79 -61.39
N ALA H 103 5.51 -86.10 -62.68
CA ALA H 103 6.33 -87.19 -63.19
C ALA H 103 7.81 -86.81 -63.20
N GLU H 104 8.11 -85.56 -63.53
CA GLU H 104 9.49 -85.09 -63.48
C GLU H 104 10.03 -85.20 -62.06
N ALA H 105 9.17 -84.93 -61.06
CA ALA H 105 9.53 -85.14 -59.66
C ALA H 105 9.72 -86.62 -59.37
N TYR H 106 8.80 -87.45 -59.85
CA TYR H 106 8.86 -88.89 -59.63
C TYR H 106 10.10 -89.49 -60.29
N LEU H 107 10.70 -88.78 -61.25
CA LEU H 107 11.80 -89.31 -62.05
C LEU H 107 13.16 -88.85 -61.58
N GLY H 108 13.38 -87.53 -61.57
CA GLY H 108 14.72 -86.98 -61.59
C GLY H 108 15.10 -86.40 -62.93
N GLU H 109 14.15 -86.31 -63.86
CA GLU H 109 14.31 -85.70 -65.17
C GLU H 109 12.95 -85.74 -65.83
N ASP H 110 12.77 -84.90 -66.84
CA ASP H 110 11.44 -84.69 -67.42
C ASP H 110 11.29 -85.61 -68.63
N ILE H 111 11.05 -86.90 -68.35
CA ILE H 111 10.64 -87.85 -69.38
C ILE H 111 9.15 -87.63 -69.61
N THR H 112 8.79 -87.06 -70.77
CA THR H 112 7.55 -86.32 -70.91
C THR H 112 6.56 -86.91 -71.90
N ASP H 113 6.97 -87.81 -72.80
CA ASP H 113 6.07 -88.25 -73.86
C ASP H 113 4.87 -88.99 -73.28
N ALA H 114 3.80 -89.10 -74.07
CA ALA H 114 2.56 -89.64 -73.55
C ALA H 114 1.75 -90.26 -74.67
N VAL H 115 0.73 -90.99 -74.24
CA VAL H 115 -0.32 -91.53 -75.07
C VAL H 115 -1.62 -91.20 -74.36
N ILE H 116 -2.24 -90.08 -74.73
CA ILE H 116 -3.33 -89.52 -73.96
C ILE H 116 -4.62 -89.89 -74.67
N THR H 117 -5.65 -90.22 -73.89
CA THR H 117 -6.78 -90.95 -74.43
C THR H 117 -7.99 -90.05 -74.65
N THR H 118 -8.92 -90.56 -75.44
CA THR H 118 -10.20 -89.95 -75.73
C THR H 118 -11.29 -91.00 -75.54
N PRO H 119 -12.48 -90.62 -75.07
CA PRO H 119 -13.59 -91.55 -75.15
C PRO H 119 -13.83 -91.97 -76.59
N ALA H 120 -14.42 -93.14 -76.76
CA ALA H 120 -14.74 -93.58 -78.11
C ALA H 120 -15.89 -92.76 -78.69
N TYR H 121 -16.65 -92.04 -77.85
CA TYR H 121 -17.65 -91.12 -78.35
C TYR H 121 -17.05 -89.78 -78.78
N PHE H 122 -15.77 -89.55 -78.55
CA PHE H 122 -15.14 -88.31 -79.00
C PHE H 122 -14.98 -88.30 -80.51
N ASN H 123 -14.53 -87.16 -81.01
CA ASN H 123 -14.29 -86.94 -82.42
C ASN H 123 -12.93 -86.27 -82.59
N ASP H 124 -12.42 -86.30 -83.83
CA ASP H 124 -11.06 -85.83 -84.08
C ASP H 124 -10.91 -84.34 -83.90
N ALA H 125 -12.00 -83.60 -83.67
CA ALA H 125 -11.84 -82.20 -83.26
C ALA H 125 -11.35 -82.12 -81.83
N GLN H 126 -11.91 -82.92 -80.94
CA GLN H 126 -11.40 -83.04 -79.58
C GLN H 126 -9.95 -83.51 -79.60
N ARG H 127 -9.60 -84.34 -80.59
CA ARG H 127 -8.24 -84.84 -80.68
C ARG H 127 -7.30 -83.79 -81.25
N GLN H 128 -7.77 -82.93 -82.15
CA GLN H 128 -6.98 -81.77 -82.56
C GLN H 128 -6.80 -80.80 -81.40
N ALA H 129 -7.84 -80.65 -80.58
CA ALA H 129 -7.73 -79.86 -79.37
C ALA H 129 -6.63 -80.40 -78.46
N THR H 130 -6.54 -81.72 -78.34
CA THR H 130 -5.47 -82.30 -77.54
C THR H 130 -4.11 -82.11 -78.20
N LYS H 131 -4.05 -82.16 -79.55
CA LYS H 131 -2.80 -81.83 -80.24
C LYS H 131 -2.31 -80.44 -79.86
N ASP H 132 -3.24 -79.49 -79.79
CA ASP H 132 -2.86 -78.13 -79.43
C ASP H 132 -2.41 -78.06 -77.98
N ALA H 133 -3.15 -78.70 -77.07
CA ALA H 133 -2.75 -78.74 -75.67
C ALA H 133 -1.36 -79.36 -75.51
N GLY H 134 -1.02 -80.31 -76.38
CA GLY H 134 0.32 -80.88 -76.33
C GLY H 134 1.36 -79.92 -76.83
N GLN H 135 1.03 -79.12 -77.83
CA GLN H 135 1.89 -78.01 -78.20
C GLN H 135 2.03 -77.01 -77.05
N ILE H 136 1.05 -77.00 -76.13
CA ILE H 136 1.05 -76.03 -75.05
C ILE H 136 1.82 -76.56 -73.84
N ALA H 137 1.35 -77.66 -73.24
CA ALA H 137 1.85 -78.10 -71.95
C ALA H 137 3.28 -78.64 -72.00
N GLY H 138 3.74 -79.09 -73.16
CA GLY H 138 5.09 -79.64 -73.26
C GLY H 138 5.20 -81.13 -73.04
N LEU H 139 4.10 -81.87 -73.10
CA LEU H 139 4.11 -83.33 -73.15
C LEU H 139 3.68 -83.78 -74.54
N ASN H 140 4.18 -84.95 -74.96
CA ASN H 140 3.92 -85.47 -76.31
C ASN H 140 2.81 -86.52 -76.23
N VAL H 141 1.77 -86.33 -77.02
CA VAL H 141 0.90 -87.43 -77.43
C VAL H 141 1.40 -87.92 -78.77
N LEU H 142 2.37 -88.82 -78.75
CA LEU H 142 2.86 -89.39 -80.00
C LEU H 142 1.74 -90.12 -80.74
N ARG H 143 0.73 -90.57 -80.01
CA ARG H 143 -0.50 -91.07 -80.58
C ARG H 143 -1.55 -91.08 -79.48
N ILE H 144 -2.80 -90.85 -79.85
CA ILE H 144 -3.94 -91.01 -78.96
C ILE H 144 -4.43 -92.44 -79.06
N VAL H 145 -4.72 -93.03 -77.92
CA VAL H 145 -5.43 -94.30 -77.84
C VAL H 145 -6.77 -94.01 -77.20
N ASN H 146 -7.85 -94.22 -77.94
CA ASN H 146 -9.17 -94.03 -77.37
C ASN H 146 -9.34 -94.91 -76.14
N GLU H 147 -10.15 -94.43 -75.20
CA GLU H 147 -10.15 -94.99 -73.86
C GLU H 147 -10.54 -96.46 -73.80
N PRO H 148 -11.56 -96.95 -74.52
CA PRO H 148 -11.80 -98.40 -74.51
C PRO H 148 -10.63 -99.20 -75.05
N THR H 149 -9.94 -98.66 -76.06
CA THR H 149 -8.80 -99.36 -76.64
C THR H 149 -7.67 -99.51 -75.62
N ALA H 150 -7.35 -98.42 -74.92
CA ALA H 150 -6.33 -98.51 -73.89
C ALA H 150 -6.82 -99.36 -72.72
N ALA H 151 -8.13 -99.47 -72.55
CA ALA H 151 -8.63 -100.41 -71.55
C ALA H 151 -8.25 -101.84 -71.90
N ALA H 152 -8.61 -102.28 -73.10
CA ALA H 152 -8.30 -103.62 -73.55
C ALA H 152 -6.80 -103.88 -73.56
N LEU H 153 -6.01 -102.83 -73.85
CA LEU H 153 -4.57 -102.93 -73.65
C LEU H 153 -4.21 -103.18 -72.20
N ALA H 154 -4.75 -102.36 -71.30
CA ALA H 154 -4.35 -102.36 -69.90
C ALA H 154 -4.53 -103.72 -69.27
N TYR H 155 -5.69 -104.35 -69.50
CA TYR H 155 -5.86 -105.70 -69.00
C TYR H 155 -5.21 -106.75 -69.88
N GLY H 156 -4.41 -106.35 -70.87
CA GLY H 156 -3.71 -107.29 -71.72
C GLY H 156 -4.66 -108.17 -72.49
N LEU H 157 -5.82 -107.63 -72.87
CA LEU H 157 -6.85 -108.41 -73.55
C LEU H 157 -6.48 -108.53 -75.02
N ASP H 158 -5.41 -109.28 -75.27
CA ASP H 158 -5.02 -109.69 -76.60
C ASP H 158 -5.47 -111.15 -76.76
N LYS H 159 -6.75 -111.29 -77.14
CA LYS H 159 -7.36 -112.62 -77.39
C LYS H 159 -6.88 -113.06 -78.77
N GLY H 160 -7.63 -113.94 -79.46
CA GLY H 160 -7.18 -114.40 -80.78
C GLY H 160 -6.94 -113.23 -81.72
N GLU H 161 -5.81 -113.24 -82.42
CA GLU H 161 -5.40 -112.14 -83.34
C GLU H 161 -6.43 -112.00 -84.46
N LYS H 162 -6.94 -113.13 -84.97
CA LYS H 162 -7.80 -113.13 -86.17
C LYS H 162 -9.06 -112.31 -85.90
N GLU H 163 -9.62 -112.42 -84.69
CA GLU H 163 -10.87 -111.67 -84.39
C GLU H 163 -11.11 -111.65 -82.87
N GLN H 164 -11.32 -110.44 -82.32
CA GLN H 164 -11.56 -110.29 -80.86
C GLN H 164 -12.73 -109.32 -80.62
N ARG H 165 -13.39 -109.43 -79.47
CA ARG H 165 -14.52 -108.59 -79.10
C ARG H 165 -14.30 -108.18 -77.65
N ILE H 166 -14.05 -106.90 -77.44
CA ILE H 166 -13.85 -106.35 -76.11
C ILE H 166 -14.94 -105.32 -75.85
N LEU H 167 -15.76 -105.61 -74.86
CA LEU H 167 -16.74 -104.69 -74.31
C LEU H 167 -16.00 -103.82 -73.30
N VAL H 168 -16.33 -102.54 -73.26
CA VAL H 168 -15.71 -101.61 -72.33
C VAL H 168 -16.79 -100.70 -71.77
N PHE H 169 -16.96 -100.72 -70.45
CA PHE H 169 -17.82 -99.79 -69.74
C PHE H 169 -16.92 -98.78 -69.05
N ASP H 170 -16.89 -97.57 -69.58
CA ASP H 170 -16.24 -96.45 -68.92
C ASP H 170 -17.32 -95.76 -68.11
N LEU H 171 -17.07 -95.65 -66.81
CA LEU H 171 -17.72 -94.66 -65.97
C LEU H 171 -16.60 -94.01 -65.17
N GLY H 172 -16.07 -92.92 -65.70
CA GLY H 172 -15.35 -91.97 -64.90
C GLY H 172 -16.35 -91.31 -63.99
N GLY H 173 -15.84 -90.53 -63.04
CA GLY H 173 -16.75 -89.80 -62.18
C GLY H 173 -17.60 -88.80 -62.95
N GLY H 174 -17.19 -88.43 -64.16
CA GLY H 174 -17.95 -87.46 -64.93
C GLY H 174 -18.20 -87.83 -66.38
N THR H 175 -18.13 -89.12 -66.72
CA THR H 175 -18.28 -89.55 -68.09
C THR H 175 -18.76 -90.99 -68.12
N PHE H 176 -19.61 -91.31 -69.10
CA PHE H 176 -20.00 -92.68 -69.35
C PHE H 176 -19.90 -93.01 -70.82
N ASP H 177 -19.28 -94.16 -71.12
CA ASP H 177 -19.11 -94.65 -72.49
C ASP H 177 -19.27 -96.16 -72.50
N VAL H 178 -20.26 -96.66 -73.22
CA VAL H 178 -20.31 -98.05 -73.66
C VAL H 178 -19.51 -98.12 -74.95
N SER H 179 -18.65 -99.12 -75.08
CA SER H 179 -17.88 -99.30 -76.30
C SER H 179 -17.72 -100.77 -76.59
N LEU H 180 -17.81 -101.14 -77.87
CA LEU H 180 -17.53 -102.50 -78.31
C LEU H 180 -16.44 -102.44 -79.38
N LEU H 181 -15.48 -103.34 -79.24
CA LEU H 181 -14.18 -103.22 -79.88
C LEU H 181 -13.84 -104.48 -80.65
N GLU H 182 -13.75 -104.35 -81.97
CA GLU H 182 -13.15 -105.36 -82.83
C GLU H 182 -11.68 -105.04 -82.95
N ILE H 183 -10.83 -105.95 -82.50
CA ILE H 183 -9.39 -105.72 -82.43
C ILE H 183 -8.68 -106.86 -83.14
N GLY H 184 -7.58 -106.56 -83.83
CA GLY H 184 -6.80 -107.59 -84.49
C GLY H 184 -5.51 -107.05 -85.07
N GLU H 185 -4.52 -107.94 -85.17
CA GLU H 185 -3.22 -107.62 -85.78
C GLU H 185 -2.48 -106.55 -85.00
N GLY H 186 -2.77 -106.42 -83.71
CA GLY H 186 -2.32 -105.25 -82.98
C GLY H 186 -2.96 -103.95 -83.43
N VAL H 187 -4.01 -104.02 -84.24
CA VAL H 187 -4.72 -102.85 -84.75
C VAL H 187 -6.15 -102.91 -84.20
N VAL H 188 -6.68 -101.76 -83.83
CA VAL H 188 -7.88 -101.67 -83.01
C VAL H 188 -8.94 -100.88 -83.75
N GLU H 189 -10.18 -101.33 -83.63
CA GLU H 189 -11.36 -100.56 -83.95
C GLU H 189 -12.31 -100.65 -82.77
N VAL H 190 -12.71 -99.51 -82.22
CA VAL H 190 -13.89 -99.49 -81.39
C VAL H 190 -15.09 -99.59 -82.33
N ARG H 191 -15.59 -100.81 -82.50
CA ARG H 191 -16.64 -101.09 -83.49
C ARG H 191 -17.85 -100.21 -83.28
N ALA H 192 -18.20 -99.97 -82.02
CA ALA H 192 -19.42 -99.27 -81.68
C ALA H 192 -19.19 -98.48 -80.40
N THR H 193 -19.99 -97.43 -80.22
CA THR H 193 -19.90 -96.61 -79.02
C THR H 193 -21.24 -95.95 -78.76
N SER H 194 -21.63 -95.95 -77.48
CA SER H 194 -22.72 -95.17 -76.96
C SER H 194 -22.29 -94.71 -75.59
N GLY H 195 -23.24 -94.21 -74.83
CA GLY H 195 -22.98 -93.91 -73.44
C GLY H 195 -23.82 -92.77 -72.97
N ASP H 196 -23.28 -92.04 -72.01
CA ASP H 196 -23.89 -90.84 -71.48
C ASP H 196 -22.74 -89.93 -71.09
N ASN H 197 -22.43 -89.00 -71.97
CA ASN H 197 -21.28 -88.14 -71.75
C ASN H 197 -21.49 -87.18 -70.58
N HIS H 198 -22.73 -87.04 -70.10
CA HIS H 198 -23.03 -86.23 -68.92
C HIS H 198 -22.97 -87.04 -67.64
N LEU H 199 -23.25 -88.33 -67.71
CA LEU H 199 -23.29 -89.20 -66.55
C LEU H 199 -21.85 -89.50 -66.14
N GLY H 200 -21.64 -89.71 -64.86
CA GLY H 200 -20.38 -90.19 -64.33
C GLY H 200 -20.66 -90.61 -62.91
N GLY H 201 -19.68 -91.26 -62.29
CA GLY H 201 -19.86 -91.60 -60.90
C GLY H 201 -19.91 -90.42 -59.95
N ASP H 202 -19.60 -89.23 -60.43
CA ASP H 202 -19.80 -88.02 -59.66
C ASP H 202 -21.16 -87.44 -59.96
N ASP H 203 -21.77 -87.80 -61.08
CA ASP H 203 -23.22 -87.69 -61.17
C ASP H 203 -23.89 -88.64 -60.20
N TRP H 204 -23.38 -89.87 -60.08
CA TRP H 204 -23.85 -90.77 -59.04
C TRP H 204 -23.69 -90.12 -57.66
N ASP H 205 -22.52 -89.52 -57.41
CA ASP H 205 -22.30 -88.81 -56.15
C ASP H 205 -23.26 -87.64 -56.01
N GLN H 206 -23.65 -87.03 -57.13
CA GLN H 206 -24.54 -85.89 -57.03
C GLN H 206 -25.93 -86.35 -56.64
N ARG H 207 -26.40 -87.48 -57.17
CA ARG H 207 -27.63 -88.07 -56.67
C ARG H 207 -27.53 -88.40 -55.20
N VAL H 208 -26.36 -88.91 -54.79
CA VAL H 208 -26.15 -89.19 -53.38
C VAL H 208 -26.35 -87.94 -52.55
N VAL H 209 -25.67 -86.86 -52.90
CA VAL H 209 -25.75 -85.62 -52.14
C VAL H 209 -27.17 -85.07 -52.17
N ASP H 210 -27.87 -85.25 -53.29
CA ASP H 210 -29.29 -84.92 -53.34
C ASP H 210 -30.02 -85.61 -52.20
N TRP H 211 -29.89 -86.93 -52.12
CA TRP H 211 -30.54 -87.66 -51.03
C TRP H 211 -30.07 -87.18 -49.67
N LEU H 212 -28.78 -86.90 -49.54
CA LEU H 212 -28.23 -86.48 -48.26
C LEU H 212 -28.99 -85.28 -47.72
N VAL H 213 -29.07 -84.23 -48.53
CA VAL H 213 -29.76 -83.05 -48.06
C VAL H 213 -31.28 -83.27 -48.07
N ASP H 214 -31.75 -84.24 -48.87
CA ASP H 214 -33.18 -84.56 -48.88
C ASP H 214 -33.63 -84.99 -47.50
N LYS H 215 -32.87 -85.88 -46.87
CA LYS H 215 -33.29 -86.39 -45.57
C LYS H 215 -32.78 -85.51 -44.44
N PHE H 216 -31.73 -84.73 -44.70
CA PHE H 216 -31.42 -83.59 -43.84
C PHE H 216 -32.65 -82.73 -43.62
N LYS H 217 -33.30 -82.31 -44.71
CA LYS H 217 -34.52 -81.53 -44.57
C LYS H 217 -35.71 -82.40 -44.22
N GLY H 218 -35.62 -83.71 -44.48
CA GLY H 218 -36.65 -84.63 -44.03
C GLY H 218 -36.85 -84.57 -42.53
N THR H 219 -35.76 -84.60 -41.78
CA THR H 219 -35.89 -84.46 -40.33
C THR H 219 -36.02 -83.00 -39.91
N SER H 220 -35.01 -82.17 -40.23
CA SER H 220 -34.89 -80.87 -39.57
C SER H 220 -35.34 -79.70 -40.43
N GLY H 221 -34.83 -79.61 -41.67
CA GLY H 221 -35.27 -78.60 -42.61
C GLY H 221 -34.23 -77.56 -42.99
N ILE H 222 -32.95 -77.91 -43.07
CA ILE H 222 -31.89 -77.03 -43.55
C ILE H 222 -31.32 -77.59 -44.83
N ASP H 223 -30.92 -76.70 -45.73
CA ASP H 223 -30.40 -77.06 -47.04
C ASP H 223 -28.93 -76.67 -47.08
N LEU H 224 -28.07 -77.62 -47.44
CA LEU H 224 -26.66 -77.32 -47.62
C LEU H 224 -26.39 -76.67 -48.97
N THR H 225 -27.40 -76.55 -49.83
CA THR H 225 -27.30 -75.58 -50.91
C THR H 225 -27.05 -74.19 -50.36
N LYS H 226 -27.64 -73.89 -49.19
CA LYS H 226 -27.46 -72.60 -48.56
C LYS H 226 -26.03 -72.38 -48.08
N ASP H 227 -25.19 -73.42 -48.05
CA ASP H 227 -23.82 -73.34 -47.59
C ASP H 227 -22.88 -73.97 -48.60
N LYS H 228 -21.98 -73.14 -49.15
CA LYS H 228 -21.10 -73.60 -50.22
C LYS H 228 -20.09 -74.63 -49.73
N MET H 229 -19.48 -74.38 -48.58
CA MET H 229 -18.54 -75.35 -48.03
C MET H 229 -19.26 -76.65 -47.71
N ALA H 230 -20.54 -76.57 -47.35
CA ALA H 230 -21.32 -77.78 -47.13
C ALA H 230 -21.50 -78.54 -48.42
N MET H 231 -21.66 -77.82 -49.53
CA MET H 231 -21.75 -78.49 -50.82
C MET H 231 -20.44 -79.18 -51.18
N GLN H 232 -19.31 -78.50 -50.97
CA GLN H 232 -18.01 -79.13 -51.15
C GLN H 232 -17.89 -80.38 -50.31
N ARG H 233 -18.32 -80.30 -49.06
CA ARG H 233 -18.17 -81.43 -48.14
C ARG H 233 -19.06 -82.60 -48.58
N LEU H 234 -20.31 -82.31 -48.95
CA LEU H 234 -21.19 -83.35 -49.45
C LEU H 234 -20.59 -84.02 -50.68
N ARG H 235 -20.06 -83.22 -51.61
CA ARG H 235 -19.50 -83.75 -52.84
C ARG H 235 -18.31 -84.66 -52.56
N GLU H 236 -17.40 -84.19 -51.71
CA GLU H 236 -16.21 -84.98 -51.41
C GLU H 236 -16.57 -86.27 -50.68
N ALA H 237 -17.40 -86.16 -49.64
CA ALA H 237 -17.83 -87.34 -48.91
C ALA H 237 -18.60 -88.29 -49.81
N ALA H 238 -19.28 -87.74 -50.83
CA ALA H 238 -20.07 -88.59 -51.72
C ALA H 238 -19.18 -89.37 -52.67
N GLU H 239 -18.12 -88.76 -53.20
CA GLU H 239 -17.22 -89.55 -54.05
C GLU H 239 -16.42 -90.53 -53.23
N LYS H 240 -16.06 -90.16 -52.01
CA LYS H 240 -15.30 -91.13 -51.23
C LYS H 240 -16.23 -92.21 -50.70
N ALA H 241 -17.52 -91.93 -50.61
CA ALA H 241 -18.50 -92.99 -50.43
C ALA H 241 -18.65 -93.83 -51.70
N LYS H 242 -18.43 -93.23 -52.87
CA LYS H 242 -18.40 -94.02 -54.10
C LYS H 242 -17.31 -95.07 -54.02
N ILE H 243 -16.07 -94.63 -53.83
CA ILE H 243 -14.97 -95.59 -53.79
C ILE H 243 -15.07 -96.48 -52.56
N GLU H 244 -15.77 -96.02 -51.51
CA GLU H 244 -16.08 -96.90 -50.40
C GLU H 244 -16.99 -98.03 -50.84
N LEU H 245 -18.18 -97.70 -51.33
CA LEU H 245 -19.16 -98.69 -51.72
C LEU H 245 -18.86 -99.30 -53.07
N SER H 246 -17.69 -99.04 -53.64
CA SER H 246 -17.16 -99.92 -54.65
C SER H 246 -16.67 -101.22 -54.05
N SER H 247 -16.52 -101.28 -52.73
CA SER H 247 -16.21 -102.47 -51.96
C SER H 247 -17.22 -102.73 -50.86
N SER H 248 -17.77 -101.69 -50.25
CA SER H 248 -18.61 -101.82 -49.08
C SER H 248 -20.09 -101.87 -49.45
N GLN H 249 -20.81 -102.77 -48.80
CA GLN H 249 -22.26 -102.82 -48.89
C GLN H 249 -22.93 -101.56 -48.41
N SER H 250 -22.28 -100.81 -47.52
CA SER H 250 -22.95 -99.77 -46.77
C SER H 250 -21.88 -98.95 -46.06
N THR H 251 -22.10 -97.65 -46.00
CA THR H 251 -21.15 -96.71 -45.44
C THR H 251 -21.91 -95.62 -44.71
N SER H 252 -21.64 -95.48 -43.42
CA SER H 252 -22.27 -94.46 -42.61
C SER H 252 -21.40 -93.22 -42.65
N ILE H 253 -22.04 -92.07 -42.87
CA ILE H 253 -21.36 -90.80 -43.01
C ILE H 253 -21.93 -89.85 -41.97
N ASN H 254 -21.07 -88.98 -41.46
CA ASN H 254 -21.33 -88.18 -40.28
C ASN H 254 -20.46 -86.94 -40.41
N LEU H 255 -20.95 -85.82 -39.88
CA LEU H 255 -20.19 -84.58 -39.87
C LEU H 255 -20.50 -83.80 -38.60
N PRO H 256 -19.50 -83.34 -37.82
CA PRO H 256 -19.81 -82.38 -36.75
C PRO H 256 -20.35 -81.09 -37.31
N TYR H 257 -20.75 -80.21 -36.38
CA TYR H 257 -21.35 -78.86 -36.60
C TYR H 257 -21.37 -78.49 -38.09
N ILE H 258 -22.47 -77.93 -38.60
CA ILE H 258 -22.61 -77.48 -40.03
C ILE H 258 -23.33 -76.12 -40.06
N THR H 259 -24.63 -76.07 -39.70
CA THR H 259 -25.47 -74.84 -39.66
C THR H 259 -26.36 -74.90 -38.42
N VAL H 260 -27.04 -73.79 -38.08
CA VAL H 260 -27.95 -73.67 -36.90
C VAL H 260 -29.36 -74.07 -37.33
N ASP H 261 -30.11 -74.76 -36.47
CA ASP H 261 -31.46 -75.25 -36.90
C ASP H 261 -32.51 -74.83 -35.87
N ALA H 262 -33.61 -74.23 -36.35
CA ALA H 262 -34.72 -73.82 -35.45
C ALA H 262 -34.15 -72.95 -34.34
N ASP H 263 -34.30 -73.37 -33.08
CA ASP H 263 -34.02 -72.41 -31.96
C ASP H 263 -32.60 -71.84 -31.93
N LYS H 264 -31.54 -72.68 -31.93
CA LYS H 264 -30.09 -72.31 -31.86
C LYS H 264 -29.22 -73.55 -31.61
N ASN H 265 -29.39 -74.63 -32.39
CA ASN H 265 -28.52 -75.81 -32.12
C ASN H 265 -27.61 -76.07 -33.33
N PRO H 266 -26.27 -75.94 -33.21
CA PRO H 266 -25.39 -76.27 -34.34
C PRO H 266 -25.59 -77.72 -34.81
N LEU H 267 -26.44 -77.91 -35.83
CA LEU H 267 -26.79 -79.25 -36.40
C LEU H 267 -25.56 -79.87 -37.09
N PHE H 268 -25.53 -81.21 -37.16
CA PHE H 268 -24.46 -82.03 -37.79
C PHE H 268 -25.12 -83.05 -38.72
N LEU H 269 -24.41 -84.14 -39.05
CA LEU H 269 -24.91 -85.20 -39.91
C LEU H 269 -24.54 -86.52 -39.26
N ASP H 270 -25.42 -87.52 -39.31
CA ASP H 270 -25.05 -88.87 -38.87
C ASP H 270 -26.09 -89.87 -39.38
N GLU H 271 -25.68 -90.75 -40.31
CA GLU H 271 -26.53 -91.89 -40.64
C GLU H 271 -25.82 -92.86 -41.56
N GLN H 272 -26.31 -94.10 -41.58
CA GLN H 272 -25.91 -95.14 -42.53
C GLN H 272 -26.35 -94.79 -43.94
N LEU H 273 -25.59 -95.25 -44.93
CA LEU H 273 -26.07 -95.52 -46.28
C LEU H 273 -25.94 -97.01 -46.52
N THR H 274 -26.94 -97.58 -47.20
CA THR H 274 -26.83 -98.93 -47.73
C THR H 274 -26.76 -98.87 -49.25
N ARG H 275 -25.79 -99.60 -49.83
CA ARG H 275 -25.54 -99.52 -51.26
C ARG H 275 -26.76 -99.95 -52.08
N ALA H 276 -27.67 -100.74 -51.49
CA ALA H 276 -28.95 -100.99 -52.13
C ALA H 276 -29.64 -99.67 -52.47
N GLU H 277 -29.73 -98.78 -51.49
CA GLU H 277 -30.29 -97.46 -51.74
C GLU H 277 -29.47 -96.69 -52.75
N PHE H 278 -28.17 -96.95 -52.83
CA PHE H 278 -27.34 -96.25 -53.81
C PHE H 278 -27.71 -96.65 -55.22
N GLN H 279 -27.77 -97.94 -55.49
CA GLN H 279 -28.13 -98.39 -56.83
C GLN H 279 -29.59 -98.08 -57.14
N ARG H 280 -30.42 -97.95 -56.10
CA ARG H 280 -31.75 -97.38 -56.30
C ARG H 280 -31.66 -95.93 -56.73
N ILE H 281 -30.66 -95.20 -56.20
CA ILE H 281 -30.59 -93.76 -56.39
C ILE H 281 -30.03 -93.45 -57.76
N THR H 282 -29.08 -94.26 -58.23
CA THR H 282 -28.56 -94.15 -59.58
C THR H 282 -29.40 -94.92 -60.58
N GLN H 283 -30.63 -95.30 -60.19
CA GLN H 283 -31.42 -96.21 -61.02
C GLN H 283 -31.71 -95.63 -62.39
N ASP H 284 -32.08 -94.36 -62.45
CA ASP H 284 -32.21 -93.72 -63.76
C ASP H 284 -30.85 -93.36 -64.30
N LEU H 285 -29.87 -93.16 -63.43
CA LEU H 285 -28.50 -93.09 -63.91
C LEU H 285 -28.01 -94.45 -64.37
N LEU H 286 -28.66 -95.52 -63.93
CA LEU H 286 -28.37 -96.85 -64.45
C LEU H 286 -29.14 -97.12 -65.73
N ASP H 287 -30.29 -96.47 -65.90
CA ASP H 287 -30.97 -96.48 -67.20
C ASP H 287 -30.21 -95.65 -68.21
N ARG H 288 -29.48 -94.65 -67.74
CA ARG H 288 -28.56 -93.87 -68.55
C ARG H 288 -27.34 -94.67 -69.01
N THR H 289 -27.22 -95.95 -68.62
CA THR H 289 -26.15 -96.82 -69.07
C THR H 289 -26.66 -98.01 -69.88
N ARG H 290 -27.89 -98.45 -69.65
CA ARG H 290 -28.37 -99.69 -70.26
C ARG H 290 -28.62 -99.52 -71.75
N LYS H 291 -29.59 -98.69 -72.10
CA LYS H 291 -29.94 -98.48 -73.50
C LYS H 291 -28.78 -97.90 -74.30
N PRO H 292 -27.84 -97.17 -73.68
CA PRO H 292 -26.54 -97.02 -74.33
C PRO H 292 -25.93 -98.34 -74.73
N PHE H 293 -25.90 -99.30 -73.81
CA PHE H 293 -25.31 -100.59 -74.14
C PHE H 293 -26.17 -101.33 -75.15
N GLN H 294 -27.49 -101.16 -75.09
CA GLN H 294 -28.34 -101.72 -76.13
C GLN H 294 -28.00 -101.12 -77.49
N SER H 295 -27.66 -99.83 -77.51
CA SER H 295 -27.30 -99.20 -78.76
C SER H 295 -25.99 -99.71 -79.30
N VAL H 296 -24.98 -99.86 -78.43
CA VAL H 296 -23.71 -100.40 -78.88
C VAL H 296 -23.88 -101.85 -79.33
N ILE H 297 -24.75 -102.59 -78.64
CA ILE H 297 -25.08 -103.96 -79.03
C ILE H 297 -25.63 -103.97 -80.44
N ALA H 298 -26.66 -103.18 -80.69
CA ALA H 298 -27.27 -103.13 -82.02
C ALA H 298 -26.27 -102.63 -83.05
N ASP H 299 -25.39 -101.72 -82.66
CA ASP H 299 -24.35 -101.24 -83.56
C ASP H 299 -23.44 -102.37 -83.98
N THR H 300 -23.07 -103.22 -83.03
CA THR H 300 -22.25 -104.40 -83.31
C THR H 300 -23.09 -105.61 -83.69
N GLY H 301 -24.35 -105.66 -83.27
CA GLY H 301 -25.17 -106.85 -83.43
C GLY H 301 -24.59 -108.09 -82.83
N ILE H 302 -23.83 -107.97 -81.74
CA ILE H 302 -23.08 -109.07 -81.15
C ILE H 302 -23.81 -109.60 -79.93
N SER H 303 -23.83 -110.91 -79.79
CA SER H 303 -24.29 -111.53 -78.56
C SER H 303 -23.25 -111.32 -77.46
N VAL H 304 -23.73 -111.01 -76.26
CA VAL H 304 -22.85 -110.78 -75.13
C VAL H 304 -22.02 -112.01 -74.80
N SER H 305 -22.53 -113.20 -75.13
CA SER H 305 -21.73 -114.42 -75.04
C SER H 305 -20.53 -114.40 -75.98
N GLU H 306 -20.72 -113.94 -77.21
CA GLU H 306 -19.63 -113.85 -78.18
C GLU H 306 -18.54 -112.89 -77.76
N ILE H 307 -18.82 -111.99 -76.83
CA ILE H 307 -17.82 -111.02 -76.40
C ILE H 307 -16.70 -111.79 -75.71
N ASP H 308 -15.48 -111.43 -76.05
CA ASP H 308 -14.31 -112.21 -75.65
C ASP H 308 -13.67 -111.64 -74.40
N HIS H 309 -13.86 -110.34 -74.15
CA HIS H 309 -13.56 -109.75 -72.85
C HIS H 309 -14.54 -108.62 -72.59
N VAL H 310 -14.81 -108.36 -71.31
CA VAL H 310 -15.46 -107.12 -70.88
C VAL H 310 -14.46 -106.37 -70.03
N VAL H 311 -14.66 -105.07 -69.87
CA VAL H 311 -13.72 -104.20 -69.19
C VAL H 311 -14.48 -103.15 -68.39
N LEU H 312 -13.93 -102.79 -67.23
CA LEU H 312 -14.44 -101.73 -66.37
C LEU H 312 -13.36 -100.66 -66.23
N VAL H 313 -13.64 -99.45 -66.75
CA VAL H 313 -12.69 -98.34 -66.69
C VAL H 313 -13.39 -97.12 -66.15
N GLY H 314 -12.59 -96.16 -65.67
CA GLY H 314 -13.13 -95.00 -65.01
C GLY H 314 -13.48 -95.45 -63.62
N GLY H 315 -13.02 -94.72 -62.61
CA GLY H 315 -13.03 -95.23 -61.26
C GLY H 315 -14.40 -95.61 -60.75
N SER H 316 -15.44 -95.02 -61.31
CA SER H 316 -16.79 -95.32 -60.89
C SER H 316 -17.28 -96.65 -61.43
N THR H 317 -16.43 -97.42 -62.11
CA THR H 317 -16.70 -98.80 -62.44
C THR H 317 -15.98 -99.76 -61.52
N ARG H 318 -15.25 -99.25 -60.52
CA ARG H 318 -15.05 -100.04 -59.33
C ARG H 318 -16.38 -100.44 -58.72
N MET H 319 -17.39 -99.59 -58.88
CA MET H 319 -18.70 -99.81 -58.31
C MET H 319 -19.27 -101.15 -58.74
N PRO H 320 -20.00 -101.85 -57.85
CA PRO H 320 -20.64 -103.08 -58.28
C PRO H 320 -22.03 -102.84 -58.82
N ALA H 321 -22.56 -101.62 -58.74
CA ALA H 321 -23.71 -101.29 -59.56
C ALA H 321 -23.35 -101.42 -61.03
N VAL H 322 -22.18 -100.92 -61.38
CA VAL H 322 -21.64 -101.09 -62.72
C VAL H 322 -21.56 -102.57 -63.07
N THR H 323 -20.89 -103.34 -62.22
CA THR H 323 -20.66 -104.74 -62.54
C THR H 323 -21.95 -105.55 -62.47
N ASP H 324 -22.91 -105.08 -61.67
CA ASP H 324 -24.23 -105.70 -61.62
C ASP H 324 -24.94 -105.56 -62.94
N LEU H 325 -25.06 -104.33 -63.44
CA LEU H 325 -25.74 -104.14 -64.72
C LEU H 325 -24.92 -104.75 -65.85
N VAL H 326 -23.60 -104.86 -65.66
CA VAL H 326 -22.77 -105.60 -66.61
C VAL H 326 -23.25 -107.03 -66.70
N LYS H 327 -23.17 -107.76 -65.59
CA LYS H 327 -23.46 -109.19 -65.63
C LYS H 327 -24.93 -109.46 -65.90
N GLU H 328 -25.79 -108.47 -65.62
CA GLU H 328 -27.16 -108.53 -66.11
C GLU H 328 -27.20 -108.48 -67.63
N LEU H 329 -26.69 -107.39 -68.20
CA LEU H 329 -26.82 -107.18 -69.64
C LEU H 329 -25.85 -108.05 -70.41
N THR H 330 -24.66 -108.27 -69.88
CA THR H 330 -23.63 -109.06 -70.56
C THR H 330 -23.83 -110.55 -70.40
N GLY H 331 -25.00 -110.99 -69.97
CA GLY H 331 -25.23 -112.40 -69.74
C GLY H 331 -24.36 -112.99 -68.66
N GLY H 332 -23.88 -112.16 -67.75
CA GLY H 332 -22.98 -112.61 -66.70
C GLY H 332 -21.51 -112.52 -67.04
N LYS H 333 -21.15 -111.89 -68.16
CA LYS H 333 -19.75 -111.88 -68.57
C LYS H 333 -18.93 -111.02 -67.61
N GLU H 334 -17.91 -111.64 -67.01
CA GLU H 334 -17.08 -110.96 -66.03
C GLU H 334 -16.07 -110.07 -66.75
N PRO H 335 -16.05 -108.76 -66.49
CA PRO H 335 -14.95 -107.95 -67.00
C PRO H 335 -13.62 -108.29 -66.34
N ASN H 336 -12.57 -108.08 -67.12
CA ASN H 336 -11.23 -108.45 -66.68
C ASN H 336 -10.72 -107.47 -65.65
N LYS H 337 -9.95 -107.96 -64.68
CA LYS H 337 -9.51 -107.19 -63.53
C LYS H 337 -8.01 -107.36 -63.32
N GLY H 338 -7.42 -106.43 -62.58
CA GLY H 338 -5.98 -106.33 -62.44
C GLY H 338 -5.44 -104.91 -62.35
N VAL H 339 -6.26 -103.91 -62.64
CA VAL H 339 -5.87 -102.50 -62.60
C VAL H 339 -7.08 -101.71 -62.13
N ASN H 340 -6.83 -100.63 -61.40
CA ASN H 340 -7.93 -99.79 -60.93
C ASN H 340 -8.57 -99.12 -62.14
N PRO H 341 -9.91 -99.06 -62.22
CA PRO H 341 -10.55 -98.56 -63.45
C PRO H 341 -10.10 -97.16 -63.87
N ASP H 342 -9.89 -96.27 -62.92
CA ASP H 342 -9.16 -95.04 -63.22
C ASP H 342 -7.77 -95.33 -63.76
N GLU H 343 -7.04 -96.24 -63.12
CA GLU H 343 -5.71 -96.59 -63.58
C GLU H 343 -5.72 -97.34 -64.90
N VAL H 344 -6.82 -98.02 -65.21
CA VAL H 344 -6.86 -98.95 -66.35
C VAL H 344 -6.42 -98.27 -67.63
N VAL H 345 -7.17 -97.26 -68.07
CA VAL H 345 -6.90 -96.69 -69.39
C VAL H 345 -5.55 -96.00 -69.40
N ALA H 346 -5.15 -95.41 -68.28
CA ALA H 346 -3.81 -94.83 -68.20
C ALA H 346 -2.76 -95.90 -68.32
N VAL H 347 -2.95 -97.01 -67.61
CA VAL H 347 -2.04 -98.14 -67.67
C VAL H 347 -1.89 -98.63 -69.11
N GLY H 348 -3.00 -98.93 -69.77
CA GLY H 348 -2.92 -99.53 -71.10
C GLY H 348 -2.44 -98.54 -72.15
N ALA H 349 -2.80 -97.27 -72.01
CA ALA H 349 -2.18 -96.26 -72.86
C ALA H 349 -0.67 -96.25 -72.65
N ALA H 350 -0.22 -96.46 -71.41
CA ALA H 350 1.20 -96.53 -71.16
C ALA H 350 1.80 -97.75 -71.84
N LEU H 351 1.06 -98.85 -71.85
CA LEU H 351 1.50 -100.04 -72.57
C LEU H 351 1.67 -99.74 -74.05
N GLN H 352 0.75 -98.97 -74.63
CA GLN H 352 0.94 -98.52 -76.01
C GLN H 352 2.21 -97.69 -76.13
N ALA H 353 2.44 -96.79 -75.17
CA ALA H 353 3.67 -96.00 -75.18
C ALA H 353 4.89 -96.89 -75.27
N GLY H 354 5.00 -97.84 -74.35
CA GLY H 354 6.12 -98.77 -74.37
C GLY H 354 6.19 -99.57 -75.66
N VAL H 355 5.04 -99.87 -76.25
CA VAL H 355 5.03 -100.52 -77.55
C VAL H 355 5.65 -99.60 -78.59
N LEU H 356 5.50 -98.28 -78.40
CA LEU H 356 6.23 -97.34 -79.26
C LEU H 356 7.69 -97.26 -78.86
N LYS H 357 7.99 -97.34 -77.57
CA LYS H 357 9.33 -97.05 -77.10
C LYS H 357 10.20 -98.29 -77.26
N MET I 1 52.07 -89.76 38.29
CA MET I 1 50.62 -90.07 38.12
C MET I 1 50.44 -91.12 37.05
N ALA I 2 49.24 -91.66 36.97
CA ALA I 2 48.79 -92.21 35.71
C ALA I 2 48.94 -91.14 34.64
N ARG I 3 49.61 -91.51 33.56
CA ARG I 3 49.77 -90.63 32.41
C ARG I 3 48.43 -90.34 31.72
N ALA I 4 47.35 -91.01 32.12
CA ALA I 4 46.01 -90.74 31.64
C ALA I 4 45.13 -90.41 32.82
N VAL I 5 43.86 -90.17 32.51
CA VAL I 5 42.83 -89.77 33.46
C VAL I 5 41.60 -90.58 33.18
N GLY I 6 40.51 -90.26 33.88
CA GLY I 6 39.18 -90.70 33.53
C GLY I 6 38.23 -89.54 33.54
N ILE I 7 37.19 -89.61 32.72
CA ILE I 7 36.29 -88.50 32.49
C ILE I 7 34.86 -89.01 32.50
N ASP I 8 34.15 -88.69 33.57
CA ASP I 8 32.69 -88.79 33.59
C ASP I 8 32.20 -87.52 32.93
N LEU I 9 32.23 -87.49 31.61
CA LEU I 9 31.69 -86.32 30.92
C LEU I 9 30.18 -86.42 31.07
N GLY I 10 29.67 -85.96 32.22
CA GLY I 10 28.24 -86.04 32.50
C GLY I 10 27.41 -85.37 31.43
N THR I 11 26.10 -85.63 31.49
CA THR I 11 25.20 -84.93 30.60
C THR I 11 25.00 -83.50 31.08
N THR I 12 25.16 -83.29 32.37
CA THR I 12 25.28 -81.96 32.96
C THR I 12 26.48 -81.84 33.88
N ASN I 13 27.21 -82.92 34.13
CA ASN I 13 28.30 -82.93 35.11
C ASN I 13 29.55 -83.49 34.44
N SER I 14 30.29 -82.66 33.72
CA SER I 14 31.54 -83.08 33.11
C SER I 14 32.66 -83.00 34.13
N VAL I 15 33.14 -84.17 34.55
CA VAL I 15 34.11 -84.32 35.63
C VAL I 15 35.28 -85.14 35.10
N VAL I 16 36.48 -84.83 35.58
CA VAL I 16 37.69 -85.51 35.18
C VAL I 16 38.54 -85.77 36.43
N SER I 17 38.85 -87.05 36.66
CA SER I 17 39.71 -87.46 37.77
C SER I 17 41.02 -88.02 37.25
N VAL I 18 42.11 -87.66 37.94
CA VAL I 18 43.44 -88.16 37.65
C VAL I 18 43.83 -89.06 38.81
N LEU I 19 45.03 -89.61 38.73
CA LEU I 19 45.55 -90.52 39.74
C LEU I 19 46.85 -89.99 40.29
N GLU I 20 46.78 -89.41 41.49
CA GLU I 20 47.97 -89.05 42.25
C GLU I 20 48.58 -90.35 42.77
N GLY I 21 49.42 -90.94 41.93
CA GLY I 21 50.03 -92.22 42.24
C GLY I 21 49.03 -93.32 42.48
N GLY I 22 47.87 -93.27 41.82
CA GLY I 22 46.79 -94.18 42.05
C GLY I 22 45.69 -93.64 42.95
N ASP I 23 45.97 -92.59 43.71
CA ASP I 23 44.96 -91.94 44.54
C ASP I 23 44.02 -91.17 43.63
N PRO I 24 42.73 -91.48 43.58
CA PRO I 24 41.86 -90.76 42.64
C PRO I 24 41.64 -89.33 43.08
N VAL I 25 42.30 -88.42 42.37
CA VAL I 25 42.23 -86.98 42.64
C VAL I 25 41.38 -86.36 41.57
N VAL I 26 40.18 -85.94 41.94
CA VAL I 26 39.34 -85.21 41.01
C VAL I 26 39.86 -83.78 40.95
N VAL I 27 40.33 -83.39 39.77
CA VAL I 27 41.02 -82.12 39.63
C VAL I 27 40.00 -80.99 39.65
N ALA I 28 40.25 -79.99 40.49
CA ALA I 28 39.53 -78.75 40.38
C ALA I 28 39.80 -78.14 39.01
N ASN I 29 38.71 -77.91 38.28
CA ASN I 29 38.78 -77.16 37.03
C ASN I 29 39.42 -75.80 37.28
N SER I 30 39.92 -75.20 36.21
CA SER I 30 40.29 -73.78 36.26
C SER I 30 39.09 -72.91 36.64
N GLU I 31 37.87 -73.38 36.35
CA GLU I 31 36.65 -72.82 36.90
C GLU I 31 36.54 -72.99 38.41
N GLY I 32 37.41 -73.78 39.04
CA GLY I 32 37.38 -74.06 40.44
C GLY I 32 36.58 -75.31 40.79
N SER I 33 35.37 -75.42 40.28
CA SER I 33 34.56 -76.61 40.46
C SER I 33 35.17 -77.75 39.67
N ARG I 34 35.50 -78.84 40.37
CA ARG I 34 36.00 -80.04 39.70
C ARG I 34 35.03 -80.54 38.65
N THR I 35 33.74 -80.38 38.87
CA THR I 35 32.73 -80.61 37.85
C THR I 35 32.68 -79.41 36.94
N THR I 36 33.03 -79.62 35.68
CA THR I 36 32.64 -78.71 34.62
C THR I 36 31.18 -79.01 34.29
N PRO I 37 30.25 -78.07 34.41
CA PRO I 37 28.91 -78.33 33.88
C PRO I 37 28.97 -78.66 32.40
N SER I 38 28.42 -79.81 32.04
CA SER I 38 28.46 -80.31 30.67
C SER I 38 27.50 -79.50 29.78
N ILE I 39 27.85 -78.23 29.62
CA ILE I 39 27.09 -77.26 28.84
C ILE I 39 28.11 -76.45 28.07
N VAL I 40 27.78 -76.12 26.83
CA VAL I 40 28.69 -75.44 25.92
C VAL I 40 27.95 -74.25 25.35
N ALA I 41 28.22 -73.06 25.89
CA ALA I 41 27.48 -71.87 25.51
C ALA I 41 28.27 -71.09 24.47
N PHE I 42 27.85 -71.21 23.23
CA PHE I 42 28.49 -70.50 22.13
C PHE I 42 28.07 -69.05 22.28
N ALA I 43 28.82 -68.33 23.12
CA ALA I 43 28.61 -66.91 23.30
C ALA I 43 28.58 -66.21 21.96
N ARG I 44 27.87 -65.09 21.91
CA ARG I 44 27.65 -64.38 20.64
C ARG I 44 28.91 -63.60 20.23
N ASN I 45 30.00 -64.35 20.07
CA ASN I 45 31.31 -63.83 19.73
C ASN I 45 32.06 -64.71 18.74
N GLY I 46 31.61 -65.94 18.49
CA GLY I 46 32.45 -67.02 18.04
C GLY I 46 33.13 -67.76 19.17
N GLU I 47 33.43 -67.07 20.27
CA GLU I 47 33.94 -67.70 21.48
C GLU I 47 32.87 -68.61 22.08
N VAL I 48 33.31 -69.61 22.84
CA VAL I 48 32.44 -70.64 23.39
C VAL I 48 32.82 -70.84 24.85
N LEU I 49 31.93 -70.40 25.75
CA LEU I 49 32.03 -70.78 27.15
C LEU I 49 31.77 -72.27 27.31
N VAL I 50 32.22 -72.80 28.44
CA VAL I 50 31.88 -74.14 28.89
C VAL I 50 31.77 -74.07 30.41
N GLY I 51 30.92 -74.92 30.98
CA GLY I 51 30.83 -75.06 32.42
C GLY I 51 29.80 -74.13 33.00
N GLN I 52 30.01 -73.73 34.25
CA GLN I 52 29.15 -72.69 34.82
C GLN I 52 29.22 -71.38 34.05
N PRO I 53 30.36 -70.98 33.46
CA PRO I 53 30.28 -69.87 32.50
C PRO I 53 29.27 -70.12 31.40
N ALA I 54 29.30 -71.30 30.78
CA ALA I 54 28.31 -71.62 29.77
C ALA I 54 26.93 -71.74 30.37
N LYS I 55 26.84 -72.38 31.54
CA LYS I 55 25.57 -72.59 32.20
C LYS I 55 24.84 -71.28 32.41
N ASN I 56 25.56 -70.26 32.87
CA ASN I 56 25.03 -68.91 33.01
C ASN I 56 24.41 -68.40 31.72
N GLN I 57 24.97 -68.76 30.58
CA GLN I 57 24.45 -68.37 29.28
C GLN I 57 23.51 -69.40 28.69
N ALA I 58 23.05 -70.35 29.50
CA ALA I 58 21.98 -71.23 29.05
C ALA I 58 20.70 -70.46 28.81
N VAL I 59 20.49 -69.36 29.55
CA VAL I 59 19.38 -68.46 29.27
C VAL I 59 19.75 -67.40 28.25
N THR I 60 20.96 -66.89 28.29
CA THR I 60 21.36 -65.78 27.44
C THR I 60 21.72 -66.24 26.05
N ASN I 61 22.55 -67.26 25.93
CA ASN I 61 22.81 -67.96 24.69
C ASN I 61 21.92 -69.19 24.59
N VAL I 62 20.71 -69.08 25.11
CA VAL I 62 19.69 -70.11 24.93
C VAL I 62 19.59 -70.54 23.47
N ASP I 63 19.68 -69.60 22.55
CA ASP I 63 19.68 -69.90 21.13
C ASP I 63 21.03 -70.42 20.63
N ARG I 64 22.07 -70.35 21.46
CA ARG I 64 23.41 -70.77 21.09
C ARG I 64 24.09 -71.58 22.20
N THR I 65 23.35 -72.07 23.18
CA THR I 65 23.90 -72.88 24.26
C THR I 65 23.43 -74.31 24.11
N VAL I 66 24.38 -75.24 24.23
CA VAL I 66 24.17 -76.65 23.99
C VAL I 66 24.21 -77.37 25.33
N ARG I 67 23.17 -78.14 25.62
CA ARG I 67 23.14 -79.02 26.77
C ARG I 67 22.72 -80.41 26.31
N SER I 68 23.36 -81.42 26.89
CA SER I 68 22.99 -82.82 26.68
C SER I 68 23.17 -83.26 25.23
N VAL I 69 24.06 -82.56 24.51
CA VAL I 69 24.65 -83.09 23.29
C VAL I 69 25.33 -84.43 23.52
N LYS I 70 25.69 -84.73 24.78
CA LYS I 70 25.97 -86.09 25.20
C LYS I 70 24.99 -87.07 24.57
N ARG I 71 23.69 -86.86 24.80
CA ARG I 71 22.66 -87.70 24.20
C ARG I 71 22.76 -87.71 22.68
N HIS I 72 23.13 -86.59 22.07
CA HIS I 72 23.23 -86.46 20.62
C HIS I 72 24.65 -86.67 20.11
N MET I 73 25.45 -87.51 20.78
CA MET I 73 26.84 -87.67 20.35
C MET I 73 26.92 -88.38 19.02
N GLY I 74 26.23 -89.51 18.88
CA GLY I 74 26.44 -90.41 17.77
C GLY I 74 26.08 -89.90 16.40
N SER I 75 25.53 -88.71 16.28
CA SER I 75 25.17 -88.11 15.02
C SER I 75 26.11 -86.95 14.71
N ASP I 76 25.95 -86.39 13.51
CA ASP I 76 26.39 -85.04 13.23
C ASP I 76 25.44 -84.02 13.83
N TRP I 77 25.29 -84.01 15.16
CA TRP I 77 24.38 -83.09 15.82
C TRP I 77 24.98 -81.71 15.72
N SER I 78 24.72 -81.07 14.58
CA SER I 78 25.58 -80.01 14.08
C SER I 78 24.85 -78.69 14.21
N ILE I 79 25.32 -77.89 15.16
CA ILE I 79 24.63 -76.68 15.60
C ILE I 79 25.27 -75.51 14.90
N GLU I 80 24.46 -74.76 14.15
CA GLU I 80 24.89 -73.56 13.39
C GLU I 80 25.33 -72.48 14.39
N ILE I 81 26.58 -72.52 14.85
CA ILE I 81 27.16 -71.58 15.85
C ILE I 81 27.95 -70.48 15.11
N ASP I 82 27.26 -69.43 14.65
CA ASP I 82 27.84 -68.24 13.95
C ASP I 82 28.46 -68.64 12.60
N GLY I 83 29.63 -69.30 12.59
CA GLY I 83 30.33 -69.71 11.36
C GLY I 83 29.60 -70.82 10.61
N LYS I 84 29.86 -72.08 10.98
CA LYS I 84 29.25 -73.28 10.37
C LYS I 84 28.53 -74.09 11.46
N LYS I 85 28.19 -75.35 11.15
CA LYS I 85 27.51 -76.25 12.08
C LYS I 85 28.50 -77.16 12.77
N TYR I 86 28.45 -77.15 14.10
CA TYR I 86 29.44 -77.81 14.93
C TYR I 86 28.80 -79.07 15.49
N THR I 87 29.28 -80.22 15.05
CA THR I 87 28.71 -81.51 15.47
C THR I 87 29.01 -81.78 16.93
N ALA I 88 28.33 -82.80 17.46
CA ALA I 88 28.49 -83.17 18.86
C ALA I 88 29.93 -83.49 19.25
N PRO I 89 30.72 -84.20 18.43
CA PRO I 89 32.15 -84.34 18.75
C PRO I 89 32.85 -83.04 19.08
N GLU I 90 32.59 -81.98 18.33
CA GLU I 90 33.32 -80.74 18.56
C GLU I 90 32.78 -79.99 19.78
N ILE I 91 31.48 -80.09 20.04
CA ILE I 91 30.93 -79.48 21.25
C ILE I 91 31.52 -80.17 22.47
N SER I 92 31.67 -81.49 22.40
CA SER I 92 32.37 -82.22 23.46
C SER I 92 33.86 -81.85 23.49
N ALA I 93 34.47 -81.69 22.33
CA ALA I 93 35.88 -81.37 22.24
C ALA I 93 36.19 -80.03 22.86
N ARG I 94 35.23 -79.10 22.83
CA ARG I 94 35.41 -77.83 23.50
C ARG I 94 35.57 -78.03 25.01
N ILE I 95 34.64 -78.74 25.64
CA ILE I 95 34.76 -79.04 27.06
C ILE I 95 36.05 -79.80 27.32
N LEU I 96 36.46 -80.63 26.37
CA LEU I 96 37.68 -81.40 26.55
C LEU I 96 38.90 -80.51 26.49
N MET I 97 38.89 -79.49 25.66
CA MET I 97 40.00 -78.55 25.63
C MET I 97 40.03 -77.72 26.90
N LYS I 98 38.86 -77.35 27.42
CA LYS I 98 38.84 -76.72 28.72
C LYS I 98 39.49 -77.61 29.77
N LEU I 99 38.94 -78.81 29.97
CA LEU I 99 39.48 -79.77 30.95
C LEU I 99 40.95 -80.04 30.69
N LYS I 100 41.35 -80.07 29.42
CA LYS I 100 42.74 -80.27 29.02
C LYS I 100 43.63 -79.22 29.65
N ARG I 101 43.30 -77.95 29.44
CA ARG I 101 44.15 -76.89 29.97
C ARG I 101 43.96 -76.70 31.46
N ASP I 102 42.81 -77.08 32.01
CA ASP I 102 42.67 -77.11 33.47
C ASP I 102 43.64 -78.08 34.09
N ALA I 103 43.77 -79.27 33.50
CA ALA I 103 44.69 -80.27 34.02
C ALA I 103 46.14 -79.89 33.75
N GLU I 104 46.40 -79.31 32.57
CA GLU I 104 47.74 -78.82 32.26
C GLU I 104 48.16 -77.75 33.26
N ALA I 105 47.20 -76.91 33.67
CA ALA I 105 47.46 -75.94 34.73
C ALA I 105 47.70 -76.63 36.06
N TYR I 106 46.88 -77.62 36.37
CA TYR I 106 47.00 -78.36 37.63
C TYR I 106 48.32 -79.13 37.70
N LEU I 107 48.96 -79.35 36.54
CA LEU I 107 50.15 -80.19 36.44
C LEU I 107 51.44 -79.39 36.40
N GLY I 108 51.58 -78.53 35.40
CA GLY I 108 52.89 -78.05 34.98
C GLY I 108 53.35 -78.68 33.68
N GLU I 109 52.47 -79.43 33.01
CA GLU I 109 52.72 -80.02 31.71
C GLU I 109 51.42 -80.70 31.30
N ASP I 110 51.27 -80.95 30.01
CA ASP I 110 49.99 -81.40 29.46
C ASP I 110 49.99 -82.93 29.41
N ILE I 111 49.81 -83.56 30.57
CA ILE I 111 49.54 -84.99 30.65
C ILE I 111 48.06 -85.18 30.31
N THR I 112 47.78 -85.74 29.14
CA THR I 112 46.51 -85.52 28.45
C THR I 112 45.64 -86.75 28.27
N ASP I 113 46.17 -87.96 28.39
CA ASP I 113 45.39 -89.13 28.04
C ASP I 113 44.20 -89.29 28.97
N ALA I 114 43.21 -90.07 28.54
CA ALA I 114 41.95 -90.15 29.27
C ALA I 114 41.27 -91.48 29.03
N VAL I 115 40.27 -91.71 29.86
CA VAL I 115 39.33 -92.81 29.72
C VAL I 115 37.96 -92.17 29.90
N ILE I 116 37.31 -91.81 28.81
CA ILE I 116 36.12 -90.97 28.85
C ILE I 116 34.92 -91.88 28.67
N THR I 117 33.86 -91.60 29.42
CA THR I 117 32.81 -92.59 29.62
C THR I 117 31.58 -92.30 28.77
N THR I 118 30.75 -93.34 28.65
CA THR I 118 29.47 -93.30 27.97
C THR I 118 28.43 -93.92 28.89
N PRO I 119 27.18 -93.45 28.89
CA PRO I 119 26.12 -94.22 29.54
C PRO I 119 26.04 -95.61 28.94
N ALA I 120 25.54 -96.55 29.73
CA ALA I 120 25.35 -97.88 29.20
C ALA I 120 24.21 -97.93 28.19
N TYR I 121 23.35 -96.90 28.17
CA TYR I 121 22.34 -96.80 27.12
C TYR I 121 22.90 -96.22 25.82
N PHE I 122 24.14 -95.77 25.81
CA PHE I 122 24.74 -95.26 24.58
C PHE I 122 25.03 -96.40 23.61
N ASN I 123 25.45 -96.01 22.42
CA ASN I 123 25.79 -96.92 21.35
C ASN I 123 27.13 -96.49 20.73
N ASP I 124 27.74 -97.41 19.98
CA ASP I 124 29.09 -97.17 19.48
C ASP I 124 29.14 -96.06 18.44
N ALA I 125 28.01 -95.53 18.00
CA ALA I 125 28.04 -94.32 17.19
C ALA I 125 28.41 -93.12 18.04
N GLN I 126 27.81 -93.00 19.23
CA GLN I 126 28.22 -91.98 20.18
C GLN I 126 29.69 -92.15 20.55
N ARG I 127 30.17 -93.40 20.57
CA ARG I 127 31.55 -93.65 20.91
C ARG I 127 32.49 -93.32 19.74
N GLN I 128 32.04 -93.52 18.51
CA GLN I 128 32.79 -93.01 17.36
C GLN I 128 32.82 -91.49 17.36
N ALA I 129 31.71 -90.87 17.75
CA ALA I 129 31.67 -89.42 17.91
C ALA I 129 32.72 -88.97 18.91
N THR I 130 32.86 -89.70 20.01
CA THR I 130 33.90 -89.35 20.99
C THR I 130 35.30 -89.60 20.43
N LYS I 131 35.48 -90.65 19.61
CA LYS I 131 36.76 -90.85 18.93
C LYS I 131 37.14 -89.62 18.11
N ASP I 132 36.15 -89.06 17.40
CA ASP I 132 36.43 -87.88 16.59
C ASP I 132 36.75 -86.68 17.47
N ALA I 133 35.97 -86.47 18.53
CA ALA I 133 36.25 -85.39 19.46
C ALA I 133 37.65 -85.51 20.05
N GLY I 134 38.12 -86.74 20.24
CA GLY I 134 39.47 -86.95 20.73
C GLY I 134 40.51 -86.60 19.68
N GLN I 135 40.20 -86.90 18.41
CA GLN I 135 41.04 -86.39 17.34
C GLN I 135 41.02 -84.86 17.31
N ILE I 136 39.97 -84.25 17.87
CA ILE I 136 39.82 -82.80 17.82
C ILE I 136 40.51 -82.13 19.00
N ALA I 137 40.05 -82.42 20.22
CA ALA I 137 40.48 -81.66 21.40
C ALA I 137 41.92 -81.90 21.80
N GLY I 138 42.51 -83.02 21.40
CA GLY I 138 43.89 -83.31 21.78
C GLY I 138 44.07 -84.08 23.06
N LEU I 139 43.01 -84.71 23.59
CA LEU I 139 43.11 -85.67 24.68
C LEU I 139 42.83 -87.07 24.14
N ASN I 140 43.43 -88.08 24.77
CA ASN I 140 43.30 -89.47 24.32
C ASN I 140 42.27 -90.18 25.17
N VAL I 141 41.29 -90.78 24.50
CA VAL I 141 40.52 -91.87 25.08
C VAL I 141 41.15 -93.16 24.60
N LEU I 142 42.17 -93.62 25.33
CA LEU I 142 42.80 -94.89 24.98
C LEU I 142 41.79 -96.03 25.06
N ARG I 143 40.74 -95.85 25.85
CA ARG I 143 39.58 -96.74 25.86
C ARG I 143 38.46 -96.00 26.56
N ILE I 144 37.23 -96.28 26.13
CA ILE I 144 36.03 -95.81 26.81
C ILE I 144 35.63 -96.85 27.84
N VAL I 145 35.28 -96.38 29.02
CA VAL I 145 34.63 -97.19 30.04
C VAL I 145 33.22 -96.65 30.21
N ASN I 146 32.23 -97.47 29.89
CA ASN I 146 30.86 -97.04 30.09
C ASN I 146 30.63 -96.67 31.55
N GLU I 147 29.71 -95.74 31.76
CA GLU I 147 29.63 -95.06 33.05
C GLU I 147 29.33 -95.99 34.22
N PRO I 148 28.41 -96.94 34.14
CA PRO I 148 28.25 -97.90 35.25
C PRO I 148 29.50 -98.69 35.54
N THR I 149 30.24 -99.05 34.49
CA THR I 149 31.46 -99.82 34.67
C THR I 149 32.50 -99.02 35.44
N ALA I 150 32.70 -97.76 35.05
CA ALA I 150 33.63 -96.92 35.79
C ALA I 150 33.10 -96.62 37.18
N ALA I 151 31.78 -96.69 37.38
CA ALA I 151 31.25 -96.57 38.72
C ALA I 151 31.74 -97.71 39.61
N ALA I 152 31.51 -98.94 39.17
CA ALA I 152 31.93 -100.11 39.93
C ALA I 152 33.44 -100.12 40.13
N LEU I 153 34.19 -99.61 39.15
CA LEU I 153 35.62 -99.37 39.36
C LEU I 153 35.85 -98.39 40.50
N ALA I 154 35.19 -97.23 40.43
CA ALA I 154 35.48 -96.12 41.32
C ALA I 154 35.32 -96.51 42.77
N TYR I 155 34.22 -97.20 43.09
CA TYR I 155 34.09 -97.71 44.46
C TYR I 155 34.86 -98.99 44.70
N GLY I 156 35.72 -99.40 43.77
CA GLY I 156 36.54 -100.57 43.97
C GLY I 156 35.71 -101.82 44.15
N LEU I 157 34.57 -101.89 43.48
CA LEU I 157 33.64 -103.01 43.63
C LEU I 157 34.14 -104.17 42.80
N ASP I 158 35.26 -104.72 43.22
CA ASP I 158 35.79 -105.98 42.71
C ASP I 158 35.44 -107.06 43.72
N LYS I 159 34.15 -107.43 43.72
CA LYS I 159 33.60 -108.48 44.62
C LYS I 159 34.13 -109.86 44.22
N GLY I 160 33.21 -110.77 43.84
CA GLY I 160 33.54 -112.16 43.46
C GLY I 160 34.29 -112.28 42.14
N GLU I 161 35.34 -113.11 42.12
CA GLU I 161 36.18 -113.35 40.93
C GLU I 161 35.38 -114.05 39.81
N LYS I 162 34.56 -115.04 40.16
CA LYS I 162 33.78 -115.81 39.15
C LYS I 162 32.82 -114.87 38.40
N GLU I 163 32.15 -113.99 39.15
CA GLU I 163 31.22 -112.98 38.58
C GLU I 163 30.65 -112.12 39.72
N GLN I 164 30.38 -110.84 39.44
CA GLN I 164 29.80 -109.98 40.44
C GLN I 164 28.70 -109.16 39.78
N ARG I 165 27.69 -108.86 40.58
CA ARG I 165 26.49 -108.15 40.15
C ARG I 165 26.56 -106.76 40.76
N ILE I 166 26.72 -105.75 39.91
CA ILE I 166 26.79 -104.37 40.33
C ILE I 166 25.61 -103.62 39.70
N LEU I 167 24.72 -103.14 40.55
CA LEU I 167 23.66 -102.23 40.17
C LEU I 167 24.25 -100.83 40.15
N VAL I 168 23.85 -100.02 39.19
CA VAL I 168 24.34 -98.65 39.07
C VAL I 168 23.16 -97.75 38.71
N PHE I 169 22.90 -96.77 39.57
CA PHE I 169 21.93 -95.73 39.30
C PHE I 169 22.70 -94.46 38.96
N ASP I 170 22.72 -94.10 37.69
CA ASP I 170 23.24 -92.81 37.25
C ASP I 170 22.06 -91.86 37.23
N LEU I 171 22.19 -90.77 37.97
CA LEU I 171 21.41 -89.56 37.75
C LEU I 171 22.42 -88.43 37.76
N GLY I 172 22.94 -88.10 36.59
CA GLY I 172 23.53 -86.80 36.38
C GLY I 172 22.42 -85.79 36.44
N GLY I 173 22.80 -84.51 36.43
CA GLY I 173 21.79 -83.48 36.42
C GLY I 173 20.95 -83.52 35.15
N GLY I 174 21.44 -84.17 34.10
CA GLY I 174 20.70 -84.23 32.85
C GLY I 174 20.59 -85.61 32.21
N THR I 175 20.77 -86.67 32.99
CA THR I 175 20.76 -88.01 32.44
C THR I 175 20.36 -88.99 33.53
N PHE I 176 19.61 -90.03 33.14
CA PHE I 176 19.32 -91.13 34.04
C PHE I 176 19.58 -92.47 33.35
N ASP I 177 20.27 -93.36 34.06
CA ASP I 177 20.58 -94.70 33.56
C ASP I 177 20.52 -95.69 34.71
N VAL I 178 19.61 -96.66 34.63
CA VAL I 178 19.69 -97.87 35.42
C VAL I 178 20.59 -98.83 34.66
N SER I 179 21.51 -99.47 35.36
CA SER I 179 22.40 -100.45 34.73
C SER I 179 22.66 -101.59 35.69
N LEU I 180 22.70 -102.81 35.15
CA LEU I 180 23.09 -103.99 35.92
C LEU I 180 24.26 -104.64 35.21
N LEU I 181 25.26 -105.02 36.00
CA LEU I 181 26.60 -105.30 35.52
C LEU I 181 27.08 -106.66 36.00
N GLU I 182 27.26 -107.57 35.07
CA GLU I 182 27.99 -108.82 35.30
C GLU I 182 29.45 -108.55 34.99
N ILE I 183 30.31 -108.71 35.99
CA ILE I 183 31.72 -108.36 35.87
C ILE I 183 32.55 -109.56 36.31
N GLY I 184 33.69 -109.77 35.65
CA GLY I 184 34.57 -110.86 36.02
C GLY I 184 35.88 -110.82 35.26
N GLU I 185 36.92 -111.37 35.89
CA GLU I 185 38.25 -111.51 35.28
C GLU I 185 38.86 -110.15 34.96
N GLY I 186 38.46 -109.11 35.67
CA GLY I 186 38.78 -107.77 35.24
C GLY I 186 38.11 -107.35 33.95
N VAL I 187 37.13 -108.12 33.47
CA VAL I 187 36.40 -107.84 32.25
C VAL I 187 34.94 -107.60 32.62
N VAL I 188 34.31 -106.64 31.96
CA VAL I 188 33.04 -106.08 32.40
C VAL I 188 32.01 -106.25 31.31
N GLU I 189 30.79 -106.57 31.72
CA GLU I 189 29.60 -106.44 30.91
C GLU I 189 28.56 -105.69 31.71
N VAL I 190 28.06 -104.59 31.18
CA VAL I 190 26.80 -104.07 31.68
C VAL I 190 25.70 -104.97 31.14
N ARG I 191 25.27 -105.92 31.97
CA ARG I 191 24.34 -106.96 31.56
C ARG I 191 23.07 -106.36 30.99
N ALA I 192 22.59 -105.29 31.61
CA ALA I 192 21.32 -104.70 31.26
C ALA I 192 21.39 -103.20 31.47
N THR I 193 20.53 -102.48 30.78
CA THR I 193 20.47 -101.02 30.90
C THR I 193 19.08 -100.54 30.54
N SER I 194 18.58 -99.62 31.35
CA SER I 194 17.40 -98.82 31.07
C SER I 194 17.69 -97.44 31.60
N GLY I 195 16.65 -96.63 31.69
CA GLY I 195 16.78 -95.35 32.35
C GLY I 195 15.83 -94.35 31.75
N ASP I 196 16.25 -93.10 31.81
CA ASP I 196 15.53 -91.99 31.21
C ASP I 196 16.59 -91.00 30.78
N ASN I 197 16.93 -91.05 29.49
CA ASN I 197 18.01 -90.22 28.99
C ASN I 197 17.64 -88.75 28.99
N HIS I 198 16.36 -88.40 29.17
CA HIS I 198 15.91 -87.02 29.30
C HIS I 198 15.91 -86.54 30.74
N LEU I 199 15.70 -87.45 31.69
CA LEU I 199 15.62 -87.10 33.10
C LEU I 199 17.03 -86.86 33.61
N GLY I 200 17.14 -85.97 34.59
CA GLY I 200 18.37 -85.74 35.31
C GLY I 200 18.00 -84.96 36.54
N GLY I 201 18.96 -84.78 37.44
CA GLY I 201 18.68 -83.96 38.60
C GLY I 201 18.49 -82.50 38.28
N ASP I 202 18.77 -82.07 37.06
CA ASP I 202 18.43 -80.73 36.62
C ASP I 202 17.07 -80.72 35.96
N ASP I 203 16.58 -81.88 35.52
CA ASP I 203 15.15 -82.02 35.36
C ASP I 203 14.45 -81.95 36.70
N TRP I 204 15.01 -82.60 37.73
CA TRP I 204 14.51 -82.41 39.09
C TRP I 204 14.51 -80.93 39.46
N ASP I 205 15.62 -80.24 39.18
CA ASP I 205 15.69 -78.80 39.43
C ASP I 205 14.66 -78.05 38.61
N GLN I 206 14.34 -78.55 37.42
CA GLN I 206 13.38 -77.85 36.59
C GLN I 206 11.99 -77.98 37.17
N ARG I 207 11.64 -79.15 37.70
CA ARG I 207 10.39 -79.27 38.46
C ARG I 207 10.39 -78.33 39.66
N VAL I 208 11.54 -78.23 40.32
CA VAL I 208 11.65 -77.31 41.45
C VAL I 208 11.31 -75.90 41.01
N VAL I 209 11.96 -75.42 39.96
CA VAL I 209 11.74 -74.05 39.49
C VAL I 209 10.30 -73.86 39.03
N ASP I 210 9.71 -74.91 38.45
CA ASP I 210 8.29 -74.88 38.14
C ASP I 210 7.50 -74.51 39.39
N TRP I 211 7.70 -75.28 40.46
CA TRP I 211 6.99 -74.98 41.71
C TRP I 211 7.31 -73.58 42.21
N LEU I 212 8.58 -73.17 42.10
CA LEU I 212 9.00 -71.87 42.59
C LEU I 212 8.13 -70.78 42.01
N VAL I 213 8.06 -70.75 40.68
CA VAL I 213 7.25 -69.70 40.05
C VAL I 213 5.77 -70.01 40.20
N ASP I 214 5.42 -71.28 40.43
CA ASP I 214 4.01 -71.62 40.67
C ASP I 214 3.47 -70.89 41.87
N LYS I 215 4.22 -70.89 42.96
CA LYS I 215 3.72 -70.26 44.18
C LYS I 215 4.09 -68.79 44.23
N PHE I 216 5.11 -68.38 43.47
CA PHE I 216 5.29 -66.99 43.14
C PHE I 216 3.99 -66.39 42.60
N LYS I 217 3.42 -67.02 41.58
CA LYS I 217 2.15 -66.54 41.05
C LYS I 217 0.97 -66.96 41.93
N GLY I 218 1.17 -67.96 42.77
CA GLY I 218 0.16 -68.31 43.76
C GLY I 218 -0.18 -67.14 44.66
N THR I 219 0.85 -66.47 45.18
CA THR I 219 0.59 -65.29 46.00
C THR I 219 0.34 -64.05 45.14
N SER I 220 1.32 -63.67 44.31
CA SER I 220 1.31 -62.33 43.73
C SER I 220 0.88 -62.29 42.27
N GLY I 221 1.47 -63.12 41.42
CA GLY I 221 1.08 -63.26 40.03
C GLY I 221 2.08 -62.77 39.00
N ILE I 222 3.38 -62.94 39.24
CA ILE I 222 4.42 -62.63 38.27
C ILE I 222 5.13 -63.92 37.89
N ASP I 223 5.56 -64.00 36.63
CA ASP I 223 6.21 -65.18 36.09
C ASP I 223 7.65 -64.82 35.77
N LEU I 224 8.59 -65.61 36.30
CA LEU I 224 9.98 -65.42 35.95
C LEU I 224 10.33 -66.01 34.61
N THR I 225 9.40 -66.69 33.95
CA THR I 225 9.53 -66.89 32.51
C THR I 225 9.65 -65.56 31.81
N LYS I 226 8.96 -64.54 32.31
CA LYS I 226 9.01 -63.21 31.71
C LYS I 226 10.38 -62.57 31.87
N ASP I 227 11.27 -63.13 32.70
CA ASP I 227 12.59 -62.57 32.94
C ASP I 227 13.66 -63.66 32.80
N LYS I 228 14.54 -63.46 31.82
CA LYS I 228 15.53 -64.48 31.50
C LYS I 228 16.55 -64.65 32.61
N MET I 229 17.05 -63.55 33.16
CA MET I 229 18.00 -63.65 34.28
C MET I 229 17.33 -64.31 35.47
N ALA I 230 16.01 -64.11 35.62
CA ALA I 230 15.29 -64.78 36.69
C ALA I 230 15.25 -66.28 36.44
N MET I 231 15.15 -66.68 35.19
CA MET I 231 15.21 -68.11 34.88
C MET I 231 16.59 -68.69 35.20
N GLN I 232 17.65 -67.98 34.82
CA GLN I 232 19.00 -68.39 35.19
C GLN I 232 19.12 -68.52 36.70
N ARG I 233 18.58 -67.55 37.44
CA ARG I 233 18.70 -67.56 38.88
C ARG I 233 17.93 -68.72 39.50
N LEU I 234 16.70 -68.95 39.03
CA LEU I 234 15.93 -70.09 39.50
C LEU I 234 16.65 -71.39 39.24
N ARG I 235 17.22 -71.55 38.04
CA ARG I 235 17.91 -72.77 37.67
C ARG I 235 19.13 -73.02 38.57
N GLU I 236 19.94 -71.98 38.76
CA GLU I 236 21.14 -72.13 39.57
C GLU I 236 20.79 -72.42 41.02
N ALA I 237 19.87 -71.63 41.59
CA ALA I 237 19.44 -71.86 42.96
C ALA I 237 18.80 -73.23 43.11
N ALA I 238 18.19 -73.74 42.04
CA ALA I 238 17.52 -75.03 42.11
C ALA I 238 18.54 -76.17 42.13
N GLU I 239 19.59 -76.09 41.32
CA GLU I 239 20.60 -77.14 41.39
C GLU I 239 21.39 -77.05 42.68
N LYS I 240 21.63 -75.85 43.19
CA LYS I 240 22.36 -75.79 44.43
C LYS I 240 21.47 -76.17 45.59
N ALA I 241 20.15 -76.05 45.43
CA ALA I 241 19.22 -76.68 46.34
C ALA I 241 19.23 -78.19 46.18
N LYS I 242 19.51 -78.70 44.97
CA LYS I 242 19.70 -80.14 44.79
C LYS I 242 20.83 -80.62 45.67
N ILE I 243 22.02 -80.09 45.46
CA ILE I 243 23.17 -80.55 46.24
C ILE I 243 23.01 -80.18 47.72
N GLU I 244 22.21 -79.15 48.02
CA GLU I 244 21.83 -78.89 49.40
C GLU I 244 21.04 -80.05 49.99
N LEU I 245 19.88 -80.32 49.40
CA LEU I 245 18.99 -81.35 49.90
C LEU I 245 19.44 -82.75 49.51
N SER I 246 20.64 -82.90 48.96
CA SER I 246 21.30 -84.18 49.01
C SER I 246 21.81 -84.50 50.40
N SER I 247 21.85 -83.50 51.29
CA SER I 247 22.15 -83.65 52.69
C SER I 247 21.07 -83.07 53.59
N SER I 248 20.42 -81.99 53.17
CA SER I 248 19.48 -81.26 54.00
C SER I 248 18.05 -81.72 53.79
N GLN I 249 17.33 -81.88 54.90
CA GLN I 249 15.90 -82.13 54.85
C GLN I 249 15.11 -81.01 54.18
N SER I 250 15.65 -79.80 54.17
CA SER I 250 14.86 -78.62 53.85
C SER I 250 15.82 -77.46 53.68
N THR I 251 15.51 -76.61 52.72
CA THR I 251 16.36 -75.49 52.35
C THR I 251 15.48 -74.31 51.97
N SER I 252 15.63 -73.22 52.69
CA SER I 252 14.88 -72.01 52.40
C SER I 252 15.68 -71.15 51.44
N ILE I 253 15.00 -70.67 50.41
CA ILE I 253 15.62 -69.91 49.35
C ILE I 253 14.91 -68.56 49.27
N ASN I 254 15.68 -67.53 48.93
CA ASN I 254 15.27 -66.14 49.07
C ASN I 254 16.08 -65.36 48.04
N LEU I 255 15.50 -64.29 47.51
CA LEU I 255 16.18 -63.43 46.56
C LEU I 255 15.72 -61.99 46.77
N PRO I 256 16.62 -61.00 46.93
CA PRO I 256 16.16 -59.60 46.87
C PRO I 256 15.59 -59.26 45.50
N TYR I 257 15.07 -58.03 45.40
CA TYR I 257 14.41 -57.41 44.23
C TYR I 257 14.51 -58.33 42.99
N ILE I 258 13.42 -58.46 42.22
CA ILE I 258 13.38 -59.28 40.96
C ILE I 258 12.58 -58.52 39.89
N THR I 259 11.27 -58.35 40.06
CA THR I 259 10.35 -57.62 39.13
C THR I 259 9.37 -56.79 39.96
N VAL I 260 8.61 -55.91 39.31
CA VAL I 260 7.61 -55.06 40.01
C VAL I 260 6.49 -55.96 40.56
N ASP I 261 5.88 -55.61 41.69
CA ASP I 261 4.71 -56.42 42.17
C ASP I 261 3.42 -55.78 41.65
N ALA I 262 2.27 -56.28 42.11
CA ALA I 262 0.93 -55.77 41.71
C ALA I 262 0.78 -54.29 42.10
N ASP I 263 1.34 -53.89 43.26
CA ASP I 263 1.26 -52.50 43.77
C ASP I 263 2.51 -51.71 43.38
N LYS I 264 3.22 -52.17 42.34
CA LYS I 264 4.46 -51.53 41.81
C LYS I 264 5.57 -51.52 42.87
N ASN I 265 5.70 -52.61 43.63
CA ASN I 265 6.76 -52.72 44.67
C ASN I 265 7.77 -53.78 44.20
N PRO I 266 9.07 -53.46 44.08
CA PRO I 266 10.06 -54.44 43.62
C PRO I 266 9.98 -55.74 44.44
N LEU I 267 9.24 -56.74 43.93
CA LEU I 267 9.02 -58.05 44.59
C LEU I 267 10.32 -58.85 44.65
N PHE I 268 10.44 -59.75 45.63
CA PHE I 268 11.60 -60.65 45.87
C PHE I 268 11.09 -62.07 46.06
N LEU I 269 11.88 -62.94 46.70
CA LEU I 269 11.50 -64.32 46.97
C LEU I 269 11.90 -64.62 48.41
N ASP I 270 11.09 -65.39 49.12
CA ASP I 270 11.48 -65.87 50.46
C ASP I 270 10.55 -67.00 50.89
N GLU I 271 11.08 -68.23 50.98
CA GLU I 271 10.34 -69.29 51.64
C GLU I 271 11.18 -70.55 51.81
N GLN I 272 10.75 -71.40 52.74
CA GLN I 272 11.30 -72.74 52.95
C GLN I 272 10.96 -73.65 51.77
N LEU I 273 11.82 -74.62 51.51
CA LEU I 273 11.48 -75.87 50.85
C LEU I 273 11.70 -76.99 51.84
N THR I 274 10.81 -77.98 51.84
CA THR I 274 11.04 -79.23 52.54
C THR I 274 11.23 -80.35 51.53
N ARG I 275 12.28 -81.15 51.74
CA ARG I 275 12.65 -82.18 50.76
C ARG I 275 11.53 -83.20 50.56
N ALA I 276 10.62 -83.34 51.53
CA ALA I 276 9.41 -84.11 51.31
C ALA I 276 8.69 -83.62 50.07
N GLU I 277 8.46 -82.31 49.99
CA GLU I 277 7.84 -81.71 48.82
C GLU I 277 8.71 -81.92 47.58
N PHE I 278 10.03 -82.02 47.76
CA PHE I 278 10.90 -82.23 46.61
C PHE I 278 10.66 -83.60 46.00
N GLN I 279 10.70 -84.65 46.83
CA GLN I 279 10.49 -86.00 46.32
C GLN I 279 9.04 -86.18 45.86
N ARG I 280 8.12 -85.38 46.41
CA ARG I 280 6.79 -85.30 45.84
C ARG I 280 6.84 -84.70 44.45
N ILE I 281 7.73 -83.74 44.24
CA ILE I 281 7.74 -82.96 43.00
C ILE I 281 8.40 -83.77 41.89
N THR I 282 9.42 -84.54 42.22
CA THR I 282 10.06 -85.44 41.29
C THR I 282 9.35 -86.79 41.25
N GLN I 283 8.12 -86.86 41.76
CA GLN I 283 7.44 -88.14 41.93
C GLN I 283 7.24 -88.86 40.60
N ASP I 284 6.81 -88.13 39.57
CA ASP I 284 6.76 -88.74 38.26
C ASP I 284 8.14 -88.80 37.64
N LEU I 285 9.02 -87.91 38.06
CA LEU I 285 10.43 -88.08 37.71
C LEU I 285 11.04 -89.25 38.48
N LEU I 286 10.40 -89.66 39.58
CA LEU I 286 10.81 -90.87 40.28
C LEU I 286 10.17 -92.11 39.66
N ASP I 287 9.00 -91.94 39.03
CA ASP I 287 8.43 -93.00 38.21
C ASP I 287 9.24 -93.18 36.94
N ARG I 288 9.87 -92.11 36.46
CA ARG I 288 10.82 -92.14 35.36
C ARG I 288 12.10 -92.88 35.69
N THR I 289 12.26 -93.37 36.93
CA THR I 289 13.41 -94.18 37.34
C THR I 289 13.04 -95.60 37.72
N ARG I 290 11.82 -95.83 38.20
CA ARG I 290 11.48 -97.13 38.76
C ARG I 290 11.33 -98.18 37.67
N LYS I 291 10.35 -98.02 36.80
CA LYS I 291 10.12 -99.00 35.75
C LYS I 291 11.30 -99.12 34.80
N PRO I 292 12.15 -98.09 34.64
CA PRO I 292 13.49 -98.37 34.13
C PRO I 292 14.19 -99.45 34.90
N PHE I 293 14.21 -99.35 36.23
CA PHE I 293 14.89 -100.36 37.01
C PHE I 293 14.16 -101.70 36.94
N GLN I 294 12.84 -101.68 36.83
CA GLN I 294 12.11 -102.92 36.58
C GLN I 294 12.54 -103.54 35.27
N SER I 295 12.80 -102.70 34.26
CA SER I 295 13.23 -103.22 32.98
C SER I 295 14.62 -103.82 33.04
N VAL I 296 15.55 -103.15 33.72
CA VAL I 296 16.89 -103.72 33.87
C VAL I 296 16.83 -104.99 34.71
N ILE I 297 15.94 -105.02 35.70
CA ILE I 297 15.73 -106.21 36.50
C ILE I 297 15.30 -107.37 35.61
N ALA I 298 14.25 -107.15 34.82
CA ALA I 298 13.76 -108.20 33.94
C ALA I 298 14.81 -108.58 32.90
N ASP I 299 15.60 -107.61 32.46
CA ASP I 299 16.69 -107.88 31.52
C ASP I 299 17.69 -108.84 32.14
N THR I 300 18.02 -108.62 33.42
CA THR I 300 18.93 -109.50 34.15
C THR I 300 18.19 -110.64 34.83
N GLY I 301 16.91 -110.47 35.13
CA GLY I 301 16.17 -111.44 35.91
C GLY I 301 16.76 -111.71 37.28
N ILE I 302 17.41 -110.72 37.89
CA ILE I 302 18.18 -110.89 39.11
C ILE I 302 17.38 -110.36 40.29
N SER I 303 17.42 -111.09 41.40
CA SER I 303 16.90 -110.58 42.65
C SER I 303 17.82 -109.50 43.19
N VAL I 304 17.22 -108.44 43.72
CA VAL I 304 17.98 -107.34 44.27
C VAL I 304 18.86 -107.78 45.43
N SER I 305 18.44 -108.83 46.15
CA SER I 305 19.29 -109.47 47.14
C SER I 305 20.56 -110.06 46.55
N GLU I 306 20.46 -110.72 45.40
CA GLU I 306 21.62 -111.30 44.74
C GLU I 306 22.61 -110.26 44.27
N ILE I 307 22.21 -109.00 44.17
CA ILE I 307 23.12 -107.96 43.71
C ILE I 307 24.21 -107.80 44.75
N ASP I 308 25.44 -107.71 44.27
CA ASP I 308 26.61 -107.78 45.14
C ASP I 308 27.11 -106.39 45.50
N HIS I 309 26.83 -105.40 44.66
CA HIS I 309 26.98 -104.00 45.04
C HIS I 309 25.92 -103.18 44.33
N VAL I 310 25.54 -102.06 44.93
CA VAL I 310 24.77 -101.02 44.25
C VAL I 310 25.65 -99.78 44.23
N VAL I 311 25.37 -98.86 43.31
CA VAL I 311 26.21 -97.68 43.08
C VAL I 311 25.32 -96.48 42.77
N LEU I 312 25.75 -95.31 43.25
CA LEU I 312 25.10 -94.02 42.97
C LEU I 312 26.10 -93.13 42.24
N VAL I 313 25.81 -92.80 40.98
CA VAL I 313 26.68 -91.95 40.18
C VAL I 313 25.87 -90.82 39.56
N GLY I 314 26.58 -89.78 39.14
CA GLY I 314 25.92 -88.59 38.67
C GLY I 314 25.47 -87.85 39.89
N GLY I 315 25.81 -86.56 39.97
CA GLY I 315 25.71 -85.85 41.24
C GLY I 315 24.33 -85.84 41.84
N SER I 316 23.31 -85.99 41.01
CA SER I 316 21.96 -86.00 41.50
C SER I 316 21.57 -87.31 42.18
N THR I 317 22.53 -88.23 42.34
CA THR I 317 22.36 -89.39 43.20
C THR I 317 23.05 -89.22 44.53
N ARG I 318 23.66 -88.06 44.77
CA ARG I 318 23.81 -87.63 46.15
C ARG I 318 22.45 -87.56 46.83
N MET I 319 21.41 -87.24 46.06
CA MET I 319 20.07 -87.06 46.58
C MET I 319 19.62 -88.30 47.33
N PRO I 320 18.86 -88.15 48.43
CA PRO I 320 18.32 -89.32 49.09
C PRO I 320 16.97 -89.72 48.55
N ALA I 321 16.38 -88.93 47.66
CA ALA I 321 15.27 -89.46 46.86
C ALA I 321 15.76 -90.64 46.03
N VAL I 322 16.94 -90.48 45.43
CA VAL I 322 17.59 -91.56 44.71
C VAL I 322 17.79 -92.75 45.64
N THR I 323 18.41 -92.53 46.79
CA THR I 323 18.76 -93.63 47.67
C THR I 323 17.51 -94.22 48.30
N ASP I 324 16.46 -93.41 48.45
CA ASP I 324 15.18 -93.90 48.95
C ASP I 324 14.58 -94.90 47.98
N LEU I 325 14.43 -94.51 46.72
CA LEU I 325 13.85 -95.44 45.76
C LEU I 325 14.80 -96.60 45.50
N VAL I 326 16.10 -96.40 45.73
CA VAL I 326 17.05 -97.51 45.71
C VAL I 326 16.66 -98.54 46.75
N LYS I 327 16.69 -98.15 48.02
CA LYS I 327 16.49 -99.11 49.09
C LYS I 327 15.06 -99.63 49.11
N GLU I 328 14.13 -98.88 48.52
CA GLU I 328 12.80 -99.43 48.23
C GLU I 328 12.90 -100.57 47.23
N LEU I 329 13.38 -100.27 46.03
CA LEU I 329 13.37 -101.25 44.95
C LEU I 329 14.45 -102.30 45.13
N THR I 330 15.61 -101.92 45.67
CA THR I 330 16.73 -102.81 45.85
C THR I 330 16.60 -103.68 47.09
N GLY I 331 15.41 -103.74 47.70
CA GLY I 331 15.26 -104.49 48.92
C GLY I 331 16.06 -103.94 50.08
N GLY I 332 16.42 -102.66 50.03
CA GLY I 332 17.25 -102.05 51.04
C GLY I 332 18.73 -102.11 50.78
N LYS I 333 19.15 -102.52 49.58
CA LYS I 333 20.58 -102.69 49.32
C LYS I 333 21.26 -101.34 49.30
N GLU I 334 22.26 -101.17 50.16
CA GLU I 334 22.97 -99.90 50.27
C GLU I 334 23.98 -99.78 49.13
N PRO I 335 23.90 -98.75 48.30
CA PRO I 335 25.00 -98.51 47.36
C PRO I 335 26.28 -98.09 48.06
N ASN I 336 27.39 -98.44 47.41
CA ASN I 336 28.70 -98.22 48.00
C ASN I 336 29.07 -96.73 47.89
N LYS I 337 29.78 -96.24 48.90
CA LYS I 337 30.07 -94.81 49.04
C LYS I 337 31.56 -94.62 49.32
N GLY I 338 32.03 -93.40 49.08
CA GLY I 338 33.44 -93.07 49.13
C GLY I 338 33.88 -92.06 48.10
N VAL I 339 33.04 -91.73 47.12
CA VAL I 339 33.35 -90.76 46.07
C VAL I 339 32.07 -90.02 45.75
N ASN I 340 32.18 -88.75 45.38
CA ASN I 340 31.01 -87.98 45.02
C ASN I 340 30.43 -88.54 43.73
N PRO I 341 29.11 -88.71 43.61
CA PRO I 341 28.55 -89.39 42.43
C PRO I 341 28.95 -88.78 41.10
N ASP I 342 29.03 -87.46 41.02
CA ASP I 342 29.72 -86.84 39.88
C ASP I 342 31.16 -87.29 39.78
N GLU I 343 31.89 -87.31 40.89
CA GLU I 343 33.27 -87.75 40.89
C GLU I 343 33.41 -89.23 40.63
N VAL I 344 32.38 -90.02 40.93
CA VAL I 344 32.48 -91.48 40.94
C VAL I 344 33.00 -91.99 39.59
N VAL I 345 32.24 -91.75 38.52
CA VAL I 345 32.58 -92.39 37.25
C VAL I 345 33.89 -91.82 36.73
N ALA I 346 34.16 -90.55 37.00
CA ALA I 346 35.44 -89.98 36.61
C ALA I 346 36.57 -90.64 37.38
N VAL I 347 36.37 -90.82 38.68
CA VAL I 347 37.35 -91.50 39.52
C VAL I 347 37.66 -92.89 38.98
N GLY I 348 36.62 -93.71 38.78
CA GLY I 348 36.86 -95.08 38.39
C GLY I 348 37.36 -95.23 36.97
N ALA I 349 36.92 -94.35 36.08
CA ALA I 349 37.55 -94.29 34.77
C ALA I 349 39.04 -93.97 34.90
N ALA I 350 39.39 -93.10 35.86
CA ALA I 350 40.79 -92.81 36.09
C ALA I 350 41.50 -94.05 36.61
N LEU I 351 40.83 -94.83 37.44
CA LEU I 351 41.39 -96.09 37.90
C LEU I 351 41.68 -97.02 36.72
N GLN I 352 40.77 -97.06 35.75
CA GLN I 352 41.05 -97.82 34.54
C GLN I 352 42.27 -97.26 33.83
N ALA I 353 42.37 -95.94 33.75
CA ALA I 353 43.54 -95.31 33.15
C ALA I 353 44.82 -95.82 33.80
N GLY I 354 44.91 -95.70 35.12
CA GLY I 354 46.07 -96.20 35.84
C GLY I 354 46.30 -97.68 35.62
N VAL I 355 45.22 -98.44 35.47
CA VAL I 355 45.36 -99.86 35.13
C VAL I 355 46.02 -100.00 33.78
N LEU I 356 45.78 -99.04 32.88
CA LEU I 356 46.51 -99.03 31.61
C LEU I 356 47.94 -98.53 31.82
N LYS I 357 48.12 -97.56 32.72
CA LYS I 357 49.40 -96.87 32.80
C LYS I 357 50.35 -97.70 33.66
N MET J 1 95.08 20.49 71.01
CA MET J 1 94.02 19.76 71.75
C MET J 1 94.41 18.32 71.95
N ALA J 2 93.68 17.63 72.80
CA ALA J 2 93.57 16.19 72.65
C ALA J 2 93.15 15.88 71.23
N ARG J 3 93.91 15.01 70.58
CA ARG J 3 93.58 14.56 69.24
C ARG J 3 92.30 13.73 69.20
N ALA J 4 91.73 13.40 70.37
CA ALA J 4 90.44 12.73 70.48
C ALA J 4 89.51 13.60 71.31
N VAL J 5 88.31 13.08 71.50
CA VAL J 5 87.23 13.76 72.21
C VAL J 5 86.61 12.74 73.14
N GLY J 6 85.51 13.15 73.78
CA GLY J 6 84.61 12.24 74.47
C GLY J 6 83.19 12.55 74.07
N ILE J 7 82.34 11.52 74.10
CA ILE J 7 80.99 11.61 73.57
C ILE J 7 80.04 10.93 74.54
N ASP J 8 79.26 11.75 75.25
CA ASP J 8 78.08 11.28 75.96
C ASP J 8 76.99 11.21 74.90
N LEU J 9 77.00 10.14 74.11
CA LEU J 9 75.94 9.99 73.13
C LEU J 9 74.70 9.61 73.93
N GLY J 10 74.01 10.63 74.49
CA GLY J 10 72.85 10.39 75.31
C GLY J 10 71.79 9.59 74.60
N THR J 11 70.81 9.12 75.37
CA THR J 11 69.67 8.45 74.77
C THR J 11 68.75 9.49 74.13
N THR J 12 68.78 10.71 74.65
CA THR J 12 68.19 11.86 74.01
C THR J 12 69.15 13.04 73.93
N ASN J 13 70.33 12.93 74.52
CA ASN J 13 71.27 14.05 74.62
C ASN J 13 72.63 13.62 74.10
N SER J 14 72.82 13.66 72.78
CA SER J 14 74.11 13.32 72.19
C SER J 14 75.02 14.54 72.24
N VAL J 15 76.04 14.45 73.09
CA VAL J 15 76.93 15.56 73.40
C VAL J 15 78.36 15.08 73.17
N VAL J 16 79.22 15.98 72.71
CA VAL J 16 80.62 15.68 72.44
C VAL J 16 81.47 16.84 72.97
N SER J 17 82.42 16.50 73.86
CA SER J 17 83.36 17.47 74.41
C SER J 17 84.76 17.16 73.95
N VAL J 18 85.50 18.22 73.63
CA VAL J 18 86.90 18.15 73.23
C VAL J 18 87.70 18.77 74.36
N LEU J 19 89.02 18.80 74.18
CA LEU J 19 89.94 19.34 75.18
C LEU J 19 90.77 20.44 74.55
N GLU J 20 90.40 21.68 74.88
CA GLU J 20 91.22 22.85 74.56
C GLU J 20 92.43 22.81 75.49
N GLY J 21 93.46 22.09 75.07
CA GLY J 21 94.64 21.91 75.88
C GLY J 21 94.37 21.26 77.22
N GLY J 22 93.34 20.40 77.29
CA GLY J 22 92.90 19.82 78.53
C GLY J 22 91.69 20.49 79.13
N ASP J 23 91.37 21.71 78.71
CA ASP J 23 90.18 22.40 79.17
C ASP J 23 88.98 21.74 78.52
N PRO J 24 88.03 21.17 79.26
CA PRO J 24 86.93 20.48 78.59
C PRO J 24 85.98 21.47 77.94
N VAL J 25 86.07 21.55 76.62
CA VAL J 25 85.26 22.45 75.80
C VAL J 25 84.20 21.61 75.11
N VAL J 26 82.96 21.75 75.54
CA VAL J 26 81.85 21.10 74.88
C VAL J 26 81.56 21.90 73.62
N VAL J 27 81.75 21.27 72.46
CA VAL J 27 81.67 21.99 71.20
C VAL J 27 80.22 22.25 70.86
N ALA J 28 79.91 23.50 70.54
CA ALA J 28 78.64 23.81 69.91
C ALA J 28 78.54 23.06 68.59
N ASN J 29 77.50 22.25 68.48
CA ASN J 29 77.16 21.62 67.21
C ASN J 29 77.00 22.68 66.13
N SER J 30 77.12 22.24 64.88
CA SER J 30 76.68 23.09 63.77
C SER J 30 75.20 23.46 63.89
N GLU J 31 74.41 22.63 64.57
CA GLU J 31 73.08 22.99 65.02
C GLU J 31 73.06 24.10 66.06
N GLY J 32 74.22 24.50 66.59
CA GLY J 32 74.34 25.49 67.61
C GLY J 32 74.32 24.94 69.01
N SER J 33 73.34 24.09 69.33
CA SER J 33 73.29 23.42 70.61
C SER J 33 74.40 22.39 70.69
N ARG J 34 75.25 22.54 71.70
CA ARG J 34 76.31 21.56 71.95
C ARG J 34 75.75 20.16 72.10
N THR J 35 74.56 20.03 72.67
CA THR J 35 73.83 18.77 72.69
C THR J 35 73.16 18.60 71.34
N THR J 36 73.56 17.57 70.62
CA THR J 36 72.74 17.04 69.54
C THR J 36 71.67 16.18 70.18
N PRO J 37 70.38 16.46 70.01
CA PRO J 37 69.38 15.48 70.46
C PRO J 37 69.59 14.14 69.81
N SER J 38 69.74 13.10 70.63
CA SER J 38 70.02 11.75 70.18
C SER J 38 68.79 11.14 69.52
N ILE J 39 68.42 11.72 68.39
CA ILE J 39 67.27 11.33 67.60
C ILE J 39 67.70 11.41 66.15
N VAL J 40 67.25 10.45 65.35
CA VAL J 40 67.67 10.32 63.96
C VAL J 40 66.41 10.21 63.12
N ALA J 41 66.03 11.30 62.48
CA ALA J 41 64.76 11.36 61.75
C ALA J 41 65.04 11.13 60.28
N PHE J 42 64.74 9.93 59.83
CA PHE J 42 64.92 9.58 58.43
C PHE J 42 63.79 10.27 57.68
N ALA J 43 64.06 11.53 57.35
CA ALA J 43 63.14 12.32 56.54
C ALA J 43 62.75 11.56 55.30
N ARG J 44 61.55 11.84 54.79
CA ARG J 44 61.00 11.09 53.66
C ARG J 44 61.66 11.51 52.34
N ASN J 45 62.98 11.34 52.32
CA ASN J 45 63.82 11.70 51.18
C ASN J 45 64.92 10.69 50.91
N GLY J 46 65.19 9.76 51.82
CA GLY J 46 66.47 9.13 51.95
C GLY J 46 67.43 9.89 52.82
N GLU J 47 67.33 11.22 52.86
CA GLU J 47 68.09 12.04 53.76
C GLU J 47 67.65 11.77 55.21
N VAL J 48 68.55 12.04 56.14
CA VAL J 48 68.36 11.72 57.55
C VAL J 48 68.77 12.94 58.37
N LEU J 49 67.79 13.62 58.96
CA LEU J 49 68.08 14.60 59.99
C LEU J 49 68.64 13.94 61.23
N VAL J 50 69.29 14.73 62.05
CA VAL J 50 69.71 14.36 63.39
C VAL J 50 69.58 15.59 64.26
N GLY J 51 69.30 15.39 65.54
CA GLY J 51 69.31 16.47 66.50
C GLY J 51 67.93 17.09 66.63
N GLN J 52 67.90 18.38 66.98
CA GLN J 52 66.62 19.09 66.96
C GLN J 52 66.00 19.12 65.57
N PRO J 53 66.75 19.18 64.46
CA PRO J 53 66.10 18.90 63.17
C PRO J 53 65.38 17.57 63.15
N ALA J 54 66.03 16.51 63.60
CA ALA J 54 65.35 15.23 63.67
C ALA J 54 64.23 15.24 64.69
N LYS J 55 64.50 15.85 65.85
CA LYS J 55 63.53 15.91 66.92
C LYS J 55 62.21 16.50 66.43
N ASN J 56 62.30 17.61 65.68
CA ASN J 56 61.13 18.21 65.06
C ASN J 56 60.33 17.22 64.23
N GLN J 57 61.01 16.27 63.57
CA GLN J 57 60.36 15.25 62.77
C GLN J 57 60.10 13.98 63.57
N ALA J 58 60.21 14.03 64.89
CA ALA J 58 59.76 12.92 65.71
C ALA J 58 58.26 12.72 65.58
N VAL J 59 57.50 13.79 65.32
CA VAL J 59 56.08 13.67 65.02
C VAL J 59 55.84 13.47 63.53
N THR J 60 56.62 14.11 62.68
CA THR J 60 56.37 14.08 61.24
C THR J 60 56.91 12.82 60.61
N ASN J 61 58.16 12.48 60.91
CA ASN J 61 58.74 11.20 60.56
C ASN J 61 58.64 10.25 61.74
N VAL J 62 57.54 10.36 62.49
CA VAL J 62 57.22 9.40 63.54
C VAL J 62 57.36 7.96 63.05
N ASP J 63 56.93 7.70 61.81
CA ASP J 63 57.10 6.38 61.21
C ASP J 63 58.52 6.13 60.72
N ARG J 64 59.38 7.16 60.70
CA ARG J 64 60.74 7.06 60.20
C ARG J 64 61.74 7.78 61.11
N THR J 65 61.35 8.11 62.34
CA THR J 65 62.25 8.76 63.28
C THR J 65 62.60 7.79 64.39
N VAL J 66 63.89 7.73 64.70
CA VAL J 66 64.46 6.78 65.64
C VAL J 66 64.88 7.54 66.88
N ARG J 67 64.39 7.10 68.03
CA ARG J 67 64.83 7.60 69.33
C ARG J 67 65.19 6.42 70.21
N SER J 68 66.28 6.58 70.97
CA SER J 68 66.68 5.62 71.98
C SER J 68 67.08 4.27 71.38
N VAL J 69 67.47 4.28 70.11
CA VAL J 69 68.25 3.20 69.52
C VAL J 69 69.54 2.95 70.30
N LYS J 70 69.99 3.94 71.07
CA LYS J 70 70.94 3.70 72.14
C LYS J 70 70.62 2.41 72.89
N ARG J 71 69.40 2.31 73.42
CA ARG J 71 68.98 1.10 74.11
C ARG J 71 69.05 -0.12 73.20
N HIS J 72 68.79 0.04 71.91
CA HIS J 72 68.81 -1.05 70.95
C HIS J 72 70.13 -1.15 70.19
N MET J 73 71.25 -0.76 70.81
CA MET J 73 72.52 -0.78 70.08
C MET J 73 72.97 -2.19 69.78
N GLY J 74 72.96 -3.07 70.78
CA GLY J 74 73.62 -4.35 70.68
C GLY J 74 73.05 -5.34 69.70
N SER J 75 71.95 -5.00 69.04
CA SER J 75 71.32 -5.86 68.04
C SER J 75 71.51 -5.27 66.65
N ASP J 76 71.09 -6.02 65.65
CA ASP J 76 70.75 -5.46 64.35
C ASP J 76 69.41 -4.75 64.40
N TRP J 77 69.28 -3.70 65.22
CA TRP J 77 68.02 -2.99 65.35
C TRP J 77 67.79 -2.22 64.06
N SER J 78 67.25 -2.92 63.08
CA SER J 78 67.42 -2.55 61.68
C SER J 78 66.11 -2.01 61.15
N ILE J 79 66.10 -0.70 60.94
CA ILE J 79 64.88 0.04 60.65
C ILE J 79 64.80 0.23 59.15
N GLU J 80 63.72 -0.27 58.54
CA GLU J 80 63.46 -0.17 57.08
C GLU J 80 63.26 1.32 56.71
N ILE J 81 64.35 2.04 56.48
CA ILE J 81 64.35 3.50 56.13
C ILE J 81 64.45 3.67 54.62
N ASP J 82 63.32 3.60 53.90
CA ASP J 82 63.18 3.78 52.44
C ASP J 82 63.92 2.67 51.67
N GLY J 83 65.26 2.68 51.62
CA GLY J 83 66.07 1.69 50.91
C GLY J 83 66.03 0.32 51.57
N LYS J 84 66.91 0.09 52.54
CA LYS J 84 67.02 -1.20 53.30
C LYS J 84 66.84 -0.92 54.78
N LYS J 85 67.20 -1.87 55.64
CA LYS J 85 67.10 -1.77 57.08
C LYS J 85 68.42 -1.34 57.69
N TYR J 86 68.37 -0.28 58.47
CA TYR J 86 69.56 0.39 58.98
C TYR J 86 69.68 0.04 60.45
N THR J 87 70.70 -0.74 60.81
CA THR J 87 70.88 -1.20 62.18
C THR J 87 71.28 -0.05 63.09
N ALA J 88 71.22 -0.31 64.39
CA ALA J 88 71.56 0.70 65.38
C ALA J 88 72.96 1.29 65.22
N PRO J 89 74.00 0.51 64.89
CA PRO J 89 75.29 1.13 64.58
C PRO J 89 75.21 2.25 63.55
N GLU J 90 74.43 2.08 62.49
CA GLU J 90 74.39 3.10 61.45
C GLU J 90 73.54 4.30 61.85
N ILE J 91 72.49 4.07 62.63
CA ILE J 91 71.71 5.19 63.14
C ILE J 91 72.57 6.04 64.05
N SER J 92 73.38 5.38 64.88
CA SER J 92 74.36 6.10 65.69
C SER J 92 75.43 6.75 64.82
N ALA J 93 75.88 6.06 63.77
CA ALA J 93 76.92 6.57 62.90
C ALA J 93 76.47 7.83 62.19
N ARG J 94 75.17 7.96 61.93
CA ARG J 94 74.65 9.20 61.36
C ARG J 94 74.89 10.39 62.29
N ILE J 95 74.46 10.27 63.55
CA ILE J 95 74.73 11.31 64.52
C ILE J 95 76.23 11.56 64.64
N LEU J 96 77.01 10.49 64.50
CA LEU J 96 78.45 10.63 64.62
C LEU J 96 79.03 11.39 63.44
N MET J 97 78.48 11.20 62.25
CA MET J 97 78.93 11.97 61.10
C MET J 97 78.53 13.43 61.24
N LYS J 98 77.33 13.68 61.79
CA LYS J 98 76.99 15.06 62.11
C LYS J 98 78.01 15.66 63.05
N LEU J 99 78.17 15.08 64.25
CA LEU J 99 79.13 15.57 65.24
C LEU J 99 80.54 15.67 64.64
N LYS J 100 80.88 14.73 63.75
CA LYS J 100 82.17 14.72 63.08
C LYS J 100 82.38 16.02 62.32
N ARG J 101 81.43 16.38 61.47
CA ARG J 101 81.61 17.57 60.67
C ARG J 101 81.34 18.84 61.47
N ASP J 102 80.56 18.75 62.55
CA ASP J 102 80.44 19.89 63.46
C ASP J 102 81.79 20.21 64.07
N ALA J 103 82.52 19.18 64.51
CA ALA J 103 83.83 19.41 65.12
C ALA J 103 84.85 19.80 64.06
N GLU J 104 84.78 19.20 62.88
CA GLU J 104 85.66 19.59 61.79
C GLU J 104 85.47 21.06 61.44
N ALA J 105 84.21 21.52 61.49
CA ALA J 105 83.92 22.94 61.31
C ALA J 105 84.48 23.76 62.46
N TYR J 106 84.30 23.28 63.68
CA TYR J 106 84.80 23.99 64.86
C TYR J 106 86.32 24.06 64.87
N LEU J 107 86.98 23.20 64.09
CA LEU J 107 88.43 23.07 64.11
C LEU J 107 89.12 23.82 62.97
N GLY J 108 88.79 23.47 61.73
CA GLY J 108 89.65 23.74 60.61
C GLY J 108 90.36 22.51 60.10
N GLU J 109 90.02 21.34 60.61
CA GLU J 109 90.54 20.05 60.17
C GLU J 109 89.79 18.99 60.96
N ASP J 110 89.79 17.77 60.46
CA ASP J 110 88.94 16.72 61.01
C ASP J 110 89.74 15.93 62.04
N ILE J 111 89.91 16.51 63.23
CA ILE J 111 90.43 15.81 64.39
C ILE J 111 89.28 14.98 64.96
N THR J 112 89.33 13.66 64.79
CA THR J 112 88.12 12.83 64.79
C THR J 112 88.03 11.82 65.92
N ASP J 113 89.12 11.48 66.61
CA ASP J 113 89.08 10.39 67.57
C ASP J 113 88.14 10.72 68.71
N ALA J 114 87.71 9.68 69.43
CA ALA J 114 86.68 9.87 70.45
C ALA J 114 86.79 8.81 71.53
N VAL J 115 86.06 9.08 72.60
CA VAL J 115 85.83 8.15 73.69
C VAL J 115 84.34 8.20 73.94
N ILE J 116 83.59 7.27 73.33
CA ILE J 116 82.15 7.37 73.29
C ILE J 116 81.60 6.41 74.33
N THR J 117 80.54 6.83 75.02
CA THR J 117 80.17 6.21 76.27
C THR J 117 78.97 5.28 76.12
N THR J 118 78.81 4.43 77.13
CA THR J 118 77.70 3.51 77.26
C THR J 118 77.14 3.64 78.67
N PRO J 119 75.84 3.48 78.87
CA PRO J 119 75.34 3.33 80.23
C PRO J 119 75.98 2.13 80.89
N ALA J 120 76.05 2.17 82.23
CA ALA J 120 76.60 1.03 82.93
C ALA J 120 75.65 -0.17 82.87
N TYR J 121 74.37 0.06 82.51
CA TYR J 121 73.46 -1.06 82.27
C TYR J 121 73.64 -1.66 80.88
N PHE J 122 74.46 -1.08 80.02
CA PHE J 122 74.70 -1.66 78.71
C PHE J 122 75.55 -2.92 78.82
N ASN J 123 75.71 -3.59 77.68
CA ASN J 123 76.48 -4.80 77.56
C ASN J 123 77.38 -4.70 76.34
N ASP J 124 78.39 -5.57 76.28
CA ASP J 124 79.40 -5.46 75.25
C ASP J 124 78.88 -5.75 73.85
N ALA J 125 77.62 -6.18 73.71
CA ALA J 125 77.02 -6.25 72.39
C ALA J 125 76.70 -4.85 71.88
N GLN J 126 76.13 -4.01 72.74
CA GLN J 126 75.95 -2.60 72.40
C GLN J 126 77.29 -1.95 72.10
N ARG J 127 78.35 -2.40 72.77
CA ARG J 127 79.66 -1.82 72.54
C ARG J 127 80.29 -2.34 71.25
N GLN J 128 80.00 -3.58 70.87
CA GLN J 128 80.38 -4.05 69.54
C GLN J 128 79.62 -3.29 68.46
N ALA J 129 78.34 -3.00 68.74
CA ALA J 129 77.54 -2.18 67.84
C ALA J 129 78.20 -0.81 67.64
N THR J 130 78.71 -0.23 68.72
CA THR J 130 79.41 1.04 68.59
C THR J 130 80.73 0.89 67.85
N LYS J 131 81.43 -0.23 68.03
CA LYS J 131 82.63 -0.50 67.23
C LYS J 131 82.30 -0.47 65.74
N ASP J 132 81.18 -1.06 65.37
CA ASP J 132 80.79 -1.07 63.97
C ASP J 132 80.43 0.33 63.49
N ALA J 133 79.65 1.07 64.29
CA ALA J 133 79.32 2.45 63.95
C ALA J 133 80.58 3.29 63.77
N GLY J 134 81.63 2.98 64.54
CA GLY J 134 82.89 3.69 64.37
C GLY J 134 83.59 3.31 63.09
N GLN J 135 83.49 2.04 62.70
CA GLN J 135 83.94 1.66 61.37
C GLN J 135 83.12 2.37 60.29
N ILE J 136 81.91 2.81 60.64
CA ILE J 136 81.02 3.43 59.66
C ILE J 136 81.25 4.93 59.58
N ALA J 137 81.02 5.66 60.68
CA ALA J 137 80.98 7.12 60.65
C ALA J 137 82.33 7.76 60.42
N GLY J 138 83.42 7.08 60.72
CA GLY J 138 84.74 7.66 60.54
C GLY J 138 85.30 8.38 61.75
N LEU J 139 84.73 8.19 62.94
CA LEU J 139 85.32 8.65 64.18
C LEU J 139 85.81 7.44 64.98
N ASN J 140 86.85 7.63 65.79
CA ASN J 140 87.47 6.55 66.55
C ASN J 140 86.96 6.59 67.98
N VAL J 141 86.45 5.45 68.44
CA VAL J 141 86.36 5.16 69.86
C VAL J 141 87.58 4.33 70.21
N LEU J 142 88.68 5.00 70.51
CA LEU J 142 89.88 4.29 70.94
C LEU J 142 89.62 3.49 72.21
N ARG J 143 88.64 3.92 72.99
CA ARG J 143 88.12 3.14 74.10
C ARG J 143 86.77 3.73 74.48
N ILE J 144 85.87 2.88 74.95
CA ILE J 144 84.60 3.31 75.52
C ILE J 144 84.81 3.52 77.00
N VAL J 145 84.26 4.60 77.52
CA VAL J 145 84.14 4.85 78.95
C VAL J 145 82.66 4.83 79.27
N ASN J 146 82.24 3.87 80.08
CA ASN J 146 80.84 3.82 80.48
C ASN J 146 80.45 5.13 81.16
N GLU J 147 79.19 5.49 81.03
CA GLU J 147 78.77 6.85 81.33
C GLU J 147 78.99 7.26 82.78
N PRO J 148 78.71 6.45 83.79
CA PRO J 148 79.06 6.85 85.16
C PRO J 148 80.55 7.07 85.35
N THR J 149 81.37 6.26 84.67
CA THR J 149 82.82 6.40 84.79
C THR J 149 83.28 7.73 84.24
N ALA J 150 82.80 8.09 83.05
CA ALA J 150 83.14 9.39 82.49
C ALA J 150 82.54 10.52 83.30
N ALA J 151 81.44 10.24 84.03
CA ALA J 151 80.93 11.24 84.95
C ALA J 151 81.95 11.56 86.04
N ALA J 152 82.39 10.52 86.75
CA ALA J 152 83.36 10.71 87.82
C ALA J 152 84.65 11.32 87.29
N LEU J 153 85.03 10.99 86.05
CA LEU J 153 86.11 11.71 85.39
C LEU J 153 85.80 13.19 85.26
N ALA J 154 84.64 13.51 84.69
CA ALA J 154 84.29 14.86 84.30
C ALA J 154 84.37 15.81 85.48
N TYR J 155 83.80 15.41 86.62
CA TYR J 155 83.94 16.24 87.82
C TYR J 155 85.27 16.05 88.52
N GLY J 156 86.22 15.34 87.90
CA GLY J 156 87.54 15.18 88.48
C GLY J 156 87.48 14.46 89.81
N LEU J 157 86.53 13.53 89.96
CA LEU J 157 86.33 12.83 91.23
C LEU J 157 87.37 11.73 91.34
N ASP J 158 88.63 12.15 91.49
CA ASP J 158 89.73 11.27 91.84
C ASP J 158 89.99 11.47 93.33
N LYS J 159 89.09 10.95 94.16
CA LYS J 159 89.15 11.23 95.61
C LYS J 159 90.50 10.78 96.17
N GLY J 160 90.97 9.61 95.79
CA GLY J 160 92.29 9.13 96.26
C GLY J 160 92.84 8.04 95.36
N GLU J 161 94.14 7.78 95.47
CA GLU J 161 94.77 6.67 94.71
C GLU J 161 94.16 5.35 95.20
N LYS J 162 93.97 5.25 96.53
CA LYS J 162 93.09 4.23 97.15
C LYS J 162 91.64 4.42 96.73
N GLU J 163 90.98 3.29 96.45
CA GLU J 163 89.56 3.09 96.05
C GLU J 163 88.70 4.28 96.48
N GLN J 164 87.67 4.59 95.68
CA GLN J 164 86.72 5.66 95.91
C GLN J 164 85.36 5.18 95.43
N ARG J 165 84.34 5.68 96.11
CA ARG J 165 82.95 5.31 95.89
C ARG J 165 82.28 6.52 95.23
N ILE J 166 81.89 6.35 93.97
CA ILE J 166 81.21 7.40 93.22
C ILE J 166 79.83 6.90 92.85
N LEU J 167 78.82 7.57 93.37
CA LEU J 167 77.43 7.37 92.98
C LEU J 167 77.21 8.23 91.74
N VAL J 168 76.44 7.71 90.79
CA VAL J 168 76.13 8.43 89.56
C VAL J 168 74.67 8.21 89.24
N PHE J 169 73.92 9.32 89.17
CA PHE J 169 72.54 9.32 88.69
C PHE J 169 72.55 9.90 87.28
N ASP J 170 72.37 9.04 86.29
CA ASP J 170 72.14 9.46 84.92
C ASP J 170 70.64 9.55 84.75
N LEU J 171 70.18 10.74 84.36
CA LEU J 171 68.88 10.91 83.73
C LEU J 171 69.15 11.78 82.50
N GLY J 172 69.41 11.14 81.38
CA GLY J 172 69.23 11.77 80.10
C GLY J 172 67.75 11.98 79.90
N GLY J 173 67.41 12.71 78.85
CA GLY J 173 66.01 12.91 78.56
C GLY J 173 65.31 11.59 78.21
N GLY J 174 66.08 10.56 77.85
CA GLY J 174 65.48 9.29 77.51
C GLY J 174 66.11 8.06 78.13
N THR J 175 66.82 8.23 79.25
CA THR J 175 67.51 7.12 79.88
C THR J 175 67.68 7.41 81.36
N PHE J 176 67.59 6.37 82.17
CA PHE J 176 67.92 6.48 83.59
C PHE J 176 68.83 5.34 84.01
N ASP J 177 69.90 5.68 84.74
CA ASP J 177 70.87 4.71 85.25
C ASP J 177 71.32 5.17 86.64
N VAL J 178 71.07 4.34 87.65
CA VAL J 178 71.76 4.41 88.93
C VAL J 178 73.03 3.60 88.76
N SER J 179 74.17 4.13 89.22
CA SER J 179 75.43 3.41 89.15
C SER J 179 76.25 3.72 90.39
N LEU J 180 76.92 2.70 90.91
CA LEU J 180 77.86 2.87 92.01
C LEU J 180 79.21 2.32 91.56
N LEU J 181 80.26 3.08 91.85
CA LEU J 181 81.55 2.95 91.19
C LEU J 181 82.66 2.84 92.21
N GLU J 182 83.31 1.67 92.23
CA GLU J 182 84.57 1.47 92.93
C GLU J 182 85.68 1.79 91.93
N ILE J 183 86.49 2.79 92.25
CA ILE J 183 87.51 3.29 91.33
C ILE J 183 88.84 3.31 92.06
N GLY J 184 89.93 3.01 91.34
CA GLY J 184 91.25 3.05 91.94
C GLY J 184 92.35 2.83 90.91
N GLU J 185 93.52 3.40 91.21
CA GLU J 185 94.72 3.23 90.38
C GLU J 185 94.54 3.81 88.99
N GLY J 186 93.64 4.78 88.84
CA GLY J 186 93.21 5.19 87.52
C GLY J 186 92.42 4.13 86.78
N VAL J 187 91.99 3.07 87.46
CA VAL J 187 91.23 1.98 86.88
C VAL J 187 89.86 1.97 87.55
N VAL J 188 88.82 1.70 86.76
CA VAL J 188 87.45 1.96 87.18
C VAL J 188 86.66 0.67 87.12
N GLU J 189 85.78 0.49 88.10
CA GLU J 189 84.70 -0.49 88.05
C GLU J 189 83.43 0.23 88.45
N VAL J 190 82.42 0.18 87.58
CA VAL J 190 81.07 0.48 88.04
C VAL J 190 80.62 -0.74 88.83
N ARG J 191 80.75 -0.66 90.15
CA ARG J 191 80.50 -1.79 91.04
C ARG J 191 79.10 -2.35 90.85
N ALA J 192 78.14 -1.46 90.65
CA ALA J 192 76.74 -1.84 90.59
C ALA J 192 76.02 -0.90 89.64
N THR J 193 74.90 -1.38 89.10
CA THR J 193 74.08 -0.59 88.19
C THR J 193 72.65 -1.06 88.24
N SER J 194 71.74 -0.10 88.28
CA SER J 194 70.32 -0.30 88.06
C SER J 194 69.84 0.89 87.27
N GLY J 195 68.53 1.05 87.22
CA GLY J 195 67.97 2.25 86.64
C GLY J 195 66.64 1.98 86.01
N ASP J 196 66.34 2.77 84.99
CA ASP J 196 65.14 2.60 84.19
C ASP J 196 65.53 3.04 82.80
N ASN J 197 65.85 2.07 81.95
CA ASN J 197 66.32 2.39 80.61
C ASN J 197 65.24 3.01 79.73
N HIS J 198 63.97 2.93 80.16
CA HIS J 198 62.87 3.58 79.46
C HIS J 198 62.62 4.99 79.96
N LEU J 199 62.91 5.26 81.22
CA LEU J 199 62.66 6.56 81.83
C LEU J 199 63.73 7.52 81.33
N GLY J 200 63.36 8.78 81.23
CA GLY J 200 64.29 9.86 80.97
C GLY J 200 63.56 11.15 81.28
N GLY J 201 64.29 12.25 81.26
CA GLY J 201 63.61 13.52 81.47
C GLY J 201 62.68 13.92 80.35
N ASP J 202 62.70 13.21 79.24
CA ASP J 202 61.71 13.40 78.20
C ASP J 202 60.55 12.45 78.39
N ASP J 203 60.74 11.38 79.16
CA ASP J 203 59.60 10.75 79.78
C ASP J 203 58.96 11.67 80.80
N TRP J 204 59.78 12.37 81.59
CA TRP J 204 59.26 13.41 82.47
C TRP J 204 58.48 14.44 81.65
N ASP J 205 59.06 14.89 80.53
CA ASP J 205 58.36 15.82 79.64
C ASP J 205 57.09 15.21 79.09
N GLN J 206 57.08 13.90 78.89
CA GLN J 206 55.90 13.27 78.33
C GLN J 206 54.77 13.26 79.36
N ARG J 207 55.10 13.02 80.64
CA ARG J 207 54.10 13.20 81.69
C ARG J 207 53.61 14.64 81.72
N VAL J 208 54.52 15.58 81.54
CA VAL J 208 54.15 16.98 81.49
C VAL J 208 53.12 17.21 80.41
N VAL J 209 53.41 16.79 79.18
CA VAL J 209 52.52 17.00 78.05
C VAL J 209 51.18 16.28 78.29
N ASP J 210 51.23 15.11 78.93
CA ASP J 210 50.01 14.46 79.35
C ASP J 210 49.15 15.41 80.14
N TRP J 211 49.71 15.98 81.21
CA TRP J 211 48.97 16.93 82.02
C TRP J 211 48.49 18.13 81.19
N LEU J 212 49.35 18.62 80.30
CA LEU J 212 49.03 19.78 79.49
C LEU J 212 47.72 19.58 78.77
N VAL J 213 47.63 18.49 78.02
CA VAL J 213 46.41 18.24 77.27
C VAL J 213 45.30 17.77 78.21
N ASP J 214 45.67 17.23 79.38
CA ASP J 214 44.66 16.83 80.36
C ASP J 214 43.81 18.00 80.76
N LYS J 215 44.45 19.13 81.08
CA LYS J 215 43.70 20.28 81.54
C LYS J 215 43.23 21.15 80.39
N PHE J 216 43.90 21.03 79.24
CA PHE J 216 43.31 21.51 77.99
C PHE J 216 41.90 20.97 77.83
N LYS J 217 41.74 19.64 77.92
CA LYS J 217 40.41 19.06 77.83
C LYS J 217 39.62 19.23 79.13
N GLY J 218 40.32 19.48 80.24
CA GLY J 218 39.63 19.82 81.48
C GLY J 218 38.74 21.03 81.33
N THR J 219 39.25 22.09 80.72
CA THR J 219 38.43 23.26 80.47
C THR J 219 37.56 23.08 79.22
N SER J 220 38.19 22.88 78.06
CA SER J 220 37.48 23.07 76.79
C SER J 220 37.09 21.75 76.12
N GLY J 221 38.04 20.83 75.95
CA GLY J 221 37.77 19.50 75.42
C GLY J 221 38.38 19.20 74.06
N ILE J 222 39.56 19.72 73.75
CA ILE J 222 40.29 19.38 72.54
C ILE J 222 41.56 18.65 72.91
N ASP J 223 41.98 17.72 72.06
CA ASP J 223 43.15 16.88 72.29
C ASP J 223 44.19 17.24 71.23
N LEU J 224 45.39 17.56 71.69
CA LEU J 224 46.49 17.80 70.76
C LEU J 224 47.10 16.52 70.25
N THR J 225 46.66 15.36 70.75
CA THR J 225 46.87 14.12 70.00
C THR J 225 46.28 14.23 68.61
N LYS J 226 45.16 14.93 68.49
CA LYS J 226 44.51 15.11 67.21
C LYS J 226 45.33 15.96 66.26
N ASP J 227 46.38 16.64 66.74
CA ASP J 227 47.22 17.51 65.93
C ASP J 227 48.69 17.18 66.14
N LYS J 228 49.34 16.75 65.07
CA LYS J 228 50.72 16.27 65.17
C LYS J 228 51.69 17.42 65.50
N MET J 229 51.53 18.55 64.82
CA MET J 229 52.39 19.69 65.13
C MET J 229 52.16 20.15 66.55
N ALA J 230 50.94 19.98 67.07
CA ALA J 230 50.67 20.31 68.46
C ALA J 230 51.43 19.37 69.39
N MET J 231 51.56 18.10 68.99
CA MET J 231 52.36 17.17 69.78
C MET J 231 53.82 17.57 69.78
N GLN J 232 54.35 17.93 68.61
CA GLN J 232 55.72 18.44 68.53
C GLN J 232 55.89 19.65 69.43
N ARG J 233 54.93 20.56 69.42
CA ARG J 233 55.03 21.78 70.20
C ARG J 233 54.99 21.49 71.69
N LEU J 234 54.06 20.61 72.11
CA LEU J 234 54.00 20.21 73.51
C LEU J 234 55.31 19.58 73.95
N ARG J 235 55.86 18.69 73.12
CA ARG J 235 57.10 17.99 73.48
C ARG J 235 58.25 18.97 73.64
N GLU J 236 58.41 19.89 72.67
CA GLU J 236 59.50 20.84 72.72
C GLU J 236 59.35 21.78 73.91
N ALA J 237 58.16 22.36 74.09
CA ALA J 237 57.91 23.23 75.22
C ALA J 237 58.09 22.49 76.54
N ALA J 238 57.84 21.18 76.53
CA ALA J 238 57.95 20.41 77.77
C ALA J 238 59.40 20.17 78.14
N GLU J 239 60.27 19.87 77.16
CA GLU J 239 61.68 19.72 77.50
C GLU J 239 62.31 21.05 77.85
N LYS J 240 61.88 22.12 77.19
CA LYS J 240 62.47 23.40 77.55
C LYS J 240 61.90 23.89 78.87
N ALA J 241 60.72 23.41 79.25
CA ALA J 241 60.25 23.58 80.61
C ALA J 241 61.06 22.70 81.57
N LYS J 242 61.56 21.55 81.11
CA LYS J 242 62.48 20.76 81.93
C LYS J 242 63.69 21.59 82.29
N ILE J 243 64.42 22.04 81.28
CA ILE J 243 65.65 22.80 81.56
C ILE J 243 65.31 24.13 82.22
N GLU J 244 64.09 24.64 82.02
CA GLU J 244 63.64 25.79 82.79
C GLU J 244 63.57 25.47 84.27
N LEU J 245 62.73 24.50 84.63
CA LEU J 245 62.51 24.13 86.01
C LEU J 245 63.63 23.28 86.57
N SER J 246 64.72 23.12 85.84
CA SER J 246 65.97 22.72 86.49
C SER J 246 66.56 23.87 87.29
N SER J 247 66.07 25.08 87.08
CA SER J 247 66.40 26.26 87.86
C SER J 247 65.18 26.94 88.44
N SER J 248 64.06 26.94 87.72
CA SER J 248 62.88 27.70 88.10
C SER J 248 61.90 26.86 88.92
N GLN J 249 61.37 27.48 89.95
CA GLN J 249 60.28 26.88 90.72
C GLN J 249 59.04 26.64 89.90
N SER J 250 58.85 27.40 88.82
CA SER J 250 57.56 27.46 88.15
C SER J 250 57.77 28.18 86.83
N THR J 251 57.07 27.71 85.82
CA THR J 251 57.21 28.22 84.46
C THR J 251 55.84 28.23 83.80
N SER J 252 55.39 29.39 83.38
CA SER J 252 54.11 29.52 82.69
C SER J 252 54.34 29.38 81.21
N ILE J 253 53.51 28.58 80.56
CA ILE J 253 53.64 28.27 79.16
C ILE J 253 52.33 28.65 78.49
N ASN J 254 52.44 29.11 77.24
CA ASN J 254 51.37 29.77 76.52
C ASN J 254 51.65 29.55 75.04
N LEU J 255 50.59 29.46 74.25
CA LEU J 255 50.72 29.33 72.80
C LEU J 255 49.57 30.06 72.12
N PRO J 256 49.81 30.94 71.14
CA PRO J 256 48.69 31.43 70.32
C PRO J 256 48.04 30.31 69.55
N TYR J 257 46.94 30.67 68.86
CA TYR J 257 46.06 29.82 68.04
C TYR J 257 46.62 28.40 67.92
N ILE J 258 45.78 27.39 68.16
CA ILE J 258 46.18 25.95 68.10
C ILE J 258 45.07 25.12 67.43
N THR J 259 43.90 25.02 68.09
CA THR J 259 42.76 24.21 67.57
C THR J 259 41.46 25.01 67.64
N VAL J 260 40.46 24.60 66.84
CA VAL J 260 39.13 25.27 66.77
C VAL J 260 38.41 25.16 68.11
N ASP J 261 37.75 26.25 68.52
CA ASP J 261 36.98 26.35 69.79
C ASP J 261 35.75 25.42 69.77
N ALA J 262 35.19 25.20 68.57
CA ALA J 262 33.99 24.38 68.22
C ALA J 262 32.70 25.17 68.51
N ASP J 263 32.87 26.43 68.89
CA ASP J 263 31.75 27.40 69.14
C ASP J 263 31.90 28.53 68.11
N LYS J 264 32.86 28.34 67.20
CA LYS J 264 33.26 29.29 66.13
C LYS J 264 34.42 30.19 66.59
N ASN J 265 35.41 29.62 67.28
CA ASN J 265 36.56 30.43 67.79
C ASN J 265 37.86 29.63 67.73
N PRO J 266 39.05 30.29 67.73
CA PRO J 266 40.34 29.62 67.74
C PRO J 266 40.87 29.54 69.18
N LEU J 267 41.31 28.34 69.60
CA LEU J 267 41.80 28.18 71.00
C LEU J 267 43.34 28.22 71.02
N PHE J 268 43.90 28.63 72.17
CA PHE J 268 45.37 28.75 72.43
C PHE J 268 45.67 28.04 73.76
N LEU J 269 46.81 28.37 74.39
CA LEU J 269 47.21 27.81 75.67
C LEU J 269 47.71 28.96 76.53
N ASP J 270 47.41 28.92 77.83
CA ASP J 270 48.00 29.91 78.75
C ASP J 270 47.80 29.42 80.19
N GLU J 271 48.89 29.06 80.87
CA GLU J 271 48.81 28.84 82.33
C GLU J 271 50.19 28.63 82.93
N GLN J 272 50.28 28.85 84.24
CA GLN J 272 51.44 28.53 85.06
C GLN J 272 51.62 27.01 85.16
N LEU J 273 52.89 26.59 85.32
CA LEU J 273 53.24 25.34 85.96
C LEU J 273 54.01 25.67 87.22
N THR J 274 53.77 24.91 88.28
CA THR J 274 54.61 24.95 89.47
C THR J 274 55.38 23.63 89.58
N ARG J 275 56.69 23.72 89.81
CA ARG J 275 57.55 22.53 89.81
C ARG J 275 57.12 21.53 90.89
N ALA J 276 56.43 21.99 91.93
CA ALA J 276 55.80 21.05 92.86
C ALA J 276 54.92 20.07 92.11
N GLU J 277 54.04 20.58 91.25
CA GLU J 277 53.21 19.72 90.42
C GLU J 277 54.05 18.87 89.50
N PHE J 278 55.23 19.35 89.09
CA PHE J 278 56.07 18.57 88.21
C PHE J 278 56.60 17.33 88.92
N GLN J 279 57.18 17.52 90.10
CA GLN J 279 57.70 16.38 90.84
C GLN J 279 56.57 15.48 91.33
N ARG J 280 55.36 16.04 91.49
CA ARG J 280 54.18 15.20 91.67
C ARG J 280 53.92 14.38 90.43
N ILE J 281 54.17 14.94 89.26
CA ILE J 281 53.78 14.32 88.01
C ILE J 281 54.75 13.22 87.64
N THR J 282 56.04 13.42 87.93
CA THR J 282 57.05 12.39 87.75
C THR J 282 57.15 11.49 88.97
N GLN J 283 56.14 11.51 89.85
CA GLN J 283 56.25 10.82 91.13
C GLN J 283 56.44 9.32 90.95
N ASP J 284 55.69 8.70 90.04
CA ASP J 284 55.96 7.31 89.74
C ASP J 284 57.18 7.19 88.82
N LEU J 285 57.46 8.25 88.06
CA LEU J 285 58.76 8.29 87.38
C LEU J 285 59.87 8.53 88.38
N LEU J 286 59.55 9.04 89.57
CA LEU J 286 60.53 9.15 90.64
C LEU J 286 60.64 7.84 91.41
N ASP J 287 59.56 7.06 91.43
CA ASP J 287 59.63 5.70 91.96
C ASP J 287 60.41 4.80 91.01
N ARG J 288 60.38 5.14 89.71
CA ARG J 288 61.21 4.49 88.70
C ARG J 288 62.69 4.80 88.85
N THR J 289 63.08 5.62 89.85
CA THR J 289 64.48 5.90 90.14
C THR J 289 64.91 5.42 91.51
N ARG J 290 63.99 5.32 92.46
CA ARG J 290 64.38 5.04 93.84
C ARG J 290 64.82 3.59 94.02
N LYS J 291 63.89 2.66 93.82
CA LYS J 291 64.21 1.25 94.00
C LYS J 291 65.28 0.77 93.04
N PRO J 292 65.45 1.40 91.86
CA PRO J 292 66.75 1.25 91.19
C PRO J 292 67.92 1.57 92.08
N PHE J 293 67.88 2.71 92.77
CA PHE J 293 68.98 3.07 93.63
C PHE J 293 69.07 2.13 94.82
N GLN J 294 67.92 1.66 95.33
CA GLN J 294 67.96 0.62 96.36
C GLN J 294 68.65 -0.63 95.85
N SER J 295 68.44 -0.96 94.58
CA SER J 295 69.07 -2.15 94.01
C SER J 295 70.57 -1.97 93.88
N VAL J 296 71.01 -0.80 93.41
CA VAL J 296 72.45 -0.54 93.31
C VAL J 296 73.06 -0.50 94.70
N ILE J 297 72.32 0.03 95.67
CA ILE J 297 72.77 0.03 97.06
C ILE J 297 73.01 -1.38 97.53
N ALA J 298 72.00 -2.25 97.39
CA ALA J 298 72.13 -3.63 97.82
C ALA J 298 73.23 -4.35 97.04
N ASP J 299 73.40 -3.99 95.77
CA ASP J 299 74.47 -4.57 94.95
C ASP J 299 75.83 -4.23 95.54
N THR J 300 75.99 -2.98 95.97
CA THR J 300 77.21 -2.53 96.62
C THR J 300 77.19 -2.75 98.13
N GLY J 301 76.00 -2.81 98.73
CA GLY J 301 75.89 -2.87 100.17
C GLY J 301 76.53 -1.70 100.89
N ILE J 302 76.57 -0.53 100.27
CA ILE J 302 77.32 0.62 100.76
C ILE J 302 76.35 1.60 101.42
N SER J 303 76.77 2.16 102.54
CA SER J 303 76.06 3.29 103.13
C SER J 303 76.28 4.54 102.29
N VAL J 304 75.20 5.31 102.12
CA VAL J 304 75.29 6.53 101.33
C VAL J 304 76.26 7.52 101.94
N SER J 305 76.46 7.47 103.25
CA SER J 305 77.51 8.23 103.91
C SER J 305 78.90 7.85 103.43
N GLU J 306 79.16 6.54 103.27
CA GLU J 306 80.45 6.06 102.80
C GLU J 306 80.75 6.49 101.38
N ILE J 307 79.75 6.90 100.62
CA ILE J 307 79.97 7.31 99.23
C ILE J 307 80.82 8.57 99.26
N ASP J 308 81.82 8.59 98.38
CA ASP J 308 82.85 9.62 98.44
C ASP J 308 82.55 10.75 97.47
N HIS J 309 81.79 10.46 96.41
CA HIS J 309 81.19 11.50 95.58
C HIS J 309 79.85 11.00 95.06
N VAL J 310 78.93 11.91 94.79
CA VAL J 310 77.74 11.64 94.00
C VAL J 310 77.84 12.49 92.74
N VAL J 311 77.12 12.10 91.69
CA VAL J 311 77.22 12.74 90.39
C VAL J 311 75.84 12.82 89.76
N LEU J 312 75.59 13.91 89.02
CA LEU J 312 74.36 14.12 88.25
C LEU J 312 74.74 14.26 86.78
N VAL J 313 74.32 13.29 85.94
CA VAL J 313 74.62 13.31 84.52
C VAL J 313 73.34 13.12 83.73
N GLY J 314 73.40 13.50 82.46
CA GLY J 314 72.20 13.49 81.64
C GLY J 314 71.44 14.73 82.01
N GLY J 315 71.04 15.52 81.03
CA GLY J 315 70.59 16.88 81.30
C GLY J 315 69.41 16.96 82.22
N SER J 316 68.62 15.90 82.29
CA SER J 316 67.47 15.88 83.16
C SER J 316 67.83 15.69 84.63
N THR J 317 69.13 15.65 84.95
CA THR J 317 69.59 15.73 86.32
C THR J 317 70.10 17.12 86.67
N ARG J 318 70.00 18.07 85.75
CA ARG J 318 69.90 19.46 86.17
C ARG J 318 68.70 19.64 87.09
N MET J 319 67.65 18.85 86.87
CA MET J 319 66.43 18.96 87.62
C MET J 319 66.70 18.83 89.12
N PRO J 320 65.96 19.57 89.96
CA PRO J 320 66.12 19.37 91.40
C PRO J 320 65.18 18.33 91.95
N ALA J 321 64.26 17.81 91.14
CA ALA J 321 63.60 16.57 91.52
C ALA J 321 64.63 15.47 91.66
N VAL J 322 65.55 15.40 90.68
CA VAL J 322 66.67 14.48 90.75
C VAL J 322 67.46 14.72 92.03
N THR J 323 67.88 15.96 92.27
CA THR J 323 68.76 16.23 93.40
C THR J 323 68.00 16.09 94.71
N ASP J 324 66.68 16.30 94.68
CA ASP J 324 65.84 16.08 95.85
C ASP J 324 65.85 14.62 96.25
N LEU J 325 65.53 13.73 95.31
CA LEU J 325 65.52 12.32 95.67
C LEU J 325 66.94 11.82 95.93
N VAL J 326 67.94 12.50 95.35
CA VAL J 326 69.33 12.22 95.71
C VAL J 326 69.54 12.46 97.19
N LYS J 327 69.37 13.70 97.63
CA LYS J 327 69.69 14.05 99.01
C LYS J 327 68.74 13.37 100.00
N GLU J 328 67.55 12.97 99.53
CA GLU J 328 66.73 12.08 100.32
C GLU J 328 67.40 10.73 100.50
N LEU J 329 67.65 10.03 99.38
CA LEU J 329 68.16 8.67 99.46
C LEU J 329 69.62 8.63 99.83
N THR J 330 70.41 9.60 99.37
CA THR J 330 71.84 9.64 99.62
C THR J 330 72.18 10.21 100.99
N GLY J 331 71.20 10.31 101.89
CA GLY J 331 71.45 10.91 103.19
C GLY J 331 71.85 12.36 103.13
N GLY J 332 71.49 13.05 102.05
CA GLY J 332 71.87 14.43 101.86
C GLY J 332 73.18 14.63 101.11
N LYS J 333 73.75 13.58 100.53
CA LYS J 333 75.04 13.72 99.89
C LYS J 333 74.92 14.56 98.63
N GLU J 334 75.67 15.65 98.59
CA GLU J 334 75.63 16.57 97.45
C GLU J 334 76.42 16.01 96.28
N PRO J 335 75.81 15.81 95.11
CA PRO J 335 76.62 15.48 93.94
C PRO J 335 77.50 16.64 93.50
N ASN J 336 78.63 16.28 92.90
CA ASN J 336 79.62 17.26 92.50
C ASN J 336 79.16 18.01 91.26
N LYS J 337 79.50 19.29 91.18
CA LYS J 337 79.00 20.19 90.16
C LYS J 337 80.17 20.97 89.55
N GLY J 338 79.93 21.51 88.35
CA GLY J 338 80.96 22.13 87.54
C GLY J 338 80.81 21.91 86.04
N VAL J 339 79.91 21.02 85.62
CA VAL J 339 79.67 20.73 84.22
C VAL J 339 78.19 20.43 84.06
N ASN J 340 77.63 20.80 82.91
CA ASN J 340 76.22 20.52 82.67
C ASN J 340 76.02 19.01 82.58
N PRO J 341 74.99 18.44 83.18
CA PRO J 341 74.87 16.98 83.22
C PRO J 341 74.89 16.30 81.87
N ASP J 342 74.26 16.90 80.86
CA ASP J 342 74.52 16.49 79.49
C ASP J 342 75.99 16.62 79.12
N GLU J 343 76.62 17.74 79.46
CA GLU J 343 78.03 17.94 79.18
C GLU J 343 78.93 17.04 80.00
N VAL J 344 78.45 16.59 81.16
CA VAL J 344 79.32 15.91 82.13
C VAL J 344 80.01 14.72 81.50
N VAL J 345 79.25 13.73 81.05
CA VAL J 345 79.87 12.49 80.62
C VAL J 345 80.69 12.71 79.35
N ALA J 346 80.25 13.65 78.50
CA ALA J 346 81.04 14.00 77.34
C ALA J 346 82.35 14.64 77.76
N VAL J 347 82.28 15.56 78.71
CA VAL J 347 83.47 16.22 79.25
C VAL J 347 84.45 15.17 79.78
N GLY J 348 83.99 14.30 80.67
CA GLY J 348 84.92 13.38 81.32
C GLY J 348 85.43 12.31 80.38
N ALA J 349 84.60 11.87 79.45
CA ALA J 349 85.10 11.02 78.38
C ALA J 349 86.20 11.73 77.60
N ALA J 350 86.05 13.04 77.39
CA ALA J 350 87.09 13.80 76.72
C ALA J 350 88.34 13.83 77.57
N LEU J 351 88.18 13.92 78.88
CA LEU J 351 89.32 13.86 79.79
C LEU J 351 90.04 12.53 79.64
N GLN J 352 89.29 11.43 79.50
CA GLN J 352 89.93 10.16 79.21
C GLN J 352 90.68 10.22 77.88
N ALA J 353 90.07 10.83 76.87
CA ALA J 353 90.74 11.00 75.59
C ALA J 353 92.09 11.66 75.77
N GLY J 354 92.11 12.83 76.42
CA GLY J 354 93.36 13.52 76.67
C GLY J 354 94.33 12.68 77.49
N VAL J 355 93.81 11.87 78.39
CA VAL J 355 94.67 10.94 79.13
C VAL J 355 95.30 9.96 78.16
N LEU J 356 94.61 9.62 77.08
CA LEU J 356 95.21 8.81 76.03
C LEU J 356 96.17 9.66 75.19
N LYS J 357 95.82 10.92 74.94
CA LYS J 357 96.55 11.72 73.98
C LYS J 357 97.79 12.30 74.62
PG AGS K . -2.43 -10.57 -31.11
S1G AGS K . -1.92 -10.77 -29.24
O2G AGS K . -1.28 -11.08 -32.02
O3G AGS K . -2.70 -9.07 -31.43
PB AGS K . -3.62 -12.58 -32.43
O1B AGS K . -2.43 -12.40 -33.32
O2B AGS K . -4.94 -12.60 -33.18
O3B AGS K . -3.71 -11.40 -31.39
PA AGS K . -3.55 -15.19 -32.70
O1A AGS K . -2.19 -15.53 -33.12
O2A AGS K . -4.49 -14.77 -33.83
O3A AGS K . -3.55 -13.96 -31.72
O5' AGS K . -4.15 -16.39 -31.89
C5' AGS K . -5.38 -16.98 -32.31
C4' AGS K . -5.40 -18.41 -31.82
O4' AGS K . -6.66 -19.01 -32.16
C3' AGS K . -4.36 -19.31 -32.46
O3' AGS K . -4.09 -20.43 -31.62
C2' AGS K . -5.06 -19.75 -33.75
O2' AGS K . -4.61 -21.02 -34.18
C1' AGS K . -6.52 -19.82 -33.31
N9 AGS K . -7.46 -19.33 -34.31
C8 AGS K . -8.07 -18.11 -34.33
N7 AGS K . -8.87 -17.93 -35.36
C5 AGS K . -8.76 -19.12 -36.06
C6 AGS K . -9.37 -19.57 -37.25
N6 AGS K . -10.22 -18.84 -37.97
N1 AGS K . -9.05 -20.81 -37.68
C2 AGS K . -8.20 -21.55 -36.97
N3 AGS K . -7.57 -21.22 -35.83
C4 AGS K . -7.90 -20.00 -35.43
PG AGS L . -27.64 -5.33 14.92
S1G AGS L . -26.62 -4.66 16.44
O2G AGS L . -26.90 -5.00 13.60
O3G AGS L . -29.05 -4.69 14.91
PB AGS L . -26.61 -7.74 14.45
O1B AGS L . -25.77 -6.94 13.53
O2B AGS L . -27.25 -8.97 13.82
O3B AGS L . -27.79 -6.87 15.02
PA AGS L . -25.98 -9.89 15.86
O1A AGS L . -25.44 -10.67 14.72
O2A AGS L . -27.49 -10.07 16.09
O3A AGS L . -25.77 -8.35 15.62
O5' AGS L . -25.15 -10.25 17.12
C5' AGS L . -24.19 -11.30 17.09
C4' AGS L . -23.72 -11.56 18.48
O4' AGS L . -24.83 -11.96 19.30
C3' AGS L . -22.72 -12.70 18.63
O3' AGS L . -21.95 -12.54 19.82
C2' AGS L . -23.63 -13.92 18.69
O2' AGS L . -23.08 -14.95 19.51
C1' AGS L . -24.90 -13.37 19.35
N9 AGS L . -26.15 -13.77 18.70
C8 AGS L . -27.19 -12.96 18.38
N7 AGS L . -28.19 -13.58 17.79
C5 AGS L . -27.77 -14.89 17.72
C6 AGS L . -28.37 -16.06 17.21
N6 AGS L . -29.58 -16.08 16.65
N1 AGS L . -27.68 -17.21 17.29
C2 AGS L . -26.47 -17.20 17.85
N3 AGS L . -25.80 -16.16 18.38
C4 AGS L . -26.51 -15.03 18.28
PG AGS M . 7.28 -12.29 -2.83
S1G AGS M . 7.93 -10.90 -1.62
O2G AGS M . 8.48 -12.96 -3.55
O3G AGS M . 6.32 -11.67 -3.88
PB AGS M . 7.10 -14.83 -2.03
O1B AGS M . 7.93 -15.04 -3.24
O2B AGS M . 5.91 -15.79 -1.91
O3B AGS M . 6.52 -13.37 -2.01
PA AGS M . 8.62 -16.53 -0.75
O1A AGS M . 9.78 -16.56 -1.65
O2A AGS M . 7.50 -17.49 -1.11
O3A AGS M . 7.96 -15.12 -0.76
O5' AGS M . 9.13 -16.74 0.72
C5' AGS M . 8.20 -17.06 1.76
C4' AGS M . 8.98 -17.48 2.97
O4' AGS M . 8.26 -18.52 3.67
C3' AGS M . 10.33 -18.10 2.67
O3' AGS M . 11.19 -18.00 3.80
C2' AGS M . 9.96 -19.55 2.38
O2' AGS M . 11.05 -20.42 2.65
C1' AGS M . 8.81 -19.78 3.35
N9 AGS M . 7.75 -20.63 2.84
C8 AGS M . 6.56 -20.22 2.29
N7 AGS M . 5.78 -21.20 1.90
C5 AGS M . 6.51 -22.33 2.21
C6 AGS M . 6.24 -23.70 2.04
N6 AGS M . 5.11 -24.17 1.50
N1 AGS M . 7.17 -24.58 2.45
C2 AGS M . 8.30 -24.11 2.99
N3 AGS M . 8.67 -22.85 3.20
C4 AGS M . 7.73 -22.00 2.78
PG AGS N . -17.18 17.87 32.70
S1G AGS N . -17.15 19.80 32.87
O2G AGS N . -16.19 17.42 31.58
O3G AGS N . -18.62 17.40 32.33
PB AGS N . -15.34 16.56 34.11
O1B AGS N . -14.95 16.07 32.78
O2B AGS N . -15.38 15.50 35.20
O3B AGS N . -16.77 17.21 34.04
PA AGS N . -12.91 17.03 35.06
O1A AGS N . -11.86 17.26 34.06
O2A AGS N . -13.19 15.56 35.38
O3A AGS N . -14.30 17.62 34.63
O5' AGS N . -12.52 17.80 36.37
C5' AGS N . -11.48 17.28 37.18
C4' AGS N . -10.72 18.42 37.80
O4' AGS N . -11.25 18.66 39.11
C3' AGS N . -9.25 18.12 38.07
O3' AGS N . -8.51 19.32 38.24
C2' AGS N . -9.32 17.29 39.36
O2' AGS N . -8.19 17.52 40.19
C1' AGS N . -10.59 17.84 40.05
N9 AGS N . -11.53 16.81 40.47
C8 AGS N . -12.89 16.87 40.37
N7 AGS N . -13.52 15.82 40.84
C5 AGS N . -12.49 15.01 41.28
C6 AGS N . -12.48 13.74 41.89
N6 AGS N . -13.59 13.05 42.16
N1 AGS N . -11.29 13.21 42.22
C2 AGS N . -10.19 13.89 41.95
N3 AGS N . -10.06 15.10 41.39
C4 AGS N . -11.26 15.61 41.07
PG AGS O . -20.78 47.72 24.59
S1G AGS O . -21.90 48.83 23.45
O2G AGS O . -19.74 46.97 23.73
O3G AGS O . -21.67 46.68 25.34
PB AGS O . -18.48 48.80 25.49
O1B AGS O . -17.90 47.73 24.67
O2B AGS O . -17.94 48.85 26.92
O3B AGS O . -20.04 48.60 25.63
PA AGS O . -16.68 50.72 25.12
O1A AGS O . -15.91 50.73 23.87
O2A AGS O . -16.11 49.84 26.22
O3A AGS O . -18.15 50.20 24.89
O5' AGS O . -16.85 52.21 25.60
C5' AGS O . -17.17 53.24 24.66
C4' AGS O . -16.24 54.40 24.86
O4' AGS O . -16.58 55.07 26.10
C3' AGS O . -14.77 54.04 25.00
O3' AGS O . -14.18 53.95 23.72
C2' AGS O . -14.23 55.23 25.79
O2' AGS O . -13.99 56.34 24.93
C1' AGS O . -15.40 55.56 26.71
N9 AGS O . -15.31 54.97 28.04
C8 AGS O . -16.25 54.20 28.66
N7 AGS O . -15.90 53.80 29.86
C5 AGS O . -14.65 54.35 30.05
C6 AGS O . -13.74 54.31 31.12
N6 AGS O . -13.97 53.65 32.25
N1 AGS O . -12.57 54.97 30.98
C2 AGS O . -12.34 55.64 29.84
N3 AGS O . -13.13 55.75 28.77
C4 AGS O . -14.27 55.08 28.93
PG AGS P . 16.21 12.67 11.22
S1G AGS P . 16.73 14.51 10.83
O2G AGS P . 17.23 11.70 10.56
O3G AGS P . 14.80 12.38 10.65
PB AGS P . 17.51 11.83 13.38
O1B AGS P . 18.32 11.15 12.35
O2B AGS P . 17.07 10.92 14.53
O3B AGS P . 16.21 12.43 12.74
PA AGS P . 19.61 12.44 14.88
O1A AGS P . 20.76 12.22 13.99
O2A AGS P . 19.11 11.21 15.65
O3A AGS P . 18.36 12.95 14.07
O5' AGS P . 19.97 13.60 15.86
C5' AGS P . 19.30 13.73 17.12
C4' AGS P . 20.16 14.58 18.01
O4' AGS P . 20.03 14.15 19.37
C3' AGS P . 21.65 14.52 17.70
O3' AGS P . 22.29 15.71 18.12
C2' AGS P . 22.09 13.32 18.53
O2' AGS P . 23.46 13.42 18.90
C1' AGS P . 21.21 13.49 19.78
N9 AGS P . 20.84 12.23 20.40
C8 AGS P . 19.67 11.53 20.22
N7 AGS P . 19.59 10.43 20.92
C5 AGS P . 20.79 10.40 21.63
C6 AGS P . 21.31 9.49 22.56
N6 AGS P . 20.68 8.38 22.94
N1 AGS P . 22.53 9.75 23.06
C2 AGS P . 23.17 10.85 22.68
N3 AGS P . 22.76 11.80 21.81
C4 AGS P . 21.56 11.51 21.32
PG AGS Q . 10.34 39.68 -0.40
S1G AGS Q . 8.95 40.38 -1.58
O2G AGS Q . 11.64 39.40 -1.20
O3G AGS Q . 9.83 38.36 0.26
PB AGS Q . 12.13 41.22 0.82
O1B AGS Q . 13.07 40.18 0.37
O2B AGS Q . 12.32 41.67 2.27
O3B AGS Q . 10.65 40.71 0.72
PA AGS Q . 13.56 43.41 0.32
O1A AGS Q . 14.72 43.07 -0.51
O2A AGS Q . 13.77 43.23 1.82
O3A AGS Q . 12.31 42.52 -0.03
O5' AGS Q . 13.12 44.88 0.00
C5' AGS Q . 12.70 45.76 1.06
C4' AGS Q . 12.96 47.17 0.61
O4' AGS Q . 13.03 48.03 1.76
C3' AGS Q . 14.29 47.37 -0.11
O3' AGS Q . 14.21 48.49 -0.99
C2' AGS Q . 15.25 47.62 1.05
O2' AGS Q . 16.37 48.40 0.64
C1' AGS Q . 14.38 48.41 2.02
N9 AGS Q . 14.66 48.15 3.42
C8 AGS Q . 13.92 47.39 4.29
N7 AGS Q . 14.42 47.32 5.49
C5 AGS Q . 15.56 48.09 5.42
C6 AGS Q . 16.55 48.41 6.37
N6 AGS Q . 16.52 48.00 7.64
N1 AGS Q . 17.57 49.21 5.97
C2 AGS Q . 17.59 49.62 4.70
N3 AGS Q . 16.73 49.38 3.72
C4 AGS Q . 15.73 48.60 4.14
PG AGS R . -39.63 56.46 1.10
S1G AGS R . -41.06 55.86 -0.09
O2G AGS R . -38.33 55.67 0.79
O3G AGS R . -40.04 56.21 2.57
PB AGS R . -38.07 58.42 0.06
O1B AGS R . -37.15 57.28 -0.11
O2B AGS R . -37.45 59.56 0.85
O3B AGS R . -39.35 57.98 0.89
PA AGS R . -37.36 59.77 -2.16
O1A AGS R . -36.85 58.92 -3.25
O2A AGS R . -36.30 60.18 -1.14
O3A AGS R . -38.48 59.02 -1.33
O5' AGS R . -38.07 61.02 -2.81
C5' AGS R . -39.35 60.90 -3.45
C4' AGS R . -39.51 62.03 -4.42
O4' AGS R . -39.72 63.27 -3.71
C3' AGS R . -38.31 62.24 -5.35
O3' AGS R . -38.74 62.42 -6.69
C2' AGS R . -37.65 63.52 -4.80
O2' AGS R . -37.05 64.27 -5.84
C1' AGS R . -38.85 64.26 -4.23
N9 AGS R . -38.54 65.20 -3.16
C8 AGS R . -39.13 65.29 -1.93
N7 AGS R . -38.67 66.25 -1.17
C5 AGS R . -37.69 66.84 -1.96
C6 AGS R . -36.81 67.91 -1.73
N6 AGS R . -36.77 68.63 -0.60
N1 AGS R . -35.95 68.25 -2.72
C2 AGS R . -35.99 67.55 -3.86
N3 AGS R . -36.77 66.52 -4.19
C4 AGS R . -37.60 66.21 -3.19
PG AGS S . -2.67 42.85 -30.19
S1G AGS S . -4.50 42.04 -29.63
O2G AGS S . -2.66 43.07 -31.78
O3G AGS S . -1.59 41.93 -29.80
PB AGS S . -1.45 45.36 -30.05
O1B AGS S . -1.66 46.67 -29.32
O2B AGS S . -0.07 44.74 -30.11
O3B AGS S . -2.46 44.27 -29.45
PA AGS S . -0.95 45.54 -32.80
O1A AGS S . -0.50 44.12 -33.04
O2A AGS S . 0.06 46.64 -32.57
O3A AGS S . -1.98 45.55 -31.56
O5' AGS S . -1.89 45.98 -34.03
C5' AGS S . -2.54 47.25 -34.03
C4' AGS S . -2.33 47.94 -35.37
O4' AGS S . -3.08 49.16 -35.43
C3' AGS S . -0.86 48.29 -35.58
O3' AGS S . -0.34 47.53 -36.68
C2' AGS S . -0.81 49.79 -35.82
O2' AGS S . -0.23 50.13 -37.09
C1' AGS S . -2.26 50.27 -35.78
N9 AGS S . -2.40 51.34 -34.74
C8 AGS S . -3.12 51.26 -33.61
N7 AGS S . -3.05 52.40 -32.89
C5 AGS S . -2.26 53.25 -33.58
C6 AGS S . -1.77 54.64 -33.38
N6 AGS S . -2.11 55.35 -32.29
N1 AGS S . -0.97 55.16 -34.34
C2 AGS S . -0.62 54.46 -35.43
N3 AGS S . -1.03 53.19 -35.67
C4 AGS S . -1.84 52.55 -34.79
PB ADP T . -50.12 28.52 -27.16
O1B ADP T . -50.67 29.74 -27.83
O2B ADP T . -51.16 27.72 -26.44
O3B ADP T . -48.95 28.84 -26.30
PA ADP T . -48.65 28.11 -29.48
O1A ADP T . -48.74 29.59 -29.50
O2A ADP T . -47.35 27.42 -29.29
O3A ADP T . -49.62 27.59 -28.33
O5' ADP T . -49.33 27.54 -30.80
C5' ADP T . -48.64 26.41 -31.37
C4' ADP T . -48.67 26.50 -32.87
O4' ADP T . -49.93 27.04 -33.31
C3' ADP T . -47.65 27.45 -33.51
O3' ADP T . -46.40 26.78 -33.65
C2' ADP T . -48.28 27.67 -34.89
O2' ADP T . -47.99 26.60 -35.74
C1' ADP T . -49.77 27.67 -34.56
N9 ADP T . -50.40 28.97 -34.52
C8 ADP T . -51.40 29.37 -33.68
N7 ADP T . -51.80 30.60 -33.88
C5 ADP T . -51.00 31.03 -34.93
C6 ADP T . -50.93 32.26 -35.60
N6 ADP T . -51.71 33.30 -35.32
N1 ADP T . -50.03 32.37 -36.60
C2 ADP T . -49.24 31.33 -36.87
N3 ADP T . -49.22 30.13 -36.31
C4 ADP T . -50.13 30.05 -35.33
PG AGS U . -37.20 -0.61 -14.76
S1G AGS U . -36.92 -1.61 -13.12
O2G AGS U . -35.96 -0.74 -15.69
O3G AGS U . -37.41 0.89 -14.42
PB AGS U . -38.25 -1.92 -16.86
O1B AGS U . -37.26 -1.21 -17.70
O2B AGS U . -39.62 -2.05 -17.53
O3B AGS U . -38.45 -1.15 -15.50
PA AGS U . -37.07 -4.17 -17.76
O1A AGS U . -37.49 -3.62 -19.07
O2A AGS U . -35.57 -4.14 -17.49
O3A AGS U . -37.76 -3.39 -16.58
O5' AGS U . -37.63 -5.65 -17.66
C5' AGS U . -38.76 -5.95 -16.82
C4' AGS U . -38.86 -7.43 -16.70
O4' AGS U . -40.20 -7.86 -17.05
C3' AGS U . -37.95 -8.24 -17.62
O3' AGS U . -37.69 -9.52 -17.07
C2' AGS U . -38.78 -8.33 -18.90
O2' AGS U . -38.47 -9.52 -19.62
C1' AGS U . -40.20 -8.39 -18.36
N9 AGS U . -41.16 -7.63 -19.15
C8 AGS U . -41.90 -6.55 -18.75
N7 AGS U . -42.68 -6.06 -19.67
C5 AGS U . -42.44 -6.87 -20.76
C6 AGS U . -42.96 -6.88 -22.07
N6 AGS U . -43.87 -6.01 -22.51
N1 AGS U . -42.50 -7.82 -22.93
C2 AGS U . -41.59 -8.69 -22.49
N3 AGS U . -41.03 -8.79 -21.28
C4 AGS U . -41.50 -7.84 -20.46
PB ADP V . -6.17 16.40 -50.46
O1B ADP V . -6.72 17.65 -51.10
O2B ADP V . -6.99 15.89 -49.30
O3B ADP V . -4.69 16.46 -50.22
PA ADP V . -5.33 15.17 -52.81
O1A ADP V . -5.52 16.38 -53.68
O2A ADP V . -3.96 14.85 -52.26
O3A ADP V . -6.37 15.27 -51.58
O5' ADP V . -5.81 13.86 -53.64
C5' ADP V . -6.76 13.97 -54.68
C4' ADP V . -6.10 13.47 -55.95
O4' ADP V . -7.06 13.44 -57.01
C3' ADP V . -4.95 14.38 -56.37
O3' ADP V . -3.73 13.64 -56.48
C2' ADP V . -5.33 14.93 -57.74
O2' ADP V . -4.38 14.51 -58.72
C1' ADP V . -6.70 14.35 -58.05
N9 ADP V . -7.71 15.44 -58.02
C8 ADP V . -7.84 16.35 -57.04
N7 ADP V . -8.86 17.20 -57.30
C5 ADP V . -9.41 16.83 -58.48
C6 ADP V . -10.51 17.30 -59.33
N6 ADP V . -11.27 18.37 -58.96
N1 ADP V . -10.75 16.62 -60.47
C2 ADP V . -10.01 15.57 -60.83
N3 ADP V . -8.98 15.09 -60.11
C4 ADP V . -8.64 15.67 -58.95
#